data_8XX4
#
_entry.id   8XX4
#
_cell.length_a   1.00
_cell.length_b   1.00
_cell.length_c   1.00
_cell.angle_alpha   90.00
_cell.angle_beta   90.00
_cell.angle_gamma   90.00
#
_symmetry.space_group_name_H-M   'P 1'
#
loop_
_entity.id
_entity.type
_entity.pdbx_description
1 polymer 'DNA-directed RNA polymerase subunit'
2 polymer 'DNA-directed RNA polymerase subunit beta'
3 polymer 'DNA-directed RNA polymerase RPB3-11 homolog'
4 polymer 'DNA-directed RNA polymerase RPB5 homolog'
5 polymer D339L
6 polymer C122R
7 polymer 'DNA-directed RNA polymerase RPB10 homolog'
8 polymer "RNA (5'-R(P*CP*UP*AP*CP*AP*CP*AP*AP*A)-3')"
9 polymer "DNA (5'-D(P*TP*TP*CP*GP*CP*CP*GP*TP*TP*GP*CP*GP*TP*AP*TP*TP*TP*GP*TP*GP*TP*AP*G)-3')"
10 polymer 'RNA polymerase subunit 6'
11 polymer "DNA (5'-D(P*CP*GP*CP*AP*AP*CP*GP*GP*CP*GP*A)-3')"
12 non-polymer 'ZINC ION'
13 non-polymer 'MAGNESIUM ION'
#
loop_
_entity_poly.entity_id
_entity_poly.type
_entity_poly.pdbx_seq_one_letter_code
_entity_poly.pdbx_strand_id
1 'polypeptide(L)'
;MEAGYAEIAAVQFNIAGDNDHKRQGVMEVTISNLFEGTLPAEGGIYDARMGTTDHHYKCITCSHQRKQCMGHPGILQMHA
PVLQPLFIAEIRRWLRVICLNCGAPIVDLKRYEHLIRPKRLIEAASSQTEGKQCYVCKAVHPKIVKDSEDYFTFWADQQG
KIDKLYPQIIREIFSRVTYDTVVKLGRSKNSHPEKLVLKAIQIPPISIRPGIRLGIGSGPQSFHDINNVIQYLVRKNLLI
PKDLQIVRGQKIPLNIDRNLQTIQQLYYNFLLDSVSTTATQGGTGKRGIVMGARPAPSIMRRLPRKEGRIRKSLLGSQVW
SISRSTICGNSDLHLDEVGYPISFARTLQVAETVQHYNINRLMPYFLNGKRQYPGCSRVYKQITQSVHDIEGLKQDFRLE
VGDILYRDVVTGDVAFFNRQPSLERSSIGVHRIVVLENPKISTFQMNVSACAWYNADFDGDQMNLWVPWSVMSRVEAELL
CSVRNWFISTKSSGPVNGQVQDSTVGSFLLTRTNTPMGKNVMNKLHAMGLFQTTQTDPPCFANYSPTDLLDGKSVVSMLL
RQTPINYQRAPTWYSEVYAPYMHYNKQDISTQIRNGELIEGVLDKKAVGAGSSGGIYHLISRRYGPQQALKMIFATQQLA
LNYVRNAGFTVSTADMLLTPEAHQEVQEIINELLLESEEINNRLLHGDIMPPIGLTTHDFYEKLQLNALKFPDRILKPIM
NSINPETNGLFQMVATGAKGSNPNMIHIMAGIGQIEINTQRIQPQFSFGRTLVYYPRFALEAQAYGFICNSYIAGLTSPE
FIFGEMNGRFDLINKALSTSSTGYANRKAIFGLQSCIVDYYRRVSIDTRLVQQLYGEDGLDARQLETVRFETIMLSDQEL
EDKFKYTGIQSPLFEEEFSRLKKDRDKYRQIFLNVENFNFSQLLTDVRQVPVNVASIVKNILLSSTSGVLPFDEKSILQK
YAMVKTFCKNLPYVFINNIQERLQTPIPVYLKRAASLMRMLIRIELATVKTLNITCEQMSAILDLIRLQYTQSLINYGEA
VGILAAQSVSEPLTQYMLDSHHRSVAGGTNKSGIVRPQEIFSAKPVEAEQSSEMLLRLKNPEVETNKTYAQEIANSIELI
TFERLILQWHLLYETYSSTKKNVMYPDFASDVEWMTDFLENHPLLQPPEDIANWCIRLELNKTTMILKSISLESIINSLR
AKHPNTYIMHSVENTASGIPIIIRIYLRESAFRRSTNTRMATDEKIAVNVVDKLLNSTIRGIPGIKNANVVKLMRHRVDA
QGKLVRLDNIYAIKTNGTNIFGAMLDDNIDPYTIVSSSIGDTMELYGIEAARQKIISEIRTVMGDKGPNHRHLLMYADLM
TRTGQVTSLEKAGLNAREPSNVLLRMALSSPVQVLTDAAVDSAVNPIYGIAAPTLMGSVPRIGTMYSDIIMDEKYITENY
K
;
A
2 'polypeptide(L)'
;YGPIETVDNEELTEADMLSFISAAVNSTGLIGYNIKSFDDLMDNGIPQIVKQMFNVDITYKDQRDHTEIDKLRESVQIQF
NFTDVNIERPQHRNYSQGNKINLLPNKARLCGLSYSGPVNLAAEVILTAHYSNGRQEVKRASIPPFQVSTFPIMRGSNRC
HTHHLSKTAKKEIGEDPNEPGGYFIARGGEWVVDLLENIRFNTLHIHYHTMQQGNNEIIRGEFISQPGGAFENSSQIIIR
YMTTGAITIEINSTKFSKLRIPWYLIFRMFGMTGDDSIIEQVVFDLESNSLVNTFMIEILEKSIHVLDPIFQPVQHELNR
EKIIQFLSEKVSKFVSNPSAYKSDENAVQYLNERQLTILDKILLPHMGQTADTRVRKLRFLGLLIHKILLVIMNVFPPTD
RDSYRTKRVHGSGVSLAKAFKAIFNTSVIAPIINGFKELLKQTAFEELTQRNIIEAFSAALSKNTASDLNRSMEQSIISG
NKTIMVRQRPIVNRVSTQSLERKNLLNTISALRTVNTHNTTNASKQTERADMMRRVHASYPGYICVAQSADTGEKVGMSK
QLAITANVCTAGEVLSLKQRLLSDPAIQQLADVSNKDIVRKGLARVFINGEWIGCCTNAFELAQRYRMLRREGKVVHPHT
TIYWDSMVDEVEFWLDVGRLTRPLLIVDNNIEKYNQACYKAAEARKKGDKDWEKHKIPFIQNTRFTPQMAKDILAGTLTL
EDLVAQGICEFITPEEAENCLVAFSIIELRKHKHDVTRRFTHVDVPQAILGLAALVSPYANCTQPARVTYETNQGRQTGG
WYCFSWPYRVDMNRFFQFYNEMPLVKTIAHNYVIPNGLNTIVAYMIYGGYNQEDSVIVSQSFIDRGGFAGTFYREEKVEL
ESDIESFGKPDPLITKNLKPGANYEKLVDGFVPVGTVVKKGDIIIGKVAKIRGEKDELNKYIDRSVMYGFDEPAVVDAVM
RPHGPNDEIFGLMRLRYERNLNIGDKMSSRSGNKGIAALALPTSDMPFTEDGLQPDLIVNPHSHPSRMTNGQMIETTVGL
ANALQGVVTDGTAFLPINVQLLSERLAQEGLRFNGCQKMFNGQTGEYFDAAIFIGPTYHQRLQKFVLDDRYAVASYGPTD
ALTGQPLDGKRSHGGLRLGEMEHWVLTAQGAMQTIIEKSHDDSDGCISYICRNCGEPAIYNASHPIYKCMNCDVQADIGM
VDSRRSSIVFQHEMRAANVNITSVLSPRVFQPA
;
B
3 'polypeptide(L)'
;EKIFQNVEIKPFLIDFSNLFIKNAAKKLFQLEEQLPLVPVNVVMDFKGISRAAVHGLSRVLQDEIPNYMLDIKPGGYKIE
DSTDLFMTEQFIRNRINFIPIYAKNETLVFALRSLNNSCEVKTIYSRDLIQVAGPKLKYPIFNPTFEIGFLQPGKSLIIE
DIYIKKGIGRKHAAFNLAVKTHFSHLDIEQYPTDKKEYMALSGYKQSSMTSDPRHHRLGLCFPAVPLPHINQAVRTYLKN
ACRIIIGRIQSIQKIYENFEEPQPELVLFSMDEEKTKAIITIKDETHTIGNLLKTYIYEMIPDISFVGYQCVPHKQEMVL
TIIHKASQEDLITLLEKSIQNIIQTFQILEKNVDELIA
;
C
4 'polypeptide(L)'
;MAMQKLFTYIYEFIEYRKMVLLEEKVPYDKFVQMVLNTGFFRINAETLNHGIVSVFIFGANGKYVHHGGDMRTLLTNTLN
EKKHYEELILIVDKPVLSKKNILDIIVEQRAANPTIVINIYPYHLFCINIPKVSAIPKHKLITQEEAQEFLGREYLQPQD
LMQISASDPPVVWLGGRPGDFVQIERPSETAMHAVVIRFITKSKI
;
D
5 'polypeptide(L)' IDQKIFETTLNIDDPTNFCTNVEAHLLKELENIYVGKCFKNSFILNITGVIQRSPCFIMRTNNSGRGYMHVRFSAVVSYL F
6 'polypeptide(L)'
;MKICKACSSCMVRTYVDGNIIFRCSCGESVQGDSQNLLVSSKVYHTGEMEDKYKIFIKNAPFDPTNCQIKKDCPNCHLDY
LTQICIGSQKIIILVCRCGYMSN
;
G
7 'polypeptide(L)' MLIPVVCFTCGFPIGTYAAIFDKARTEYIKTKMDGTLPQNIPLDASLQIELKDLITALGIPMRVCCRTHLITTLDYRKYY H
8 'polyribonucleotide' CUACACAAA P
9 'polydeoxyribonucleotide'
;(DT)(DT)(DC)(DG)(DC)(DC)(DG)(DT)(DT)(DG)(DC)(DG)(DT)(DA)(DT)(DT)(DT)(DG)(DT)(DG)
(DT)(DA)(DG)
;
T
10 'polypeptide(L)'
;IVESPSICEGFVQASSQTLVIIPDNERITSNVLTTFEATRLVAVRAQQLAINGSTMLKKKYSSPIDIAKQELFNRKIPLL
VMRCIKVTPEGQKIVEIWNPREMGIPLLD
;
E
11 'polydeoxyribonucleotide' (DC)(DG)(DC)(DA)(DA)(DC)(DG)(DG)(DC)(DG)(DA) N
#
# COMPACT_ATOMS: atom_id res chain seq x y z
N MET A 1 -29.89 25.55 35.86
CA MET A 1 -31.25 25.56 35.33
C MET A 1 -31.44 24.36 34.39
N GLU A 2 -30.51 23.42 34.45
CA GLU A 2 -30.62 22.14 33.75
C GLU A 2 -30.79 22.37 32.24
N ALA A 3 -29.70 22.81 31.62
CA ALA A 3 -29.63 22.86 30.16
C ALA A 3 -30.07 21.53 29.58
N GLY A 4 -31.19 21.56 28.84
CA GLY A 4 -31.78 20.32 28.37
C GLY A 4 -31.00 19.69 27.24
N TYR A 5 -31.29 18.41 27.02
CA TYR A 5 -30.62 17.67 25.96
C TYR A 5 -31.03 18.21 24.60
N ALA A 6 -30.05 18.48 23.75
CA ALA A 6 -30.31 19.01 22.43
C ALA A 6 -29.40 18.33 21.42
N GLU A 7 -29.82 18.35 20.17
CA GLU A 7 -29.02 17.86 19.05
C GLU A 7 -29.01 18.91 17.97
N ILE A 8 -27.88 19.01 17.27
CA ILE A 8 -27.74 20.01 16.21
C ILE A 8 -28.41 19.46 14.96
N ALA A 9 -29.39 20.19 14.45
CA ALA A 9 -30.12 19.78 13.25
C ALA A 9 -29.46 20.31 11.99
N ALA A 10 -29.09 21.58 11.99
CA ALA A 10 -28.47 22.21 10.84
C ALA A 10 -27.36 23.13 11.32
N VAL A 11 -26.46 23.47 10.41
CA VAL A 11 -25.38 24.40 10.67
C VAL A 11 -25.37 25.43 9.55
N GLN A 12 -25.35 26.71 9.92
CA GLN A 12 -25.32 27.79 8.95
C GLN A 12 -23.96 28.46 8.99
N PHE A 13 -23.43 28.76 7.81
CA PHE A 13 -22.13 29.41 7.65
C PHE A 13 -22.34 30.83 7.16
N ASN A 14 -21.71 31.78 7.82
CA ASN A 14 -21.85 33.18 7.45
C ASN A 14 -20.53 33.88 7.65
N ILE A 15 -20.40 35.05 7.04
CA ILE A 15 -19.25 35.91 7.27
C ILE A 15 -19.45 36.65 8.57
N ALA A 16 -18.46 36.60 9.44
CA ALA A 16 -18.52 37.29 10.73
C ALA A 16 -17.99 38.70 10.57
N GLY A 17 -18.80 39.69 10.98
CA GLY A 17 -18.43 41.08 10.90
C GLY A 17 -17.98 41.63 12.24
N ASP A 18 -17.84 42.95 12.29
CA ASP A 18 -17.43 43.62 13.52
C ASP A 18 -18.48 43.45 14.61
N ASN A 19 -19.76 43.54 14.23
CA ASN A 19 -20.82 43.40 15.23
C ASN A 19 -20.82 42.02 15.85
N ASP A 20 -20.60 40.98 15.04
CA ASP A 20 -20.52 39.62 15.57
C ASP A 20 -19.37 39.49 16.55
N HIS A 21 -18.19 40.02 16.20
CA HIS A 21 -17.04 39.93 17.09
C HIS A 21 -17.26 40.70 18.38
N LYS A 22 -17.88 41.88 18.28
CA LYS A 22 -18.16 42.67 19.48
C LYS A 22 -19.14 41.97 20.39
N ARG A 23 -20.18 41.35 19.81
CA ARG A 23 -21.21 40.71 20.62
C ARG A 23 -20.69 39.43 21.26
N GLN A 24 -19.98 38.60 20.49
CA GLN A 24 -19.51 37.32 20.99
C GLN A 24 -18.32 37.45 21.92
N GLY A 25 -17.53 38.51 21.77
CA GLY A 25 -16.31 38.63 22.55
C GLY A 25 -16.62 38.85 24.03
N VAL A 26 -15.86 38.16 24.88
CA VAL A 26 -16.01 38.30 26.33
C VAL A 26 -15.08 39.35 26.92
N MET A 27 -14.10 39.83 26.14
CA MET A 27 -13.21 40.89 26.59
C MET A 27 -12.69 41.64 25.38
N GLU A 28 -12.08 42.80 25.66
CA GLU A 28 -11.38 43.58 24.65
C GLU A 28 -9.90 43.59 25.00
N VAL A 29 -9.05 43.22 24.04
CA VAL A 29 -7.62 43.12 24.29
C VAL A 29 -7.00 44.52 24.22
N THR A 30 -6.39 44.95 25.30
CA THR A 30 -5.86 46.31 25.38
C THR A 30 -4.36 46.37 25.60
N ILE A 31 -3.81 45.47 26.39
CA ILE A 31 -2.40 45.51 26.78
C ILE A 31 -1.69 44.28 26.23
N SER A 32 -0.44 44.47 25.79
CA SER A 32 0.35 43.44 25.14
C SER A 32 1.17 42.61 26.12
N ASN A 33 1.16 42.94 27.40
CA ASN A 33 1.87 42.14 28.39
C ASN A 33 1.18 40.78 28.53
N LEU A 34 1.99 39.74 28.70
CA LEU A 34 1.45 38.39 28.71
C LEU A 34 0.94 37.96 30.09
N PHE A 35 1.76 38.12 31.12
CA PHE A 35 1.44 37.59 32.44
C PHE A 35 1.59 38.66 33.51
N GLU A 36 0.86 38.46 34.60
CA GLU A 36 0.99 39.25 35.83
C GLU A 36 1.25 38.25 36.95
N GLY A 37 2.52 37.92 37.15
CA GLY A 37 2.85 36.92 38.15
C GLY A 37 2.47 35.53 37.69
N THR A 38 1.86 34.77 38.59
CA THR A 38 1.41 33.41 38.26
C THR A 38 0.09 33.38 37.51
N LEU A 39 -0.57 34.53 37.36
CA LEU A 39 -1.82 34.62 36.64
C LEU A 39 -1.65 35.40 35.35
N PRO A 40 -2.44 35.12 34.32
CA PRO A 40 -2.31 35.86 33.07
C PRO A 40 -2.69 37.31 33.24
N ALA A 41 -2.04 38.17 32.45
CA ALA A 41 -2.30 39.60 32.52
C ALA A 41 -3.72 39.90 32.05
N GLU A 42 -4.50 40.53 32.90
CA GLU A 42 -5.84 40.95 32.53
C GLU A 42 -5.77 41.99 31.42
N GLY A 43 -6.54 41.79 30.37
CA GLY A 43 -6.48 42.63 29.19
C GLY A 43 -5.52 42.13 28.13
N GLY A 44 -4.75 41.08 28.40
CA GLY A 44 -3.83 40.54 27.42
C GLY A 44 -4.47 39.44 26.59
N ILE A 45 -3.64 38.80 25.77
CA ILE A 45 -4.12 37.73 24.92
C ILE A 45 -4.25 36.40 25.66
N TYR A 46 -3.72 36.31 26.87
CA TYR A 46 -3.85 35.11 27.68
C TYR A 46 -4.88 35.25 28.78
N ASP A 47 -5.69 36.30 28.76
CA ASP A 47 -6.59 36.58 29.87
C ASP A 47 -7.48 35.39 30.16
N ALA A 48 -7.64 35.07 31.46
CA ALA A 48 -8.41 33.90 31.84
C ALA A 48 -9.87 34.00 31.44
N ARG A 49 -10.39 35.21 31.22
CA ARG A 49 -11.76 35.36 30.73
C ARG A 49 -11.97 34.64 29.41
N MET A 50 -10.92 34.45 28.63
CA MET A 50 -10.99 33.76 27.35
C MET A 50 -10.63 32.29 27.45
N GLY A 51 -10.74 31.71 28.64
CA GLY A 51 -10.46 30.31 28.85
C GLY A 51 -9.25 30.09 29.73
N THR A 52 -9.08 28.83 30.12
CA THR A 52 -7.93 28.42 30.92
C THR A 52 -7.28 27.21 30.27
N THR A 53 -5.96 27.29 30.08
CA THR A 53 -5.18 26.15 29.62
C THR A 53 -4.41 25.48 30.74
N ASP A 54 -4.29 26.12 31.89
CA ASP A 54 -3.64 25.55 33.07
C ASP A 54 -4.68 25.13 34.08
N HIS A 55 -4.26 24.25 34.99
CA HIS A 55 -5.12 23.82 36.08
C HIS A 55 -4.95 24.69 37.32
N HIS A 56 -4.13 25.74 37.25
CA HIS A 56 -3.93 26.62 38.40
C HIS A 56 -5.03 27.66 38.55
N TYR A 57 -5.90 27.83 37.55
CA TYR A 57 -6.95 28.83 37.65
C TYR A 57 -8.13 28.40 36.78
N LYS A 58 -9.28 28.99 37.07
CA LYS A 58 -10.51 28.72 36.32
C LYS A 58 -10.67 29.77 35.21
N CYS A 59 -11.85 29.82 34.61
CA CYS A 59 -12.07 30.62 33.40
C CYS A 59 -12.67 31.99 33.67
N ILE A 60 -13.18 32.26 34.87
CA ILE A 60 -13.88 33.51 35.16
C ILE A 60 -15.17 33.58 34.35
N THR A 61 -15.06 33.42 33.02
CA THR A 61 -16.24 33.49 32.16
C THR A 61 -17.21 32.36 32.48
N CYS A 62 -16.70 31.14 32.62
CA CYS A 62 -17.55 29.98 32.88
C CYS A 62 -17.18 29.23 34.15
N SER A 63 -16.04 29.54 34.77
CA SER A 63 -15.62 28.91 36.02
C SER A 63 -15.50 27.40 35.87
N HIS A 64 -14.84 26.97 34.80
CA HIS A 64 -14.61 25.55 34.54
C HIS A 64 -13.11 25.27 34.56
N GLN A 65 -12.75 24.10 35.08
CA GLN A 65 -11.35 23.75 35.28
C GLN A 65 -10.80 23.10 34.02
N ARG A 66 -10.49 23.94 33.04
CA ARG A 66 -9.76 23.57 31.83
C ARG A 66 -10.50 22.53 31.00
N LYS A 67 -10.71 21.34 31.54
CA LYS A 67 -11.30 20.26 30.75
C LYS A 67 -12.73 20.58 30.32
N GLN A 68 -13.53 21.15 31.22
CA GLN A 68 -14.90 21.49 30.88
C GLN A 68 -15.02 22.84 30.21
N CYS A 69 -13.96 23.63 30.18
CA CYS A 69 -13.99 24.95 29.57
C CYS A 69 -13.64 24.84 28.09
N MET A 70 -14.58 25.24 27.24
CA MET A 70 -14.38 25.19 25.80
C MET A 70 -13.70 26.44 25.24
N GLY A 71 -13.48 27.44 26.07
CA GLY A 71 -12.86 28.66 25.58
C GLY A 71 -13.87 29.69 25.12
N HIS A 72 -13.48 30.95 25.18
CA HIS A 72 -14.33 32.07 24.82
C HIS A 72 -13.53 33.09 24.06
N PRO A 73 -14.13 33.75 23.08
CA PRO A 73 -13.39 34.72 22.27
C PRO A 73 -13.36 36.10 22.90
N GLY A 74 -12.35 36.86 22.51
CA GLY A 74 -12.25 38.26 22.91
C GLY A 74 -12.02 39.14 21.71
N ILE A 75 -12.42 40.39 21.84
CA ILE A 75 -12.30 41.35 20.75
C ILE A 75 -10.97 42.06 20.84
N LEU A 76 -10.43 42.43 19.69
CA LEU A 76 -9.27 43.33 19.60
C LEU A 76 -9.70 44.50 18.74
N GLN A 77 -10.03 45.62 19.38
CA GLN A 77 -10.40 46.84 18.67
C GLN A 77 -9.18 47.37 17.93
N MET A 78 -9.17 47.26 16.61
CA MET A 78 -8.03 47.67 15.81
C MET A 78 -8.17 49.12 15.41
N HIS A 79 -7.10 49.90 15.63
CA HIS A 79 -7.14 51.32 15.32
C HIS A 79 -7.25 51.58 13.82
N ALA A 80 -6.85 50.62 13.00
CA ALA A 80 -6.99 50.71 11.57
C ALA A 80 -7.70 49.47 11.05
N PRO A 81 -8.76 49.60 10.27
CA PRO A 81 -9.48 48.43 9.77
C PRO A 81 -8.60 47.57 8.89
N VAL A 82 -8.90 46.27 8.90
CA VAL A 82 -8.20 45.29 8.08
C VAL A 82 -9.22 44.58 7.21
N LEU A 83 -8.75 44.08 6.07
CA LEU A 83 -9.59 43.24 5.23
C LEU A 83 -9.65 41.83 5.78
N GLN A 84 -10.71 41.13 5.45
CA GLN A 84 -10.84 39.74 5.86
C GLN A 84 -9.95 38.87 4.99
N PRO A 85 -8.96 38.18 5.55
CA PRO A 85 -8.05 37.38 4.71
C PRO A 85 -8.75 36.28 3.93
N LEU A 86 -9.82 35.70 4.49
CA LEU A 86 -10.50 34.62 3.82
C LEU A 86 -11.24 35.07 2.57
N PHE A 87 -11.62 36.34 2.50
CA PHE A 87 -12.52 36.83 1.46
C PHE A 87 -11.87 37.96 0.66
N ILE A 88 -10.58 37.84 0.38
CA ILE A 88 -9.90 38.82 -0.45
C ILE A 88 -10.46 38.78 -1.87
N ALA A 89 -10.70 37.58 -2.40
CA ALA A 89 -11.29 37.47 -3.72
C ALA A 89 -12.70 38.05 -3.76
N GLU A 90 -13.44 37.89 -2.67
CA GLU A 90 -14.76 38.50 -2.59
C GLU A 90 -14.67 40.02 -2.58
N ILE A 91 -13.69 40.56 -1.85
CA ILE A 91 -13.48 42.01 -1.86
C ILE A 91 -13.14 42.48 -3.26
N ARG A 92 -12.27 41.75 -3.95
CA ARG A 92 -11.90 42.11 -5.31
C ARG A 92 -13.10 42.07 -6.25
N ARG A 93 -13.92 41.03 -6.14
CA ARG A 93 -15.10 40.92 -7.00
C ARG A 93 -16.08 42.05 -6.72
N TRP A 94 -16.30 42.37 -5.45
CA TRP A 94 -17.22 43.45 -5.12
C TRP A 94 -16.67 44.81 -5.53
N LEU A 95 -15.35 44.95 -5.57
CA LEU A 95 -14.75 46.24 -5.91
C LEU A 95 -15.00 46.58 -7.37
N ARG A 96 -14.77 45.63 -8.27
CA ARG A 96 -15.00 45.90 -9.69
C ARG A 96 -16.40 45.53 -10.13
N VAL A 97 -17.38 45.88 -9.30
CA VAL A 97 -18.79 45.74 -9.66
C VAL A 97 -19.60 46.98 -9.33
N ILE A 98 -19.18 47.78 -8.36
CA ILE A 98 -19.93 48.94 -7.90
C ILE A 98 -19.08 50.18 -8.10
N CYS A 99 -19.73 51.32 -8.27
CA CYS A 99 -19.03 52.59 -8.44
C CYS A 99 -18.45 53.02 -7.11
N LEU A 100 -17.16 53.39 -7.12
CA LEU A 100 -16.50 53.81 -5.88
C LEU A 100 -16.73 55.27 -5.57
N ASN A 101 -17.97 55.74 -5.71
CA ASN A 101 -18.36 57.07 -5.25
C ASN A 101 -19.72 57.13 -4.59
N CYS A 102 -20.64 56.22 -4.91
CA CYS A 102 -21.98 56.22 -4.35
C CYS A 102 -22.47 54.82 -4.04
N GLY A 103 -21.65 53.79 -4.21
CA GLY A 103 -22.08 52.43 -4.00
C GLY A 103 -23.13 51.98 -4.99
N ALA A 104 -23.08 52.47 -6.22
CA ALA A 104 -24.10 52.04 -7.16
C ALA A 104 -23.56 50.92 -8.05
N PRO A 105 -24.40 49.96 -8.42
CA PRO A 105 -23.93 48.83 -9.22
C PRO A 105 -23.79 49.19 -10.69
N ILE A 106 -22.64 49.69 -11.11
CA ILE A 106 -22.51 50.07 -12.51
C ILE A 106 -22.24 48.81 -13.32
N VAL A 107 -23.32 48.12 -13.65
CA VAL A 107 -23.30 46.81 -14.28
C VAL A 107 -24.71 46.58 -14.79
N ASP A 108 -24.84 45.83 -15.87
CA ASP A 108 -26.17 45.49 -16.35
C ASP A 108 -26.79 44.51 -15.36
N LEU A 109 -27.42 45.05 -14.31
CA LEU A 109 -27.98 44.20 -13.26
C LEU A 109 -29.10 43.33 -13.81
N LYS A 110 -29.93 43.88 -14.69
CA LYS A 110 -30.97 43.09 -15.33
C LYS A 110 -30.41 41.99 -16.21
N ARG A 111 -29.14 42.11 -16.63
CA ARG A 111 -28.52 41.02 -17.39
C ARG A 111 -28.29 39.80 -16.52
N TYR A 112 -27.88 40.01 -15.27
CA TYR A 112 -27.63 38.91 -14.33
C TYR A 112 -28.86 38.77 -13.43
N GLU A 113 -29.89 38.11 -13.96
CA GLU A 113 -31.05 37.77 -13.15
C GLU A 113 -31.43 36.31 -13.35
N HIS A 114 -31.11 35.76 -14.52
CA HIS A 114 -31.39 34.36 -14.79
C HIS A 114 -30.37 33.44 -14.13
N LEU A 115 -29.20 33.96 -13.79
CA LEU A 115 -28.13 33.12 -13.27
C LEU A 115 -28.46 32.63 -11.87
N ILE A 116 -27.83 31.52 -11.50
CA ILE A 116 -27.90 31.07 -10.11
C ILE A 116 -27.17 32.08 -9.24
N ARG A 117 -27.66 32.25 -8.02
CA ARG A 117 -27.16 33.32 -7.17
C ARG A 117 -25.66 33.25 -6.89
N PRO A 118 -25.05 32.10 -6.57
CA PRO A 118 -23.60 32.09 -6.32
C PRO A 118 -22.77 32.57 -7.50
N LYS A 119 -23.19 32.29 -8.73
CA LYS A 119 -22.41 32.67 -9.90
C LYS A 119 -22.71 34.08 -10.39
N ARG A 120 -23.74 34.72 -9.86
CA ARG A 120 -24.16 36.04 -10.37
C ARG A 120 -23.06 37.07 -10.18
N LEU A 121 -22.51 37.17 -8.96
CA LEU A 121 -21.48 38.17 -8.70
C LEU A 121 -20.19 37.85 -9.46
N ILE A 122 -19.84 36.58 -9.58
CA ILE A 122 -18.64 36.22 -10.32
C ILE A 122 -18.78 36.63 -11.78
N GLU A 123 -19.94 36.37 -12.38
CA GLU A 123 -20.18 36.80 -13.74
C GLU A 123 -20.14 38.31 -13.86
N ALA A 124 -20.76 39.03 -12.91
CA ALA A 124 -20.79 40.48 -12.96
C ALA A 124 -19.38 41.07 -12.85
N ALA A 125 -18.54 40.48 -12.00
CA ALA A 125 -17.15 40.90 -11.89
C ALA A 125 -16.31 40.43 -13.06
N SER A 126 -16.81 39.51 -13.87
CA SER A 126 -16.14 39.13 -15.10
C SER A 126 -16.38 40.12 -16.24
N SER A 127 -17.24 41.10 -16.03
CA SER A 127 -17.55 42.12 -17.03
C SER A 127 -16.39 43.11 -17.13
N GLN A 128 -16.54 44.15 -17.96
CA GLN A 128 -15.44 45.08 -18.18
C GLN A 128 -15.22 45.97 -16.95
N THR A 129 -16.22 46.78 -16.59
CA THR A 129 -16.18 47.67 -15.44
C THR A 129 -14.85 48.41 -15.32
N GLU A 130 -14.50 49.12 -16.39
CA GLU A 130 -13.26 49.89 -16.43
C GLU A 130 -13.47 51.10 -17.33
N GLY A 131 -13.43 52.29 -16.75
CA GLY A 131 -13.81 53.48 -17.47
C GLY A 131 -15.30 53.64 -17.65
N LYS A 132 -16.11 52.77 -17.06
CA LYS A 132 -17.55 52.83 -17.24
C LYS A 132 -18.14 54.03 -16.52
N GLN A 133 -19.12 54.66 -17.16
CA GLN A 133 -19.80 55.79 -16.58
C GLN A 133 -20.84 55.32 -15.58
N CYS A 134 -20.93 56.02 -14.45
CA CYS A 134 -21.94 55.70 -13.44
C CYS A 134 -23.27 56.35 -13.82
N TYR A 135 -24.29 56.10 -13.00
CA TYR A 135 -25.62 56.65 -13.22
C TYR A 135 -26.04 57.59 -12.09
N VAL A 136 -25.96 57.13 -10.84
CA VAL A 136 -26.42 57.96 -9.73
C VAL A 136 -25.53 59.19 -9.58
N CYS A 137 -24.22 59.01 -9.66
CA CYS A 137 -23.27 60.09 -9.47
C CYS A 137 -22.49 60.44 -10.73
N LYS A 138 -22.61 59.64 -11.79
CA LYS A 138 -21.99 59.94 -13.09
C LYS A 138 -20.48 60.12 -12.95
N ALA A 139 -19.82 59.03 -12.58
CA ALA A 139 -18.37 59.01 -12.39
C ALA A 139 -17.77 57.87 -13.18
N VAL A 140 -16.47 57.98 -13.44
CA VAL A 140 -15.74 56.98 -14.21
C VAL A 140 -15.13 55.97 -13.25
N HIS A 141 -15.35 54.69 -13.52
CA HIS A 141 -14.89 53.63 -12.64
C HIS A 141 -13.42 53.33 -12.88
N PRO A 142 -12.55 53.45 -11.88
CA PRO A 142 -11.14 53.11 -12.08
C PRO A 142 -10.97 51.61 -12.27
N LYS A 143 -9.80 51.24 -12.79
CA LYS A 143 -9.45 49.84 -12.91
C LYS A 143 -8.83 49.36 -11.61
N ILE A 144 -9.46 48.37 -10.99
CA ILE A 144 -8.95 47.76 -9.77
C ILE A 144 -7.97 46.67 -10.16
N VAL A 145 -6.71 46.85 -9.77
CA VAL A 145 -5.64 45.91 -10.07
C VAL A 145 -5.14 45.35 -8.75
N LYS A 146 -5.13 44.02 -8.64
CA LYS A 146 -4.63 43.39 -7.44
C LYS A 146 -3.12 43.54 -7.36
N ASP A 147 -2.63 43.91 -6.18
CA ASP A 147 -1.20 44.06 -5.99
C ASP A 147 -0.50 42.73 -6.25
N SER A 148 0.67 42.81 -6.87
CA SER A 148 1.45 41.63 -7.21
C SER A 148 2.39 41.19 -6.09
N GLU A 149 2.51 41.99 -5.03
CA GLU A 149 3.42 41.66 -3.94
C GLU A 149 2.73 40.86 -2.84
N ASP A 150 1.69 41.43 -2.24
CA ASP A 150 0.97 40.80 -1.15
C ASP A 150 -0.39 40.31 -1.64
N TYR A 151 -1.18 39.79 -0.71
CA TYR A 151 -2.48 39.20 -1.02
C TYR A 151 -3.65 40.09 -0.62
N PHE A 152 -3.41 41.33 -0.21
CA PHE A 152 -4.48 42.11 0.40
C PHE A 152 -4.49 43.58 0.02
N THR A 153 -3.64 44.02 -0.91
CA THR A 153 -3.56 45.43 -1.27
C THR A 153 -4.23 45.64 -2.62
N PHE A 154 -5.06 46.69 -2.69
CA PHE A 154 -5.84 46.99 -3.88
C PHE A 154 -5.50 48.38 -4.38
N TRP A 155 -5.48 48.54 -5.69
CA TRP A 155 -5.19 49.80 -6.34
C TRP A 155 -6.37 50.21 -7.21
N ALA A 156 -6.49 51.50 -7.48
CA ALA A 156 -7.51 52.02 -8.38
C ALA A 156 -6.79 52.80 -9.49
N ASP A 157 -6.42 52.08 -10.55
CA ASP A 157 -5.70 52.67 -11.66
C ASP A 157 -6.62 53.54 -12.49
N GLN A 158 -6.88 54.77 -12.04
CA GLN A 158 -7.83 55.67 -12.69
C GLN A 158 -7.07 56.48 -13.73
N GLN A 159 -7.10 56.00 -14.97
CA GLN A 159 -6.41 56.64 -16.09
C GLN A 159 -4.94 56.87 -15.79
N GLY A 160 -4.29 55.86 -15.22
CA GLY A 160 -2.88 55.94 -14.92
C GLY A 160 -2.54 56.59 -13.60
N LYS A 161 -3.52 57.04 -12.82
CA LYS A 161 -3.28 57.62 -11.50
C LYS A 161 -3.54 56.54 -10.45
N ILE A 162 -2.52 55.73 -10.19
CA ILE A 162 -2.64 54.63 -9.26
C ILE A 162 -2.65 55.16 -7.84
N ASP A 163 -3.62 54.71 -7.05
CA ASP A 163 -3.69 55.05 -5.63
C ASP A 163 -4.05 53.80 -4.84
N LYS A 164 -3.51 53.71 -3.63
CA LYS A 164 -3.78 52.56 -2.78
C LYS A 164 -5.20 52.62 -2.24
N LEU A 165 -5.91 51.51 -2.33
CA LEU A 165 -7.25 51.39 -1.76
C LEU A 165 -7.11 50.82 -0.36
N TYR A 166 -6.92 51.70 0.62
CA TYR A 166 -6.77 51.27 1.99
C TYR A 166 -8.08 50.67 2.50
N PRO A 167 -8.00 49.73 3.44
CA PRO A 167 -9.23 49.07 3.91
C PRO A 167 -10.27 50.03 4.48
N GLN A 168 -9.87 51.21 4.98
CA GLN A 168 -10.87 52.18 5.39
C GLN A 168 -11.64 52.73 4.20
N ILE A 169 -10.92 53.03 3.10
CA ILE A 169 -11.58 53.47 1.89
C ILE A 169 -12.51 52.40 1.37
N ILE A 170 -12.05 51.14 1.37
CA ILE A 170 -12.88 50.04 0.92
C ILE A 170 -14.10 49.89 1.81
N ARG A 171 -13.93 50.11 3.12
CA ARG A 171 -15.07 50.04 4.03
C ARG A 171 -16.10 51.09 3.70
N GLU A 172 -15.67 52.32 3.41
CA GLU A 172 -16.64 53.35 3.02
C GLU A 172 -17.33 53.01 1.71
N ILE A 173 -16.55 52.55 0.72
CA ILE A 173 -17.10 52.20 -0.59
C ILE A 173 -18.17 51.11 -0.42
N PHE A 174 -17.87 50.10 0.39
CA PHE A 174 -18.81 49.01 0.59
C PHE A 174 -19.99 49.43 1.44
N SER A 175 -19.79 50.38 2.35
CA SER A 175 -20.89 50.88 3.16
C SER A 175 -21.89 51.65 2.32
N ARG A 176 -21.44 52.30 1.24
CA ARG A 176 -22.39 52.99 0.37
C ARG A 176 -23.28 52.03 -0.41
N VAL A 177 -22.97 50.74 -0.44
CA VAL A 177 -23.76 49.78 -1.20
C VAL A 177 -25.06 49.50 -0.47
N THR A 178 -26.16 49.49 -1.20
CA THR A 178 -27.47 49.19 -0.64
C THR A 178 -27.68 47.67 -0.58
N TYR A 179 -28.64 47.27 0.26
CA TYR A 179 -28.99 45.86 0.36
C TYR A 179 -29.63 45.37 -0.93
N ASP A 180 -30.28 46.26 -1.69
CA ASP A 180 -30.86 45.86 -2.97
C ASP A 180 -29.79 45.42 -3.95
N THR A 181 -28.65 46.10 -3.96
CA THR A 181 -27.55 45.69 -4.82
C THR A 181 -27.03 44.31 -4.42
N VAL A 182 -26.87 44.07 -3.12
CA VAL A 182 -26.35 42.78 -2.66
C VAL A 182 -27.33 41.66 -3.01
N VAL A 183 -28.63 41.91 -2.83
CA VAL A 183 -29.64 40.90 -3.15
C VAL A 183 -29.67 40.63 -4.65
N LYS A 184 -29.62 41.68 -5.47
CA LYS A 184 -29.69 41.50 -6.91
C LYS A 184 -28.42 40.90 -7.48
N LEU A 185 -27.33 40.91 -6.73
CA LEU A 185 -26.08 40.30 -7.16
C LEU A 185 -25.97 38.83 -6.78
N GLY A 186 -27.01 38.26 -6.17
CA GLY A 186 -26.99 36.87 -5.78
C GLY A 186 -26.38 36.57 -4.43
N ARG A 187 -25.99 37.60 -3.67
CA ARG A 187 -25.56 37.40 -2.31
C ARG A 187 -26.74 37.58 -1.36
N SER A 188 -26.50 37.38 -0.08
CA SER A 188 -27.55 37.46 0.93
C SER A 188 -27.39 38.74 1.74
N LYS A 189 -28.36 38.97 2.63
CA LYS A 189 -28.27 40.11 3.53
C LYS A 189 -27.10 39.96 4.50
N ASN A 190 -26.85 38.73 4.96
CA ASN A 190 -25.72 38.48 5.85
C ASN A 190 -24.39 38.42 5.11
N SER A 191 -24.38 38.66 3.81
CA SER A 191 -23.16 38.66 3.02
C SER A 191 -22.90 40.03 2.40
N HIS A 192 -23.33 41.09 3.07
CA HIS A 192 -23.06 42.43 2.59
C HIS A 192 -21.55 42.68 2.55
N PRO A 193 -21.05 43.36 1.52
CA PRO A 193 -19.59 43.57 1.42
C PRO A 193 -19.02 44.40 2.55
N GLU A 194 -19.85 45.12 3.31
CA GLU A 194 -19.33 45.89 4.44
C GLU A 194 -18.70 44.99 5.48
N LYS A 195 -19.18 43.74 5.60
CA LYS A 195 -18.60 42.79 6.54
C LYS A 195 -17.17 42.43 6.19
N LEU A 196 -16.75 42.66 4.94
CA LEU A 196 -15.44 42.23 4.48
C LEU A 196 -14.31 43.09 5.00
N VAL A 197 -14.59 44.21 5.66
CA VAL A 197 -13.59 45.06 6.27
C VAL A 197 -13.81 45.02 7.78
N LEU A 198 -12.77 44.62 8.51
CA LEU A 198 -12.87 44.33 9.93
C LEU A 198 -12.28 45.48 10.73
N LYS A 199 -13.13 46.23 11.43
CA LYS A 199 -12.64 47.20 12.39
C LYS A 199 -12.18 46.53 13.67
N ALA A 200 -12.89 45.50 14.14
CA ALA A 200 -12.58 44.82 15.39
C ALA A 200 -12.50 43.32 15.11
N ILE A 201 -11.28 42.78 15.13
CA ILE A 201 -11.08 41.36 14.88
C ILE A 201 -11.33 40.58 16.17
N GLN A 202 -11.44 39.26 16.04
CA GLN A 202 -11.73 38.39 17.18
C GLN A 202 -10.46 37.67 17.60
N ILE A 203 -10.12 37.78 18.88
CA ILE A 203 -9.01 37.02 19.44
C ILE A 203 -9.54 35.63 19.80
N PRO A 204 -8.96 34.57 19.22
CA PRO A 204 -9.53 33.24 19.41
C PRO A 204 -9.44 32.79 20.85
N PRO A 205 -10.28 31.85 21.26
CA PRO A 205 -10.19 31.32 22.62
C PRO A 205 -8.83 30.68 22.87
N ILE A 206 -8.39 30.74 24.13
CA ILE A 206 -7.11 30.14 24.48
C ILE A 206 -7.15 28.63 24.30
N SER A 207 -8.34 28.04 24.21
CA SER A 207 -8.46 26.60 24.03
C SER A 207 -7.83 26.14 22.71
N ILE A 208 -7.78 27.03 21.71
CA ILE A 208 -7.23 26.66 20.41
C ILE A 208 -5.81 27.15 20.23
N ARG A 209 -5.27 27.89 21.19
CA ARG A 209 -3.88 28.33 21.17
C ARG A 209 -3.27 28.13 22.55
N PRO A 210 -3.14 26.88 22.99
CA PRO A 210 -2.66 26.61 24.34
C PRO A 210 -1.14 26.57 24.40
N GLY A 211 -0.63 26.66 25.63
CA GLY A 211 0.78 26.46 25.86
C GLY A 211 1.61 27.73 25.76
N ILE A 212 2.30 28.07 26.85
CA ILE A 212 3.16 29.24 26.87
C ILE A 212 4.56 28.86 27.33
N ASP A 225 3.24 28.76 19.22
CA ASP A 225 3.92 29.73 18.37
C ASP A 225 2.90 30.65 17.70
N ILE A 226 1.65 30.22 17.66
CA ILE A 226 0.59 31.05 17.10
C ILE A 226 0.33 32.26 18.00
N ASN A 227 0.54 32.13 19.31
CA ASN A 227 0.34 33.26 20.21
C ASN A 227 1.34 34.38 19.93
N ASN A 228 2.51 34.04 19.40
CA ASN A 228 3.48 35.08 19.05
C ASN A 228 2.94 36.00 17.97
N VAL A 229 2.25 35.44 16.97
CA VAL A 229 1.66 36.26 15.92
C VAL A 229 0.62 37.19 16.48
N ILE A 230 -0.23 36.69 17.38
CA ILE A 230 -1.28 37.53 17.97
C ILE A 230 -0.67 38.64 18.82
N GLN A 231 0.36 38.31 19.60
CA GLN A 231 1.03 39.31 20.41
C GLN A 231 1.69 40.38 19.54
N TYR A 232 2.33 39.95 18.45
CA TYR A 232 2.92 40.90 17.51
C TYR A 232 1.86 41.81 16.92
N LEU A 233 0.72 41.24 16.51
CA LEU A 233 -0.35 42.05 15.95
C LEU A 233 -0.90 43.04 16.96
N VAL A 234 -1.06 42.61 18.21
CA VAL A 234 -1.56 43.50 19.25
C VAL A 234 -0.59 44.66 19.48
N ARG A 235 0.69 44.34 19.64
CA ARG A 235 1.66 45.38 19.93
C ARG A 235 1.88 46.32 18.76
N LYS A 236 1.75 45.81 17.52
CA LYS A 236 1.84 46.69 16.36
C LYS A 236 0.57 47.49 16.13
N ASN A 237 -0.57 46.99 16.61
CA ASN A 237 -1.79 47.77 16.58
C ASN A 237 -1.74 48.92 17.58
N LEU A 238 -1.04 48.71 18.70
CA LEU A 238 -0.87 49.80 19.66
C LEU A 238 -0.12 50.98 19.06
N LEU A 239 0.69 50.75 18.03
CA LEU A 239 1.46 51.82 17.43
C LEU A 239 0.60 52.73 16.57
N ILE A 240 -0.45 52.20 15.95
CA ILE A 240 -1.33 53.03 15.11
C ILE A 240 -2.06 54.03 15.99
N PRO A 241 -2.14 55.30 15.61
CA PRO A 241 -2.96 56.25 16.37
C PRO A 241 -4.42 55.81 16.40
N LYS A 242 -5.07 56.08 17.53
CA LYS A 242 -6.42 55.59 17.75
C LYS A 242 -7.41 56.18 16.74
N ASP A 243 -7.22 57.45 16.38
CA ASP A 243 -8.12 58.17 15.49
C ASP A 243 -7.50 58.40 14.12
N LEU A 244 -6.79 57.41 13.59
CA LEU A 244 -6.22 57.54 12.26
C LEU A 244 -7.33 57.48 11.22
N GLN A 245 -7.34 58.45 10.29
CA GLN A 245 -8.36 58.53 9.26
C GLN A 245 -7.68 58.66 7.90
N ILE A 246 -8.19 57.92 6.93
CA ILE A 246 -7.62 57.90 5.58
C ILE A 246 -8.76 58.10 4.57
N VAL A 247 -8.56 59.01 3.63
CA VAL A 247 -9.50 59.19 2.53
C VAL A 247 -8.77 58.91 1.22
N ARG A 248 -9.51 58.85 0.12
CA ARG A 248 -8.92 58.53 -1.17
C ARG A 248 -7.89 59.58 -1.57
N GLY A 249 -6.70 59.12 -1.93
CA GLY A 249 -5.60 60.01 -2.28
C GLY A 249 -5.09 60.86 -1.13
N GLN A 250 -5.02 60.28 0.08
CA GLN A 250 -4.50 61.04 1.21
C GLN A 250 -2.99 61.20 1.17
N LYS A 251 -2.27 60.20 0.66
CA LYS A 251 -0.81 60.19 0.64
C LYS A 251 -0.25 60.33 2.06
N ILE A 252 -0.53 59.31 2.86
CA ILE A 252 -0.17 59.28 4.28
C ILE A 252 1.33 59.05 4.42
N PRO A 253 1.95 59.36 5.57
CA PRO A 253 3.39 59.15 5.71
C PRO A 253 3.78 57.69 5.57
N LEU A 254 5.05 57.50 5.22
CA LEU A 254 5.56 56.16 4.96
C LEU A 254 5.55 55.29 6.21
N ASN A 255 5.83 55.88 7.37
CA ASN A 255 5.85 55.11 8.61
C ASN A 255 4.51 54.46 8.89
N ILE A 256 3.43 55.24 8.78
CA ILE A 256 2.09 54.69 8.98
C ILE A 256 1.78 53.66 7.91
N ASP A 257 2.26 53.88 6.68
CA ASP A 257 2.03 52.91 5.62
C ASP A 257 2.69 51.58 5.94
N ARG A 258 3.94 51.61 6.41
CA ARG A 258 4.60 50.37 6.82
C ARG A 258 3.87 49.70 7.96
N ASN A 259 3.44 50.48 8.96
CA ASN A 259 2.74 49.89 10.10
C ASN A 259 1.44 49.23 9.68
N LEU A 260 0.67 49.90 8.82
CA LEU A 260 -0.58 49.33 8.33
C LEU A 260 -0.34 48.06 7.52
N GLN A 261 0.66 48.09 6.64
CA GLN A 261 0.96 46.90 5.84
C GLN A 261 1.39 45.75 6.73
N THR A 262 2.21 46.01 7.74
CA THR A 262 2.65 44.95 8.63
C THR A 262 1.48 44.39 9.45
N ILE A 263 0.56 45.25 9.89
CA ILE A 263 -0.59 44.77 10.65
C ILE A 263 -1.47 43.87 9.78
N GLN A 264 -1.76 44.31 8.56
CA GLN A 264 -2.58 43.50 7.67
C GLN A 264 -1.88 42.20 7.30
N GLN A 265 -0.58 42.25 7.06
CA GLN A 265 0.17 41.04 6.76
C GLN A 265 0.22 40.10 7.96
N LEU A 266 0.26 40.66 9.18
CA LEU A 266 0.22 39.83 10.37
C LEU A 266 -1.14 39.13 10.50
N TYR A 267 -2.23 39.84 10.23
CA TYR A 267 -3.54 39.19 10.25
C TYR A 267 -3.63 38.11 9.18
N TYR A 268 -3.11 38.40 7.98
CA TYR A 268 -3.13 37.40 6.91
C TYR A 268 -2.29 36.19 7.28
N ASN A 269 -1.14 36.38 7.92
CA ASN A 269 -0.34 35.26 8.34
C ASN A 269 -0.97 34.50 9.50
N PHE A 270 -1.76 35.21 10.31
CA PHE A 270 -2.46 34.56 11.41
C PHE A 270 -3.55 33.65 10.90
N LEU A 271 -4.23 34.05 9.83
CA LEU A 271 -5.36 33.25 9.33
C LEU A 271 -4.97 32.29 8.21
N LEU A 272 -4.20 32.71 7.22
CA LEU A 272 -4.06 31.99 5.96
C LEU A 272 -2.61 31.89 5.50
N ASP A 273 -1.65 31.87 6.42
CA ASP A 273 -0.26 31.77 6.00
C ASP A 273 0.03 30.37 5.46
N SER A 274 1.28 30.17 5.04
CA SER A 274 1.74 28.91 4.47
C SER A 274 0.87 28.46 3.29
N ALA A 296 4.93 30.38 12.00
CA ALA A 296 3.92 29.67 12.77
C ALA A 296 2.79 29.19 11.89
N PRO A 297 2.26 28.00 12.17
CA PRO A 297 1.10 27.50 11.41
C PRO A 297 -0.10 28.40 11.61
N SER A 298 -0.90 28.53 10.55
CA SER A 298 -2.06 29.41 10.58
C SER A 298 -3.23 28.72 11.29
N ILE A 299 -4.30 29.48 11.48
CA ILE A 299 -5.56 28.89 11.91
C ILE A 299 -6.13 28.01 10.82
N MET A 300 -6.08 28.47 9.57
CA MET A 300 -6.65 27.73 8.45
C MET A 300 -5.73 26.66 7.90
N ARG A 301 -4.47 26.61 8.32
CA ARG A 301 -3.58 25.55 7.89
C ARG A 301 -3.68 24.32 8.77
N ARG A 302 -4.40 24.39 9.88
CA ARG A 302 -4.68 23.21 10.69
C ARG A 302 -5.81 22.36 10.12
N LEU A 303 -6.60 22.89 9.20
CA LEU A 303 -7.75 22.18 8.66
C LEU A 303 -7.35 21.13 7.61
N PRO A 304 -6.62 21.49 6.53
CA PRO A 304 -6.46 20.53 5.44
C PRO A 304 -5.48 19.41 5.77
N ARG A 305 -5.20 18.60 4.74
CA ARG A 305 -4.18 17.56 4.76
C ARG A 305 -4.60 16.36 5.61
N LYS A 306 -3.85 15.27 5.48
CA LYS A 306 -4.18 14.04 6.18
C LYS A 306 -4.00 14.18 7.69
N GLU A 307 -3.09 15.04 8.13
CA GLU A 307 -2.78 15.23 9.53
C GLU A 307 -3.37 16.51 10.10
N GLY A 308 -4.37 17.08 9.43
CA GLY A 308 -4.99 18.31 9.87
C GLY A 308 -6.08 18.07 10.90
N ARG A 309 -6.81 19.15 11.20
CA ARG A 309 -7.87 19.07 12.20
C ARG A 309 -8.94 18.07 11.78
N ILE A 310 -9.45 18.21 10.57
CA ILE A 310 -10.59 17.38 10.16
C ILE A 310 -10.19 15.92 10.09
N ARG A 311 -9.25 15.58 9.22
CA ARG A 311 -8.98 14.17 8.94
C ARG A 311 -8.31 13.47 10.11
N LYS A 312 -7.51 14.18 10.90
CA LYS A 312 -6.82 13.51 11.99
C LYS A 312 -7.58 13.58 13.31
N SER A 313 -8.17 14.73 13.63
CA SER A 313 -8.83 14.89 14.93
C SER A 313 -10.32 14.62 14.89
N LEU A 314 -10.98 14.81 13.75
CA LEU A 314 -12.43 14.70 13.68
C LEU A 314 -12.89 13.42 13.02
N LEU A 315 -12.34 13.09 11.85
CA LEU A 315 -12.76 11.88 11.16
C LEU A 315 -12.13 10.64 11.78
N GLY A 316 -11.02 10.80 12.48
CA GLY A 316 -10.44 9.75 13.29
C GLY A 316 -10.27 10.22 14.73
N SER A 317 -9.72 9.34 15.54
CA SER A 317 -9.55 9.68 16.95
C SER A 317 -8.49 8.79 17.59
N GLN A 318 -7.80 9.36 18.57
CA GLN A 318 -7.00 8.57 19.50
C GLN A 318 -7.89 8.19 20.67
N VAL A 319 -7.81 6.92 21.08
CA VAL A 319 -8.74 6.38 22.05
C VAL A 319 -7.98 5.74 23.20
N TRP A 320 -8.64 5.67 24.36
CA TRP A 320 -8.13 4.98 25.52
C TRP A 320 -8.65 3.55 25.52
N SER A 321 -8.23 2.77 26.51
CA SER A 321 -8.73 1.42 26.75
C SER A 321 -8.65 0.57 25.48
N ILE A 322 -7.45 0.48 24.92
CA ILE A 322 -7.22 -0.27 23.70
C ILE A 322 -5.83 -0.89 23.79
N SER A 323 -5.67 -2.05 23.16
CA SER A 323 -4.42 -2.77 23.18
C SER A 323 -4.00 -3.16 21.77
N ARG A 324 -2.72 -3.39 21.59
CA ARG A 324 -2.14 -3.80 20.33
C ARG A 324 -1.03 -4.80 20.61
N SER A 325 -0.96 -5.85 19.80
CA SER A 325 0.09 -6.84 19.94
C SER A 325 0.18 -7.67 18.67
N THR A 326 1.28 -8.40 18.54
CA THR A 326 1.46 -9.32 17.43
C THR A 326 0.48 -10.47 17.55
N ILE A 327 -0.04 -10.93 16.43
CA ILE A 327 -1.00 -12.03 16.39
C ILE A 327 -0.28 -13.30 15.99
N CYS A 328 -0.60 -14.39 16.67
CA CYS A 328 -0.10 -15.72 16.30
C CYS A 328 -1.29 -16.67 16.24
N GLY A 329 -1.03 -17.88 15.76
CA GLY A 329 -2.08 -18.85 15.56
C GLY A 329 -2.32 -19.72 16.79
N ASN A 330 -3.57 -20.14 16.95
CA ASN A 330 -3.96 -20.99 18.06
C ASN A 330 -5.07 -21.90 17.55
N SER A 331 -4.73 -23.17 17.29
CA SER A 331 -5.67 -24.11 16.71
C SER A 331 -6.81 -24.46 17.65
N ASP A 332 -6.63 -24.24 18.95
CA ASP A 332 -7.63 -24.63 19.93
C ASP A 332 -8.63 -23.53 20.24
N LEU A 333 -8.48 -22.37 19.61
CA LEU A 333 -9.46 -21.29 19.75
C LEU A 333 -10.54 -21.44 18.70
N HIS A 334 -11.78 -21.17 19.10
CA HIS A 334 -12.86 -21.11 18.14
C HIS A 334 -12.69 -19.93 17.20
N LEU A 335 -13.41 -19.96 16.09
CA LEU A 335 -13.28 -18.89 15.11
C LEU A 335 -13.75 -17.56 15.67
N ASP A 336 -14.68 -17.58 16.63
CA ASP A 336 -15.19 -16.38 17.27
C ASP A 336 -14.54 -16.14 18.62
N GLU A 337 -13.32 -16.62 18.82
CA GLU A 337 -12.59 -16.46 20.06
C GLU A 337 -11.23 -15.86 19.78
N VAL A 338 -10.77 -14.99 20.67
CA VAL A 338 -9.46 -14.38 20.57
C VAL A 338 -8.72 -14.64 21.88
N GLY A 339 -7.46 -15.04 21.78
CA GLY A 339 -6.64 -15.25 22.94
C GLY A 339 -6.07 -13.95 23.46
N TYR A 340 -6.36 -13.62 24.71
CA TYR A 340 -5.94 -12.38 25.32
C TYR A 340 -4.93 -12.66 26.42
N PRO A 341 -3.70 -12.14 26.34
CA PRO A 341 -2.77 -12.34 27.44
C PRO A 341 -3.31 -11.74 28.74
N ILE A 342 -3.00 -12.42 29.85
CA ILE A 342 -3.56 -12.04 31.14
C ILE A 342 -3.07 -10.66 31.56
N SER A 343 -1.85 -10.28 31.14
CA SER A 343 -1.35 -8.96 31.49
C SER A 343 -2.21 -7.86 30.88
N PHE A 344 -2.67 -8.06 29.64
CA PHE A 344 -3.57 -7.09 29.02
C PHE A 344 -4.96 -7.15 29.63
N ALA A 345 -5.37 -8.32 30.12
CA ALA A 345 -6.70 -8.44 30.72
C ALA A 345 -6.78 -7.70 32.05
N ARG A 346 -5.65 -7.51 32.72
CA ARG A 346 -5.61 -6.72 33.94
C ARG A 346 -5.34 -5.25 33.68
N THR A 347 -5.05 -4.87 32.44
CA THR A 347 -4.92 -3.46 32.07
C THR A 347 -6.25 -2.90 31.60
N LEU A 348 -6.87 -3.56 30.64
CA LEU A 348 -8.18 -3.15 30.16
C LEU A 348 -9.26 -3.64 31.13
N GLN A 349 -10.25 -2.80 31.37
CA GLN A 349 -11.24 -3.06 32.40
C GLN A 349 -12.64 -2.96 31.83
N VAL A 350 -13.59 -3.57 32.53
CA VAL A 350 -15.00 -3.52 32.17
C VAL A 350 -15.74 -2.81 33.29
N ALA A 351 -16.46 -1.75 32.94
CA ALA A 351 -17.19 -0.96 33.91
C ALA A 351 -18.50 -1.65 34.25
N GLU A 352 -18.57 -2.24 35.44
CA GLU A 352 -19.77 -2.94 35.89
C GLU A 352 -20.43 -2.12 36.99
N THR A 353 -21.61 -1.59 36.70
CA THR A 353 -22.38 -0.87 37.71
C THR A 353 -22.96 -1.86 38.71
N VAL A 354 -22.72 -1.60 39.98
CA VAL A 354 -23.15 -2.51 41.04
C VAL A 354 -24.64 -2.33 41.28
N GLN A 355 -25.39 -3.42 41.20
CA GLN A 355 -26.79 -3.45 41.54
C GLN A 355 -27.05 -4.69 42.38
N HIS A 356 -28.30 -4.89 42.77
CA HIS A 356 -28.62 -6.03 43.62
C HIS A 356 -28.42 -7.35 42.88
N TYR A 357 -28.69 -7.38 41.58
CA TYR A 357 -28.65 -8.63 40.84
C TYR A 357 -27.22 -9.11 40.57
N ASN A 358 -26.22 -8.23 40.67
CA ASN A 358 -24.85 -8.58 40.34
C ASN A 358 -23.86 -8.35 41.47
N ILE A 359 -24.33 -8.02 42.68
CA ILE A 359 -23.42 -7.74 43.78
C ILE A 359 -22.65 -9.00 44.17
N ASN A 360 -23.32 -10.16 44.18
CA ASN A 360 -22.65 -11.39 44.57
C ASN A 360 -21.61 -11.80 43.55
N ARG A 361 -21.87 -11.58 42.26
CA ARG A 361 -20.89 -11.90 41.23
C ARG A 361 -19.73 -10.92 41.24
N LEU A 362 -20.01 -9.64 41.53
CA LEU A 362 -18.98 -8.63 41.55
C LEU A 362 -18.16 -8.66 42.83
N MET A 363 -18.64 -9.34 43.86
CA MET A 363 -17.89 -9.42 45.12
C MET A 363 -16.53 -10.07 44.96
N PRO A 364 -16.38 -11.22 44.28
CA PRO A 364 -15.03 -11.77 44.10
C PRO A 364 -14.08 -10.83 43.40
N TYR A 365 -14.55 -10.10 42.39
CA TYR A 365 -13.69 -9.13 41.72
C TYR A 365 -13.20 -8.07 42.68
N PHE A 366 -14.11 -7.54 43.50
CA PHE A 366 -13.73 -6.51 44.45
C PHE A 366 -12.74 -7.04 45.48
N LEU A 367 -12.99 -8.24 46.01
CA LEU A 367 -12.12 -8.80 47.03
C LEU A 367 -10.73 -9.11 46.48
N ASN A 368 -10.67 -9.61 45.24
CA ASN A 368 -9.37 -9.90 44.64
C ASN A 368 -8.56 -8.63 44.42
N GLY A 369 -9.24 -7.54 44.03
CA GLY A 369 -8.54 -6.28 43.82
C GLY A 369 -7.52 -6.39 42.72
N LYS A 370 -6.42 -5.69 42.88
CA LYS A 370 -5.33 -5.75 41.92
C LYS A 370 -4.31 -6.81 42.26
N ARG A 371 -4.55 -7.61 43.30
CA ARG A 371 -3.57 -8.60 43.74
C ARG A 371 -3.72 -9.93 43.04
N GLN A 372 -4.95 -10.41 42.85
CA GLN A 372 -5.20 -11.69 42.23
C GLN A 372 -6.21 -11.52 41.10
N TYR A 373 -6.15 -12.44 40.14
CA TYR A 373 -7.01 -12.43 38.97
C TYR A 373 -8.10 -13.49 39.09
N PRO A 374 -9.35 -13.18 38.73
CA PRO A 374 -9.85 -11.90 38.21
C PRO A 374 -10.11 -10.87 39.29
N GLY A 375 -9.73 -9.63 39.08
CA GLY A 375 -9.93 -8.61 40.10
C GLY A 375 -10.48 -7.33 39.52
N CYS A 376 -10.09 -6.19 40.10
CA CYS A 376 -10.59 -4.90 39.67
C CYS A 376 -9.50 -3.86 39.90
N SER A 377 -9.75 -2.66 39.43
CA SER A 377 -8.76 -1.59 39.52
C SER A 377 -9.30 -0.32 40.14
N ARG A 378 -10.55 0.04 39.86
CA ARG A 378 -11.13 1.26 40.37
C ARG A 378 -12.57 1.00 40.77
N VAL A 379 -13.07 1.81 41.71
CA VAL A 379 -14.47 1.81 42.08
C VAL A 379 -14.95 3.26 42.07
N TYR A 380 -16.02 3.51 41.32
CA TYR A 380 -16.64 4.83 41.30
C TYR A 380 -17.72 4.89 42.37
N LYS A 381 -17.57 5.80 43.31
CA LYS A 381 -18.54 5.96 44.38
C LYS A 381 -19.68 6.86 43.93
N GLN A 382 -20.91 6.38 44.10
CA GLN A 382 -22.06 7.17 43.68
C GLN A 382 -22.23 8.39 44.58
N ILE A 383 -22.20 8.20 45.89
CA ILE A 383 -22.42 9.30 46.83
C ILE A 383 -21.22 10.21 46.99
N THR A 384 -20.08 9.89 46.36
CA THR A 384 -18.93 10.77 46.36
C THR A 384 -18.66 11.40 45.01
N GLN A 385 -19.14 10.80 43.93
CA GLN A 385 -18.82 11.23 42.57
C GLN A 385 -17.31 11.25 42.33
N SER A 386 -16.63 10.25 42.88
CA SER A 386 -15.18 10.16 42.80
C SER A 386 -14.76 8.71 42.66
N VAL A 387 -13.76 8.47 41.84
CA VAL A 387 -13.19 7.14 41.67
C VAL A 387 -12.08 6.95 42.69
N HIS A 388 -11.90 5.71 43.12
CA HIS A 388 -10.87 5.36 44.08
C HIS A 388 -10.15 4.11 43.62
N ASP A 389 -8.81 4.17 43.61
CA ASP A 389 -8.03 2.99 43.29
C ASP A 389 -8.24 1.92 44.36
N ILE A 390 -8.26 0.67 43.93
CA ILE A 390 -8.52 -0.43 44.84
C ILE A 390 -7.40 -0.61 45.85
N GLU A 391 -6.15 -0.38 45.44
CA GLU A 391 -5.02 -0.54 46.35
C GLU A 391 -5.15 0.38 47.56
N GLY A 392 -5.69 1.58 47.36
CA GLY A 392 -5.95 2.51 48.43
C GLY A 392 -7.34 2.44 49.03
N LEU A 393 -8.15 1.45 48.64
CA LEU A 393 -9.53 1.33 49.09
C LEU A 393 -9.70 0.31 50.20
N LYS A 394 -8.73 0.20 51.10
CA LYS A 394 -8.85 -0.74 52.21
C LYS A 394 -9.95 -0.33 53.18
N GLN A 395 -10.19 0.97 53.31
CA GLN A 395 -11.13 1.51 54.29
C GLN A 395 -12.56 1.61 53.77
N ASP A 396 -12.82 1.24 52.52
CA ASP A 396 -14.17 1.31 51.99
C ASP A 396 -14.95 0.02 52.25
N PHE A 397 -14.46 -1.10 51.69
CA PHE A 397 -15.01 -2.44 51.86
C PHE A 397 -16.53 -2.47 51.82
N ARG A 398 -17.14 -1.65 50.97
CA ARG A 398 -18.60 -1.61 50.87
C ARG A 398 -18.99 -1.17 49.47
N LEU A 399 -19.73 -2.03 48.78
CA LEU A 399 -20.19 -1.77 47.42
C LEU A 399 -21.67 -1.42 47.48
N GLU A 400 -22.01 -0.23 46.98
CA GLU A 400 -23.36 0.28 47.02
C GLU A 400 -24.00 0.19 45.64
N VAL A 401 -25.33 0.14 45.63
CA VAL A 401 -26.05 0.12 44.36
C VAL A 401 -25.91 1.48 43.69
N GLY A 402 -25.42 1.49 42.47
CA GLY A 402 -25.04 2.70 41.79
C GLY A 402 -23.54 2.91 41.71
N ASP A 403 -22.77 2.14 42.46
CA ASP A 403 -21.32 2.15 42.32
C ASP A 403 -20.93 1.49 41.01
N ILE A 404 -19.83 1.96 40.44
CA ILE A 404 -19.27 1.40 39.21
C ILE A 404 -17.95 0.73 39.56
N LEU A 405 -17.89 -0.58 39.35
CA LEU A 405 -16.68 -1.35 39.57
C LEU A 405 -16.01 -1.61 38.22
N TYR A 406 -14.72 -1.32 38.15
CA TYR A 406 -13.95 -1.56 36.93
C TYR A 406 -13.15 -2.84 37.15
N ARG A 407 -13.66 -3.95 36.63
CA ARG A 407 -13.07 -5.26 36.83
C ARG A 407 -12.23 -5.68 35.63
N ASP A 408 -11.41 -6.70 35.84
CA ASP A 408 -10.53 -7.19 34.78
C ASP A 408 -11.33 -7.92 33.71
N VAL A 409 -10.74 -7.99 32.52
CA VAL A 409 -11.34 -8.76 31.43
C VAL A 409 -11.21 -10.24 31.75
N VAL A 410 -12.32 -10.97 31.61
CA VAL A 410 -12.36 -12.39 31.90
C VAL A 410 -12.74 -13.14 30.63
N THR A 411 -12.55 -14.46 30.68
CA THR A 411 -12.93 -15.31 29.56
C THR A 411 -14.43 -15.19 29.30
N GLY A 412 -14.79 -15.04 28.03
CA GLY A 412 -16.16 -14.89 27.62
C GLY A 412 -16.58 -13.46 27.32
N ASP A 413 -15.78 -12.48 27.73
CA ASP A 413 -16.06 -11.10 27.39
C ASP A 413 -15.94 -10.89 25.89
N VAL A 414 -16.70 -9.95 25.38
CA VAL A 414 -16.61 -9.59 23.96
C VAL A 414 -15.53 -8.54 23.80
N ALA A 415 -14.77 -8.65 22.71
CA ALA A 415 -13.72 -7.69 22.40
C ALA A 415 -13.76 -7.40 20.92
N PHE A 416 -13.40 -6.17 20.56
CA PHE A 416 -13.30 -5.79 19.16
C PHE A 416 -11.90 -6.09 18.66
N PHE A 417 -11.81 -6.86 17.59
CA PHE A 417 -10.56 -7.21 16.94
C PHE A 417 -10.46 -6.44 15.64
N ASN A 418 -9.34 -5.78 15.40
CA ASN A 418 -9.19 -4.93 14.24
C ASN A 418 -7.78 -5.06 13.67
N ARG A 419 -7.69 -5.20 12.35
CA ARG A 419 -6.43 -5.16 11.65
C ARG A 419 -6.44 -4.02 10.63
N GLN A 420 -5.37 -3.31 10.57
CA GLN A 420 -5.24 -2.23 9.61
C GLN A 420 -4.43 -2.68 8.40
N PRO A 421 -4.76 -2.21 7.20
CA PRO A 421 -5.84 -1.27 6.87
C PRO A 421 -7.22 -1.90 6.93
N SER A 422 -8.22 -1.15 7.40
CA SER A 422 -9.58 -1.66 7.57
C SER A 422 -10.36 -1.40 6.29
N LEU A 423 -10.25 -2.34 5.35
CA LEU A 423 -10.84 -2.18 4.03
C LEU A 423 -12.22 -2.82 3.93
N GLU A 424 -12.45 -3.91 4.64
CA GLU A 424 -13.70 -4.66 4.54
C GLU A 424 -14.57 -4.39 5.76
N ARG A 425 -15.84 -4.79 5.64
CA ARG A 425 -16.77 -4.70 6.75
C ARG A 425 -16.39 -5.63 7.89
N SER A 426 -15.63 -6.68 7.61
CA SER A 426 -15.18 -7.63 8.62
C SER A 426 -13.83 -7.27 9.22
N SER A 427 -13.26 -6.12 8.83
CA SER A 427 -11.96 -5.74 9.36
C SER A 427 -12.01 -5.41 10.84
N ILE A 428 -13.19 -5.10 11.36
CA ILE A 428 -13.43 -5.02 12.80
C ILE A 428 -14.49 -6.04 13.13
N GLY A 429 -14.14 -7.03 13.95
CA GLY A 429 -15.09 -8.03 14.38
C GLY A 429 -14.98 -8.22 15.88
N VAL A 430 -16.06 -8.77 16.45
CA VAL A 430 -16.13 -9.01 17.88
C VAL A 430 -15.89 -10.49 18.13
N HIS A 431 -14.91 -10.79 18.97
CA HIS A 431 -14.59 -12.14 19.37
C HIS A 431 -14.83 -12.31 20.85
N ARG A 432 -15.12 -13.53 21.26
CA ARG A 432 -15.20 -13.84 22.68
C ARG A 432 -13.79 -13.92 23.27
N ILE A 433 -13.59 -13.23 24.39
CA ILE A 433 -12.26 -13.21 25.00
C ILE A 433 -11.98 -14.56 25.64
N VAL A 434 -10.81 -15.11 25.34
CA VAL A 434 -10.25 -16.24 26.07
C VAL A 434 -8.94 -15.75 26.65
N VAL A 435 -8.88 -15.63 27.97
CA VAL A 435 -7.70 -15.07 28.63
C VAL A 435 -6.65 -16.16 28.76
N LEU A 436 -5.47 -15.92 28.21
CA LEU A 436 -4.35 -16.85 28.31
C LEU A 436 -3.61 -16.55 29.59
N GLU A 437 -3.76 -17.43 30.58
CA GLU A 437 -3.22 -17.19 31.91
C GLU A 437 -1.72 -17.45 32.00
N ASN A 438 -1.10 -17.91 30.93
CA ASN A 438 0.34 -18.03 30.87
C ASN A 438 0.95 -16.63 30.82
N PRO A 439 1.80 -16.24 31.78
CA PRO A 439 2.41 -14.91 31.72
C PRO A 439 3.45 -14.76 30.63
N LYS A 440 3.94 -15.85 30.06
CA LYS A 440 4.96 -15.77 29.02
C LYS A 440 4.40 -15.44 27.64
N ILE A 441 3.08 -15.40 27.49
CA ILE A 441 2.45 -15.17 26.21
C ILE A 441 1.94 -13.73 26.18
N SER A 442 2.39 -12.97 25.18
CA SER A 442 1.96 -11.58 25.02
C SER A 442 1.41 -11.32 23.61
N THR A 443 0.99 -12.37 22.92
CA THR A 443 0.45 -12.25 21.57
C THR A 443 -1.07 -12.32 21.61
N PHE A 444 -1.69 -11.78 20.56
CA PHE A 444 -3.13 -11.90 20.35
C PHE A 444 -3.36 -13.15 19.53
N GLN A 445 -3.68 -14.25 20.20
CA GLN A 445 -3.86 -15.51 19.51
C GLN A 445 -5.26 -15.60 18.90
N MET A 446 -5.33 -16.16 17.69
CA MET A 446 -6.59 -16.31 16.98
C MET A 446 -6.52 -17.59 16.15
N ASN A 447 -7.69 -18.10 15.80
CA ASN A 447 -7.76 -19.24 14.91
C ASN A 447 -7.32 -18.84 13.51
N VAL A 448 -6.63 -19.77 12.82
CA VAL A 448 -6.13 -19.47 11.50
C VAL A 448 -7.27 -19.24 10.51
N SER A 449 -8.45 -19.79 10.80
CA SER A 449 -9.60 -19.59 9.93
C SER A 449 -10.26 -18.23 10.14
N ALA A 450 -9.97 -17.55 11.25
CA ALA A 450 -10.47 -16.20 11.46
C ALA A 450 -9.66 -15.16 10.72
N CYS A 451 -8.50 -15.53 10.17
CA CYS A 451 -7.64 -14.58 9.48
C CYS A 451 -8.27 -14.03 8.21
N ALA A 452 -9.22 -14.75 7.61
CA ALA A 452 -9.82 -14.29 6.37
C ALA A 452 -10.66 -13.03 6.57
N TRP A 453 -11.18 -12.82 7.78
CA TRP A 453 -11.93 -11.61 8.06
C TRP A 453 -11.06 -10.38 7.97
N TYR A 454 -9.81 -10.48 8.42
CA TYR A 454 -8.92 -9.34 8.53
C TYR A 454 -7.81 -9.34 7.49
N ASN A 455 -7.80 -10.31 6.58
CA ASN A 455 -6.73 -10.45 5.60
C ASN A 455 -5.37 -10.53 6.31
N ALA A 456 -5.33 -11.31 7.39
CA ALA A 456 -4.18 -11.38 8.26
C ALA A 456 -3.41 -12.68 8.05
N ASP A 457 -2.14 -12.65 8.41
CA ASP A 457 -1.33 -13.84 8.56
C ASP A 457 -0.45 -13.65 9.78
N PHE A 458 0.39 -14.63 10.06
CA PHE A 458 1.20 -14.65 11.28
C PHE A 458 2.68 -14.46 10.96
N ASP A 459 3.00 -13.56 10.04
CA ASP A 459 4.38 -13.22 9.71
C ASP A 459 4.79 -11.86 10.28
N GLY A 460 4.15 -11.43 11.36
CA GLY A 460 4.52 -10.18 12.00
C GLY A 460 3.37 -9.20 12.11
N ASP A 461 2.19 -9.62 11.67
CA ASP A 461 1.03 -8.75 11.70
C ASP A 461 0.67 -8.37 13.13
N GLN A 462 0.25 -7.13 13.30
CA GLN A 462 -0.21 -6.63 14.59
C GLN A 462 -1.66 -6.22 14.46
N MET A 463 -2.41 -6.38 15.54
CA MET A 463 -3.83 -6.11 15.51
C MET A 463 -4.22 -5.34 16.75
N ASN A 464 -5.18 -4.43 16.58
CA ASN A 464 -5.73 -3.69 17.70
C ASN A 464 -6.85 -4.49 18.35
N LEU A 465 -6.89 -4.46 19.67
CA LEU A 465 -7.93 -5.12 20.43
C LEU A 465 -8.37 -4.20 21.56
N TRP A 466 -9.66 -3.89 21.60
CA TRP A 466 -10.21 -3.14 22.72
C TRP A 466 -11.45 -3.86 23.23
N VAL A 467 -11.61 -3.86 24.54
CA VAL A 467 -12.72 -4.54 25.20
C VAL A 467 -13.78 -3.50 25.53
N PRO A 468 -14.99 -3.60 24.99
CA PRO A 468 -16.05 -2.68 25.40
C PRO A 468 -16.31 -2.78 26.89
N TRP A 469 -16.35 -1.62 27.55
CA TRP A 469 -16.65 -1.55 28.97
C TRP A 469 -18.04 -1.02 29.26
N SER A 470 -18.57 -0.17 28.38
CA SER A 470 -19.92 0.32 28.54
C SER A 470 -20.93 -0.79 28.26
N VAL A 471 -22.08 -0.70 28.92
CA VAL A 471 -23.12 -1.69 28.74
C VAL A 471 -23.69 -1.62 27.32
N MET A 472 -23.87 -0.41 26.80
CA MET A 472 -24.43 -0.26 25.45
C MET A 472 -23.49 -0.82 24.40
N SER A 473 -22.20 -0.48 24.49
CA SER A 473 -21.23 -0.98 23.54
C SER A 473 -21.05 -2.48 23.66
N ARG A 474 -21.11 -3.02 24.88
CA ARG A 474 -21.02 -4.47 25.04
C ARG A 474 -22.22 -5.17 24.43
N VAL A 475 -23.42 -4.64 24.66
CA VAL A 475 -24.62 -5.22 24.08
C VAL A 475 -24.49 -5.26 22.57
N GLU A 476 -24.08 -4.16 21.98
CA GLU A 476 -24.05 -4.08 20.53
C GLU A 476 -22.88 -4.86 19.93
N ALA A 477 -21.76 -4.94 20.65
CA ALA A 477 -20.68 -5.82 20.22
C ALA A 477 -21.13 -7.26 20.19
N GLU A 478 -21.90 -7.68 21.20
CA GLU A 478 -22.37 -9.07 21.22
C GLU A 478 -23.42 -9.31 20.14
N LEU A 479 -24.37 -8.38 19.97
CA LEU A 479 -25.53 -8.63 19.13
C LEU A 479 -25.34 -8.20 17.68
N LEU A 480 -24.43 -7.29 17.41
CA LEU A 480 -24.35 -6.69 16.08
C LEU A 480 -23.03 -6.90 15.39
N CYS A 481 -21.91 -6.78 16.11
CA CYS A 481 -20.59 -6.81 15.50
C CYS A 481 -19.88 -8.13 15.71
N SER A 482 -20.55 -9.14 16.23
CA SER A 482 -19.94 -10.46 16.36
C SER A 482 -19.56 -11.00 15.00
N VAL A 483 -18.45 -11.75 14.97
CA VAL A 483 -17.89 -12.20 13.70
C VAL A 483 -18.76 -13.22 12.99
N ARG A 484 -19.80 -13.73 13.64
CA ARG A 484 -20.76 -14.57 12.94
C ARG A 484 -21.50 -13.81 11.86
N ASN A 485 -21.64 -12.50 12.03
CA ASN A 485 -22.33 -11.68 11.03
C ASN A 485 -21.48 -11.42 9.80
N TRP A 486 -20.16 -11.59 9.89
CA TRP A 486 -19.28 -11.40 8.76
C TRP A 486 -18.82 -12.71 8.16
N PHE A 487 -19.44 -13.83 8.51
CA PHE A 487 -19.08 -15.09 7.87
C PHE A 487 -19.40 -15.05 6.39
N ILE A 488 -20.51 -14.45 6.02
CA ILE A 488 -20.88 -14.25 4.62
C ILE A 488 -20.41 -12.87 4.20
N SER A 489 -19.65 -12.81 3.12
CA SER A 489 -19.12 -11.55 2.65
C SER A 489 -20.25 -10.61 2.24
N THR A 490 -20.17 -9.36 2.69
CA THR A 490 -21.05 -8.34 2.15
C THR A 490 -20.69 -8.02 0.72
N LYS A 491 -19.42 -8.23 0.34
CA LYS A 491 -18.97 -7.92 -1.00
C LYS A 491 -19.42 -8.97 -2.01
N SER A 492 -19.00 -10.22 -1.82
CA SER A 492 -19.24 -11.27 -2.79
C SER A 492 -20.46 -12.13 -2.48
N SER A 493 -21.14 -11.88 -1.36
CA SER A 493 -22.29 -12.64 -0.91
C SER A 493 -21.97 -14.10 -0.63
N GLY A 494 -20.69 -14.47 -0.61
CA GLY A 494 -20.30 -15.84 -0.36
C GLY A 494 -19.62 -15.98 0.97
N PRO A 495 -19.25 -17.21 1.34
CA PRO A 495 -18.60 -17.44 2.62
C PRO A 495 -17.21 -16.81 2.64
N VAL A 496 -16.77 -16.45 3.83
CA VAL A 496 -15.46 -15.85 4.01
C VAL A 496 -14.47 -16.84 4.63
N ASN A 497 -14.93 -17.65 5.58
CA ASN A 497 -14.06 -18.54 6.31
C ASN A 497 -14.23 -19.98 5.85
N GLY A 498 -13.31 -20.83 6.30
CA GLY A 498 -13.25 -22.21 5.90
C GLY A 498 -11.91 -22.78 6.30
N GLN A 499 -11.62 -23.95 5.77
CA GLN A 499 -10.34 -24.60 6.04
C GLN A 499 -9.26 -23.96 5.18
N VAL A 500 -8.11 -23.69 5.79
CA VAL A 500 -6.97 -23.12 5.09
C VAL A 500 -5.75 -23.97 5.38
N GLN A 501 -4.95 -24.22 4.34
CA GLN A 501 -3.65 -24.85 4.47
C GLN A 501 -3.70 -26.21 5.14
N ASP A 502 -3.24 -26.30 6.38
CA ASP A 502 -3.13 -27.59 7.06
C ASP A 502 -4.48 -28.29 7.13
N SER A 503 -5.55 -27.54 7.31
CA SER A 503 -6.86 -28.15 7.43
C SER A 503 -7.44 -28.56 6.09
N THR A 504 -7.14 -27.84 5.01
CA THR A 504 -7.62 -28.26 3.69
C THR A 504 -6.95 -29.57 3.28
N VAL A 505 -5.63 -29.63 3.35
CA VAL A 505 -4.92 -30.86 3.00
C VAL A 505 -5.24 -31.95 4.02
N GLY A 506 -5.51 -31.58 5.27
CA GLY A 506 -5.90 -32.58 6.26
C GLY A 506 -7.26 -33.17 5.99
N SER A 507 -8.21 -32.35 5.55
CA SER A 507 -9.53 -32.86 5.14
C SER A 507 -9.39 -33.77 3.94
N PHE A 508 -8.55 -33.41 2.98
CA PHE A 508 -8.32 -34.28 1.84
C PHE A 508 -7.72 -35.61 2.28
N LEU A 509 -6.70 -35.57 3.13
CA LEU A 509 -6.05 -36.80 3.58
C LEU A 509 -7.01 -37.68 4.37
N LEU A 510 -7.81 -37.06 5.23
CA LEU A 510 -8.75 -37.82 6.04
C LEU A 510 -9.83 -38.48 5.19
N THR A 511 -10.36 -37.74 4.21
CA THR A 511 -11.49 -38.24 3.44
C THR A 511 -11.10 -38.98 2.17
N ARG A 512 -9.81 -39.03 1.82
CA ARG A 512 -9.41 -39.77 0.65
C ARG A 512 -9.63 -41.26 0.88
N THR A 513 -9.93 -41.97 -0.21
CA THR A 513 -10.35 -43.37 -0.07
C THR A 513 -9.17 -44.27 0.30
N ASN A 514 -8.03 -44.08 -0.37
CA ASN A 514 -6.89 -44.97 -0.23
C ASN A 514 -5.66 -44.18 0.17
N THR A 515 -4.91 -44.71 1.11
CA THR A 515 -3.58 -44.25 1.46
C THR A 515 -2.55 -45.22 0.89
N PRO A 516 -1.27 -44.85 0.91
CA PRO A 516 -0.23 -45.82 0.52
C PRO A 516 -0.21 -47.08 1.37
N MET A 517 -0.81 -47.04 2.56
CA MET A 517 -0.91 -48.23 3.41
C MET A 517 -2.11 -49.10 3.08
N GLY A 518 -2.96 -48.68 2.13
CA GLY A 518 -4.17 -49.40 1.79
C GLY A 518 -5.39 -48.50 1.93
N LYS A 519 -6.48 -49.09 2.41
CA LYS A 519 -7.69 -48.32 2.63
C LYS A 519 -7.48 -47.33 3.76
N ASN A 520 -8.08 -46.15 3.62
CA ASN A 520 -7.95 -45.07 4.61
C ASN A 520 -8.92 -45.36 5.75
N VAL A 521 -8.48 -46.24 6.65
CA VAL A 521 -9.28 -46.66 7.78
C VAL A 521 -8.47 -46.47 9.06
N MET A 522 -9.20 -46.29 10.15
CA MET A 522 -8.61 -46.22 11.48
C MET A 522 -9.44 -47.08 12.43
N ASN A 523 -8.78 -47.56 13.49
CA ASN A 523 -9.51 -48.35 14.47
C ASN A 523 -10.34 -47.43 15.35
N LYS A 524 -11.07 -48.03 16.31
CA LYS A 524 -12.01 -47.26 17.10
C LYS A 524 -11.31 -46.22 17.97
N LEU A 525 -10.12 -46.57 18.48
CA LEU A 525 -9.41 -45.64 19.34
C LEU A 525 -9.01 -44.37 18.59
N HIS A 526 -8.53 -44.51 17.35
CA HIS A 526 -8.12 -43.33 16.60
C HIS A 526 -9.31 -42.56 16.06
N ALA A 527 -10.39 -43.25 15.70
CA ALA A 527 -11.62 -42.55 15.35
C ALA A 527 -12.13 -41.72 16.53
N MET A 528 -12.05 -42.28 17.74
CA MET A 528 -12.40 -41.51 18.92
C MET A 528 -11.45 -40.33 19.11
N GLY A 529 -10.15 -40.56 18.95
CA GLY A 529 -9.16 -39.52 19.15
C GLY A 529 -9.26 -38.39 18.15
N LEU A 530 -9.88 -38.63 17.00
CA LEU A 530 -10.14 -37.54 16.06
C LEU A 530 -11.08 -36.50 16.67
N PHE A 531 -11.94 -36.90 17.61
CA PHE A 531 -12.91 -36.01 18.21
C PHE A 531 -12.48 -35.48 19.57
N GLN A 532 -11.23 -35.74 19.98
CA GLN A 532 -10.79 -35.35 21.31
C GLN A 532 -10.83 -33.84 21.49
N THR A 533 -10.34 -33.09 20.50
CA THR A 533 -10.20 -31.66 20.60
C THR A 533 -11.29 -30.91 19.83
N THR A 534 -12.30 -31.62 19.33
CA THR A 534 -13.39 -30.98 18.61
C THR A 534 -14.21 -30.05 19.51
N GLN A 535 -14.13 -30.23 20.82
CA GLN A 535 -14.71 -29.36 21.83
C GLN A 535 -16.24 -29.31 21.76
N THR A 536 -16.86 -30.28 21.11
CA THR A 536 -18.31 -30.43 21.13
C THR A 536 -18.65 -31.77 21.78
N ASP A 537 -19.92 -32.12 21.78
CA ASP A 537 -20.35 -33.40 22.32
C ASP A 537 -19.81 -34.51 21.42
N PRO A 538 -19.00 -35.43 21.93
CA PRO A 538 -18.44 -36.46 21.08
C PRO A 538 -19.53 -37.43 20.62
N PRO A 539 -19.37 -38.03 19.45
CA PRO A 539 -20.34 -39.05 19.02
C PRO A 539 -20.24 -40.32 19.84
N CYS A 540 -21.02 -41.33 19.47
CA CYS A 540 -21.05 -42.59 20.20
C CYS A 540 -20.30 -43.66 19.40
N PHE A 541 -19.38 -44.35 20.06
CA PHE A 541 -18.64 -45.44 19.46
C PHE A 541 -18.93 -46.78 20.15
N ALA A 542 -20.03 -46.85 20.90
CA ALA A 542 -20.33 -48.06 21.65
C ALA A 542 -20.59 -49.25 20.73
N ASN A 543 -21.06 -49.00 19.52
CA ASN A 543 -21.32 -50.07 18.56
C ASN A 543 -20.08 -50.49 17.80
N TYR A 544 -18.93 -49.86 18.05
CA TYR A 544 -17.69 -50.17 17.36
C TYR A 544 -16.76 -50.93 18.30
N SER A 545 -16.27 -52.07 17.85
CA SER A 545 -15.30 -52.83 18.60
C SER A 545 -13.89 -52.29 18.34
N PRO A 546 -12.95 -52.55 19.25
CA PRO A 546 -11.57 -52.09 19.01
C PRO A 546 -10.98 -52.59 17.71
N THR A 547 -11.39 -53.79 17.28
CA THR A 547 -10.90 -54.35 16.02
C THR A 547 -11.56 -53.72 14.80
N ASP A 548 -12.68 -53.02 14.96
CA ASP A 548 -13.40 -52.47 13.83
C ASP A 548 -12.60 -51.35 13.18
N LEU A 549 -12.75 -51.21 11.87
CA LEU A 549 -12.08 -50.18 11.09
C LEU A 549 -13.10 -49.20 10.55
N LEU A 550 -12.86 -47.91 10.79
CA LEU A 550 -13.75 -46.85 10.35
C LEU A 550 -13.05 -46.04 9.26
N ASP A 551 -13.77 -45.76 8.18
CA ASP A 551 -13.24 -44.90 7.15
C ASP A 551 -13.19 -43.46 7.64
N GLY A 552 -12.39 -42.64 6.96
CA GLY A 552 -12.39 -41.22 7.25
C GLY A 552 -13.71 -40.58 6.92
N LYS A 553 -14.37 -41.05 5.87
CA LYS A 553 -15.68 -40.53 5.52
C LYS A 553 -16.72 -40.86 6.57
N SER A 554 -16.57 -42.00 7.26
CA SER A 554 -17.51 -42.35 8.33
C SER A 554 -17.42 -41.36 9.49
N VAL A 555 -16.21 -41.04 9.93
CA VAL A 555 -16.06 -40.10 11.04
C VAL A 555 -16.44 -38.69 10.59
N VAL A 556 -16.15 -38.33 9.33
CA VAL A 556 -16.57 -37.03 8.84
C VAL A 556 -18.08 -36.92 8.85
N SER A 557 -18.77 -37.98 8.42
CA SER A 557 -20.23 -37.99 8.45
C SER A 557 -20.75 -37.93 9.88
N MET A 558 -20.06 -38.60 10.80
CA MET A 558 -20.44 -38.53 12.21
C MET A 558 -20.35 -37.11 12.74
N LEU A 559 -19.38 -36.34 12.25
CA LEU A 559 -19.32 -34.93 12.60
C LEU A 559 -20.41 -34.13 11.88
N LEU A 560 -20.60 -34.36 10.59
CA LEU A 560 -21.50 -33.56 9.77
C LEU A 560 -22.97 -33.90 9.99
N ARG A 561 -23.26 -34.97 10.72
CA ARG A 561 -24.65 -35.32 10.99
C ARG A 561 -25.35 -34.32 11.90
N GLN A 562 -24.59 -33.56 12.70
CA GLN A 562 -25.20 -32.57 13.57
C GLN A 562 -25.91 -31.48 12.78
N THR A 563 -25.35 -31.10 11.64
CA THR A 563 -25.95 -30.11 10.74
C THR A 563 -26.03 -30.72 9.36
N PRO A 564 -27.02 -31.57 9.11
CA PRO A 564 -27.11 -32.24 7.82
C PRO A 564 -27.31 -31.25 6.68
N ILE A 565 -26.51 -31.42 5.62
CA ILE A 565 -26.63 -30.63 4.41
C ILE A 565 -26.47 -31.56 3.22
N ASN A 566 -26.88 -31.07 2.05
CA ASN A 566 -26.75 -31.79 0.80
C ASN A 566 -25.72 -31.08 -0.06
N TYR A 567 -24.69 -31.81 -0.47
CA TYR A 567 -23.60 -31.25 -1.24
C TYR A 567 -23.19 -32.25 -2.30
N GLN A 568 -23.02 -31.77 -3.54
CA GLN A 568 -22.58 -32.65 -4.63
C GLN A 568 -21.78 -31.80 -5.60
N ARG A 569 -20.47 -32.01 -5.62
CA ARG A 569 -19.57 -31.24 -6.46
C ARG A 569 -18.27 -32.00 -6.60
N ALA A 570 -17.61 -31.80 -7.73
CA ALA A 570 -16.29 -32.40 -7.91
C ALA A 570 -15.27 -31.65 -7.05
N PRO A 571 -14.33 -32.35 -6.45
CA PRO A 571 -13.34 -31.69 -5.60
C PRO A 571 -12.29 -30.95 -6.42
N THR A 572 -11.54 -30.08 -5.74
CA THR A 572 -10.36 -29.48 -6.35
C THR A 572 -9.34 -30.54 -6.71
N TRP A 573 -9.34 -31.66 -5.98
CA TRP A 573 -8.40 -32.74 -6.23
C TRP A 573 -8.52 -33.26 -7.65
N TYR A 574 -9.74 -33.32 -8.19
CA TYR A 574 -9.94 -33.86 -9.52
C TYR A 574 -9.80 -32.73 -10.54
N SER A 575 -8.69 -32.73 -11.26
CA SER A 575 -8.42 -31.75 -12.30
C SER A 575 -8.22 -32.47 -13.62
N GLU A 576 -8.65 -31.83 -14.70
CA GLU A 576 -8.43 -32.41 -16.02
C GLU A 576 -7.00 -32.24 -16.49
N VAL A 577 -6.24 -31.33 -15.89
CA VAL A 577 -4.84 -31.17 -16.27
C VAL A 577 -4.00 -32.31 -15.71
N TYR A 578 -4.47 -32.96 -14.65
CA TYR A 578 -3.80 -34.14 -14.11
C TYR A 578 -4.44 -35.45 -14.55
N ALA A 579 -5.61 -35.40 -15.17
CA ALA A 579 -6.30 -36.62 -15.56
C ALA A 579 -5.50 -37.52 -16.52
N PRO A 580 -4.82 -37.00 -17.55
CA PRO A 580 -4.03 -37.91 -18.40
C PRO A 580 -3.00 -38.69 -17.64
N TYR A 581 -2.46 -38.12 -16.57
CA TYR A 581 -1.54 -38.77 -15.66
C TYR A 581 -2.31 -39.18 -14.40
N MET A 582 -1.60 -39.58 -13.36
CA MET A 582 -2.23 -40.09 -12.14
C MET A 582 -3.05 -41.34 -12.42
N HIS A 583 -3.70 -41.83 -11.37
CA HIS A 583 -4.80 -42.79 -11.51
C HIS A 583 -5.84 -42.34 -10.47
N TYR A 584 -6.78 -41.53 -10.92
CA TYR A 584 -7.80 -40.99 -10.03
C TYR A 584 -8.71 -42.10 -9.55
N ASN A 585 -8.79 -42.29 -8.24
CA ASN A 585 -9.75 -43.23 -7.68
C ASN A 585 -11.16 -42.75 -7.95
N LYS A 586 -12.02 -43.66 -8.39
CA LYS A 586 -13.38 -43.29 -8.76
C LYS A 586 -14.16 -42.74 -7.57
N GLN A 587 -13.88 -43.22 -6.36
CA GLN A 587 -14.58 -42.77 -5.17
C GLN A 587 -14.05 -41.45 -4.64
N ASP A 588 -12.95 -40.93 -5.21
CA ASP A 588 -12.35 -39.70 -4.73
C ASP A 588 -12.74 -38.48 -5.55
N ILE A 589 -13.19 -38.67 -6.79
CA ILE A 589 -13.32 -37.56 -7.73
C ILE A 589 -14.76 -37.07 -7.85
N SER A 590 -15.62 -37.43 -6.90
CA SER A 590 -16.99 -36.91 -6.91
C SER A 590 -17.46 -36.85 -5.44
N THR A 591 -17.36 -35.67 -4.86
CA THR A 591 -17.77 -35.48 -3.47
C THR A 591 -19.27 -35.34 -3.36
N GLN A 592 -19.88 -36.15 -2.51
CA GLN A 592 -21.33 -36.13 -2.33
C GLN A 592 -21.65 -36.25 -0.85
N ILE A 593 -22.41 -35.30 -0.34
CA ILE A 593 -22.90 -35.33 1.04
C ILE A 593 -24.41 -35.34 0.98
N ARG A 594 -25.03 -36.36 1.58
CA ARG A 594 -26.48 -36.51 1.61
C ARG A 594 -26.93 -36.51 3.07
N ASN A 595 -27.56 -35.41 3.48
CA ASN A 595 -28.05 -35.24 4.85
C ASN A 595 -26.94 -35.45 5.87
N GLY A 596 -25.77 -34.90 5.59
CA GLY A 596 -24.64 -34.97 6.48
C GLY A 596 -23.78 -36.19 6.35
N GLU A 597 -24.17 -37.15 5.51
CA GLU A 597 -23.37 -38.34 5.25
C GLU A 597 -22.47 -38.07 4.06
N LEU A 598 -21.16 -38.11 4.29
CA LEU A 598 -20.19 -38.04 3.20
C LEU A 598 -20.23 -39.38 2.48
N ILE A 599 -21.01 -39.45 1.42
CA ILE A 599 -21.18 -40.71 0.69
C ILE A 599 -19.87 -41.12 0.03
N GLU A 600 -19.23 -40.19 -0.67
CA GLU A 600 -18.00 -40.46 -1.39
C GLU A 600 -17.32 -39.14 -1.71
N GLY A 601 -16.09 -39.23 -2.16
CA GLY A 601 -15.33 -38.07 -2.57
C GLY A 601 -14.51 -37.48 -1.43
N VAL A 602 -13.49 -36.73 -1.80
CA VAL A 602 -12.62 -36.09 -0.83
C VAL A 602 -13.16 -34.69 -0.53
N LEU A 603 -12.84 -34.21 0.66
CA LEU A 603 -13.16 -32.86 1.07
C LEU A 603 -11.90 -32.01 0.95
N ASP A 604 -11.95 -30.96 0.14
CA ASP A 604 -10.80 -30.10 -0.08
C ASP A 604 -11.32 -28.69 -0.36
N LYS A 605 -10.48 -27.87 -0.99
CA LYS A 605 -10.76 -26.44 -1.11
C LYS A 605 -12.13 -26.15 -1.69
N LYS A 606 -12.59 -26.97 -2.63
CA LYS A 606 -13.89 -26.70 -3.22
C LYS A 606 -15.01 -26.87 -2.21
N ALA A 607 -14.89 -27.84 -1.31
CA ALA A 607 -15.92 -28.13 -0.32
C ALA A 607 -15.70 -27.39 1.00
N VAL A 608 -14.49 -27.41 1.52
CA VAL A 608 -14.20 -26.87 2.84
C VAL A 608 -13.29 -25.66 2.79
N GLY A 609 -12.90 -25.20 1.60
CA GLY A 609 -11.97 -24.10 1.52
C GLY A 609 -12.59 -22.79 1.94
N ALA A 610 -11.73 -21.85 2.32
CA ALA A 610 -12.19 -20.53 2.72
C ALA A 610 -12.59 -19.73 1.50
N GLY A 611 -13.73 -19.07 1.58
CA GLY A 611 -14.27 -18.35 0.43
C GLY A 611 -14.70 -19.24 -0.70
N SER A 612 -15.31 -20.38 -0.39
CA SER A 612 -15.77 -21.34 -1.38
C SER A 612 -17.29 -21.28 -1.46
N SER A 613 -17.79 -20.58 -2.47
CA SER A 613 -19.23 -20.42 -2.62
C SER A 613 -19.87 -21.76 -2.94
N GLY A 614 -20.94 -22.09 -2.21
CA GLY A 614 -21.56 -23.37 -2.35
C GLY A 614 -20.89 -24.49 -1.58
N GLY A 615 -19.83 -24.19 -0.83
CA GLY A 615 -19.16 -25.19 -0.03
C GLY A 615 -20.00 -25.59 1.15
N ILE A 616 -19.50 -26.58 1.88
CA ILE A 616 -20.30 -27.18 2.94
C ILE A 616 -20.60 -26.18 4.05
N TYR A 617 -19.66 -25.28 4.33
CA TYR A 617 -19.89 -24.29 5.38
C TYR A 617 -20.88 -23.23 4.94
N HIS A 618 -20.89 -22.88 3.66
CA HIS A 618 -21.92 -21.98 3.15
C HIS A 618 -23.31 -22.60 3.27
N LEU A 619 -23.43 -23.88 2.95
CA LEU A 619 -24.72 -24.57 3.11
C LEU A 619 -25.12 -24.65 4.57
N ILE A 620 -24.16 -24.94 5.45
CA ILE A 620 -24.46 -25.02 6.88
C ILE A 620 -24.94 -23.67 7.38
N SER A 621 -24.30 -22.58 6.94
CA SER A 621 -24.73 -21.25 7.32
C SER A 621 -26.13 -20.94 6.78
N ARG A 622 -26.40 -21.34 5.54
CA ARG A 622 -27.71 -21.08 4.94
C ARG A 622 -28.82 -21.81 5.68
N ARG A 623 -28.53 -23.01 6.18
CA ARG A 623 -29.58 -23.82 6.80
C ARG A 623 -29.70 -23.62 8.30
N TYR A 624 -28.60 -23.36 9.00
CA TYR A 624 -28.60 -23.35 10.46
C TYR A 624 -28.04 -22.08 11.06
N GLY A 625 -27.50 -21.17 10.26
CA GLY A 625 -26.95 -19.94 10.78
C GLY A 625 -25.45 -19.89 10.68
N PRO A 626 -24.90 -18.68 10.56
CA PRO A 626 -23.44 -18.54 10.45
C PRO A 626 -22.68 -18.97 11.68
N GLN A 627 -23.26 -18.87 12.88
CA GLN A 627 -22.57 -19.34 14.07
C GLN A 627 -22.38 -20.84 14.04
N GLN A 628 -23.40 -21.56 13.57
CA GLN A 628 -23.26 -23.00 13.39
C GLN A 628 -22.19 -23.31 12.34
N ALA A 629 -22.09 -22.49 11.30
CA ALA A 629 -21.04 -22.67 10.31
C ALA A 629 -19.66 -22.47 10.92
N LEU A 630 -19.50 -21.47 11.78
CA LEU A 630 -18.22 -21.25 12.44
C LEU A 630 -17.87 -22.43 13.35
N LYS A 631 -18.85 -22.93 14.09
CA LYS A 631 -18.61 -24.09 14.95
C LYS A 631 -18.24 -25.31 14.12
N MET A 632 -18.88 -25.50 12.97
CA MET A 632 -18.56 -26.62 12.11
C MET A 632 -17.19 -26.44 11.46
N ILE A 633 -16.79 -25.23 11.13
CA ILE A 633 -15.43 -24.99 10.64
C ILE A 633 -14.41 -25.41 11.68
N PHE A 634 -14.64 -25.01 12.93
CA PHE A 634 -13.72 -25.39 14.00
C PHE A 634 -13.70 -26.90 14.18
N ALA A 635 -14.87 -27.55 14.16
CA ALA A 635 -14.93 -28.99 14.37
C ALA A 635 -14.24 -29.76 13.26
N THR A 636 -14.49 -29.38 12.00
CA THR A 636 -13.85 -30.06 10.87
C THR A 636 -12.36 -29.79 10.86
N GLN A 637 -11.94 -28.59 11.24
CA GLN A 637 -10.52 -28.29 11.35
C GLN A 637 -9.86 -29.18 12.39
N GLN A 638 -10.52 -29.38 13.53
CA GLN A 638 -9.99 -30.27 14.55
C GLN A 638 -9.92 -31.70 14.04
N LEU A 639 -10.94 -32.15 13.32
CA LEU A 639 -10.90 -33.50 12.74
C LEU A 639 -9.71 -33.66 11.81
N ALA A 640 -9.50 -32.71 10.91
CA ALA A 640 -8.40 -32.80 9.96
C ALA A 640 -7.05 -32.75 10.66
N LEU A 641 -6.88 -31.86 11.63
CA LEU A 641 -5.61 -31.76 12.33
C LEU A 641 -5.33 -33.00 13.15
N ASN A 642 -6.35 -33.54 13.82
CA ASN A 642 -6.16 -34.76 14.59
C ASN A 642 -5.88 -35.95 13.68
N TYR A 643 -6.38 -35.93 12.45
CA TYR A 643 -6.01 -36.98 11.50
C TYR A 643 -4.55 -36.86 11.11
N VAL A 644 -4.11 -35.66 10.74
CA VAL A 644 -2.72 -35.47 10.34
C VAL A 644 -1.78 -35.67 11.51
N ARG A 645 -2.28 -35.62 12.74
CA ARG A 645 -1.46 -35.98 13.89
C ARG A 645 -0.94 -37.40 13.79
N ASN A 646 -1.62 -38.27 13.06
CA ASN A 646 -1.19 -39.63 12.81
C ASN A 646 -0.70 -39.85 11.39
N ALA A 647 -1.36 -39.22 10.41
CA ALA A 647 -0.94 -39.40 9.02
C ALA A 647 0.40 -38.75 8.77
N GLY A 648 0.58 -37.52 9.23
CA GLY A 648 1.80 -36.80 8.97
C GLY A 648 1.82 -36.21 7.58
N PHE A 649 2.34 -34.99 7.46
CA PHE A 649 2.45 -34.33 6.17
C PHE A 649 3.76 -33.59 6.13
N THR A 650 4.44 -33.65 4.98
CA THR A 650 5.74 -33.00 4.86
C THR A 650 5.96 -32.63 3.40
N VAL A 651 6.95 -31.76 3.18
CA VAL A 651 7.48 -31.48 1.86
C VAL A 651 8.99 -31.61 1.95
N SER A 652 9.59 -32.20 0.91
CA SER A 652 11.01 -32.50 0.91
C SER A 652 11.63 -31.95 -0.37
N THR A 653 12.96 -31.90 -0.39
CA THR A 653 13.65 -31.49 -1.60
C THR A 653 13.47 -32.52 -2.70
N ALA A 654 13.27 -33.79 -2.34
CA ALA A 654 13.00 -34.82 -3.32
C ALA A 654 11.58 -34.75 -3.88
N ASP A 655 10.68 -34.05 -3.21
CA ASP A 655 9.32 -33.88 -3.72
C ASP A 655 9.28 -33.01 -4.96
N MET A 656 10.33 -32.24 -5.21
CA MET A 656 10.37 -31.29 -6.32
C MET A 656 11.51 -31.61 -7.28
N LEU A 657 11.96 -32.86 -7.31
CA LEU A 657 13.07 -33.28 -8.14
C LEU A 657 12.56 -34.20 -9.24
N LEU A 658 12.90 -33.87 -10.48
CA LEU A 658 12.52 -34.69 -11.62
C LEU A 658 13.46 -35.88 -11.76
N THR A 659 12.93 -36.99 -12.25
CA THR A 659 13.76 -38.12 -12.60
C THR A 659 14.64 -37.75 -13.80
N PRO A 660 15.76 -38.44 -13.98
CA PRO A 660 16.59 -38.14 -15.17
C PRO A 660 15.83 -38.27 -16.48
N GLU A 661 14.92 -39.23 -16.59
CA GLU A 661 14.09 -39.33 -17.78
C GLU A 661 13.17 -38.12 -17.91
N ALA A 662 12.54 -37.71 -16.81
CA ALA A 662 11.68 -36.53 -16.86
C ALA A 662 12.49 -35.27 -17.12
N HIS A 663 13.71 -35.20 -16.59
CA HIS A 663 14.57 -34.07 -16.88
C HIS A 663 14.91 -34.01 -18.37
N GLN A 664 15.19 -35.16 -18.98
CA GLN A 664 15.46 -35.19 -20.41
C GLN A 664 14.23 -34.78 -21.21
N GLU A 665 13.05 -35.21 -20.77
CA GLU A 665 11.82 -34.83 -21.46
C GLU A 665 11.58 -33.32 -21.37
N VAL A 666 11.81 -32.73 -20.20
CA VAL A 666 11.66 -31.29 -20.05
C VAL A 666 12.67 -30.56 -20.92
N GLN A 667 13.90 -31.09 -20.98
CA GLN A 667 14.92 -30.51 -21.84
C GLN A 667 14.49 -30.56 -23.30
N GLU A 668 13.87 -31.66 -23.71
CA GLU A 668 13.41 -31.78 -25.11
C GLU A 668 12.28 -30.80 -25.39
N ILE A 669 11.37 -30.61 -24.44
CA ILE A 669 10.29 -29.63 -24.63
C ILE A 669 10.86 -28.23 -24.79
N ILE A 670 11.81 -27.88 -23.92
CA ILE A 670 12.43 -26.55 -23.99
C ILE A 670 13.22 -26.40 -25.28
N ASN A 671 13.87 -27.48 -25.73
CA ASN A 671 14.62 -27.42 -26.98
C ASN A 671 13.68 -27.22 -28.17
N GLU A 672 12.50 -27.83 -28.13
CA GLU A 672 11.54 -27.61 -29.22
C GLU A 672 11.02 -26.17 -29.20
N LEU A 673 10.83 -25.61 -28.01
CA LEU A 673 10.45 -24.20 -27.93
C LEU A 673 11.54 -23.30 -28.52
N LEU A 674 12.79 -23.54 -28.14
CA LEU A 674 13.89 -22.75 -28.68
C LEU A 674 14.07 -22.99 -30.17
N LEU A 675 13.72 -24.18 -30.66
CA LEU A 675 13.78 -24.45 -32.09
C LEU A 675 12.74 -23.62 -32.84
N GLU A 676 11.51 -23.54 -32.31
CA GLU A 676 10.51 -22.69 -32.94
C GLU A 676 10.94 -21.23 -32.91
N SER A 677 11.52 -20.79 -31.80
CA SER A 677 12.03 -19.41 -31.73
C SER A 677 13.13 -19.18 -32.74
N GLU A 678 14.04 -20.14 -32.91
CA GLU A 678 15.10 -20.01 -33.91
C GLU A 678 14.55 -20.01 -35.32
N GLU A 679 13.46 -20.75 -35.57
CA GLU A 679 12.82 -20.69 -36.88
C GLU A 679 12.26 -19.31 -37.14
N ILE A 680 11.64 -18.70 -36.12
CA ILE A 680 11.16 -17.33 -36.28
C ILE A 680 12.32 -16.38 -36.57
N ASN A 681 13.45 -16.59 -35.88
CA ASN A 681 14.62 -15.74 -36.13
C ASN A 681 15.15 -15.94 -37.55
N ASN A 682 15.17 -17.17 -38.03
CA ASN A 682 15.60 -17.43 -39.40
C ASN A 682 14.66 -16.76 -40.41
N ARG A 683 13.36 -16.76 -40.12
CA ARG A 683 12.42 -16.04 -40.96
C ARG A 683 12.70 -14.55 -40.94
N LEU A 684 13.05 -14.00 -39.77
CA LEU A 684 13.41 -12.59 -39.69
C LEU A 684 14.65 -12.28 -40.51
N LEU A 685 15.62 -13.18 -40.50
CA LEU A 685 16.85 -12.95 -41.27
C LEU A 685 16.57 -12.89 -42.77
N HIS A 686 15.64 -13.71 -43.25
CA HIS A 686 15.30 -13.74 -44.66
C HIS A 686 14.28 -12.68 -45.05
N GLY A 687 13.85 -11.85 -44.10
CA GLY A 687 12.83 -10.86 -44.40
C GLY A 687 11.45 -11.44 -44.59
N ASP A 688 11.21 -12.64 -44.09
CA ASP A 688 9.94 -13.32 -44.26
C ASP A 688 8.92 -12.95 -43.19
N ILE A 689 9.27 -12.09 -42.24
CA ILE A 689 8.32 -11.65 -41.24
C ILE A 689 7.52 -10.50 -41.82
N MET A 690 6.25 -10.75 -42.12
CA MET A 690 5.36 -9.76 -42.72
C MET A 690 4.29 -9.37 -41.71
N PRO A 691 4.38 -8.20 -41.09
CA PRO A 691 3.43 -7.85 -40.05
C PRO A 691 2.05 -7.59 -40.62
N PRO A 692 1.00 -7.80 -39.85
CA PRO A 692 -0.33 -7.35 -40.26
C PRO A 692 -0.44 -5.84 -40.19
N ILE A 693 -1.46 -5.30 -40.87
CA ILE A 693 -1.67 -3.86 -40.85
C ILE A 693 -1.96 -3.40 -39.43
N GLY A 694 -1.36 -2.28 -39.04
CA GLY A 694 -1.44 -1.81 -37.68
C GLY A 694 -0.39 -2.37 -36.75
N LEU A 695 0.46 -3.28 -37.24
CA LEU A 695 1.56 -3.84 -36.48
C LEU A 695 2.86 -3.60 -37.23
N THR A 696 3.89 -3.19 -36.51
CA THR A 696 5.21 -3.09 -37.11
C THR A 696 5.87 -4.46 -37.16
N THR A 697 6.97 -4.55 -37.91
CA THR A 697 7.70 -5.81 -37.99
C THR A 697 8.29 -6.17 -36.63
N HIS A 698 8.75 -5.16 -35.88
CA HIS A 698 9.29 -5.43 -34.55
C HIS A 698 8.22 -5.95 -33.62
N ASP A 699 7.04 -5.32 -33.61
CA ASP A 699 5.97 -5.77 -32.73
C ASP A 699 5.45 -7.15 -33.13
N PHE A 700 5.32 -7.41 -34.43
CA PHE A 700 4.88 -8.74 -34.86
C PHE A 700 5.92 -9.80 -34.51
N TYR A 701 7.21 -9.48 -34.67
CA TYR A 701 8.25 -10.42 -34.29
C TYR A 701 8.20 -10.69 -32.79
N GLU A 702 7.97 -9.65 -31.99
CA GLU A 702 7.86 -9.84 -30.55
C GLU A 702 6.68 -10.72 -30.18
N LYS A 703 5.54 -10.53 -30.84
CA LYS A 703 4.39 -11.39 -30.59
C LYS A 703 4.68 -12.83 -30.98
N LEU A 704 5.34 -13.03 -32.12
CA LEU A 704 5.69 -14.37 -32.55
C LEU A 704 6.61 -15.06 -31.55
N GLN A 705 7.60 -14.31 -31.04
CA GLN A 705 8.51 -14.90 -30.05
C GLN A 705 7.82 -15.16 -28.73
N LEU A 706 6.88 -14.29 -28.34
CA LEU A 706 6.14 -14.51 -27.10
C LEU A 706 5.27 -15.76 -27.20
N ASN A 707 4.61 -15.97 -28.34
CA ASN A 707 3.81 -17.18 -28.49
C ASN A 707 4.66 -18.42 -28.65
N ALA A 708 5.81 -18.31 -29.32
CA ALA A 708 6.63 -19.49 -29.57
C ALA A 708 7.23 -20.06 -28.29
N LEU A 709 7.55 -19.19 -27.33
CA LEU A 709 8.25 -19.61 -26.12
C LEU A 709 7.30 -19.94 -24.98
N LYS A 710 6.00 -19.98 -25.23
CA LYS A 710 5.05 -20.40 -24.23
C LYS A 710 5.21 -21.90 -23.95
N PHE A 711 5.14 -22.27 -22.69
CA PHE A 711 5.26 -23.66 -22.32
C PHE A 711 4.01 -24.42 -22.75
N PRO A 712 4.13 -25.55 -23.44
CA PRO A 712 2.95 -26.32 -23.78
C PRO A 712 2.32 -26.93 -22.54
N ASP A 713 1.04 -27.27 -22.66
CA ASP A 713 0.34 -27.88 -21.53
C ASP A 713 0.85 -29.28 -21.23
N ARG A 714 1.65 -29.86 -22.12
CA ARG A 714 2.26 -31.17 -21.87
C ARG A 714 3.53 -31.08 -21.05
N ILE A 715 3.92 -29.88 -20.60
CA ILE A 715 5.05 -29.75 -19.69
C ILE A 715 4.75 -30.44 -18.37
N LEU A 716 3.47 -30.71 -18.07
CA LEU A 716 3.10 -31.39 -16.85
C LEU A 716 3.38 -32.88 -16.91
N LYS A 717 3.49 -33.46 -18.11
CA LYS A 717 3.74 -34.90 -18.20
C LYS A 717 5.05 -35.31 -17.54
N PRO A 718 6.20 -34.70 -17.83
CA PRO A 718 7.42 -35.08 -17.08
C PRO A 718 7.32 -34.79 -15.60
N ILE A 719 6.62 -33.71 -15.24
CA ILE A 719 6.47 -33.38 -13.82
C ILE A 719 5.68 -34.47 -13.11
N MET A 720 4.60 -34.92 -13.73
CA MET A 720 3.73 -35.89 -13.06
C MET A 720 4.27 -37.30 -13.16
N ASN A 721 5.12 -37.58 -14.15
CA ASN A 721 5.77 -38.89 -14.20
C ASN A 721 6.77 -39.05 -13.07
N SER A 722 7.36 -37.95 -12.60
CA SER A 722 8.29 -37.96 -11.49
C SER A 722 7.61 -37.85 -10.13
N ILE A 723 6.30 -37.64 -10.11
CA ILE A 723 5.55 -37.34 -8.90
C ILE A 723 4.68 -38.55 -8.56
N ASN A 724 4.68 -38.93 -7.29
CA ASN A 724 3.67 -39.85 -6.79
C ASN A 724 2.58 -39.02 -6.14
N PRO A 725 1.39 -38.92 -6.74
CA PRO A 725 0.34 -38.08 -6.16
C PRO A 725 -0.13 -38.54 -4.79
N GLU A 726 0.11 -39.79 -4.42
CA GLU A 726 -0.30 -40.29 -3.12
C GLU A 726 0.65 -39.89 -1.99
N THR A 727 1.89 -39.53 -2.30
CA THR A 727 2.88 -39.25 -1.28
C THR A 727 3.59 -37.92 -1.45
N ASN A 728 3.35 -37.19 -2.55
CA ASN A 728 4.04 -35.94 -2.81
C ASN A 728 3.35 -34.82 -2.03
N GLY A 729 4.05 -34.27 -1.04
CA GLY A 729 3.47 -33.19 -0.27
C GLY A 729 3.25 -31.92 -1.07
N LEU A 730 4.23 -31.58 -1.91
CA LEU A 730 4.09 -30.39 -2.74
C LEU A 730 2.93 -30.52 -3.71
N PHE A 731 2.83 -31.67 -4.39
CA PHE A 731 1.72 -31.88 -5.30
C PHE A 731 0.39 -31.89 -4.57
N GLN A 732 0.35 -32.49 -3.39
CA GLN A 732 -0.91 -32.56 -2.66
C GLN A 732 -1.33 -31.19 -2.17
N MET A 733 -0.38 -30.35 -1.78
CA MET A 733 -0.71 -28.97 -1.43
C MET A 733 -1.25 -28.23 -2.64
N VAL A 734 -0.66 -28.43 -3.82
CA VAL A 734 -1.11 -27.71 -5.01
C VAL A 734 -2.49 -28.20 -5.44
N ALA A 735 -2.67 -29.52 -5.51
CA ALA A 735 -3.85 -30.10 -6.15
C ALA A 735 -5.08 -29.98 -5.29
N THR A 736 -4.93 -30.01 -3.97
CA THR A 736 -6.07 -29.89 -3.07
C THR A 736 -6.48 -28.45 -2.83
N GLY A 737 -5.77 -27.49 -3.41
CA GLY A 737 -6.09 -26.09 -3.19
C GLY A 737 -5.61 -25.54 -1.88
N ALA A 738 -4.76 -26.26 -1.15
CA ALA A 738 -4.26 -25.76 0.12
C ALA A 738 -3.30 -24.60 -0.09
N LYS A 739 -2.35 -24.75 -1.00
CA LYS A 739 -1.36 -23.72 -1.27
C LYS A 739 -0.62 -24.09 -2.55
N GLY A 740 -0.33 -23.07 -3.36
CA GLY A 740 0.43 -23.27 -4.57
C GLY A 740 -0.45 -23.50 -5.78
N SER A 741 0.18 -23.44 -6.95
CA SER A 741 -0.52 -23.55 -8.22
C SER A 741 0.31 -24.36 -9.18
N ASN A 742 -0.30 -24.74 -10.29
CA ASN A 742 0.45 -25.44 -11.34
C ASN A 742 1.64 -24.64 -11.87
N PRO A 743 1.54 -23.32 -12.12
CA PRO A 743 2.73 -22.56 -12.48
C PRO A 743 3.82 -22.64 -11.42
N ASN A 744 3.45 -22.74 -10.14
CA ASN A 744 4.46 -22.88 -9.10
C ASN A 744 5.24 -24.18 -9.28
N MET A 745 4.54 -25.29 -9.47
CA MET A 745 5.21 -26.57 -9.67
C MET A 745 6.06 -26.56 -10.93
N ILE A 746 5.55 -25.97 -12.01
CA ILE A 746 6.31 -25.93 -13.25
C ILE A 746 7.57 -25.10 -13.08
N HIS A 747 7.47 -23.95 -12.41
CA HIS A 747 8.66 -23.14 -12.18
C HIS A 747 9.67 -23.86 -11.31
N ILE A 748 9.19 -24.56 -10.27
CA ILE A 748 10.10 -25.22 -9.34
C ILE A 748 10.80 -26.39 -10.02
N MET A 749 10.08 -27.19 -10.80
CA MET A 749 10.59 -28.47 -11.25
C MET A 749 11.02 -28.47 -12.72
N ALA A 750 10.22 -27.90 -13.61
CA ALA A 750 10.48 -28.00 -15.05
C ALA A 750 11.28 -26.82 -15.58
N GLY A 751 10.74 -25.60 -15.45
CA GLY A 751 11.42 -24.43 -15.95
C GLY A 751 10.61 -23.16 -15.82
N ILE A 752 11.28 -22.02 -15.67
CA ILE A 752 10.58 -20.75 -15.53
C ILE A 752 9.95 -20.34 -16.86
N GLY A 753 10.70 -20.47 -17.95
CA GLY A 753 10.19 -20.02 -19.23
C GLY A 753 10.45 -18.56 -19.49
N GLN A 754 9.53 -17.90 -20.16
CA GLN A 754 9.74 -16.53 -20.62
C GLN A 754 9.30 -15.54 -19.54
N ILE A 755 10.20 -14.63 -19.20
CA ILE A 755 9.90 -13.56 -18.26
C ILE A 755 9.20 -12.43 -19.02
N GLU A 756 8.00 -12.09 -18.59
CA GLU A 756 7.19 -11.05 -19.21
C GLU A 756 7.03 -9.90 -18.22
N ILE A 757 7.32 -8.69 -18.67
CA ILE A 757 7.10 -7.49 -17.88
C ILE A 757 6.20 -6.58 -18.70
N ASN A 758 5.01 -6.30 -18.17
CA ASN A 758 3.96 -5.57 -18.89
C ASN A 758 3.62 -6.27 -20.21
N THR A 759 3.40 -7.58 -20.13
CA THR A 759 3.03 -8.42 -21.27
C THR A 759 3.98 -8.26 -22.45
N GLN A 760 5.28 -8.19 -22.17
CA GLN A 760 6.28 -8.22 -23.23
C GLN A 760 7.59 -8.70 -22.65
N ARG A 761 8.50 -9.08 -23.55
CA ARG A 761 9.78 -9.62 -23.16
C ARG A 761 10.65 -8.52 -22.53
N ILE A 762 11.89 -8.88 -22.21
CA ILE A 762 12.83 -7.93 -21.66
C ILE A 762 13.22 -6.94 -22.76
N GLN A 763 12.94 -5.67 -22.53
CA GLN A 763 13.28 -4.63 -23.48
C GLN A 763 14.77 -4.32 -23.45
N PRO A 764 15.35 -3.97 -24.59
CA PRO A 764 16.79 -3.65 -24.62
C PRO A 764 17.11 -2.31 -23.96
N GLN A 765 17.21 -2.35 -22.64
CA GLN A 765 17.43 -1.15 -21.82
C GLN A 765 18.90 -0.89 -21.53
N PHE A 766 19.77 -1.88 -21.66
CA PHE A 766 21.17 -1.71 -21.28
C PHE A 766 21.87 -0.71 -22.19
N SER A 767 21.73 -0.90 -23.50
CA SER A 767 22.33 -0.02 -24.48
C SER A 767 21.44 -0.07 -25.72
N PHE A 768 21.92 0.48 -26.82
CA PHE A 768 21.16 0.45 -28.06
C PHE A 768 21.10 -0.97 -28.58
N GLY A 769 19.95 -1.63 -28.42
CA GLY A 769 19.79 -3.00 -28.90
C GLY A 769 20.30 -4.08 -27.97
N ARG A 770 20.71 -3.73 -26.75
CA ARG A 770 21.26 -4.67 -25.80
C ARG A 770 20.35 -4.76 -24.58
N THR A 771 20.09 -5.99 -24.13
CA THR A 771 19.31 -6.19 -22.91
C THR A 771 20.20 -6.24 -21.68
N LEU A 772 21.37 -6.85 -21.78
CA LEU A 772 22.30 -6.98 -20.67
C LEU A 772 23.71 -6.93 -21.23
N VAL A 773 24.68 -6.70 -20.34
CA VAL A 773 26.08 -6.69 -20.74
C VAL A 773 26.52 -8.07 -21.18
N TYR A 774 25.77 -9.11 -20.85
CA TYR A 774 26.11 -10.48 -21.20
C TYR A 774 25.67 -10.87 -22.61
N TYR A 775 24.81 -10.09 -23.23
CA TYR A 775 24.32 -10.47 -24.54
C TYR A 775 24.71 -9.45 -25.58
N PRO A 776 25.03 -9.88 -26.80
CA PRO A 776 25.51 -8.95 -27.81
C PRO A 776 24.41 -8.03 -28.29
N ARG A 777 24.81 -6.98 -28.99
CA ARG A 777 23.86 -6.05 -29.56
C ARG A 777 23.05 -6.74 -30.65
N PHE A 778 21.73 -6.50 -30.62
CA PHE A 778 20.79 -7.10 -31.58
C PHE A 778 20.87 -8.62 -31.54
N ALA A 779 21.01 -9.18 -30.34
CA ALA A 779 20.96 -10.62 -30.18
C ALA A 779 19.58 -11.13 -30.56
N LEU A 780 19.56 -12.32 -31.15
CA LEU A 780 18.31 -12.91 -31.59
C LEU A 780 17.86 -14.09 -30.74
N GLU A 781 18.77 -14.69 -29.95
CA GLU A 781 18.39 -15.83 -29.14
C GLU A 781 17.38 -15.44 -28.07
N ALA A 782 16.49 -16.39 -27.74
CA ALA A 782 15.42 -16.11 -26.80
C ALA A 782 15.95 -15.78 -25.41
N GLN A 783 17.07 -16.37 -25.03
CA GLN A 783 17.61 -16.15 -23.69
C GLN A 783 18.00 -14.70 -23.46
N ALA A 784 18.33 -13.98 -24.52
CA ALA A 784 18.74 -12.60 -24.38
C ALA A 784 17.61 -11.69 -23.95
N TYR A 785 16.35 -12.13 -24.10
CA TYR A 785 15.20 -11.29 -23.80
C TYR A 785 14.34 -11.85 -22.68
N GLY A 786 14.92 -12.63 -21.78
CA GLY A 786 14.22 -13.06 -20.59
C GLY A 786 13.63 -14.46 -20.64
N PHE A 787 14.08 -15.31 -21.56
CA PHE A 787 13.64 -16.70 -21.56
C PHE A 787 14.55 -17.50 -20.66
N ILE A 788 13.99 -18.05 -19.59
CA ILE A 788 14.73 -18.82 -18.61
C ILE A 788 14.47 -20.29 -18.91
N CYS A 789 15.52 -21.00 -19.35
CA CYS A 789 15.41 -22.42 -19.63
C CYS A 789 15.55 -23.29 -18.39
N ASN A 790 15.97 -22.72 -17.28
CA ASN A 790 16.20 -23.47 -16.06
C ASN A 790 14.99 -23.41 -15.15
N SER A 791 14.88 -24.40 -14.27
CA SER A 791 13.93 -24.38 -13.19
C SER A 791 14.60 -23.82 -11.94
N TYR A 792 13.80 -23.59 -10.90
CA TYR A 792 14.37 -23.15 -9.64
C TYR A 792 15.22 -24.24 -9.01
N ILE A 793 14.78 -25.50 -9.10
CA ILE A 793 15.55 -26.60 -8.53
C ILE A 793 16.88 -26.75 -9.24
N ALA A 794 16.90 -26.57 -10.56
CA ALA A 794 18.15 -26.62 -11.30
C ALA A 794 19.04 -25.44 -10.98
N GLY A 795 18.45 -24.29 -10.67
CA GLY A 795 19.22 -23.10 -10.35
C GLY A 795 19.46 -22.21 -11.55
N LEU A 796 18.93 -20.99 -11.52
CA LEU A 796 19.10 -20.10 -12.65
C LEU A 796 20.55 -19.62 -12.76
N THR A 797 20.94 -19.28 -13.98
CA THR A 797 22.24 -18.67 -14.21
C THR A 797 22.17 -17.19 -13.86
N SER A 798 23.31 -16.51 -14.00
CA SER A 798 23.36 -15.10 -13.60
C SER A 798 22.43 -14.21 -14.41
N PRO A 799 22.44 -14.23 -15.75
CA PRO A 799 21.48 -13.37 -16.47
C PRO A 799 20.04 -13.80 -16.29
N GLU A 800 19.77 -15.10 -16.17
CA GLU A 800 18.42 -15.55 -15.87
C GLU A 800 17.97 -15.04 -14.51
N PHE A 801 18.86 -15.07 -13.52
CA PHE A 801 18.52 -14.51 -12.23
C PHE A 801 18.31 -13.01 -12.30
N ILE A 802 19.06 -12.31 -13.16
CA ILE A 802 18.85 -10.88 -13.32
C ILE A 802 17.45 -10.61 -13.88
N PHE A 803 17.04 -11.40 -14.88
CA PHE A 803 15.70 -11.22 -15.45
C PHE A 803 14.62 -11.57 -14.44
N GLY A 804 14.82 -12.65 -13.67
CA GLY A 804 13.87 -12.97 -12.62
C GLY A 804 13.79 -11.91 -11.55
N GLU A 805 14.93 -11.28 -11.24
CA GLU A 805 14.93 -10.18 -10.29
C GLU A 805 14.21 -8.97 -10.85
N MET A 806 14.35 -8.72 -12.15
CA MET A 806 13.58 -7.66 -12.78
C MET A 806 12.09 -7.91 -12.61
N ASN A 807 11.65 -9.15 -12.88
CA ASN A 807 10.24 -9.50 -12.73
C ASN A 807 9.77 -9.34 -11.28
N GLY A 808 10.55 -9.86 -10.33
CA GLY A 808 10.15 -9.79 -8.94
C GLY A 808 10.12 -8.36 -8.42
N ARG A 809 11.09 -7.55 -8.81
CA ARG A 809 11.08 -6.13 -8.44
C ARG A 809 9.88 -5.43 -9.03
N PHE A 810 9.51 -5.78 -10.27
CA PHE A 810 8.31 -5.19 -10.86
C PHE A 810 7.08 -5.54 -10.05
N ASP A 811 6.98 -6.79 -9.60
CA ASP A 811 5.85 -7.19 -8.77
C ASP A 811 5.82 -6.43 -7.45
N LEU A 812 6.99 -6.27 -6.82
CA LEU A 812 7.06 -5.53 -5.57
C LEU A 812 6.67 -4.08 -5.76
N ILE A 813 7.11 -3.45 -6.85
CA ILE A 813 6.75 -2.07 -7.12
C ILE A 813 5.24 -1.94 -7.35
N ASN A 814 4.67 -2.89 -8.08
CA ASN A 814 3.23 -2.89 -8.31
C ASN A 814 2.47 -2.94 -6.99
N LYS A 815 2.88 -3.86 -6.11
CA LYS A 815 2.22 -3.95 -4.81
C LYS A 815 2.42 -2.68 -4.00
N ALA A 816 3.57 -2.02 -4.17
CA ALA A 816 3.87 -0.83 -3.37
C ALA A 816 3.01 0.36 -3.80
N LEU A 817 2.79 0.54 -5.10
CA LEU A 817 2.11 1.74 -5.57
C LEU A 817 0.61 1.56 -5.74
N SER A 818 0.15 0.33 -5.97
CA SER A 818 -1.28 0.08 -6.02
C SER A 818 -1.95 0.48 -4.72
N THR A 819 -1.25 0.34 -3.59
CA THR A 819 -1.86 0.69 -2.30
C THR A 819 -2.26 2.15 -2.27
N SER A 820 -1.35 3.05 -2.65
CA SER A 820 -1.66 4.48 -2.63
C SER A 820 -2.75 4.82 -3.64
N SER A 821 -2.65 4.28 -4.86
CA SER A 821 -3.65 4.62 -5.87
C SER A 821 -5.05 4.17 -5.44
N THR A 822 -5.16 2.91 -5.03
CA THR A 822 -6.44 2.36 -4.60
C THR A 822 -6.94 3.02 -3.31
N GLY A 823 -6.04 3.45 -2.43
CA GLY A 823 -6.47 4.13 -1.23
C GLY A 823 -7.08 5.48 -1.52
N TYR A 824 -6.48 6.26 -2.43
CA TYR A 824 -7.09 7.52 -2.81
C TYR A 824 -8.44 7.29 -3.49
N ALA A 825 -8.52 6.31 -4.39
CA ALA A 825 -9.78 6.01 -5.02
C ALA A 825 -10.83 5.60 -4.00
N ASN A 826 -10.45 4.77 -3.03
CA ASN A 826 -11.38 4.30 -2.01
C ASN A 826 -11.89 5.45 -1.16
N ARG A 827 -11.01 6.36 -0.76
CA ARG A 827 -11.46 7.49 0.05
C ARG A 827 -12.44 8.36 -0.73
N LYS A 828 -12.15 8.61 -2.01
CA LYS A 828 -13.06 9.42 -2.81
C LYS A 828 -14.41 8.74 -2.97
N ALA A 829 -14.40 7.42 -3.20
CA ALA A 829 -15.66 6.70 -3.32
C ALA A 829 -16.45 6.71 -2.02
N ILE A 830 -15.75 6.52 -0.89
CA ILE A 830 -16.42 6.55 0.41
C ILE A 830 -17.10 7.89 0.62
N PHE A 831 -16.39 8.98 0.33
CA PHE A 831 -16.99 10.28 0.58
C PHE A 831 -18.10 10.60 -0.42
N GLY A 832 -18.02 10.07 -1.64
CA GLY A 832 -19.12 10.25 -2.57
C GLY A 832 -20.34 9.41 -2.26
N LEU A 833 -20.17 8.32 -1.52
CA LEU A 833 -21.24 7.36 -1.31
C LEU A 833 -21.74 7.26 0.12
N GLN A 834 -21.02 7.83 1.09
CA GLN A 834 -21.32 7.55 2.49
C GLN A 834 -22.68 8.07 2.92
N SER A 835 -23.21 9.08 2.22
CA SER A 835 -24.50 9.64 2.61
C SER A 835 -25.67 8.78 2.21
N CYS A 836 -25.47 7.72 1.43
CA CYS A 836 -26.54 6.84 1.01
C CYS A 836 -26.89 5.90 2.14
N ILE A 837 -28.09 6.04 2.70
CA ILE A 837 -28.53 5.29 3.86
C ILE A 837 -29.93 4.76 3.60
N VAL A 838 -30.16 3.50 3.94
CA VAL A 838 -31.47 2.89 3.79
C VAL A 838 -32.45 3.53 4.77
N ASP A 839 -33.60 3.95 4.28
CA ASP A 839 -34.61 4.58 5.10
C ASP A 839 -35.73 3.59 5.40
N TYR A 840 -36.81 4.09 6.03
CA TYR A 840 -37.88 3.21 6.50
C TYR A 840 -38.70 2.60 5.39
N TYR A 841 -38.58 3.11 4.16
CA TYR A 841 -39.20 2.48 3.02
C TYR A 841 -38.26 1.50 2.32
N ARG A 842 -37.07 1.31 2.86
CA ARG A 842 -35.98 0.53 2.28
C ARG A 842 -35.46 1.13 1.00
N ARG A 843 -35.82 2.37 0.70
CA ARG A 843 -35.15 3.11 -0.35
C ARG A 843 -33.79 3.57 0.14
N VAL A 844 -32.95 3.98 -0.80
CA VAL A 844 -31.67 4.59 -0.49
C VAL A 844 -31.77 6.06 -0.82
N SER A 845 -31.41 6.91 0.14
CA SER A 845 -31.57 8.34 -0.04
C SER A 845 -30.36 9.07 0.54
N ILE A 846 -30.08 10.22 -0.03
CA ILE A 846 -29.15 11.19 0.55
C ILE A 846 -30.00 12.23 1.24
N ASP A 847 -29.87 12.32 2.56
CA ASP A 847 -30.77 13.15 3.37
C ASP A 847 -32.20 12.71 3.09
N THR A 848 -32.88 13.40 2.18
CA THR A 848 -34.22 13.03 1.76
C THR A 848 -34.33 12.74 0.27
N ARG A 849 -33.32 13.06 -0.52
CA ARG A 849 -33.39 12.87 -1.96
C ARG A 849 -33.12 11.41 -2.31
N LEU A 850 -34.01 10.82 -3.10
CA LEU A 850 -33.91 9.41 -3.42
C LEU A 850 -32.71 9.13 -4.30
N VAL A 851 -31.98 8.07 -3.96
CA VAL A 851 -30.95 7.52 -4.81
C VAL A 851 -31.38 6.20 -5.45
N GLN A 852 -32.03 5.35 -4.67
CA GLN A 852 -32.67 4.14 -5.17
C GLN A 852 -34.10 4.10 -4.66
N GLN A 853 -35.01 3.60 -5.49
CA GLN A 853 -36.37 3.38 -5.01
C GLN A 853 -36.42 2.21 -4.05
N LEU A 854 -35.63 1.18 -4.30
CA LEU A 854 -35.44 0.07 -3.38
C LEU A 854 -33.97 -0.29 -3.39
N TYR A 855 -33.42 -0.61 -2.23
CA TYR A 855 -32.00 -0.93 -2.16
C TYR A 855 -31.69 -2.17 -2.98
N GLY A 856 -30.75 -2.04 -3.91
CA GLY A 856 -30.35 -3.14 -4.76
C GLY A 856 -31.47 -3.59 -5.68
N GLU A 857 -32.51 -2.79 -5.77
CA GLU A 857 -33.71 -3.04 -6.56
C GLU A 857 -34.49 -4.25 -6.09
N ASP A 858 -34.05 -4.90 -5.02
CA ASP A 858 -34.81 -5.96 -4.38
C ASP A 858 -34.91 -5.81 -2.87
N GLY A 859 -34.22 -4.85 -2.28
CA GLY A 859 -34.29 -4.61 -0.85
C GLY A 859 -33.71 -5.70 0.01
N LEU A 860 -32.64 -6.35 -0.43
CA LEU A 860 -32.08 -7.50 0.25
C LEU A 860 -30.69 -7.20 0.77
N ASP A 861 -30.37 -7.80 1.91
CA ASP A 861 -29.02 -7.78 2.43
C ASP A 861 -28.12 -8.66 1.57
N ALA A 862 -26.92 -8.16 1.26
CA ALA A 862 -26.00 -8.94 0.44
C ALA A 862 -25.51 -10.20 1.14
N ARG A 863 -25.64 -10.27 2.46
CA ARG A 863 -25.22 -11.42 3.23
C ARG A 863 -26.27 -12.52 3.28
N GLN A 864 -27.44 -12.30 2.68
CA GLN A 864 -28.56 -13.22 2.78
C GLN A 864 -29.02 -13.70 1.41
N LEU A 865 -28.08 -14.03 0.55
CA LEU A 865 -28.38 -14.43 -0.82
C LEU A 865 -27.79 -15.80 -1.12
N GLU A 866 -28.56 -16.61 -1.82
CA GLU A 866 -28.12 -17.91 -2.28
C GLU A 866 -28.31 -17.99 -3.79
N THR A 867 -27.38 -18.64 -4.47
CA THR A 867 -27.46 -18.81 -5.92
C THR A 867 -28.22 -20.09 -6.22
N VAL A 868 -29.43 -19.96 -6.77
CA VAL A 868 -30.25 -21.09 -7.13
C VAL A 868 -30.51 -21.04 -8.62
N ARG A 869 -30.96 -22.17 -9.16
CA ARG A 869 -31.20 -22.30 -10.58
C ARG A 869 -32.69 -22.22 -10.88
N PHE A 870 -33.02 -21.53 -11.96
CA PHE A 870 -34.40 -21.43 -12.45
C PHE A 870 -34.55 -22.44 -13.57
N GLU A 871 -35.27 -23.53 -13.29
CA GLU A 871 -35.27 -24.68 -14.19
C GLU A 871 -35.91 -24.35 -15.53
N THR A 872 -36.96 -23.53 -15.52
CA THR A 872 -37.78 -23.33 -16.71
C THR A 872 -37.12 -22.46 -17.77
N ILE A 873 -35.96 -21.87 -17.48
CA ILE A 873 -35.41 -20.85 -18.37
C ILE A 873 -34.97 -21.46 -19.70
N MET A 874 -34.19 -22.53 -19.65
CA MET A 874 -33.68 -23.16 -20.86
C MET A 874 -34.64 -24.19 -21.44
N LEU A 875 -35.73 -24.50 -20.75
CA LEU A 875 -36.66 -25.50 -21.23
C LEU A 875 -37.36 -25.02 -22.48
N SER A 876 -37.51 -25.92 -23.45
CA SER A 876 -38.30 -25.63 -24.63
C SER A 876 -39.78 -25.69 -24.30
N ASP A 877 -40.62 -25.40 -25.29
CA ASP A 877 -42.06 -25.43 -25.06
C ASP A 877 -42.54 -26.82 -24.70
N GLN A 878 -42.01 -27.85 -25.37
CA GLN A 878 -42.46 -29.21 -25.11
C GLN A 878 -42.00 -29.70 -23.74
N GLU A 879 -40.71 -29.53 -23.41
CA GLU A 879 -40.23 -29.98 -22.12
C GLU A 879 -40.80 -29.16 -20.97
N LEU A 880 -41.24 -27.93 -21.22
CA LEU A 880 -41.97 -27.20 -20.20
C LEU A 880 -43.29 -27.88 -19.87
N GLU A 881 -44.01 -28.35 -20.89
CA GLU A 881 -45.23 -29.11 -20.65
C GLU A 881 -44.92 -30.43 -19.96
N ASP A 882 -43.87 -31.13 -20.39
CA ASP A 882 -43.59 -32.46 -19.87
C ASP A 882 -43.19 -32.42 -18.40
N LYS A 883 -42.49 -31.38 -17.98
CA LYS A 883 -41.98 -31.30 -16.61
C LYS A 883 -42.87 -30.52 -15.67
N PHE A 884 -43.65 -29.56 -16.17
CA PHE A 884 -44.37 -28.63 -15.31
C PHE A 884 -45.86 -28.54 -15.57
N LYS A 885 -46.37 -29.05 -16.68
CA LYS A 885 -47.81 -29.06 -16.91
C LYS A 885 -48.39 -30.28 -16.23
N TYR A 886 -49.22 -30.05 -15.22
CA TYR A 886 -49.78 -31.13 -14.41
C TYR A 886 -51.08 -31.60 -15.03
N THR A 887 -51.14 -32.86 -15.42
CA THR A 887 -52.36 -33.49 -15.92
C THR A 887 -52.72 -34.61 -14.96
N GLY A 888 -53.38 -34.24 -13.86
CA GLY A 888 -53.94 -35.22 -12.95
C GLY A 888 -55.33 -34.82 -12.49
N ILE A 889 -55.70 -33.56 -12.75
CA ILE A 889 -57.00 -33.03 -12.42
C ILE A 889 -57.46 -32.16 -13.58
N GLN A 890 -58.56 -32.53 -14.21
CA GLN A 890 -59.05 -31.82 -15.39
C GLN A 890 -59.67 -30.50 -14.93
N SER A 891 -58.79 -29.55 -14.61
CA SER A 891 -59.20 -28.26 -14.09
C SER A 891 -58.51 -27.14 -14.85
N PRO A 892 -59.16 -25.98 -14.99
CA PRO A 892 -58.50 -24.82 -15.58
C PRO A 892 -57.52 -24.14 -14.64
N LEU A 893 -57.56 -24.47 -13.35
CA LEU A 893 -56.59 -23.93 -12.42
C LEU A 893 -55.18 -24.32 -12.81
N PHE A 894 -54.97 -25.57 -13.20
CA PHE A 894 -53.64 -26.00 -13.61
C PHE A 894 -53.27 -25.50 -14.98
N GLU A 895 -54.25 -25.27 -15.85
CA GLU A 895 -53.97 -24.59 -17.12
C GLU A 895 -53.43 -23.19 -16.88
N GLU A 896 -54.05 -22.44 -15.97
CA GLU A 896 -53.57 -21.10 -15.68
C GLU A 896 -52.26 -21.13 -14.88
N GLU A 897 -52.03 -22.17 -14.08
CA GLU A 897 -50.74 -22.32 -13.43
C GLU A 897 -49.63 -22.52 -14.46
N PHE A 898 -49.85 -23.39 -15.44
CA PHE A 898 -48.84 -23.60 -16.47
C PHE A 898 -48.66 -22.36 -17.31
N SER A 899 -49.75 -21.64 -17.58
CA SER A 899 -49.63 -20.38 -18.32
C SER A 899 -48.80 -19.37 -17.54
N ARG A 900 -49.00 -19.31 -16.22
CA ARG A 900 -48.20 -18.42 -15.38
C ARG A 900 -46.73 -18.80 -15.41
N LEU A 901 -46.44 -20.11 -15.36
CA LEU A 901 -45.05 -20.57 -15.42
C LEU A 901 -44.42 -20.20 -16.76
N LYS A 902 -45.13 -20.45 -17.86
CA LYS A 902 -44.62 -20.14 -19.18
C LYS A 902 -44.40 -18.65 -19.36
N LYS A 903 -45.32 -17.84 -18.86
CA LYS A 903 -45.18 -16.40 -18.97
C LYS A 903 -44.02 -15.88 -18.11
N ASP A 904 -43.82 -16.45 -16.93
CA ASP A 904 -42.65 -16.09 -16.13
C ASP A 904 -41.37 -16.42 -16.86
N ARG A 905 -41.31 -17.61 -17.48
CA ARG A 905 -40.12 -17.98 -18.23
C ARG A 905 -39.88 -17.03 -19.39
N ASP A 906 -40.95 -16.66 -20.11
CA ASP A 906 -40.81 -15.75 -21.24
C ASP A 906 -40.38 -14.37 -20.80
N LYS A 907 -40.89 -13.88 -19.67
CA LYS A 907 -40.49 -12.58 -19.17
C LYS A 907 -39.02 -12.57 -18.75
N TYR A 908 -38.59 -13.61 -18.04
CA TYR A 908 -37.19 -13.75 -17.68
C TYR A 908 -36.32 -13.75 -18.94
N ARG A 909 -36.72 -14.52 -19.94
CA ARG A 909 -35.96 -14.61 -21.17
C ARG A 909 -35.88 -13.26 -21.86
N GLN A 910 -37.01 -12.56 -21.98
CA GLN A 910 -37.02 -11.27 -22.65
C GLN A 910 -36.12 -10.26 -21.94
N ILE A 911 -36.24 -10.18 -20.62
CA ILE A 911 -35.47 -9.20 -19.86
C ILE A 911 -33.98 -9.48 -19.98
N PHE A 912 -33.57 -10.72 -19.78
CA PHE A 912 -32.13 -10.98 -19.76
C PHE A 912 -31.55 -11.13 -21.15
N LEU A 913 -32.37 -11.39 -22.17
CA LEU A 913 -31.91 -11.26 -23.54
C LEU A 913 -31.65 -9.81 -23.90
N ASN A 914 -32.51 -8.90 -23.43
CA ASN A 914 -32.23 -7.47 -23.61
C ASN A 914 -30.94 -7.08 -22.89
N VAL A 915 -30.76 -7.58 -21.67
CA VAL A 915 -29.53 -7.30 -20.93
C VAL A 915 -28.31 -7.81 -21.69
N GLU A 916 -28.45 -8.98 -22.31
CA GLU A 916 -27.41 -9.47 -23.21
C GLU A 916 -27.18 -8.50 -24.37
N ASN A 917 -28.26 -7.95 -24.91
CA ASN A 917 -28.15 -7.09 -26.09
C ASN A 917 -27.39 -5.81 -25.79
N PHE A 918 -27.65 -5.16 -24.65
CA PHE A 918 -26.97 -3.89 -24.40
C PHE A 918 -25.67 -4.06 -23.60
N ASN A 919 -25.08 -5.25 -23.63
CA ASN A 919 -23.81 -5.53 -22.98
C ASN A 919 -22.82 -6.05 -24.00
N PHE A 920 -21.55 -6.14 -23.61
CA PHE A 920 -20.54 -6.67 -24.50
C PHE A 920 -20.56 -8.20 -24.52
N SER A 921 -20.35 -8.82 -23.36
CA SER A 921 -20.35 -10.27 -23.26
C SER A 921 -21.02 -10.72 -21.96
N GLN A 922 -22.17 -10.13 -21.63
CA GLN A 922 -22.92 -10.49 -20.43
C GLN A 922 -23.98 -11.51 -20.83
N LEU A 923 -23.63 -12.78 -20.75
CA LEU A 923 -24.51 -13.85 -21.21
C LEU A 923 -25.65 -14.08 -20.25
N LEU A 924 -26.78 -14.52 -20.79
CA LEU A 924 -27.91 -14.93 -19.99
C LEU A 924 -27.56 -16.17 -19.19
N THR A 925 -27.98 -16.19 -17.92
CA THR A 925 -27.84 -17.37 -17.08
C THR A 925 -29.17 -17.65 -16.40
N ASP A 926 -29.41 -18.92 -16.11
CA ASP A 926 -30.60 -19.34 -15.40
C ASP A 926 -30.40 -19.39 -13.89
N VAL A 927 -29.24 -19.00 -13.40
CA VAL A 927 -28.93 -18.98 -11.97
C VAL A 927 -28.99 -17.55 -11.47
N ARG A 928 -29.68 -17.34 -10.36
CA ARG A 928 -29.84 -16.02 -9.79
C ARG A 928 -29.65 -16.08 -8.29
N GLN A 929 -29.24 -14.95 -7.70
CA GLN A 929 -29.13 -14.83 -6.26
C GLN A 929 -30.49 -14.44 -5.69
N VAL A 930 -31.00 -15.29 -4.79
CA VAL A 930 -32.33 -15.08 -4.22
C VAL A 930 -32.23 -15.17 -2.71
N PRO A 931 -33.13 -14.52 -1.96
CA PRO A 931 -33.06 -14.63 -0.50
C PRO A 931 -33.32 -16.03 0.03
N VAL A 932 -34.18 -16.80 -0.65
CA VAL A 932 -34.63 -18.09 -0.16
C VAL A 932 -34.40 -19.13 -1.25
N ASN A 933 -33.79 -20.26 -0.86
CA ASN A 933 -33.69 -21.41 -1.74
C ASN A 933 -34.92 -22.26 -1.51
N VAL A 934 -35.95 -22.05 -2.35
CA VAL A 934 -37.21 -22.76 -2.16
C VAL A 934 -37.04 -24.25 -2.40
N ALA A 935 -36.20 -24.62 -3.37
CA ALA A 935 -35.99 -26.03 -3.67
C ALA A 935 -35.39 -26.77 -2.48
N SER A 936 -34.44 -26.13 -1.80
CA SER A 936 -33.83 -26.73 -0.61
C SER A 936 -34.86 -26.91 0.50
N ILE A 937 -35.72 -25.92 0.71
CA ILE A 937 -36.75 -26.02 1.73
C ILE A 937 -37.70 -27.17 1.43
N VAL A 938 -38.13 -27.28 0.16
CA VAL A 938 -39.01 -28.36 -0.24
C VAL A 938 -38.33 -29.71 -0.05
N LYS A 939 -37.05 -29.81 -0.42
CA LYS A 939 -36.33 -31.06 -0.26
C LYS A 939 -36.20 -31.46 1.21
N ASN A 940 -35.90 -30.49 2.08
CA ASN A 940 -35.79 -30.80 3.50
C ASN A 940 -37.12 -31.26 4.08
N ILE A 941 -38.21 -30.59 3.70
CA ILE A 941 -39.52 -31.00 4.20
C ILE A 941 -39.89 -32.37 3.67
N LEU A 942 -39.52 -32.68 2.42
CA LEU A 942 -39.71 -34.02 1.88
C LEU A 942 -38.96 -35.05 2.69
N LEU A 943 -37.69 -34.77 2.99
CA LEU A 943 -36.85 -35.73 3.72
C LEU A 943 -37.40 -35.97 5.12
N SER A 944 -37.79 -34.90 5.81
CA SER A 944 -38.26 -35.04 7.19
C SER A 944 -39.71 -35.49 7.27
N SER A 945 -40.41 -35.63 6.13
CA SER A 945 -41.80 -36.04 6.15
C SER A 945 -41.92 -37.46 6.68
N THR A 946 -42.79 -37.64 7.68
CA THR A 946 -43.00 -38.98 8.23
C THR A 946 -43.62 -39.91 7.21
N SER A 947 -44.60 -39.42 6.44
CA SER A 947 -45.30 -40.23 5.46
C SER A 947 -44.43 -40.44 4.23
N GLY A 948 -44.99 -41.10 3.23
CA GLY A 948 -44.29 -41.36 2.00
C GLY A 948 -44.99 -40.81 0.77
N VAL A 949 -45.21 -41.65 -0.22
CA VAL A 949 -45.90 -41.24 -1.43
C VAL A 949 -47.37 -41.00 -1.08
N LEU A 950 -47.80 -39.75 -1.19
CA LEU A 950 -49.17 -39.42 -0.84
C LEU A 950 -50.15 -40.06 -1.81
N PRO A 951 -51.29 -40.55 -1.34
CA PRO A 951 -52.34 -41.00 -2.25
C PRO A 951 -53.00 -39.81 -2.92
N PHE A 952 -53.63 -40.07 -4.06
CA PHE A 952 -54.26 -39.00 -4.81
C PHE A 952 -55.37 -38.35 -3.99
N ASP A 953 -55.34 -37.03 -3.93
CA ASP A 953 -56.32 -36.27 -3.16
C ASP A 953 -56.57 -34.96 -3.90
N GLU A 954 -57.63 -34.93 -4.71
CA GLU A 954 -57.91 -33.76 -5.54
C GLU A 954 -58.12 -32.52 -4.68
N LYS A 955 -58.84 -32.65 -3.57
CA LYS A 955 -59.06 -31.51 -2.69
C LYS A 955 -57.75 -30.97 -2.15
N SER A 956 -56.85 -31.86 -1.73
CA SER A 956 -55.56 -31.44 -1.19
C SER A 956 -54.73 -30.74 -2.26
N ILE A 957 -54.71 -31.28 -3.49
CA ILE A 957 -53.94 -30.69 -4.57
C ILE A 957 -54.48 -29.31 -4.92
N LEU A 958 -55.80 -29.17 -5.03
CA LEU A 958 -56.39 -27.87 -5.34
C LEU A 958 -56.11 -26.87 -4.23
N GLN A 959 -56.22 -27.29 -2.97
CA GLN A 959 -55.96 -26.38 -1.87
C GLN A 959 -54.49 -25.95 -1.83
N LYS A 960 -53.57 -26.88 -2.11
CA LYS A 960 -52.16 -26.52 -2.15
C LYS A 960 -51.89 -25.52 -3.26
N TYR A 961 -52.46 -25.74 -4.44
CA TYR A 961 -52.28 -24.77 -5.52
C TYR A 961 -52.84 -23.42 -5.14
N ALA A 962 -54.04 -23.40 -4.55
CA ALA A 962 -54.66 -22.13 -4.19
C ALA A 962 -53.85 -21.40 -3.13
N MET A 963 -53.28 -22.13 -2.17
CA MET A 963 -52.52 -21.47 -1.12
C MET A 963 -51.18 -20.98 -1.63
N VAL A 964 -50.56 -21.69 -2.58
CA VAL A 964 -49.34 -21.18 -3.20
C VAL A 964 -49.65 -19.92 -4.01
N LYS A 965 -50.77 -19.92 -4.73
CA LYS A 965 -51.15 -18.73 -5.48
C LYS A 965 -51.42 -17.55 -4.56
N THR A 966 -52.09 -17.78 -3.44
CA THR A 966 -52.34 -16.71 -2.48
C THR A 966 -51.04 -16.21 -1.87
N PHE A 967 -50.13 -17.12 -1.54
CA PHE A 967 -48.84 -16.73 -0.99
C PHE A 967 -48.05 -15.89 -1.97
N CYS A 968 -48.06 -16.27 -3.25
CA CYS A 968 -47.36 -15.49 -4.26
C CYS A 968 -48.02 -14.13 -4.46
N LYS A 969 -49.34 -14.07 -4.37
CA LYS A 969 -50.03 -12.79 -4.51
C LYS A 969 -49.71 -11.86 -3.36
N ASN A 970 -49.57 -12.40 -2.16
CA ASN A 970 -49.26 -11.62 -0.96
C ASN A 970 -47.77 -11.50 -0.70
N LEU A 971 -46.93 -12.02 -1.60
CA LEU A 971 -45.49 -11.96 -1.38
C LEU A 971 -44.94 -10.54 -1.28
N PRO A 972 -45.36 -9.56 -2.10
CA PRO A 972 -44.81 -8.21 -1.94
C PRO A 972 -45.10 -7.57 -0.59
N TYR A 973 -45.87 -8.22 0.27
CA TYR A 973 -46.13 -7.66 1.60
C TYR A 973 -45.02 -7.93 2.59
N VAL A 974 -44.02 -8.74 2.24
CA VAL A 974 -42.83 -8.84 3.08
C VAL A 974 -42.11 -7.51 3.14
N PHE A 975 -42.27 -6.68 2.13
CA PHE A 975 -41.65 -5.37 2.08
C PHE A 975 -42.45 -4.33 2.86
N ILE A 976 -43.63 -4.66 3.37
CA ILE A 976 -44.39 -3.66 4.11
C ILE A 976 -44.62 -4.10 5.54
N ASN A 977 -45.54 -5.04 5.76
CA ASN A 977 -45.80 -5.63 7.08
C ASN A 977 -46.98 -6.58 7.00
N ASN A 978 -47.29 -7.25 8.12
CA ASN A 978 -48.48 -8.08 8.20
C ASN A 978 -49.76 -7.28 8.38
N ILE A 979 -49.68 -6.03 8.83
CA ILE A 979 -50.88 -5.23 9.00
C ILE A 979 -51.51 -4.91 7.65
N GLN A 980 -50.71 -4.41 6.70
CA GLN A 980 -51.24 -4.10 5.39
C GLN A 980 -51.60 -5.36 4.63
N GLU A 981 -50.90 -6.46 4.89
CA GLU A 981 -51.27 -7.74 4.29
C GLU A 981 -52.64 -8.19 4.77
N ARG A 982 -52.91 -8.03 6.06
CA ARG A 982 -54.22 -8.36 6.60
C ARG A 982 -55.29 -7.45 6.04
N LEU A 983 -55.00 -6.15 5.92
CA LEU A 983 -55.94 -5.20 5.37
C LEU A 983 -56.02 -5.24 3.86
N GLN A 984 -55.08 -5.93 3.19
CA GLN A 984 -55.08 -6.07 1.74
C GLN A 984 -55.04 -4.73 1.04
N THR A 985 -54.26 -3.79 1.58
CA THR A 985 -54.11 -2.48 0.98
C THR A 985 -53.28 -2.58 -0.29
N PRO A 986 -53.39 -1.60 -1.18
CA PRO A 986 -52.65 -1.67 -2.46
C PRO A 986 -51.14 -1.74 -2.25
N ILE A 987 -50.49 -2.50 -3.10
CA ILE A 987 -49.04 -2.64 -3.11
C ILE A 987 -48.48 -1.73 -4.19
N PRO A 988 -47.42 -0.98 -3.92
CA PRO A 988 -46.81 -0.16 -4.98
C PRO A 988 -46.22 -1.03 -6.08
N VAL A 989 -46.11 -0.44 -7.27
CA VAL A 989 -45.64 -1.17 -8.43
C VAL A 989 -44.21 -1.65 -8.24
N TYR A 990 -43.36 -0.79 -7.68
CA TYR A 990 -41.96 -1.18 -7.50
C TYR A 990 -41.82 -2.32 -6.50
N LEU A 991 -42.68 -2.37 -5.48
CA LEU A 991 -42.68 -3.50 -4.57
C LEU A 991 -43.16 -4.76 -5.25
N LYS A 992 -44.12 -4.64 -6.17
CA LYS A 992 -44.55 -5.79 -6.95
C LYS A 992 -43.44 -6.31 -7.85
N ARG A 993 -42.64 -5.41 -8.41
CA ARG A 993 -41.51 -5.84 -9.22
C ARG A 993 -40.41 -6.46 -8.37
N ALA A 994 -40.24 -5.98 -7.14
CA ALA A 994 -39.17 -6.49 -6.29
C ALA A 994 -39.39 -7.96 -5.93
N ALA A 995 -40.64 -8.39 -5.85
CA ALA A 995 -40.96 -9.77 -5.52
C ALA A 995 -41.10 -10.65 -6.74
N SER A 996 -40.80 -10.13 -7.94
CA SER A 996 -41.01 -10.89 -9.17
C SER A 996 -40.14 -12.14 -9.19
N LEU A 997 -38.87 -12.00 -8.86
CA LEU A 997 -37.95 -13.14 -8.95
C LEU A 997 -38.33 -14.22 -7.95
N MET A 998 -38.65 -13.84 -6.72
CA MET A 998 -39.02 -14.82 -5.72
C MET A 998 -40.38 -15.44 -6.01
N ARG A 999 -41.32 -14.65 -6.54
CA ARG A 999 -42.59 -15.20 -6.97
C ARG A 999 -42.38 -16.27 -8.03
N MET A 1000 -41.56 -15.96 -9.03
CA MET A 1000 -41.31 -16.89 -10.11
C MET A 1000 -40.61 -18.16 -9.62
N LEU A 1001 -39.64 -18.00 -8.71
CA LEU A 1001 -38.98 -19.17 -8.14
C LEU A 1001 -39.93 -20.02 -7.32
N ILE A 1002 -40.81 -19.39 -6.54
CA ILE A 1002 -41.77 -20.14 -5.75
C ILE A 1002 -42.73 -20.90 -6.67
N ARG A 1003 -43.11 -20.29 -7.77
CA ARG A 1003 -43.98 -20.97 -8.73
C ARG A 1003 -43.26 -22.13 -9.40
N ILE A 1004 -41.95 -21.98 -9.64
CA ILE A 1004 -41.19 -23.07 -10.26
C ILE A 1004 -41.05 -24.23 -9.28
N GLU A 1005 -40.66 -23.95 -8.04
CA GLU A 1005 -40.31 -24.99 -7.09
C GLU A 1005 -41.51 -25.54 -6.32
N LEU A 1006 -42.55 -24.73 -6.11
CA LEU A 1006 -43.76 -25.19 -5.46
C LEU A 1006 -44.88 -25.48 -6.45
N ALA A 1007 -44.52 -25.85 -7.67
CA ALA A 1007 -45.52 -26.24 -8.65
C ALA A 1007 -46.22 -27.52 -8.22
N THR A 1008 -47.34 -27.83 -8.87
CA THR A 1008 -48.09 -29.01 -8.53
C THR A 1008 -47.27 -30.28 -8.77
N VAL A 1009 -46.52 -30.32 -9.88
CA VAL A 1009 -45.80 -31.52 -10.26
C VAL A 1009 -44.72 -31.87 -9.23
N LYS A 1010 -44.16 -30.87 -8.57
CA LYS A 1010 -43.09 -31.09 -7.61
C LYS A 1010 -43.58 -31.19 -6.16
N THR A 1011 -44.85 -30.88 -5.90
CA THR A 1011 -45.39 -30.90 -4.55
C THR A 1011 -46.58 -31.84 -4.46
N LEU A 1012 -46.49 -32.99 -5.13
CA LEU A 1012 -47.56 -33.97 -5.05
C LEU A 1012 -47.55 -34.71 -3.72
N ASN A 1013 -46.36 -35.04 -3.23
CA ASN A 1013 -46.20 -35.78 -1.97
C ASN A 1013 -46.14 -34.85 -0.77
N ILE A 1014 -46.32 -33.55 -0.96
CA ILE A 1014 -46.34 -32.59 0.13
C ILE A 1014 -47.77 -32.51 0.66
N THR A 1015 -47.92 -32.68 1.96
CA THR A 1015 -49.23 -32.53 2.57
C THR A 1015 -49.57 -31.05 2.69
N CYS A 1016 -50.86 -30.76 2.88
CA CYS A 1016 -51.29 -29.37 2.98
C CYS A 1016 -50.65 -28.66 4.16
N GLU A 1017 -50.58 -29.32 5.31
CA GLU A 1017 -49.90 -28.70 6.45
C GLU A 1017 -48.41 -28.60 6.22
N GLN A 1018 -47.83 -29.58 5.51
CA GLN A 1018 -46.43 -29.48 5.14
C GLN A 1018 -46.19 -28.29 4.23
N MET A 1019 -47.09 -28.06 3.27
CA MET A 1019 -46.95 -26.89 2.40
C MET A 1019 -47.15 -25.60 3.16
N SER A 1020 -48.05 -25.59 4.15
CA SER A 1020 -48.19 -24.42 5.01
C SER A 1020 -46.90 -24.12 5.76
N ALA A 1021 -46.27 -25.17 6.30
CA ALA A 1021 -44.98 -24.99 6.94
C ALA A 1021 -43.94 -24.46 5.97
N ILE A 1022 -43.96 -24.98 4.74
CA ILE A 1022 -43.02 -24.51 3.72
C ILE A 1022 -43.22 -23.03 3.44
N LEU A 1023 -44.47 -22.61 3.31
CA LEU A 1023 -44.74 -21.21 2.98
C LEU A 1023 -44.34 -20.28 4.12
N ASP A 1024 -44.66 -20.64 5.36
CA ASP A 1024 -44.22 -19.80 6.48
C ASP A 1024 -42.71 -19.78 6.62
N LEU A 1025 -42.03 -20.90 6.34
CA LEU A 1025 -40.58 -20.88 6.38
C LEU A 1025 -40.01 -19.97 5.30
N ILE A 1026 -40.60 -20.00 4.10
CA ILE A 1026 -40.15 -19.13 3.02
C ILE A 1026 -40.36 -17.67 3.40
N ARG A 1027 -41.52 -17.34 3.97
CA ARG A 1027 -41.79 -15.96 4.34
C ARG A 1027 -40.86 -15.50 5.45
N LEU A 1028 -40.56 -16.37 6.42
CA LEU A 1028 -39.62 -16.03 7.48
C LEU A 1028 -38.24 -15.76 6.92
N GLN A 1029 -37.77 -16.63 6.02
CA GLN A 1029 -36.45 -16.45 5.43
C GLN A 1029 -36.39 -15.19 4.58
N TYR A 1030 -37.47 -14.87 3.88
CA TYR A 1030 -37.52 -13.63 3.12
C TYR A 1030 -37.46 -12.42 4.03
N THR A 1031 -38.22 -12.45 5.13
CA THR A 1031 -38.20 -11.33 6.07
C THR A 1031 -36.82 -11.14 6.68
N GLN A 1032 -36.12 -12.25 6.95
CA GLN A 1032 -34.79 -12.16 7.53
C GLN A 1032 -33.73 -11.73 6.53
N SER A 1033 -34.05 -11.65 5.25
CA SER A 1033 -33.08 -11.30 4.23
C SER A 1033 -33.13 -9.83 3.82
N LEU A 1034 -34.13 -9.08 4.25
CA LEU A 1034 -34.27 -7.70 3.82
C LEU A 1034 -33.22 -6.82 4.48
N ILE A 1035 -32.82 -5.76 3.77
CA ILE A 1035 -31.84 -4.83 4.30
C ILE A 1035 -32.48 -4.04 5.44
N ASN A 1036 -31.67 -3.72 6.44
CA ASN A 1036 -32.16 -3.05 7.63
C ASN A 1036 -32.33 -1.56 7.38
N TYR A 1037 -33.30 -0.96 8.06
CA TYR A 1037 -33.43 0.48 8.07
C TYR A 1037 -32.19 1.10 8.69
N GLY A 1038 -31.66 2.13 8.04
CA GLY A 1038 -30.51 2.83 8.57
C GLY A 1038 -29.17 2.22 8.24
N GLU A 1039 -29.13 1.23 7.35
CA GLU A 1039 -27.86 0.66 6.95
C GLU A 1039 -27.12 1.62 6.04
N ALA A 1040 -25.84 1.86 6.33
CA ALA A 1040 -25.00 2.72 5.50
C ALA A 1040 -24.53 1.89 4.30
N VAL A 1041 -25.45 1.69 3.36
CA VAL A 1041 -25.18 0.84 2.21
C VAL A 1041 -24.24 1.50 1.23
N GLY A 1042 -24.14 2.83 1.25
CA GLY A 1042 -23.15 3.48 0.42
C GLY A 1042 -21.74 3.14 0.82
N ILE A 1043 -21.47 3.08 2.12
CA ILE A 1043 -20.16 2.68 2.60
C ILE A 1043 -19.88 1.23 2.26
N LEU A 1044 -20.89 0.37 2.38
CA LEU A 1044 -20.73 -1.03 1.99
C LEU A 1044 -20.38 -1.15 0.51
N ALA A 1045 -21.08 -0.39 -0.34
CA ALA A 1045 -20.79 -0.42 -1.76
C ALA A 1045 -19.38 0.10 -2.05
N ALA A 1046 -18.98 1.17 -1.36
CA ALA A 1046 -17.65 1.72 -1.58
C ALA A 1046 -16.58 0.71 -1.21
N GLN A 1047 -16.72 0.04 -0.07
CA GLN A 1047 -15.76 -0.99 0.33
C GLN A 1047 -15.74 -2.15 -0.67
N SER A 1048 -16.93 -2.63 -1.04
CA SER A 1048 -17.02 -3.81 -1.88
C SER A 1048 -16.56 -3.55 -3.31
N VAL A 1049 -16.61 -2.31 -3.77
CA VAL A 1049 -16.10 -2.00 -5.10
C VAL A 1049 -14.63 -1.58 -5.05
N SER A 1050 -14.19 -1.05 -3.92
CA SER A 1050 -12.79 -0.67 -3.79
C SER A 1050 -11.88 -1.87 -3.59
N GLU A 1051 -12.37 -2.95 -3.00
CA GLU A 1051 -11.52 -4.13 -2.82
C GLU A 1051 -11.08 -4.73 -4.15
N PRO A 1052 -11.96 -4.96 -5.14
CA PRO A 1052 -11.48 -5.48 -6.43
C PRO A 1052 -10.67 -4.48 -7.24
N LEU A 1053 -10.69 -3.20 -6.90
CA LEU A 1053 -9.84 -2.24 -7.61
C LEU A 1053 -8.36 -2.52 -7.36
N THR A 1054 -8.01 -2.97 -6.15
CA THR A 1054 -6.63 -3.34 -5.88
C THR A 1054 -6.18 -4.48 -6.77
N GLN A 1055 -7.04 -5.49 -6.96
CA GLN A 1055 -6.68 -6.60 -7.82
C GLN A 1055 -6.68 -6.21 -9.29
N TYR A 1056 -7.52 -5.24 -9.67
CA TYR A 1056 -7.48 -4.71 -11.02
C TYR A 1056 -6.16 -4.00 -11.29
N MET A 1057 -5.69 -3.19 -10.33
CA MET A 1057 -4.36 -2.59 -10.47
C MET A 1057 -3.26 -3.64 -10.49
N LEU A 1058 -3.34 -4.62 -9.60
CA LEU A 1058 -2.28 -5.63 -9.53
C LEU A 1058 -2.20 -6.43 -10.81
N ASP A 1059 -3.33 -6.65 -11.47
CA ASP A 1059 -3.37 -7.39 -12.72
C ASP A 1059 -3.20 -6.50 -13.94
N SER A 1060 -2.74 -5.26 -13.76
CA SER A 1060 -2.60 -4.34 -14.88
C SER A 1060 -1.56 -4.83 -15.88
N HIS A 1061 -0.47 -5.42 -15.38
CA HIS A 1061 0.60 -5.86 -16.26
C HIS A 1061 0.21 -7.05 -17.13
N HIS A 1062 -0.94 -7.66 -16.88
CA HIS A 1062 -1.44 -8.72 -17.75
C HIS A 1062 -2.38 -8.20 -18.83
N ARG A 1063 -2.64 -6.89 -18.85
CA ARG A 1063 -3.45 -6.25 -19.88
C ARG A 1063 -2.55 -5.49 -20.85
N SER A 1064 -3.17 -4.81 -21.80
CA SER A 1064 -2.44 -3.99 -22.76
C SER A 1064 -1.86 -2.74 -22.09
N THR A 1069 -5.41 2.20 -26.45
CA THR A 1069 -6.11 1.23 -25.62
C THR A 1069 -5.49 1.17 -24.23
N ASN A 1070 -5.43 2.32 -23.55
CA ASN A 1070 -4.81 2.40 -22.24
C ASN A 1070 -5.76 1.95 -21.14
N LYS A 1071 -5.63 0.70 -20.72
CA LYS A 1071 -6.40 0.15 -19.61
C LYS A 1071 -5.53 -0.15 -18.40
N SER A 1072 -4.27 0.28 -18.42
CA SER A 1072 -3.36 -0.01 -17.32
C SER A 1072 -3.64 0.87 -16.11
N GLY A 1073 -3.51 0.30 -14.92
CA GLY A 1073 -3.67 1.08 -13.71
C GLY A 1073 -5.12 1.30 -13.34
N ILE A 1074 -5.42 2.54 -12.97
CA ILE A 1074 -6.77 2.92 -12.54
C ILE A 1074 -7.38 3.73 -13.68
N VAL A 1075 -6.72 3.71 -14.84
CA VAL A 1075 -7.10 4.61 -15.93
C VAL A 1075 -8.56 4.41 -16.32
N ARG A 1076 -9.00 3.17 -16.47
CA ARG A 1076 -10.39 2.95 -16.84
C ARG A 1076 -11.33 3.20 -15.64
N PRO A 1077 -11.03 2.70 -14.45
CA PRO A 1077 -11.84 3.12 -13.29
C PRO A 1077 -11.82 4.61 -13.05
N GLN A 1078 -10.70 5.29 -13.31
CA GLN A 1078 -10.69 6.74 -13.17
C GLN A 1078 -11.55 7.42 -14.22
N GLU A 1079 -11.59 6.85 -15.44
CA GLU A 1079 -12.51 7.35 -16.44
C GLU A 1079 -13.95 7.19 -15.99
N ILE A 1080 -14.28 6.03 -15.39
CA ILE A 1080 -15.64 5.76 -14.97
C ILE A 1080 -16.05 6.66 -13.82
N PHE A 1081 -15.22 6.73 -12.78
CA PHE A 1081 -15.61 7.39 -11.54
C PHE A 1081 -15.50 8.89 -11.62
N SER A 1082 -14.55 9.43 -12.37
CA SER A 1082 -14.42 10.86 -12.53
C SER A 1082 -15.31 11.41 -13.63
N ALA A 1083 -16.16 10.57 -14.22
CA ALA A 1083 -17.12 11.00 -15.24
C ALA A 1083 -16.43 11.73 -16.38
N LYS A 1084 -15.30 11.18 -16.82
CA LYS A 1084 -14.49 11.83 -17.84
C LYS A 1084 -15.26 11.90 -19.16
N PRO A 1085 -15.09 12.96 -19.93
CA PRO A 1085 -15.82 13.09 -21.19
C PRO A 1085 -15.32 12.10 -22.24
N VAL A 1086 -16.07 12.01 -23.33
CA VAL A 1086 -15.78 11.04 -24.37
C VAL A 1086 -14.41 11.29 -24.98
N GLU A 1087 -14.03 12.55 -25.12
CA GLU A 1087 -12.74 12.90 -25.69
C GLU A 1087 -11.57 12.60 -24.77
N ALA A 1088 -11.82 12.34 -23.48
CA ALA A 1088 -10.78 12.07 -22.51
C ALA A 1088 -10.61 10.58 -22.22
N GLU A 1089 -11.29 9.72 -22.97
CA GLU A 1089 -11.19 8.28 -22.76
C GLU A 1089 -10.06 7.71 -23.61
N GLN A 1090 -9.32 6.76 -23.03
CA GLN A 1090 -8.22 6.12 -23.72
C GLN A 1090 -8.49 4.67 -24.09
N SER A 1091 -9.69 4.17 -23.81
CA SER A 1091 -10.04 2.78 -24.12
C SER A 1091 -11.46 2.69 -24.64
N SER A 1092 -11.85 3.62 -25.52
CA SER A 1092 -13.19 3.61 -26.08
C SER A 1092 -13.36 2.46 -27.04
N GLU A 1093 -14.51 1.78 -26.96
CA GLU A 1093 -14.80 0.65 -27.82
C GLU A 1093 -16.30 0.59 -28.07
N MET A 1094 -16.67 0.09 -29.25
CA MET A 1094 -18.05 -0.22 -29.55
C MET A 1094 -18.15 -1.66 -30.02
N LEU A 1095 -19.30 -2.27 -29.79
CA LEU A 1095 -19.64 -3.57 -30.34
C LEU A 1095 -20.85 -3.38 -31.24
N LEU A 1096 -20.66 -3.58 -32.53
CA LEU A 1096 -21.69 -3.36 -33.53
C LEU A 1096 -22.13 -4.70 -34.09
N ARG A 1097 -23.44 -4.93 -34.11
CA ARG A 1097 -24.01 -6.13 -34.68
C ARG A 1097 -24.49 -5.84 -36.10
N LEU A 1098 -24.26 -6.79 -36.99
CA LEU A 1098 -24.78 -6.66 -38.34
C LEU A 1098 -26.28 -6.86 -38.34
N LYS A 1099 -26.96 -6.19 -39.28
CA LYS A 1099 -28.39 -6.38 -39.44
C LYS A 1099 -28.67 -7.78 -39.96
N ASN A 1100 -29.97 -8.11 -40.07
CA ASN A 1100 -30.39 -9.39 -40.65
C ASN A 1100 -29.69 -10.55 -39.97
N PRO A 1101 -30.13 -10.99 -38.80
CA PRO A 1101 -29.35 -11.98 -38.05
C PRO A 1101 -29.13 -13.29 -38.79
N GLU A 1102 -29.66 -13.41 -40.00
CA GLU A 1102 -29.32 -14.51 -40.87
C GLU A 1102 -27.96 -14.34 -41.54
N VAL A 1103 -27.51 -13.09 -41.72
CA VAL A 1103 -26.24 -12.87 -42.42
C VAL A 1103 -25.09 -12.65 -41.44
N GLU A 1104 -25.37 -12.46 -40.15
CA GLU A 1104 -24.30 -12.29 -39.19
C GLU A 1104 -23.72 -13.64 -38.80
N THR A 1105 -23.47 -14.49 -39.79
CA THR A 1105 -22.90 -15.80 -39.59
C THR A 1105 -21.80 -16.09 -40.60
N ASN A 1106 -21.54 -15.16 -41.52
CA ASN A 1106 -20.47 -15.28 -42.50
C ASN A 1106 -19.33 -14.34 -42.09
N LYS A 1107 -18.16 -14.92 -41.83
CA LYS A 1107 -17.02 -14.12 -41.38
C LYS A 1107 -16.57 -13.13 -42.46
N THR A 1108 -16.69 -13.52 -43.73
CA THR A 1108 -16.23 -12.66 -44.81
C THR A 1108 -17.10 -11.41 -44.93
N TYR A 1109 -18.43 -11.55 -44.82
CA TYR A 1109 -19.30 -10.38 -44.88
C TYR A 1109 -19.03 -9.44 -43.72
N ALA A 1110 -18.86 -10.00 -42.52
CA ALA A 1110 -18.55 -9.18 -41.36
C ALA A 1110 -17.23 -8.44 -41.53
N GLN A 1111 -16.23 -9.12 -42.09
CA GLN A 1111 -14.94 -8.48 -42.32
C GLN A 1111 -15.06 -7.37 -43.35
N GLU A 1112 -15.86 -7.58 -44.39
CA GLU A 1112 -16.11 -6.53 -45.37
C GLU A 1112 -16.76 -5.31 -44.72
N ILE A 1113 -17.75 -5.53 -43.87
CA ILE A 1113 -18.40 -4.42 -43.18
C ILE A 1113 -17.43 -3.71 -42.25
N ALA A 1114 -16.59 -4.48 -41.56
CA ALA A 1114 -15.60 -3.89 -40.66
C ALA A 1114 -14.64 -3.00 -41.42
N ASN A 1115 -14.18 -3.46 -42.59
CA ASN A 1115 -13.35 -2.61 -43.44
C ASN A 1115 -14.12 -1.37 -43.90
N SER A 1116 -15.42 -1.53 -44.19
CA SER A 1116 -16.19 -0.43 -44.75
C SER A 1116 -16.49 0.65 -43.74
N ILE A 1117 -16.51 0.32 -42.44
CA ILE A 1117 -16.84 1.33 -41.44
C ILE A 1117 -15.61 1.98 -40.82
N GLU A 1118 -14.44 1.33 -40.89
CA GLU A 1118 -13.24 1.89 -40.29
C GLU A 1118 -12.87 3.21 -40.95
N LEU A 1119 -12.56 4.21 -40.14
CA LEU A 1119 -12.31 5.56 -40.65
C LEU A 1119 -10.99 5.60 -41.41
N ILE A 1120 -11.03 6.18 -42.61
CA ILE A 1120 -9.85 6.39 -43.43
C ILE A 1120 -9.80 7.86 -43.81
N THR A 1121 -8.74 8.54 -43.41
CA THR A 1121 -8.52 9.93 -43.78
C THR A 1121 -7.62 9.98 -45.00
N PHE A 1122 -7.50 11.19 -45.57
CA PHE A 1122 -6.71 11.36 -46.78
C PHE A 1122 -5.23 11.12 -46.53
N GLU A 1123 -4.74 11.41 -45.33
CA GLU A 1123 -3.32 11.26 -45.02
C GLU A 1123 -2.86 9.82 -45.11
N ARG A 1124 -3.76 8.85 -45.01
CA ARG A 1124 -3.37 7.45 -45.02
C ARG A 1124 -3.18 6.90 -46.42
N LEU A 1125 -3.59 7.62 -47.45
CA LEU A 1125 -3.39 7.21 -48.84
C LEU A 1125 -2.29 8.00 -49.52
N ILE A 1126 -1.59 8.87 -48.80
CA ILE A 1126 -0.61 9.77 -49.38
C ILE A 1126 0.78 9.19 -49.16
N LEU A 1127 1.49 8.91 -50.25
CA LEU A 1127 2.89 8.56 -50.14
C LEU A 1127 3.72 9.77 -49.76
N GLN A 1128 3.47 10.91 -50.42
CA GLN A 1128 4.11 12.17 -50.10
C GLN A 1128 3.30 13.30 -50.72
N TRP A 1129 3.45 14.49 -50.14
CA TRP A 1129 2.76 15.67 -50.66
C TRP A 1129 3.72 16.85 -50.67
N HIS A 1130 3.52 17.74 -51.64
CA HIS A 1130 4.33 18.94 -51.80
C HIS A 1130 3.42 20.15 -51.94
N LEU A 1131 3.68 21.19 -51.15
CA LEU A 1131 2.95 22.44 -51.22
C LEU A 1131 3.77 23.42 -52.05
N LEU A 1132 3.32 23.69 -53.28
CA LEU A 1132 4.04 24.53 -54.22
C LEU A 1132 3.30 25.83 -54.44
N TYR A 1133 4.06 26.90 -54.65
CA TYR A 1133 3.48 28.20 -54.94
C TYR A 1133 2.97 28.32 -56.37
N GLU A 1134 3.24 27.33 -57.22
CA GLU A 1134 2.90 27.44 -58.63
C GLU A 1134 1.39 27.44 -58.84
N THR A 1135 0.97 28.11 -59.91
CA THR A 1135 -0.42 28.16 -60.35
C THR A 1135 -0.55 27.47 -61.70
N TYR A 1136 -1.79 27.37 -62.18
CA TYR A 1136 -2.07 26.75 -63.46
C TYR A 1136 -3.00 27.63 -64.27
N SER A 1137 -2.82 27.61 -65.59
CA SER A 1137 -3.63 28.38 -66.51
C SER A 1137 -4.22 27.45 -67.57
N SER A 1138 -5.49 27.68 -67.90
CA SER A 1138 -6.18 26.87 -68.88
C SER A 1138 -5.68 27.17 -70.29
N ASN A 1142 2.23 28.81 -67.92
CA ASN A 1142 2.28 29.01 -66.47
C ASN A 1142 3.61 28.54 -65.91
N VAL A 1143 4.12 29.26 -64.89
CA VAL A 1143 5.36 28.89 -64.26
C VAL A 1143 5.15 27.63 -63.42
N MET A 1144 6.07 26.67 -63.56
CA MET A 1144 5.94 25.38 -62.89
C MET A 1144 7.25 25.00 -62.21
N TYR A 1145 7.12 24.15 -61.19
CA TYR A 1145 8.29 23.64 -60.48
C TYR A 1145 9.11 22.73 -61.39
N PRO A 1146 10.43 22.90 -61.43
CA PRO A 1146 11.24 22.07 -62.34
C PRO A 1146 11.22 20.59 -62.01
N ASP A 1147 11.13 20.23 -60.73
CA ASP A 1147 11.18 18.82 -60.36
C ASP A 1147 9.97 18.06 -60.89
N PHE A 1148 8.78 18.65 -60.76
CA PHE A 1148 7.56 18.03 -61.28
C PHE A 1148 7.21 18.66 -62.63
N ALA A 1149 8.14 18.48 -63.57
CA ALA A 1149 7.97 18.98 -64.93
C ALA A 1149 7.37 17.96 -65.87
N SER A 1150 7.60 16.67 -65.63
CA SER A 1150 7.05 15.61 -66.46
C SER A 1150 5.58 15.33 -66.16
N ASP A 1151 4.92 16.23 -65.42
CA ASP A 1151 3.50 16.08 -65.09
C ASP A 1151 2.59 16.70 -66.14
N VAL A 1152 3.13 17.47 -67.08
CA VAL A 1152 2.29 18.20 -68.02
C VAL A 1152 1.53 17.25 -68.91
N GLU A 1153 2.09 16.06 -69.17
CA GLU A 1153 1.37 15.07 -69.95
C GLU A 1153 0.02 14.74 -69.31
N TRP A 1154 0.03 14.38 -68.03
CA TRP A 1154 -1.24 14.01 -67.40
C TRP A 1154 -2.07 15.23 -67.05
N MET A 1155 -1.46 16.41 -66.88
CA MET A 1155 -2.30 17.60 -66.75
C MET A 1155 -3.11 17.84 -68.03
N THR A 1156 -2.47 17.70 -69.19
CA THR A 1156 -3.19 17.81 -70.45
C THR A 1156 -4.25 16.72 -70.58
N ASP A 1157 -3.91 15.49 -70.18
CA ASP A 1157 -4.88 14.40 -70.24
C ASP A 1157 -6.09 14.70 -69.38
N PHE A 1158 -5.87 15.16 -68.14
CA PHE A 1158 -6.99 15.47 -67.26
C PHE A 1158 -7.83 16.59 -67.83
N LEU A 1159 -7.18 17.63 -68.38
CA LEU A 1159 -7.93 18.75 -68.91
C LEU A 1159 -8.79 18.34 -70.10
N GLU A 1160 -8.26 17.48 -70.96
CA GLU A 1160 -9.03 17.05 -72.13
C GLU A 1160 -10.09 16.02 -71.79
N ASN A 1161 -9.90 15.23 -70.73
CA ASN A 1161 -10.86 14.20 -70.36
C ASN A 1161 -11.97 14.72 -69.45
N HIS A 1162 -11.86 15.95 -68.96
CA HIS A 1162 -12.88 16.55 -68.10
C HIS A 1162 -13.25 17.90 -68.67
N PRO A 1163 -14.05 17.94 -69.74
CA PRO A 1163 -14.42 19.22 -70.36
C PRO A 1163 -15.43 20.02 -69.57
N LEU A 1164 -15.96 19.50 -68.47
CA LEU A 1164 -16.90 20.23 -67.64
C LEU A 1164 -16.24 20.88 -66.43
N LEU A 1165 -15.15 20.31 -65.93
CA LEU A 1165 -14.41 20.86 -64.79
C LEU A 1165 -13.31 21.76 -65.33
N GLN A 1166 -13.68 22.97 -65.70
CA GLN A 1166 -12.62 23.86 -66.18
C GLN A 1166 -11.83 24.42 -65.01
N PRO A 1167 -10.56 24.75 -65.24
CA PRO A 1167 -9.78 25.43 -64.22
C PRO A 1167 -10.43 26.75 -63.81
N PRO A 1168 -10.37 27.10 -62.54
CA PRO A 1168 -11.01 28.33 -62.06
C PRO A 1168 -10.51 29.56 -62.80
N GLU A 1169 -11.44 30.48 -63.07
CA GLU A 1169 -11.07 31.77 -63.62
C GLU A 1169 -10.40 32.66 -62.58
N ASP A 1170 -10.49 32.30 -61.31
CA ASP A 1170 -9.91 33.06 -60.21
C ASP A 1170 -8.95 32.20 -59.41
N ILE A 1171 -8.31 31.24 -60.07
CA ILE A 1171 -7.44 30.29 -59.39
C ILE A 1171 -6.30 31.03 -58.68
N ALA A 1172 -5.95 30.54 -57.49
CA ALA A 1172 -4.93 31.18 -56.67
C ALA A 1172 -3.55 30.58 -56.94
N ASN A 1173 -2.53 31.30 -56.49
CA ASN A 1173 -1.14 30.91 -56.74
C ASN A 1173 -0.63 29.98 -55.65
N TRP A 1174 -1.24 28.80 -55.58
CA TRP A 1174 -0.85 27.76 -54.64
C TRP A 1174 -1.19 26.42 -55.26
N CYS A 1175 -0.54 25.37 -54.74
CA CYS A 1175 -0.81 24.03 -55.23
C CYS A 1175 -0.43 23.02 -54.16
N ILE A 1176 -1.01 21.83 -54.27
CA ILE A 1176 -0.68 20.72 -53.38
C ILE A 1176 -0.54 19.48 -54.23
N ARG A 1177 0.70 19.03 -54.44
CA ARG A 1177 0.99 17.88 -55.28
C ARG A 1177 1.10 16.66 -54.38
N LEU A 1178 0.14 15.74 -54.49
CA LEU A 1178 0.07 14.57 -53.63
C LEU A 1178 0.35 13.32 -54.44
N GLU A 1179 1.19 12.45 -53.88
CA GLU A 1179 1.55 11.17 -54.48
C GLU A 1179 0.78 10.09 -53.73
N LEU A 1180 0.00 9.29 -54.47
CA LEU A 1180 -0.92 8.36 -53.85
C LEU A 1180 -0.28 6.98 -53.69
N ASN A 1181 -0.51 6.37 -52.54
CA ASN A 1181 0.00 5.03 -52.27
C ASN A 1181 -0.91 4.00 -52.91
N LYS A 1182 -0.48 3.46 -54.05
CA LYS A 1182 -1.29 2.47 -54.76
C LYS A 1182 -1.51 1.22 -53.92
N THR A 1183 -0.45 0.77 -53.23
CA THR A 1183 -0.57 -0.44 -52.41
C THR A 1183 -1.62 -0.26 -51.32
N THR A 1184 -1.61 0.89 -50.64
CA THR A 1184 -2.62 1.15 -49.63
C THR A 1184 -4.01 1.25 -50.25
N MET A 1185 -4.12 1.91 -51.41
CA MET A 1185 -5.42 2.07 -52.05
C MET A 1185 -6.03 0.72 -52.40
N ILE A 1186 -5.24 -0.18 -52.99
CA ILE A 1186 -5.76 -1.52 -53.30
C ILE A 1186 -6.06 -2.29 -52.03
N LEU A 1187 -5.17 -2.21 -51.04
CA LEU A 1187 -5.36 -2.94 -49.79
C LEU A 1187 -6.58 -2.45 -49.02
N LYS A 1188 -7.12 -1.29 -49.36
CA LYS A 1188 -8.32 -0.78 -48.73
C LYS A 1188 -9.51 -0.70 -49.68
N SER A 1189 -9.36 -1.19 -50.91
CA SER A 1189 -10.44 -1.21 -51.90
C SER A 1189 -11.00 0.20 -52.15
N ILE A 1190 -10.10 1.18 -52.26
CA ILE A 1190 -10.47 2.57 -52.50
C ILE A 1190 -10.10 2.91 -53.93
N SER A 1191 -10.96 3.67 -54.60
CA SER A 1191 -10.76 4.06 -55.98
C SER A 1191 -10.42 5.54 -56.07
N LEU A 1192 -9.74 5.91 -57.16
CA LEU A 1192 -9.37 7.30 -57.37
C LEU A 1192 -10.60 8.19 -57.46
N GLU A 1193 -11.64 7.71 -58.15
CA GLU A 1193 -12.87 8.49 -58.27
C GLU A 1193 -13.50 8.73 -56.90
N SER A 1194 -13.48 7.73 -56.03
CA SER A 1194 -14.04 7.89 -54.69
C SER A 1194 -13.29 8.96 -53.91
N ILE A 1195 -11.95 8.94 -53.98
CA ILE A 1195 -11.15 9.94 -53.28
C ILE A 1195 -11.43 11.33 -53.83
N ILE A 1196 -11.45 11.48 -55.15
CA ILE A 1196 -11.67 12.80 -55.73
C ILE A 1196 -13.06 13.31 -55.40
N ASN A 1197 -14.07 12.45 -55.46
CA ASN A 1197 -15.42 12.86 -55.11
C ASN A 1197 -15.52 13.29 -53.65
N SER A 1198 -14.86 12.55 -52.75
CA SER A 1198 -14.86 12.97 -51.35
C SER A 1198 -14.16 14.32 -51.18
N LEU A 1199 -13.06 14.53 -51.89
CA LEU A 1199 -12.33 15.79 -51.75
C LEU A 1199 -13.14 16.98 -52.28
N ARG A 1200 -13.74 16.84 -53.46
CA ARG A 1200 -14.48 17.97 -54.02
C ARG A 1200 -15.68 18.35 -53.16
N ALA A 1201 -16.43 17.34 -52.68
CA ALA A 1201 -17.62 17.63 -51.89
C ALA A 1201 -17.28 18.33 -50.59
N LYS A 1202 -16.22 17.87 -49.91
CA LYS A 1202 -15.88 18.42 -48.60
C LYS A 1202 -15.19 19.76 -48.68
N HIS A 1203 -14.45 20.02 -49.76
CA HIS A 1203 -13.60 21.20 -49.88
C HIS A 1203 -13.97 21.95 -51.15
N PRO A 1204 -15.08 22.70 -51.12
CA PRO A 1204 -15.56 23.35 -52.35
C PRO A 1204 -14.57 24.35 -52.95
N ASN A 1205 -13.91 25.15 -52.13
CA ASN A 1205 -13.03 26.20 -52.64
C ASN A 1205 -11.63 25.68 -52.93
N THR A 1206 -11.57 24.56 -53.64
CA THR A 1206 -10.35 24.00 -54.19
C THR A 1206 -10.66 23.46 -55.57
N TYR A 1207 -9.62 23.29 -56.38
CA TYR A 1207 -9.77 22.74 -57.72
C TYR A 1207 -8.86 21.54 -57.85
N ILE A 1208 -9.44 20.34 -57.75
CA ILE A 1208 -8.70 19.09 -57.75
C ILE A 1208 -8.35 18.71 -59.18
N MET A 1209 -7.10 18.35 -59.41
CA MET A 1209 -6.65 17.80 -60.68
C MET A 1209 -5.93 16.49 -60.41
N HIS A 1210 -6.23 15.47 -61.21
CA HIS A 1210 -5.71 14.14 -60.94
C HIS A 1210 -5.19 13.50 -62.22
N SER A 1211 -4.28 12.55 -62.05
CA SER A 1211 -3.75 11.75 -63.13
C SER A 1211 -4.73 10.63 -63.47
N VAL A 1212 -4.30 9.68 -64.30
CA VAL A 1212 -5.15 8.57 -64.70
C VAL A 1212 -4.89 7.38 -63.80
N GLU A 1213 -5.96 6.78 -63.30
CA GLU A 1213 -5.85 5.66 -62.37
C GLU A 1213 -5.51 4.34 -63.07
N ASN A 1214 -5.81 4.22 -64.36
CA ASN A 1214 -5.71 2.95 -65.06
C ASN A 1214 -4.29 2.60 -65.48
N THR A 1215 -3.28 3.21 -64.87
CA THR A 1215 -1.90 2.82 -65.13
C THR A 1215 -1.49 1.63 -64.25
N ILE A 1219 3.66 4.03 -63.15
CA ILE A 1219 3.74 5.41 -62.64
C ILE A 1219 2.58 5.71 -61.69
N PRO A 1220 2.88 6.37 -60.57
CA PRO A 1220 1.88 6.54 -59.52
C PRO A 1220 0.85 7.62 -59.86
N ILE A 1221 -0.23 7.62 -59.08
CA ILE A 1221 -1.28 8.62 -59.23
C ILE A 1221 -0.81 9.94 -58.61
N ILE A 1222 -0.98 11.03 -59.36
CA ILE A 1222 -0.62 12.36 -58.89
C ILE A 1222 -1.89 13.19 -58.82
N ILE A 1223 -2.09 13.88 -57.70
CA ILE A 1223 -3.23 14.76 -57.49
C ILE A 1223 -2.69 16.16 -57.22
N ARG A 1224 -3.25 17.15 -57.90
CA ARG A 1224 -2.89 18.55 -57.68
C ARG A 1224 -4.14 19.30 -57.22
N ILE A 1225 -4.03 19.96 -56.08
CA ILE A 1225 -5.13 20.70 -55.48
C ILE A 1225 -4.73 22.17 -55.48
N TYR A 1226 -5.52 23.00 -56.16
CA TYR A 1226 -5.30 24.44 -56.18
C TYR A 1226 -6.40 25.13 -55.38
N LEU A 1227 -6.01 25.91 -54.39
CA LEU A 1227 -6.96 26.73 -53.66
C LEU A 1227 -7.58 27.74 -54.63
N ARG A 1228 -8.89 27.98 -54.49
CA ARG A 1228 -9.58 28.71 -55.54
C ARG A 1228 -9.25 30.20 -55.50
N GLU A 1229 -9.90 30.95 -54.61
CA GLU A 1229 -9.36 32.21 -54.10
C GLU A 1229 -9.89 32.42 -52.69
N SER A 1230 -10.95 31.71 -52.35
CA SER A 1230 -11.76 32.02 -51.18
C SER A 1230 -11.15 31.51 -49.88
N ALA A 1231 -10.16 30.62 -49.95
CA ALA A 1231 -9.52 30.16 -48.73
C ALA A 1231 -8.80 31.29 -48.01
N PHE A 1232 -8.46 32.36 -48.71
CA PHE A 1232 -7.79 33.51 -48.12
C PHE A 1232 -8.82 34.61 -47.93
N ARG A 1233 -9.26 34.78 -46.69
CA ARG A 1233 -10.28 35.77 -46.34
C ARG A 1233 -11.57 35.55 -47.14
N ALA A 1241 -2.86 36.81 -41.20
CA ALA A 1241 -2.16 35.57 -41.53
C ALA A 1241 -1.66 35.60 -42.97
N THR A 1242 -0.37 35.30 -43.14
CA THR A 1242 0.21 35.25 -44.48
C THR A 1242 -0.37 34.08 -45.27
N ASP A 1243 -0.25 34.17 -46.60
CA ASP A 1243 -0.80 33.14 -47.45
C ASP A 1243 -0.12 31.79 -47.24
N GLU A 1244 1.14 31.79 -46.80
CA GLU A 1244 1.76 30.55 -46.37
C GLU A 1244 0.97 29.87 -45.28
N LYS A 1245 0.56 30.63 -44.26
CA LYS A 1245 -0.15 30.04 -43.13
C LYS A 1245 -1.49 29.47 -43.57
N ILE A 1246 -2.23 30.22 -44.40
CA ILE A 1246 -3.51 29.72 -44.89
C ILE A 1246 -3.32 28.47 -45.73
N ALA A 1247 -2.29 28.46 -46.59
CA ALA A 1247 -2.03 27.28 -47.40
C ALA A 1247 -1.68 26.07 -46.53
N VAL A 1248 -0.91 26.28 -45.47
CA VAL A 1248 -0.52 25.17 -44.60
C VAL A 1248 -1.73 24.62 -43.86
N ASN A 1249 -2.60 25.51 -43.35
CA ASN A 1249 -3.82 25.03 -42.71
C ASN A 1249 -4.73 24.32 -43.69
N VAL A 1250 -4.76 24.76 -44.96
CA VAL A 1250 -5.56 24.05 -45.95
C VAL A 1250 -4.96 22.68 -46.24
N VAL A 1251 -3.63 22.58 -46.25
CA VAL A 1251 -2.97 21.29 -46.39
C VAL A 1251 -3.37 20.37 -45.24
N ASP A 1252 -3.37 20.91 -44.02
CA ASP A 1252 -3.77 20.13 -42.86
C ASP A 1252 -5.22 19.68 -42.96
N LYS A 1253 -6.11 20.58 -43.40
CA LYS A 1253 -7.52 20.22 -43.54
C LYS A 1253 -7.71 19.13 -44.59
N LEU A 1254 -7.00 19.24 -45.71
CA LEU A 1254 -7.11 18.22 -46.76
C LEU A 1254 -6.57 16.88 -46.28
N LEU A 1255 -5.43 16.88 -45.59
CA LEU A 1255 -4.87 15.62 -45.11
C LEU A 1255 -5.76 14.96 -44.07
N ASN A 1256 -6.53 15.76 -43.33
CA ASN A 1256 -7.41 15.24 -42.30
C ASN A 1256 -8.81 14.95 -42.81
N SER A 1257 -9.10 15.24 -44.08
CA SER A 1257 -10.40 14.93 -44.63
C SER A 1257 -10.62 13.43 -44.67
N THR A 1258 -11.80 12.99 -44.25
CA THR A 1258 -12.10 11.58 -44.22
C THR A 1258 -12.52 11.11 -45.61
N ILE A 1259 -11.86 10.06 -46.10
CA ILE A 1259 -12.22 9.47 -47.38
C ILE A 1259 -13.34 8.46 -47.22
N ARG A 1260 -13.20 7.54 -46.28
CA ARG A 1260 -14.20 6.51 -46.04
C ARG A 1260 -14.31 6.26 -44.54
N GLY A 1261 -15.39 5.60 -44.15
CA GLY A 1261 -15.62 5.24 -42.77
C GLY A 1261 -16.24 6.36 -41.96
N ILE A 1262 -16.66 6.01 -40.75
CA ILE A 1262 -17.30 6.95 -39.85
C ILE A 1262 -16.28 7.51 -38.87
N PRO A 1263 -16.38 8.78 -38.49
CA PRO A 1263 -15.33 9.41 -37.69
C PRO A 1263 -15.18 8.77 -36.32
N GLY A 1264 -13.97 8.85 -35.78
CA GLY A 1264 -13.69 8.35 -34.46
C GLY A 1264 -13.43 6.86 -34.37
N ILE A 1265 -13.42 6.15 -35.50
CA ILE A 1265 -13.21 4.71 -35.50
C ILE A 1265 -11.81 4.40 -36.01
N LYS A 1266 -10.86 4.26 -35.09
CA LYS A 1266 -9.50 3.92 -35.48
C LYS A 1266 -9.46 2.56 -36.18
N ASN A 1267 -9.80 1.51 -35.45
CA ASN A 1267 -9.83 0.16 -35.98
C ASN A 1267 -11.25 -0.39 -35.92
N ALA A 1268 -11.46 -1.49 -36.63
CA ALA A 1268 -12.74 -2.20 -36.57
C ALA A 1268 -12.45 -3.66 -36.93
N ASN A 1269 -12.32 -4.50 -35.92
CA ASN A 1269 -12.06 -5.92 -36.10
C ASN A 1269 -13.34 -6.71 -35.87
N VAL A 1270 -13.37 -7.91 -36.43
CA VAL A 1270 -14.53 -8.79 -36.35
C VAL A 1270 -14.32 -9.75 -35.18
N VAL A 1271 -15.32 -9.85 -34.31
CA VAL A 1271 -15.26 -10.71 -33.15
C VAL A 1271 -16.35 -11.77 -33.25
N LYS A 1272 -16.09 -12.94 -32.67
CA LYS A 1272 -17.07 -14.00 -32.57
C LYS A 1272 -17.86 -13.81 -31.28
N LEU A 1273 -19.18 -13.72 -31.42
CA LEU A 1273 -20.05 -13.36 -30.31
C LEU A 1273 -20.86 -14.56 -29.86
N MET A 1274 -21.04 -14.68 -28.54
CA MET A 1274 -21.93 -15.67 -27.95
C MET A 1274 -23.23 -14.96 -27.59
N ARG A 1275 -24.34 -15.44 -28.15
CA ARG A 1275 -25.63 -14.83 -27.90
C ARG A 1275 -26.70 -15.92 -27.81
N HIS A 1276 -27.72 -15.66 -27.01
CA HIS A 1276 -28.83 -16.57 -26.85
C HIS A 1276 -29.98 -16.15 -27.77
N ARG A 1277 -30.76 -17.13 -28.19
CA ARG A 1277 -31.91 -16.87 -29.05
C ARG A 1277 -32.92 -18.00 -28.86
N VAL A 1278 -34.19 -17.66 -29.02
CA VAL A 1278 -35.28 -18.63 -28.90
C VAL A 1278 -35.62 -19.13 -30.29
N ASP A 1279 -35.75 -20.45 -30.43
CA ASP A 1279 -36.08 -21.07 -31.70
C ASP A 1279 -37.60 -21.14 -31.88
N ALA A 1280 -38.03 -21.86 -32.91
CA ALA A 1280 -39.46 -22.09 -33.10
C ALA A 1280 -40.02 -23.02 -32.04
N GLN A 1281 -39.22 -23.96 -31.56
CA GLN A 1281 -39.64 -24.90 -30.53
C GLN A 1281 -39.69 -24.27 -29.14
N GLY A 1282 -39.26 -23.02 -29.00
CA GLY A 1282 -39.24 -22.35 -27.72
C GLY A 1282 -38.01 -22.60 -26.88
N LYS A 1283 -37.05 -23.36 -27.39
CA LYS A 1283 -35.82 -23.60 -26.65
C LYS A 1283 -34.92 -22.38 -26.74
N LEU A 1284 -34.22 -22.09 -25.65
CA LEU A 1284 -33.24 -21.02 -25.61
C LEU A 1284 -31.87 -21.61 -25.90
N VAL A 1285 -31.35 -21.37 -27.09
CA VAL A 1285 -30.09 -21.95 -27.54
C VAL A 1285 -29.02 -20.88 -27.53
N ARG A 1286 -27.81 -21.27 -27.14
CA ARG A 1286 -26.66 -20.38 -27.12
C ARG A 1286 -25.97 -20.44 -28.48
N LEU A 1287 -26.10 -19.37 -29.25
CA LEU A 1287 -25.49 -19.30 -30.59
C LEU A 1287 -24.05 -18.85 -30.45
N ASP A 1288 -23.11 -19.75 -30.75
CA ASP A 1288 -21.69 -19.48 -30.67
C ASP A 1288 -21.14 -18.87 -31.95
N ASN A 1289 -21.91 -18.82 -33.03
CA ASN A 1289 -21.42 -18.49 -34.36
C ASN A 1289 -21.86 -17.10 -34.83
N ILE A 1290 -21.94 -16.14 -33.92
CA ILE A 1290 -22.37 -14.78 -34.26
C ILE A 1290 -21.13 -13.93 -34.49
N TYR A 1291 -21.11 -13.20 -35.60
CA TYR A 1291 -20.01 -12.33 -35.94
C TYR A 1291 -20.45 -10.88 -35.79
N ALA A 1292 -19.65 -10.09 -35.08
CA ALA A 1292 -19.91 -8.67 -34.87
C ALA A 1292 -18.61 -7.92 -35.08
N ILE A 1293 -18.68 -6.60 -34.94
CA ILE A 1293 -17.53 -5.73 -35.14
C ILE A 1293 -17.25 -5.01 -33.83
N LYS A 1294 -16.03 -5.16 -33.32
CA LYS A 1294 -15.58 -4.45 -32.13
C LYS A 1294 -14.60 -3.38 -32.57
N THR A 1295 -15.01 -2.12 -32.48
CA THR A 1295 -14.24 -1.00 -32.98
C THR A 1295 -13.39 -0.38 -31.88
N ASN A 1296 -12.46 0.47 -32.29
CA ASN A 1296 -11.69 1.32 -31.37
C ASN A 1296 -12.23 2.73 -31.52
N GLY A 1297 -12.78 3.27 -30.45
CA GLY A 1297 -13.43 4.56 -30.50
C GLY A 1297 -14.93 4.41 -30.58
N THR A 1298 -15.63 5.36 -29.97
CA THR A 1298 -17.08 5.33 -29.87
C THR A 1298 -17.65 6.44 -30.75
N ASN A 1299 -18.49 6.05 -31.70
CA ASN A 1299 -19.22 7.00 -32.53
C ASN A 1299 -20.65 6.52 -32.73
N ILE A 1300 -21.35 6.24 -31.61
CA ILE A 1300 -22.70 5.69 -31.62
C ILE A 1300 -23.57 6.35 -32.69
N PHE A 1301 -23.52 7.67 -32.78
CA PHE A 1301 -24.32 8.36 -33.79
C PHE A 1301 -23.90 7.95 -35.19
N GLY A 1302 -22.59 7.87 -35.45
CA GLY A 1302 -22.12 7.43 -36.74
C GLY A 1302 -22.52 6.00 -37.07
N ALA A 1303 -22.57 5.14 -36.06
CA ALA A 1303 -22.98 3.76 -36.29
C ALA A 1303 -24.48 3.65 -36.54
N MET A 1304 -25.28 4.48 -35.87
CA MET A 1304 -26.72 4.52 -36.18
C MET A 1304 -26.95 5.04 -37.59
N LEU A 1305 -26.13 6.00 -38.03
CA LEU A 1305 -26.25 6.48 -39.40
C LEU A 1305 -25.90 5.40 -40.42
N ASP A 1306 -24.97 4.51 -40.08
CA ASP A 1306 -24.59 3.43 -40.98
C ASP A 1306 -25.73 2.45 -41.14
N ASP A 1307 -25.98 2.02 -42.38
CA ASP A 1307 -27.10 1.15 -42.69
C ASP A 1307 -26.72 -0.33 -42.72
N ASN A 1308 -25.46 -0.66 -42.50
CA ASN A 1308 -25.01 -2.05 -42.56
C ASN A 1308 -24.89 -2.70 -41.19
N ILE A 1309 -25.19 -1.98 -40.11
CA ILE A 1309 -25.13 -2.53 -38.76
C ILE A 1309 -26.45 -2.23 -38.06
N ASP A 1310 -26.80 -3.09 -37.11
CA ASP A 1310 -28.05 -2.94 -36.39
C ASP A 1310 -27.97 -1.73 -35.47
N PRO A 1311 -28.83 -0.72 -35.66
CA PRO A 1311 -28.70 0.49 -34.84
C PRO A 1311 -29.30 0.36 -33.46
N TYR A 1312 -30.16 -0.63 -33.22
CA TYR A 1312 -30.84 -0.78 -31.94
C TYR A 1312 -30.06 -1.61 -30.93
N THR A 1313 -28.92 -2.18 -31.32
CA THR A 1313 -28.10 -2.98 -30.44
C THR A 1313 -26.65 -2.54 -30.50
N ILE A 1314 -26.42 -1.24 -30.53
CA ILE A 1314 -25.09 -0.66 -30.53
C ILE A 1314 -24.64 -0.53 -29.09
N VAL A 1315 -23.54 -1.20 -28.75
CA VAL A 1315 -22.98 -1.18 -27.40
C VAL A 1315 -21.67 -0.42 -27.46
N SER A 1316 -21.54 0.62 -26.64
CA SER A 1316 -20.33 1.41 -26.58
C SER A 1316 -19.80 1.41 -25.16
N SER A 1317 -18.49 1.24 -25.02
CA SER A 1317 -17.89 1.19 -23.70
C SER A 1317 -17.86 2.53 -23.00
N SER A 1318 -18.19 3.62 -23.68
CA SER A 1318 -18.08 4.95 -23.11
C SER A 1318 -19.41 5.37 -22.49
N ILE A 1319 -19.34 5.92 -21.28
CA ILE A 1319 -20.54 6.36 -20.58
C ILE A 1319 -21.03 7.69 -21.11
N GLY A 1320 -20.12 8.58 -21.52
CA GLY A 1320 -20.53 9.87 -22.04
C GLY A 1320 -21.32 9.77 -23.33
N ASP A 1321 -20.85 8.95 -24.27
CA ASP A 1321 -21.57 8.77 -25.53
C ASP A 1321 -22.93 8.12 -25.30
N THR A 1322 -22.99 7.13 -24.42
CA THR A 1322 -24.25 6.50 -24.09
C THR A 1322 -25.22 7.50 -23.48
N MET A 1323 -24.73 8.33 -22.57
CA MET A 1323 -25.60 9.33 -21.94
C MET A 1323 -26.09 10.35 -22.96
N GLU A 1324 -25.20 10.81 -23.85
CA GLU A 1324 -25.60 11.83 -24.82
C GLU A 1324 -26.57 11.27 -25.84
N LEU A 1325 -26.42 10.00 -26.21
CA LEU A 1325 -27.24 9.42 -27.26
C LEU A 1325 -28.50 8.76 -26.75
N TYR A 1326 -28.47 8.20 -25.54
CA TYR A 1326 -29.56 7.33 -25.08
C TYR A 1326 -30.29 7.86 -23.86
N GLY A 1327 -29.62 8.51 -22.93
CA GLY A 1327 -30.29 9.08 -21.77
C GLY A 1327 -29.58 8.70 -20.50
N ILE A 1328 -30.24 8.97 -19.37
CA ILE A 1328 -29.60 8.73 -18.08
C ILE A 1328 -29.79 7.28 -17.62
N GLU A 1329 -30.86 6.62 -18.03
CA GLU A 1329 -31.06 5.24 -17.63
C GLU A 1329 -30.11 4.30 -18.37
N ALA A 1330 -29.95 4.51 -19.67
CA ALA A 1330 -28.95 3.76 -20.40
C ALA A 1330 -27.55 4.08 -19.92
N ALA A 1331 -27.30 5.33 -19.51
CA ALA A 1331 -25.99 5.68 -18.96
C ALA A 1331 -25.75 5.01 -17.62
N ARG A 1332 -26.79 4.87 -16.80
CA ARG A 1332 -26.64 4.15 -15.54
C ARG A 1332 -26.36 2.68 -15.78
N GLN A 1333 -27.05 2.06 -16.74
CA GLN A 1333 -26.74 0.68 -17.10
C GLN A 1333 -25.32 0.56 -17.63
N LYS A 1334 -24.87 1.56 -18.40
CA LYS A 1334 -23.50 1.57 -18.90
C LYS A 1334 -22.50 1.67 -17.76
N ILE A 1335 -22.81 2.47 -16.75
CA ILE A 1335 -21.93 2.56 -15.59
C ILE A 1335 -21.84 1.22 -14.88
N ILE A 1336 -22.98 0.56 -14.70
CA ILE A 1336 -22.97 -0.77 -14.10
C ILE A 1336 -22.08 -1.70 -14.90
N SER A 1337 -22.26 -1.73 -16.22
CA SER A 1337 -21.51 -2.66 -17.06
C SER A 1337 -20.02 -2.36 -17.03
N GLU A 1338 -19.64 -1.08 -17.06
CA GLU A 1338 -18.23 -0.73 -17.08
C GLU A 1338 -17.56 -1.02 -15.75
N ILE A 1339 -18.23 -0.73 -14.63
CA ILE A 1339 -17.67 -1.07 -13.33
C ILE A 1339 -17.55 -2.58 -13.19
N ARG A 1340 -18.54 -3.32 -13.67
CA ARG A 1340 -18.46 -4.78 -13.60
C ARG A 1340 -17.30 -5.30 -14.43
N THR A 1341 -17.06 -4.71 -15.60
CA THR A 1341 -15.92 -5.10 -16.42
C THR A 1341 -14.61 -4.83 -15.70
N VAL A 1342 -14.51 -3.69 -15.02
CA VAL A 1342 -13.30 -3.38 -14.27
C VAL A 1342 -13.12 -4.33 -13.09
N MET A 1343 -14.22 -4.74 -12.45
CA MET A 1343 -14.13 -5.51 -11.22
C MET A 1343 -13.43 -6.85 -11.44
N GLY A 1344 -13.75 -7.53 -12.53
CA GLY A 1344 -13.10 -8.78 -12.86
C GLY A 1344 -13.94 -10.01 -12.54
N ASP A 1345 -13.24 -11.14 -12.40
CA ASP A 1345 -13.93 -12.40 -12.14
C ASP A 1345 -14.49 -12.43 -10.72
N LYS A 1346 -13.68 -12.08 -9.72
CA LYS A 1346 -14.13 -12.04 -8.33
C LYS A 1346 -14.57 -10.61 -8.02
N GLY A 1347 -15.77 -10.29 -8.46
CA GLY A 1347 -16.33 -8.98 -8.25
C GLY A 1347 -17.30 -8.96 -7.09
N PRO A 1348 -17.72 -7.77 -6.69
CA PRO A 1348 -18.69 -7.67 -5.61
C PRO A 1348 -20.08 -8.06 -6.05
N ASN A 1349 -21.03 -8.07 -5.12
CA ASN A 1349 -22.42 -8.28 -5.47
C ASN A 1349 -22.90 -7.18 -6.40
N HIS A 1350 -23.94 -7.48 -7.17
CA HIS A 1350 -24.42 -6.52 -8.14
C HIS A 1350 -25.03 -5.29 -7.50
N ARG A 1351 -25.51 -5.38 -6.26
CA ARG A 1351 -26.17 -4.24 -5.64
C ARG A 1351 -25.17 -3.13 -5.33
N HIS A 1352 -23.89 -3.44 -5.19
CA HIS A 1352 -22.89 -2.40 -4.99
C HIS A 1352 -22.62 -1.63 -6.27
N LEU A 1353 -22.57 -2.33 -7.41
CA LEU A 1353 -22.52 -1.65 -8.69
C LEU A 1353 -23.77 -0.81 -8.92
N LEU A 1354 -24.93 -1.33 -8.50
CA LEU A 1354 -26.16 -0.55 -8.57
C LEU A 1354 -26.06 0.71 -7.74
N MET A 1355 -25.49 0.61 -6.54
CA MET A 1355 -25.32 1.77 -5.68
C MET A 1355 -24.43 2.81 -6.34
N TYR A 1356 -23.31 2.37 -6.93
CA TYR A 1356 -22.44 3.30 -7.62
C TYR A 1356 -23.17 4.00 -8.77
N ALA A 1357 -23.89 3.23 -9.59
CA ALA A 1357 -24.51 3.80 -10.78
C ALA A 1357 -25.69 4.68 -10.45
N ASP A 1358 -26.43 4.35 -9.39
CA ASP A 1358 -27.58 5.16 -9.00
C ASP A 1358 -27.13 6.43 -8.29
N LEU A 1359 -26.03 6.38 -7.53
CA LEU A 1359 -25.50 7.58 -6.93
C LEU A 1359 -25.04 8.58 -7.99
N MET A 1360 -24.37 8.10 -9.03
CA MET A 1360 -23.81 8.98 -10.04
C MET A 1360 -24.85 9.50 -11.03
N THR A 1361 -26.02 8.89 -11.11
CA THR A 1361 -27.03 9.29 -12.09
C THR A 1361 -28.30 9.83 -11.44
N ARG A 1362 -28.27 10.12 -10.15
CA ARG A 1362 -29.49 10.48 -9.44
C ARG A 1362 -30.03 11.85 -9.86
N THR A 1363 -29.19 12.73 -10.36
CA THR A 1363 -29.61 14.09 -10.72
C THR A 1363 -30.09 14.21 -12.16
N GLY A 1364 -30.07 13.13 -12.92
CA GLY A 1364 -30.38 13.18 -14.34
C GLY A 1364 -29.17 13.36 -15.23
N GLN A 1365 -28.01 13.64 -14.65
CA GLN A 1365 -26.76 13.73 -15.38
C GLN A 1365 -25.74 12.84 -14.66
N VAL A 1366 -24.74 12.39 -15.41
CA VAL A 1366 -23.71 11.53 -14.85
C VAL A 1366 -22.75 12.42 -14.05
N THR A 1367 -22.84 12.33 -12.73
CA THR A 1367 -21.91 13.03 -11.85
C THR A 1367 -20.77 12.10 -11.47
N SER A 1368 -19.71 12.68 -10.93
CA SER A 1368 -18.50 11.93 -10.64
C SER A 1368 -18.38 11.65 -9.15
N LEU A 1369 -17.34 10.91 -8.79
CA LEU A 1369 -16.99 10.67 -7.40
C LEU A 1369 -15.91 11.63 -6.91
N GLU A 1370 -15.60 12.66 -7.69
CA GLU A 1370 -14.63 13.67 -7.32
C GLU A 1370 -15.33 14.79 -6.55
N LYS A 1371 -14.61 15.91 -6.36
CA LYS A 1371 -15.22 17.07 -5.71
C LYS A 1371 -16.43 17.58 -6.47
N ALA A 1372 -16.34 17.63 -7.80
CA ALA A 1372 -17.42 18.21 -8.60
C ALA A 1372 -18.71 17.40 -8.43
N GLY A 1373 -18.60 16.07 -8.37
CA GLY A 1373 -19.78 15.26 -8.15
C GLY A 1373 -20.43 15.53 -6.80
N LEU A 1374 -19.61 15.69 -5.76
CA LEU A 1374 -20.15 16.02 -4.45
C LEU A 1374 -20.80 17.39 -4.44
N ASN A 1375 -20.21 18.36 -5.14
CA ASN A 1375 -20.83 19.67 -5.26
C ASN A 1375 -22.16 19.59 -5.97
N ALA A 1376 -22.25 18.78 -7.02
CA ALA A 1376 -23.51 18.64 -7.75
C ALA A 1376 -24.56 17.93 -6.92
N ARG A 1377 -24.18 16.86 -6.21
CA ARG A 1377 -25.17 16.05 -5.52
C ARG A 1377 -25.49 16.59 -4.14
N GLU A 1378 -24.49 17.14 -3.44
CA GLU A 1378 -24.67 17.65 -2.09
C GLU A 1378 -24.03 19.03 -1.99
N PRO A 1379 -24.60 20.03 -2.67
CA PRO A 1379 -24.01 21.37 -2.57
C PRO A 1379 -24.08 21.95 -1.17
N SER A 1380 -25.14 21.67 -0.43
CA SER A 1380 -25.32 22.25 0.89
C SER A 1380 -24.56 21.52 1.99
N ASN A 1381 -24.08 20.31 1.72
CA ASN A 1381 -23.34 19.55 2.71
C ASN A 1381 -21.91 20.08 2.75
N VAL A 1382 -21.77 21.25 3.40
CA VAL A 1382 -20.48 21.91 3.49
C VAL A 1382 -19.49 21.07 4.29
N LEU A 1383 -19.95 20.47 5.38
CA LEU A 1383 -19.04 19.73 6.25
C LEU A 1383 -18.50 18.48 5.56
N LEU A 1384 -19.33 17.76 4.82
CA LEU A 1384 -18.86 16.58 4.09
C LEU A 1384 -17.85 16.97 3.02
N ARG A 1385 -18.12 18.06 2.29
CA ARG A 1385 -17.21 18.50 1.25
C ARG A 1385 -15.90 19.02 1.84
N MET A 1386 -15.96 19.65 3.01
CA MET A 1386 -14.73 20.03 3.71
C MET A 1386 -13.95 18.81 4.15
N ALA A 1387 -14.64 17.79 4.64
CA ALA A 1387 -13.97 16.56 5.06
C ALA A 1387 -13.32 15.84 3.90
N LEU A 1388 -13.93 15.91 2.71
CA LEU A 1388 -13.33 15.28 1.54
C LEU A 1388 -11.99 15.92 1.20
N SER A 1389 -12.01 17.20 0.84
CA SER A 1389 -10.78 17.90 0.48
C SER A 1389 -11.06 19.39 0.43
N SER A 1390 -9.99 20.16 0.30
CA SER A 1390 -10.05 21.62 0.18
C SER A 1390 -10.97 22.27 1.22
N PRO A 1391 -10.73 22.04 2.52
CA PRO A 1391 -11.65 22.59 3.52
C PRO A 1391 -11.72 24.10 3.55
N VAL A 1392 -10.62 24.80 3.28
CA VAL A 1392 -10.62 26.25 3.36
C VAL A 1392 -11.44 26.85 2.22
N GLN A 1393 -11.30 26.32 1.02
CA GLN A 1393 -12.07 26.83 -0.11
C GLN A 1393 -13.56 26.55 0.07
N VAL A 1394 -13.90 25.34 0.50
CA VAL A 1394 -15.30 25.01 0.76
C VAL A 1394 -15.87 25.90 1.85
N LEU A 1395 -15.07 26.15 2.90
CA LEU A 1395 -15.53 27.00 3.99
C LEU A 1395 -15.74 28.43 3.53
N THR A 1396 -14.83 28.95 2.71
CA THR A 1396 -14.99 30.31 2.18
C THR A 1396 -16.24 30.43 1.34
N ASP A 1397 -16.46 29.46 0.45
CA ASP A 1397 -17.65 29.50 -0.40
C ASP A 1397 -18.91 29.36 0.44
N ALA A 1398 -18.88 28.53 1.48
CA ALA A 1398 -20.03 28.41 2.37
C ALA A 1398 -20.31 29.71 3.09
N ALA A 1399 -19.26 30.42 3.52
CA ALA A 1399 -19.46 31.67 4.24
C ALA A 1399 -20.05 32.74 3.34
N VAL A 1400 -19.50 32.90 2.13
CA VAL A 1400 -20.05 33.93 1.24
C VAL A 1400 -21.43 33.52 0.73
N ASP A 1401 -21.67 32.23 0.57
CA ASP A 1401 -22.94 31.74 0.06
C ASP A 1401 -24.02 31.66 1.12
N SER A 1402 -23.68 31.92 2.38
CA SER A 1402 -24.60 31.78 3.51
C SER A 1402 -25.25 30.41 3.52
N ALA A 1403 -24.40 29.39 3.36
CA ALA A 1403 -24.88 28.02 3.24
C ALA A 1403 -25.48 27.53 4.54
N VAL A 1404 -26.59 26.81 4.43
CA VAL A 1404 -27.21 26.11 5.55
C VAL A 1404 -26.96 24.63 5.36
N ASN A 1405 -26.35 24.00 6.37
CA ASN A 1405 -25.91 22.61 6.29
C ASN A 1405 -26.77 21.77 7.20
N PRO A 1406 -27.79 21.08 6.69
CA PRO A 1406 -28.49 20.09 7.51
C PRO A 1406 -27.54 18.97 7.92
N ILE A 1407 -27.69 18.50 9.15
CA ILE A 1407 -26.77 17.50 9.70
C ILE A 1407 -27.36 16.13 9.39
N TYR A 1408 -26.80 15.48 8.37
CA TYR A 1408 -27.23 14.16 7.96
C TYR A 1408 -26.00 13.40 7.46
N GLY A 1409 -26.19 12.12 7.16
CA GLY A 1409 -25.08 11.33 6.65
C GLY A 1409 -24.15 10.92 7.77
N ILE A 1410 -22.85 10.88 7.45
CA ILE A 1410 -21.82 10.46 8.39
C ILE A 1410 -20.82 11.57 8.67
N ALA A 1411 -20.31 12.21 7.62
CA ALA A 1411 -19.26 13.20 7.80
C ALA A 1411 -19.77 14.45 8.50
N ALA A 1412 -20.96 14.91 8.13
CA ALA A 1412 -21.49 16.13 8.77
C ALA A 1412 -21.73 15.95 10.26
N PRO A 1413 -22.42 14.91 10.75
CA PRO A 1413 -22.52 14.75 12.21
C PRO A 1413 -21.19 14.53 12.89
N THR A 1414 -20.26 13.84 12.24
CA THR A 1414 -18.96 13.57 12.84
C THR A 1414 -18.15 14.84 13.01
N LEU A 1415 -18.18 15.73 12.00
CA LEU A 1415 -17.41 16.96 12.07
C LEU A 1415 -17.95 17.93 13.10
N MET A 1416 -19.17 17.71 13.60
CA MET A 1416 -19.71 18.49 14.70
C MET A 1416 -19.68 17.74 16.02
N GLY A 1417 -18.80 16.75 16.15
CA GLY A 1417 -18.67 16.03 17.39
C GLY A 1417 -19.82 15.12 17.72
N SER A 1418 -20.83 15.07 16.86
CA SER A 1418 -22.00 14.24 17.09
C SER A 1418 -21.74 12.85 16.52
N VAL A 1419 -22.78 12.04 16.46
CA VAL A 1419 -22.65 10.68 15.96
C VAL A 1419 -23.73 10.48 14.91
N PRO A 1420 -23.43 9.84 13.77
CA PRO A 1420 -24.42 9.72 12.70
C PRO A 1420 -25.68 9.01 13.16
N ARG A 1421 -26.83 9.50 12.68
CA ARG A 1421 -28.10 8.86 12.97
C ARG A 1421 -28.31 7.75 11.93
N ILE A 1422 -27.52 6.69 12.11
CA ILE A 1422 -27.60 5.50 11.29
C ILE A 1422 -27.40 4.29 12.19
N GLY A 1423 -27.63 3.11 11.63
CA GLY A 1423 -27.34 1.89 12.36
C GLY A 1423 -28.25 1.74 13.56
N THR A 1424 -27.66 1.42 14.71
CA THR A 1424 -28.45 1.21 15.92
C THR A 1424 -29.16 2.47 16.37
N MET A 1425 -28.76 3.63 15.87
CA MET A 1425 -29.35 4.90 16.26
C MET A 1425 -30.15 5.54 15.14
N TYR A 1426 -30.57 4.75 14.15
CA TYR A 1426 -31.46 5.28 13.12
C TYR A 1426 -32.85 5.52 13.67
N SER A 1427 -33.40 4.55 14.40
CA SER A 1427 -34.70 4.69 15.04
C SER A 1427 -34.47 5.09 16.48
N ASP A 1428 -35.26 6.06 16.95
CA ASP A 1428 -35.12 6.52 18.32
C ASP A 1428 -36.08 5.78 19.24
N ILE A 1429 -35.61 5.51 20.44
CA ILE A 1429 -36.36 4.74 21.43
C ILE A 1429 -37.06 5.71 22.36
N ILE A 1430 -38.33 5.46 22.61
CA ILE A 1430 -39.09 6.19 23.62
C ILE A 1430 -39.54 5.20 24.66
N MET A 1431 -39.81 5.70 25.86
CA MET A 1431 -40.19 4.86 26.98
C MET A 1431 -41.68 4.57 26.92
N ASP A 1432 -42.04 3.32 27.19
CA ASP A 1432 -43.45 2.91 27.18
C ASP A 1432 -44.14 3.34 28.46
N GLU A 1433 -44.72 4.53 28.47
CA GLU A 1433 -45.29 5.07 29.70
C GLU A 1433 -46.45 4.22 30.20
N LYS A 1434 -47.33 3.78 29.31
CA LYS A 1434 -48.47 2.97 29.73
C LYS A 1434 -48.00 1.66 30.35
N TYR A 1435 -47.04 1.00 29.70
CA TYR A 1435 -46.56 -0.28 30.18
C TYR A 1435 -45.84 -0.14 31.51
N ILE A 1436 -45.01 0.90 31.66
CA ILE A 1436 -44.29 1.08 32.91
C ILE A 1436 -45.23 1.46 34.03
N THR A 1437 -46.24 2.28 33.73
CA THR A 1437 -47.22 2.66 34.74
C THR A 1437 -48.00 1.44 35.22
N GLU A 1438 -48.38 0.56 34.30
CA GLU A 1438 -49.21 -0.58 34.68
C GLU A 1438 -48.40 -1.80 35.09
N ASN A 1439 -47.07 -1.77 35.00
CA ASN A 1439 -46.25 -2.91 35.36
C ASN A 1439 -45.15 -2.59 36.37
N TYR A 1440 -44.50 -1.44 36.26
CA TYR A 1440 -43.39 -1.10 37.13
C TYR A 1440 -43.85 -0.16 38.24
N LYS A 1441 -44.62 -0.74 39.16
CA LYS A 1441 -45.18 0.03 40.27
C LYS A 1441 -44.08 0.44 41.25
N TYR B 1 52.37 -10.13 -23.27
CA TYR B 1 51.54 -11.28 -22.91
C TYR B 1 51.91 -12.47 -23.78
N GLY B 2 51.70 -13.67 -23.26
CA GLY B 2 51.90 -14.88 -24.03
C GLY B 2 50.77 -15.06 -25.02
N PRO B 3 50.58 -16.29 -25.49
CA PRO B 3 49.44 -16.56 -26.35
C PRO B 3 48.19 -17.12 -25.65
N ILE B 4 47.05 -16.97 -26.30
CA ILE B 4 45.81 -17.43 -25.69
C ILE B 4 45.53 -18.90 -25.97
N GLU B 5 46.16 -19.49 -26.99
CA GLU B 5 45.97 -20.90 -27.27
C GLU B 5 46.58 -21.78 -26.18
N THR B 6 47.60 -21.30 -25.48
CA THR B 6 48.34 -22.09 -24.51
C THR B 6 48.08 -21.63 -23.08
N VAL B 7 46.84 -21.27 -22.79
CA VAL B 7 46.42 -20.99 -21.42
C VAL B 7 45.68 -22.21 -20.91
N ASP B 8 46.20 -22.83 -19.86
CA ASP B 8 45.61 -24.04 -19.31
C ASP B 8 44.51 -23.65 -18.32
N ASN B 9 43.25 -23.82 -18.73
CA ASN B 9 42.12 -23.41 -17.92
C ASN B 9 41.04 -24.46 -17.80
N GLU B 10 41.17 -25.60 -18.48
CA GLU B 10 40.11 -26.60 -18.49
C GLU B 10 39.76 -27.09 -17.09
N GLU B 11 40.69 -26.95 -16.14
CA GLU B 11 40.48 -27.33 -14.76
C GLU B 11 40.19 -26.13 -13.84
N LEU B 12 39.73 -25.02 -14.41
CA LEU B 12 39.28 -23.86 -13.64
C LEU B 12 37.79 -24.03 -13.36
N THR B 13 37.45 -24.31 -12.10
CA THR B 13 36.08 -24.56 -11.72
C THR B 13 35.38 -23.25 -11.31
N GLU B 14 34.06 -23.35 -11.11
CA GLU B 14 33.29 -22.19 -10.70
C GLU B 14 33.61 -21.75 -9.28
N ALA B 15 34.07 -22.67 -8.42
CA ALA B 15 34.48 -22.29 -7.07
C ALA B 15 35.86 -21.66 -7.06
N ASP B 16 36.61 -21.74 -8.16
CA ASP B 16 37.88 -21.04 -8.28
C ASP B 16 37.70 -19.56 -8.57
N MET B 17 36.59 -19.16 -9.22
CA MET B 17 36.34 -17.77 -9.50
C MET B 17 35.88 -17.00 -8.26
N LEU B 18 35.36 -17.70 -7.26
CA LEU B 18 35.15 -17.08 -5.97
C LEU B 18 36.45 -16.56 -5.39
N SER B 19 37.58 -17.13 -5.78
CA SER B 19 38.87 -16.55 -5.41
C SER B 19 39.07 -15.18 -6.03
N PHE B 20 38.64 -15.00 -7.28
CA PHE B 20 38.69 -13.67 -7.88
C PHE B 20 37.79 -12.71 -7.14
N ILE B 21 36.60 -13.19 -6.73
CA ILE B 21 35.73 -12.36 -5.90
C ILE B 21 36.43 -11.95 -4.61
N SER B 22 37.13 -12.90 -3.99
CA SER B 22 37.85 -12.63 -2.75
C SER B 22 38.97 -11.62 -2.98
N ALA B 23 39.69 -11.74 -4.10
CA ALA B 23 40.74 -10.79 -4.41
C ALA B 23 40.18 -9.39 -4.56
N ALA B 24 39.05 -9.27 -5.27
CA ALA B 24 38.43 -7.96 -5.44
C ALA B 24 38.02 -7.37 -4.09
N VAL B 25 37.35 -8.17 -3.26
CA VAL B 25 36.86 -7.65 -1.98
C VAL B 25 38.03 -7.28 -1.06
N ASN B 26 39.09 -8.09 -1.07
CA ASN B 26 40.26 -7.78 -0.25
C ASN B 26 40.96 -6.51 -0.73
N SER B 27 41.00 -6.32 -2.05
CA SER B 27 41.60 -5.09 -2.59
C SER B 27 40.79 -3.87 -2.16
N THR B 28 39.48 -3.89 -2.40
CA THR B 28 38.66 -2.75 -1.99
C THR B 28 38.59 -2.63 -0.47
N GLY B 29 38.45 -3.76 0.23
CA GLY B 29 38.29 -3.75 1.66
C GLY B 29 36.86 -3.71 2.14
N LEU B 30 35.88 -3.69 1.22
CA LEU B 30 34.46 -3.76 1.51
C LEU B 30 33.93 -2.47 2.14
N ILE B 31 34.83 -1.59 2.54
CA ILE B 31 34.46 -0.28 3.06
C ILE B 31 35.38 0.75 2.42
N GLY B 32 36.45 0.27 1.80
CA GLY B 32 37.61 1.09 1.52
C GLY B 32 37.34 2.29 0.62
N TYR B 33 36.27 2.25 -0.17
CA TYR B 33 36.02 3.35 -1.09
C TYR B 33 35.78 4.65 -0.34
N ASN B 34 34.97 4.63 0.74
CA ASN B 34 34.63 5.88 1.38
C ASN B 34 35.72 6.33 2.36
N ILE B 35 36.43 5.40 2.98
CA ILE B 35 37.60 5.77 3.78
C ILE B 35 38.66 6.40 2.88
N LYS B 36 38.89 5.81 1.71
CA LYS B 36 39.84 6.37 0.76
C LYS B 36 39.38 7.73 0.25
N SER B 37 38.08 7.89 0.02
CA SER B 37 37.56 9.18 -0.42
C SER B 37 37.76 10.24 0.66
N PHE B 38 37.53 9.89 1.92
CA PHE B 38 37.74 10.84 3.01
C PHE B 38 39.22 11.18 3.17
N ASP B 39 40.10 10.20 3.03
CA ASP B 39 41.52 10.46 3.09
C ASP B 39 41.95 11.39 1.96
N ASP B 40 41.45 11.13 0.75
CA ASP B 40 41.72 12.02 -0.37
C ASP B 40 41.20 13.42 -0.08
N LEU B 41 40.01 13.51 0.51
CA LEU B 41 39.42 14.79 0.88
C LEU B 41 40.39 15.56 1.77
N MET B 42 40.65 15.05 2.96
CA MET B 42 41.47 15.80 3.90
C MET B 42 42.96 15.65 3.66
N ASP B 43 43.39 15.10 2.53
CA ASP B 43 44.77 15.20 2.11
C ASP B 43 44.97 16.21 0.98
N ASN B 44 44.05 16.27 0.04
CA ASN B 44 44.23 17.12 -1.14
C ASN B 44 43.04 18.03 -1.41
N GLY B 45 41.81 17.56 -1.19
CA GLY B 45 40.66 18.35 -1.57
C GLY B 45 40.44 19.54 -0.67
N ILE B 46 40.51 19.33 0.65
CA ILE B 46 40.42 20.45 1.58
C ILE B 46 41.56 21.44 1.38
N PRO B 47 42.83 21.01 1.22
CA PRO B 47 43.85 21.97 0.77
C PRO B 47 43.52 22.62 -0.56
N GLN B 48 42.96 21.87 -1.50
CA GLN B 48 42.54 22.49 -2.77
C GLN B 48 41.46 23.53 -2.54
N ILE B 49 40.45 23.17 -1.76
CA ILE B 49 39.34 24.09 -1.49
C ILE B 49 39.82 25.35 -0.79
N VAL B 50 40.82 25.22 0.08
CA VAL B 50 41.27 26.37 0.84
C VAL B 50 42.22 27.24 0.03
N LYS B 51 43.30 26.64 -0.50
CA LYS B 51 44.30 27.42 -1.23
C LYS B 51 43.70 28.02 -2.49
N GLN B 52 42.92 27.24 -3.23
CA GLN B 52 42.14 27.77 -4.34
C GLN B 52 40.77 28.21 -3.82
N MET B 53 39.96 28.77 -4.69
CA MET B 53 38.54 29.00 -4.41
C MET B 53 38.30 30.01 -3.28
N PHE B 54 39.36 30.47 -2.62
CA PHE B 54 39.22 31.39 -1.50
C PHE B 54 40.13 32.60 -1.57
N ASN B 55 40.89 32.77 -2.66
CA ASN B 55 41.78 33.93 -2.80
C ASN B 55 40.93 35.14 -3.20
N VAL B 56 40.15 35.62 -2.22
CA VAL B 56 39.20 36.69 -2.48
C VAL B 56 39.95 38.00 -2.70
N ASP B 57 39.48 38.78 -3.68
CA ASP B 57 40.00 40.12 -3.97
C ASP B 57 38.81 40.98 -4.38
N ILE B 58 38.26 41.72 -3.42
CA ILE B 58 37.10 42.57 -3.64
C ILE B 58 37.51 44.02 -3.40
N THR B 59 36.78 44.94 -4.03
CA THR B 59 36.98 46.37 -3.82
C THR B 59 35.67 46.98 -3.33
N TYR B 60 35.75 47.69 -2.21
CA TYR B 60 34.59 48.34 -1.61
C TYR B 60 34.72 49.85 -1.75
N LYS B 61 33.67 50.55 -1.33
CA LYS B 61 33.66 52.01 -1.38
C LYS B 61 34.05 52.60 -0.02
N SER B 75 36.89 54.65 -1.95
CA SER B 75 37.08 53.24 -2.33
C SER B 75 38.04 52.54 -1.39
N VAL B 76 37.93 51.22 -1.31
CA VAL B 76 38.85 50.41 -0.51
C VAL B 76 38.82 48.99 -1.06
N GLN B 77 40.00 48.36 -1.08
CA GLN B 77 40.16 47.01 -1.62
C GLN B 77 40.77 46.12 -0.56
N ILE B 78 40.21 44.92 -0.40
CA ILE B 78 40.66 43.95 0.59
C ILE B 78 41.00 42.66 -0.12
N GLN B 79 42.22 42.15 0.12
CA GLN B 79 42.70 40.91 -0.48
C GLN B 79 43.37 40.08 0.59
N PHE B 80 42.94 38.83 0.73
CA PHE B 80 43.55 37.92 1.70
C PHE B 80 43.34 36.49 1.24
N ASN B 81 44.37 35.66 1.42
CA ASN B 81 44.33 34.27 1.03
C ASN B 81 44.89 33.41 2.15
N PHE B 82 44.47 32.15 2.18
CA PHE B 82 44.96 31.18 3.16
C PHE B 82 45.99 30.30 2.45
N THR B 83 47.19 30.24 3.01
CA THR B 83 48.31 29.57 2.36
C THR B 83 48.56 28.16 2.87
N ASP B 84 48.40 27.93 4.17
CA ASP B 84 48.65 26.62 4.77
C ASP B 84 47.36 26.14 5.42
N VAL B 85 47.06 24.86 5.24
CA VAL B 85 45.92 24.23 5.89
C VAL B 85 46.34 22.84 6.37
N ASN B 86 45.95 22.51 7.60
CA ASN B 86 46.27 21.22 8.18
C ASN B 86 45.13 20.82 9.11
N ILE B 87 44.73 19.56 9.02
CA ILE B 87 43.72 19.00 9.91
C ILE B 87 44.40 17.96 10.80
N GLU B 88 44.21 18.08 12.10
CA GLU B 88 44.80 17.17 13.07
C GLU B 88 43.78 16.16 13.54
N ARG B 89 44.28 15.14 14.22
CA ARG B 89 43.42 14.14 14.84
C ARG B 89 42.63 14.80 15.97
N PRO B 90 41.46 14.25 16.31
CA PRO B 90 40.60 14.93 17.30
C PRO B 90 41.28 15.11 18.65
N GLN B 91 40.99 16.24 19.28
CA GLN B 91 41.60 16.63 20.54
C GLN B 91 40.52 16.93 21.57
N HIS B 92 40.90 16.92 22.84
CA HIS B 92 39.96 17.15 23.92
C HIS B 92 40.62 18.02 24.98
N ARG B 93 39.79 18.71 25.77
CA ARG B 93 40.26 19.49 26.92
C ARG B 93 40.00 18.70 28.19
N ASN B 94 41.07 18.49 28.97
CA ASN B 94 40.98 17.68 30.18
C ASN B 94 40.12 18.38 31.24
N ASN B 99 45.67 19.84 28.61
CA ASN B 99 46.78 20.17 27.72
C ASN B 99 46.63 19.51 26.35
N LYS B 100 45.44 19.61 25.77
CA LYS B 100 45.13 19.09 24.45
C LYS B 100 45.42 17.57 24.39
N ILE B 101 44.64 16.84 25.16
CA ILE B 101 44.71 15.39 25.19
C ILE B 101 43.93 14.83 24.00
N ASN B 102 44.41 13.72 23.44
CA ASN B 102 43.75 13.08 22.33
C ASN B 102 42.34 12.64 22.69
N LEU B 103 41.41 12.80 21.76
CA LEU B 103 40.02 12.40 21.92
C LEU B 103 39.82 11.05 21.25
N LEU B 104 39.67 10.01 22.05
CA LEU B 104 39.45 8.67 21.50
C LEU B 104 37.99 8.51 21.07
N PRO B 105 37.74 7.65 20.06
CA PRO B 105 36.35 7.50 19.58
C PRO B 105 35.38 7.05 20.65
N ASN B 106 35.82 6.16 21.55
CA ASN B 106 34.92 5.69 22.59
C ASN B 106 34.61 6.79 23.60
N LYS B 107 35.60 7.63 23.90
CA LYS B 107 35.34 8.76 24.80
C LYS B 107 34.36 9.74 24.17
N ALA B 108 34.50 10.00 22.87
CA ALA B 108 33.55 10.87 22.19
C ALA B 108 32.15 10.27 22.19
N ARG B 109 32.05 8.96 21.96
CA ARG B 109 30.74 8.32 21.97
C ARG B 109 30.10 8.36 23.34
N LEU B 110 30.88 8.10 24.39
CA LEU B 110 30.31 8.05 25.73
C LEU B 110 29.95 9.43 26.25
N CYS B 111 30.82 10.41 26.04
CA CYS B 111 30.62 11.75 26.59
C CYS B 111 29.74 12.63 25.72
N GLY B 112 29.30 12.15 24.56
CA GLY B 112 28.45 12.95 23.71
C GLY B 112 29.17 14.04 22.95
N LEU B 113 30.45 13.82 22.63
CA LEU B 113 31.24 14.81 21.93
C LEU B 113 31.22 14.54 20.42
N SER B 114 31.85 15.42 19.67
CA SER B 114 32.02 15.24 18.23
C SER B 114 33.45 14.82 17.96
N TYR B 115 33.61 13.76 17.16
CA TYR B 115 34.93 13.24 16.82
C TYR B 115 35.54 14.06 15.68
N SER B 116 35.64 15.36 15.93
CA SER B 116 36.08 16.32 14.93
C SER B 116 37.53 16.71 15.16
N GLY B 117 38.29 16.79 14.07
CA GLY B 117 39.69 17.10 14.14
C GLY B 117 39.99 18.55 13.84
N PRO B 118 40.93 19.13 14.59
CA PRO B 118 41.22 20.56 14.46
C PRO B 118 41.71 20.93 13.06
N VAL B 119 41.25 22.09 12.58
CA VAL B 119 41.67 22.65 11.31
C VAL B 119 42.52 23.88 11.57
N ASN B 120 43.73 23.90 11.02
CA ASN B 120 44.68 24.99 11.25
C ASN B 120 44.90 25.75 9.95
N LEU B 121 44.82 27.07 10.02
CA LEU B 121 44.90 27.92 8.84
C LEU B 121 45.88 29.06 9.08
N ALA B 122 46.58 29.44 8.02
CA ALA B 122 47.46 30.60 8.03
C ALA B 122 47.12 31.47 6.83
N ALA B 123 46.81 32.74 7.08
CA ALA B 123 46.33 33.64 6.05
C ALA B 123 47.17 34.91 6.00
N GLU B 124 47.39 35.41 4.79
CA GLU B 124 48.11 36.65 4.55
C GLU B 124 47.17 37.66 3.90
N VAL B 125 47.16 38.89 4.42
CA VAL B 125 46.29 39.94 3.95
C VAL B 125 47.10 40.93 3.12
N ILE B 126 46.55 41.32 1.97
CA ILE B 126 47.14 42.34 1.11
C ILE B 126 46.10 43.42 0.91
N LEU B 127 46.49 44.68 1.12
CA LEU B 127 45.59 45.81 0.97
C LEU B 127 46.20 46.80 -0.01
N THR B 128 45.40 47.21 -1.00
CA THR B 128 45.87 48.14 -2.02
C THR B 128 44.70 48.71 -2.81
N GLU B 137 49.44 52.05 -2.32
CA GLU B 137 49.93 51.64 -1.01
C GLU B 137 49.66 50.16 -0.77
N VAL B 138 50.57 49.49 -0.07
CA VAL B 138 50.42 48.08 0.24
C VAL B 138 50.78 47.86 1.71
N LYS B 139 50.16 46.82 2.29
CA LYS B 139 50.39 46.43 3.69
C LYS B 139 50.37 44.91 3.74
N ARG B 140 51.54 44.30 3.60
CA ARG B 140 51.65 42.84 3.57
C ARG B 140 51.62 42.32 5.00
N ALA B 141 50.43 41.94 5.47
CA ALA B 141 50.25 41.41 6.81
C ALA B 141 50.05 39.90 6.74
N SER B 142 50.81 39.18 7.56
CA SER B 142 50.76 37.72 7.62
C SER B 142 50.28 37.27 8.98
N ILE B 143 49.28 36.40 9.00
CA ILE B 143 48.68 35.91 10.24
C ILE B 143 49.26 34.53 10.54
N PRO B 144 49.75 34.29 11.76
CA PRO B 144 50.34 32.99 12.07
C PRO B 144 49.30 31.88 12.06
N PRO B 145 49.70 30.63 11.89
CA PRO B 145 48.73 29.54 11.85
C PRO B 145 47.90 29.47 13.12
N PHE B 146 46.62 29.19 12.96
CA PHE B 146 45.69 29.20 14.08
C PHE B 146 44.57 28.22 13.82
N GLN B 147 43.93 27.78 14.90
CA GLN B 147 42.76 26.92 14.81
C GLN B 147 41.58 27.71 14.25
N VAL B 148 41.04 27.27 13.12
CA VAL B 148 39.92 27.96 12.51
C VAL B 148 38.63 27.24 12.88
N SER B 149 38.68 25.92 12.96
CA SER B 149 37.51 25.11 13.28
C SER B 149 37.96 23.66 13.48
N THR B 150 36.97 22.78 13.64
CA THR B 150 37.21 21.35 13.72
C THR B 150 36.40 20.67 12.62
N PHE B 151 37.02 19.68 11.97
CA PHE B 151 36.42 18.94 10.88
C PHE B 151 36.06 17.55 11.34
N PRO B 152 34.83 17.09 11.13
CA PRO B 152 34.47 15.72 11.53
C PRO B 152 35.37 14.70 10.87
N ILE B 153 35.68 13.64 11.60
CA ILE B 153 36.64 12.63 11.17
C ILE B 153 35.93 11.30 10.99
N MET B 154 36.13 10.68 9.84
CA MET B 154 35.68 9.32 9.63
C MET B 154 36.44 8.36 10.54
N ARG B 155 35.75 7.33 11.02
CA ARG B 155 36.42 6.28 11.75
C ARG B 155 37.29 5.46 10.80
N GLY B 156 38.54 5.25 11.19
CA GLY B 156 39.47 4.53 10.34
C GLY B 156 40.18 5.37 9.31
N SER B 157 39.91 6.67 9.25
CA SER B 157 40.60 7.55 8.32
C SER B 157 42.00 7.86 8.85
N ASN B 158 42.81 8.48 7.99
CA ASN B 158 44.20 8.75 8.34
C ASN B 158 44.33 9.75 9.47
N ARG B 159 43.25 10.46 9.81
CA ARG B 159 43.24 11.35 10.96
C ARG B 159 42.45 10.78 12.13
N CYS B 160 42.11 9.49 12.08
CA CYS B 160 41.49 8.82 13.22
C CYS B 160 42.58 8.26 14.11
N HIS B 161 42.32 8.27 15.42
CA HIS B 161 43.29 7.75 16.37
C HIS B 161 43.45 6.24 16.28
N THR B 162 42.56 5.55 15.58
CA THR B 162 42.63 4.11 15.40
C THR B 162 43.06 3.72 14.00
N HIS B 163 43.64 4.64 13.24
CA HIS B 163 43.99 4.37 11.85
C HIS B 163 44.97 3.22 11.74
N HIS B 164 46.18 3.41 12.24
CA HIS B 164 47.21 2.38 12.24
C HIS B 164 47.27 1.79 13.64
N LEU B 165 46.36 0.89 13.94
CA LEU B 165 46.30 0.25 15.25
C LEU B 165 46.03 -1.23 15.07
N SER B 166 46.68 -2.04 15.90
CA SER B 166 46.40 -3.46 15.91
C SER B 166 45.04 -3.73 16.56
N LYS B 167 44.53 -4.94 16.36
CA LYS B 167 43.24 -5.29 16.93
C LYS B 167 43.28 -5.23 18.45
N THR B 168 44.37 -5.72 19.05
CA THR B 168 44.52 -5.63 20.49
C THR B 168 44.59 -4.17 20.94
N ALA B 169 45.33 -3.34 20.20
CA ALA B 169 45.45 -1.93 20.56
C ALA B 169 44.09 -1.23 20.49
N LYS B 170 43.29 -1.57 19.49
CA LYS B 170 41.92 -1.05 19.43
C LYS B 170 41.08 -1.57 20.58
N LYS B 171 41.32 -2.81 21.01
CA LYS B 171 40.55 -3.37 22.12
C LYS B 171 40.86 -2.65 23.44
N GLU B 172 42.12 -2.26 23.65
CA GLU B 172 42.44 -1.56 24.89
C GLU B 172 41.85 -0.16 24.96
N ILE B 173 41.45 0.44 23.84
CA ILE B 173 40.86 1.77 23.84
C ILE B 173 39.34 1.69 23.70
N GLY B 174 38.75 0.53 23.96
CA GLY B 174 37.32 0.38 23.91
C GLY B 174 36.72 0.33 22.52
N GLU B 175 37.52 0.01 21.52
CA GLU B 175 37.07 0.02 20.13
C GLU B 175 36.78 -1.39 19.64
N ASP B 176 35.89 -1.48 18.66
CA ASP B 176 35.64 -2.74 17.98
C ASP B 176 36.80 -3.05 17.06
N PRO B 177 37.51 -4.17 17.26
CA PRO B 177 38.65 -4.47 16.39
C PRO B 177 38.25 -5.00 15.02
N ASN B 178 37.08 -5.62 14.90
CA ASN B 178 36.67 -6.28 13.66
C ASN B 178 35.84 -5.38 12.76
N GLU B 179 35.62 -4.13 13.16
CA GLU B 179 34.85 -3.23 12.32
C GLU B 179 35.79 -2.33 11.52
N PRO B 180 35.39 -1.93 10.31
CA PRO B 180 36.29 -1.16 9.45
C PRO B 180 36.19 0.35 9.61
N GLY B 181 35.20 0.86 10.31
CA GLY B 181 35.01 2.29 10.45
C GLY B 181 34.07 2.80 9.38
N GLY B 182 34.43 3.92 8.76
CA GLY B 182 33.64 4.49 7.70
C GLY B 182 32.53 5.42 8.14
N TYR B 183 32.31 5.58 9.43
CA TYR B 183 31.25 6.41 9.96
C TYR B 183 31.83 7.58 10.72
N PHE B 184 30.94 8.46 11.18
CA PHE B 184 31.32 9.67 11.91
C PHE B 184 30.68 9.66 13.29
N ILE B 185 31.43 10.08 14.29
CA ILE B 185 30.91 10.28 15.63
C ILE B 185 30.65 11.76 15.80
N ALA B 186 29.38 12.13 15.93
CA ALA B 186 28.99 13.52 16.13
C ALA B 186 27.99 13.58 17.27
N ARG B 187 28.38 14.27 18.34
CA ARG B 187 27.55 14.37 19.55
C ARG B 187 27.18 13.00 20.10
N GLY B 188 28.15 12.10 20.14
CA GLY B 188 27.99 10.78 20.72
C GLY B 188 27.44 9.73 19.79
N GLY B 189 26.50 10.09 18.93
CA GLY B 189 25.96 9.15 17.98
C GLY B 189 26.91 8.87 16.85
N GLU B 190 26.70 7.73 16.21
CA GLU B 190 27.43 7.36 15.00
C GLU B 190 26.56 7.66 13.79
N TRP B 191 27.16 8.27 12.78
CA TRP B 191 26.44 8.71 11.60
C TRP B 191 27.14 8.24 10.35
N VAL B 192 26.34 7.90 9.34
CA VAL B 192 26.83 7.48 8.04
C VAL B 192 26.46 8.56 7.03
N VAL B 193 27.47 9.18 6.44
CA VAL B 193 27.24 10.09 5.31
C VAL B 193 27.00 9.24 4.09
N ASP B 194 25.81 9.35 3.51
CA ASP B 194 25.36 8.42 2.49
C ASP B 194 26.13 8.62 1.19
N LEU B 195 26.05 7.59 0.34
CA LEU B 195 26.52 7.70 -1.03
C LEU B 195 25.37 8.23 -1.87
N LEU B 196 25.35 9.53 -2.12
CA LEU B 196 24.24 10.13 -2.84
C LEU B 196 24.35 9.87 -4.33
N GLU B 197 23.21 9.61 -4.96
CA GLU B 197 23.14 9.47 -6.40
C GLU B 197 23.09 10.85 -7.06
N ASN B 198 24.01 11.09 -7.98
CA ASN B 198 24.04 12.34 -8.73
C ASN B 198 24.22 12.02 -10.20
N ILE B 199 23.60 12.84 -11.06
CA ILE B 199 23.81 12.68 -12.49
C ILE B 199 25.25 13.05 -12.82
N ARG B 200 25.75 12.46 -13.90
CA ARG B 200 27.09 12.79 -14.37
C ARG B 200 27.11 14.23 -14.85
N PHE B 201 28.19 14.94 -14.53
CA PHE B 201 28.35 16.30 -14.98
C PHE B 201 29.09 16.35 -16.31
N ASN B 202 29.06 17.52 -16.95
CA ASN B 202 29.64 17.71 -18.27
C ASN B 202 29.02 16.78 -19.31
N THR B 203 27.81 16.32 -19.05
CA THR B 203 27.09 15.47 -19.98
C THR B 203 25.71 16.04 -20.24
N LEU B 204 25.18 15.75 -21.42
CA LEU B 204 23.91 16.30 -21.88
C LEU B 204 22.79 15.32 -21.58
N HIS B 205 21.72 15.83 -20.98
CA HIS B 205 20.58 15.01 -20.58
C HIS B 205 19.38 15.44 -21.41
N ILE B 206 19.20 14.80 -22.56
CA ILE B 206 18.08 15.11 -23.45
C ILE B 206 16.84 14.43 -22.90
N HIS B 207 15.76 15.19 -22.73
CA HIS B 207 14.55 14.69 -22.11
C HIS B 207 13.34 15.04 -22.96
N TYR B 208 12.61 14.02 -23.41
CA TYR B 208 11.32 14.21 -24.06
C TYR B 208 10.23 14.41 -23.04
N HIS B 209 10.46 15.35 -22.10
CA HIS B 209 9.59 15.46 -20.94
C HIS B 209 8.21 15.98 -21.31
N THR B 210 7.20 15.49 -20.60
CA THR B 210 5.82 15.93 -20.81
C THR B 210 5.04 15.93 -19.51
N GLY B 214 3.75 19.15 -24.03
CA GLY B 214 2.43 19.51 -23.55
C GLY B 214 2.37 20.93 -23.03
N ASN B 215 3.50 21.42 -22.52
CA ASN B 215 3.61 22.79 -22.02
C ASN B 215 4.28 23.71 -23.04
N ASN B 216 3.99 23.51 -24.32
CA ASN B 216 4.55 24.21 -25.46
C ASN B 216 6.02 23.90 -25.67
N GLU B 217 6.62 23.05 -24.84
CA GLU B 217 8.00 22.61 -24.99
C GLU B 217 8.01 21.19 -25.53
N ILE B 218 8.71 20.98 -26.63
CA ILE B 218 8.80 19.65 -27.22
C ILE B 218 9.84 18.82 -26.50
N ILE B 219 11.06 19.35 -26.39
CA ILE B 219 12.19 18.63 -25.83
C ILE B 219 13.11 19.62 -25.15
N ARG B 220 13.87 19.13 -24.17
CA ARG B 220 14.84 19.95 -23.46
C ARG B 220 16.16 19.20 -23.39
N GLY B 221 17.24 19.96 -23.31
CA GLY B 221 18.55 19.40 -23.11
C GLY B 221 19.26 20.09 -21.97
N GLU B 222 19.53 19.37 -20.90
CA GLU B 222 20.12 19.93 -19.70
C GLU B 222 21.59 19.55 -19.63
N PHE B 223 22.45 20.54 -19.52
CA PHE B 223 23.89 20.33 -19.42
C PHE B 223 24.38 21.07 -18.19
N ILE B 224 25.03 20.34 -17.29
CA ILE B 224 25.66 20.92 -16.10
C ILE B 224 27.16 20.83 -16.28
N SER B 225 27.83 21.98 -16.20
CA SER B 225 29.24 22.08 -16.52
C SER B 225 30.03 22.39 -15.26
N GLN B 226 31.06 21.59 -15.00
CA GLN B 226 31.92 21.77 -13.85
C GLN B 226 33.32 22.12 -14.30
N PRO B 227 33.89 23.25 -13.86
CA PRO B 227 35.20 23.68 -14.34
C PRO B 227 36.29 22.63 -14.38
N GLY B 228 36.17 21.53 -13.64
CA GLY B 228 37.19 20.50 -13.70
C GLY B 228 37.44 19.73 -12.42
N GLY B 229 36.79 20.16 -11.33
CA GLY B 229 36.84 19.44 -10.08
C GLY B 229 35.48 18.88 -9.70
N ALA B 230 35.37 18.50 -8.44
CA ALA B 230 34.09 18.10 -7.86
C ALA B 230 33.48 19.18 -6.99
N PHE B 231 34.24 20.21 -6.63
CA PHE B 231 33.78 21.26 -5.75
C PHE B 231 33.68 22.61 -6.42
N GLU B 232 34.15 22.73 -7.65
CA GLU B 232 34.05 23.97 -8.39
C GLU B 232 32.58 24.27 -8.71
N ASN B 233 32.27 25.56 -8.83
CA ASN B 233 30.90 25.98 -9.07
C ASN B 233 30.42 25.43 -10.42
N SER B 234 29.21 24.90 -10.42
CA SER B 234 28.62 24.28 -11.60
C SER B 234 27.47 25.14 -12.10
N SER B 235 27.50 25.47 -13.40
CA SER B 235 26.44 26.23 -14.03
C SER B 235 25.73 25.35 -15.04
N GLN B 236 24.42 25.27 -14.92
CA GLN B 236 23.59 24.42 -15.77
C GLN B 236 22.95 25.27 -16.87
N ILE B 237 22.97 24.76 -18.09
CA ILE B 237 22.27 25.38 -19.22
C ILE B 237 21.15 24.44 -19.67
N ILE B 238 20.03 25.02 -20.06
CA ILE B 238 18.89 24.27 -20.57
C ILE B 238 18.61 24.75 -21.98
N ILE B 239 18.60 23.82 -22.93
CA ILE B 239 18.39 24.13 -24.34
C ILE B 239 17.03 23.57 -24.73
N ARG B 240 16.01 24.41 -24.68
CA ARG B 240 14.66 23.99 -24.99
C ARG B 240 14.39 24.07 -26.49
N TYR B 241 13.49 23.20 -26.93
CA TYR B 241 12.94 23.22 -28.29
C TYR B 241 11.43 23.32 -28.15
N MET B 242 10.89 24.49 -28.42
CA MET B 242 9.49 24.77 -28.14
C MET B 242 8.61 24.38 -29.33
N THR B 243 7.31 24.25 -29.05
CA THR B 243 6.35 23.93 -30.11
C THR B 243 6.29 25.03 -31.15
N THR B 244 6.57 26.27 -30.75
CA THR B 244 6.55 27.40 -31.67
C THR B 244 7.71 27.36 -32.66
N GLY B 245 8.70 26.50 -32.45
CA GLY B 245 9.84 26.40 -33.31
C GLY B 245 11.11 27.01 -32.75
N ALA B 246 11.00 27.82 -31.71
CA ALA B 246 12.17 28.50 -31.15
C ALA B 246 13.05 27.53 -30.38
N ILE B 247 14.36 27.60 -30.64
CA ILE B 247 15.36 26.88 -29.87
C ILE B 247 15.96 27.88 -28.90
N THR B 248 15.60 27.77 -27.63
CA THR B 248 15.98 28.73 -26.61
C THR B 248 17.01 28.12 -25.68
N ILE B 249 18.07 28.87 -25.41
CA ILE B 249 19.12 28.44 -24.48
C ILE B 249 18.95 29.24 -23.20
N GLU B 250 18.77 28.55 -22.08
CA GLU B 250 18.62 29.18 -20.78
C GLU B 250 19.80 28.81 -19.91
N ILE B 251 20.37 29.80 -19.24
CA ILE B 251 21.44 29.61 -18.28
C ILE B 251 20.84 29.72 -16.88
N ASN B 252 21.00 28.67 -16.08
CA ASN B 252 20.42 28.60 -14.75
C ASN B 252 21.37 29.10 -13.68
N SER B 253 22.19 30.09 -14.02
CA SER B 253 23.17 30.63 -13.09
C SER B 253 22.46 31.54 -12.08
N THR B 254 23.25 32.30 -11.31
CA THR B 254 22.67 33.17 -10.30
C THR B 254 21.97 34.36 -10.94
N LYS B 255 22.70 35.18 -11.69
CA LYS B 255 22.11 36.37 -12.30
C LYS B 255 21.06 36.00 -13.35
N PHE B 256 21.32 34.96 -14.14
CA PHE B 256 20.47 34.57 -15.25
C PHE B 256 19.58 33.41 -14.82
N SER B 257 18.28 33.55 -15.04
CA SER B 257 17.31 32.51 -14.73
C SER B 257 15.99 32.90 -15.35
N LYS B 258 15.23 31.89 -15.78
CA LYS B 258 13.94 32.05 -16.45
C LYS B 258 14.06 32.87 -17.74
N LEU B 259 15.27 33.18 -18.19
CA LEU B 259 15.51 33.99 -19.37
C LEU B 259 15.97 33.07 -20.49
N ARG B 260 15.11 32.85 -21.47
CA ARG B 260 15.38 31.91 -22.56
C ARG B 260 15.92 32.69 -23.75
N ILE B 261 17.23 32.94 -23.71
CA ILE B 261 17.87 33.62 -24.84
C ILE B 261 17.83 32.73 -26.06
N PRO B 262 17.45 33.23 -27.23
CA PRO B 262 17.53 32.41 -28.44
C PRO B 262 18.96 31.96 -28.69
N TRP B 263 19.10 30.76 -29.26
CA TRP B 263 20.42 30.18 -29.44
C TRP B 263 21.30 31.03 -30.34
N TYR B 264 20.74 31.50 -31.46
CA TYR B 264 21.54 32.28 -32.41
C TYR B 264 22.00 33.59 -31.79
N LEU B 265 21.21 34.17 -30.89
CA LEU B 265 21.63 35.39 -30.21
C LEU B 265 22.86 35.14 -29.35
N ILE B 266 22.86 34.03 -28.61
CA ILE B 266 24.02 33.67 -27.80
C ILE B 266 25.23 33.42 -28.69
N PHE B 267 25.02 32.80 -29.85
CA PHE B 267 26.13 32.62 -30.78
C PHE B 267 26.64 33.96 -31.27
N ARG B 268 25.74 34.92 -31.53
CA ARG B 268 26.13 36.23 -32.03
C ARG B 268 26.93 37.01 -31.00
N MET B 269 26.55 36.92 -29.72
CA MET B 269 27.25 37.68 -28.69
C MET B 269 28.69 37.25 -28.51
N PHE B 270 29.06 36.06 -28.97
CA PHE B 270 30.40 35.52 -28.80
C PHE B 270 31.22 35.62 -30.09
N GLY B 271 30.83 36.50 -31.00
CA GLY B 271 31.49 36.59 -32.29
C GLY B 271 30.74 35.81 -33.35
N MET B 272 31.48 35.48 -34.42
CA MET B 272 30.96 34.69 -35.55
C MET B 272 29.58 35.20 -35.99
N THR B 273 29.55 36.46 -36.44
CA THR B 273 28.29 37.10 -36.78
C THR B 273 27.57 36.43 -37.94
N GLY B 274 28.29 35.71 -38.80
CA GLY B 274 27.67 35.07 -39.95
C GLY B 274 26.61 34.05 -39.57
N ASP B 275 25.36 34.33 -39.94
CA ASP B 275 24.27 33.45 -39.54
C ASP B 275 24.38 32.07 -40.18
N ASP B 276 24.89 32.01 -41.42
CA ASP B 276 25.16 30.71 -42.02
C ASP B 276 26.21 29.95 -41.23
N SER B 277 27.21 30.66 -40.72
CA SER B 277 28.21 30.02 -39.86
C SER B 277 27.57 29.53 -38.56
N ILE B 278 26.61 30.29 -38.03
CA ILE B 278 25.90 29.84 -36.83
C ILE B 278 25.14 28.56 -37.11
N ILE B 279 24.48 28.48 -38.26
CA ILE B 279 23.80 27.23 -38.64
C ILE B 279 24.80 26.10 -38.79
N GLU B 280 25.95 26.40 -39.41
CA GLU B 280 26.98 25.39 -39.61
C GLU B 280 27.51 24.86 -38.28
N GLN B 281 27.52 25.69 -37.24
CA GLN B 281 27.94 25.21 -35.93
C GLN B 281 27.02 24.13 -35.39
N VAL B 282 25.79 24.03 -35.90
CA VAL B 282 24.87 22.98 -35.50
C VAL B 282 24.86 21.82 -36.49
N VAL B 283 24.89 22.11 -37.81
CA VAL B 283 24.80 21.04 -38.80
C VAL B 283 26.15 20.49 -39.22
N PHE B 284 27.25 21.20 -38.92
CA PHE B 284 28.62 20.75 -39.15
C PHE B 284 28.98 20.72 -40.63
N ASP B 285 28.00 20.89 -41.50
CA ASP B 285 28.25 20.92 -42.93
C ASP B 285 27.07 21.61 -43.59
N LEU B 286 27.27 22.84 -44.05
CA LEU B 286 26.15 23.60 -44.59
C LEU B 286 25.73 23.06 -45.95
N GLU B 287 26.69 22.80 -46.82
CA GLU B 287 26.41 22.30 -48.16
C GLU B 287 26.58 20.78 -48.19
N SER B 288 25.68 20.10 -47.48
CA SER B 288 25.67 18.65 -47.40
C SER B 288 24.28 18.14 -47.73
N ASN B 289 24.24 16.98 -48.39
CA ASN B 289 22.99 16.34 -48.76
C ASN B 289 22.45 15.50 -47.61
N SER B 290 21.52 14.60 -47.92
CA SER B 290 20.92 13.65 -46.99
C SER B 290 19.81 14.31 -46.18
N LEU B 291 18.77 13.54 -45.85
CA LEU B 291 17.62 14.08 -45.15
C LEU B 291 17.95 14.55 -43.74
N VAL B 292 19.13 14.19 -43.21
CA VAL B 292 19.50 14.62 -41.86
C VAL B 292 19.72 16.13 -41.84
N ASN B 293 20.65 16.60 -42.66
CA ASN B 293 21.00 18.01 -42.65
C ASN B 293 19.84 18.88 -43.10
N THR B 294 19.03 18.40 -44.05
CA THR B 294 17.90 19.20 -44.51
C THR B 294 16.88 19.43 -43.40
N PHE B 295 16.50 18.37 -42.68
CA PHE B 295 15.57 18.51 -41.57
C PHE B 295 16.16 19.40 -40.48
N MET B 296 17.44 19.20 -40.18
CA MET B 296 18.12 20.01 -39.18
C MET B 296 18.07 21.48 -39.56
N ILE B 297 18.39 21.78 -40.82
CA ILE B 297 18.47 23.16 -41.28
C ILE B 297 17.09 23.79 -41.32
N GLU B 298 16.07 23.03 -41.70
CA GLU B 298 14.71 23.58 -41.70
C GLU B 298 14.28 23.94 -40.29
N ILE B 299 14.58 23.08 -39.31
CA ILE B 299 14.27 23.42 -37.93
C ILE B 299 15.02 24.67 -37.52
N LEU B 300 16.27 24.82 -37.95
CA LEU B 300 17.05 25.99 -37.57
C LEU B 300 16.48 27.26 -38.21
N GLU B 301 16.03 27.18 -39.47
CA GLU B 301 15.30 28.27 -40.09
C GLU B 301 14.12 28.70 -39.22
N LYS B 302 13.28 27.74 -38.85
CA LYS B 302 12.10 28.08 -38.08
C LYS B 302 12.48 28.71 -36.75
N SER B 303 13.54 28.19 -36.11
CA SER B 303 13.97 28.73 -34.83
C SER B 303 14.47 30.17 -34.97
N ILE B 304 15.11 30.49 -36.09
CA ILE B 304 15.58 31.85 -36.30
C ILE B 304 14.41 32.78 -36.61
N HIS B 305 13.47 32.32 -37.43
CA HIS B 305 12.36 33.16 -37.91
C HIS B 305 11.11 33.00 -37.04
N VAL B 306 11.28 33.15 -35.73
CA VAL B 306 10.14 33.18 -34.82
C VAL B 306 10.27 34.39 -33.92
N LEU B 307 9.16 35.08 -33.71
CA LEU B 307 9.14 36.28 -32.89
C LEU B 307 9.29 35.89 -31.43
N ASP B 308 10.45 36.17 -30.85
CA ASP B 308 10.64 35.96 -29.42
C ASP B 308 9.84 37.00 -28.65
N PRO B 309 8.93 36.61 -27.76
CA PRO B 309 8.15 37.61 -27.02
C PRO B 309 8.99 38.52 -26.13
N ILE B 310 10.22 38.16 -25.80
CA ILE B 310 11.04 38.95 -24.90
C ILE B 310 12.36 39.42 -25.50
N PHE B 311 12.72 38.97 -26.71
CA PHE B 311 13.91 39.45 -27.40
C PHE B 311 13.54 40.02 -28.77
N GLN B 312 12.48 40.82 -28.81
CA GLN B 312 12.06 41.43 -30.07
C GLN B 312 13.09 42.39 -30.66
N PRO B 313 13.63 43.38 -29.91
CA PRO B 313 14.51 44.37 -30.55
C PRO B 313 15.75 43.79 -31.21
N VAL B 314 16.39 42.78 -30.62
CA VAL B 314 17.67 42.28 -31.12
C VAL B 314 17.50 41.02 -31.95
N GLN B 315 16.27 40.63 -32.27
CA GLN B 315 16.05 39.36 -32.96
C GLN B 315 16.77 39.35 -34.30
N HIS B 316 16.71 40.44 -35.05
CA HIS B 316 17.41 40.55 -36.33
C HIS B 316 18.66 41.41 -36.24
N GLU B 317 19.04 41.85 -35.04
CA GLU B 317 20.21 42.72 -34.91
C GLU B 317 21.48 41.95 -35.22
N LEU B 318 22.40 42.60 -35.93
CA LEU B 318 23.60 41.94 -36.42
C LEU B 318 24.88 42.37 -35.72
N ASN B 319 24.84 43.40 -34.89
CA ASN B 319 26.02 43.78 -34.12
C ASN B 319 25.93 43.19 -32.72
N ARG B 320 27.10 42.83 -32.17
CA ARG B 320 27.13 42.23 -30.84
C ARG B 320 26.75 43.23 -29.77
N GLU B 321 27.04 44.52 -30.00
CA GLU B 321 26.86 45.53 -28.96
C GLU B 321 25.40 45.62 -28.53
N LYS B 322 24.48 45.73 -29.49
CA LYS B 322 23.08 45.92 -29.13
C LYS B 322 22.55 44.70 -28.39
N ILE B 323 22.91 43.50 -28.84
CA ILE B 323 22.44 42.28 -28.19
C ILE B 323 22.98 42.18 -26.77
N ILE B 324 24.27 42.45 -26.59
CA ILE B 324 24.87 42.35 -25.25
C ILE B 324 24.27 43.39 -24.32
N GLN B 325 24.07 44.61 -24.81
CA GLN B 325 23.44 45.64 -23.99
C GLN B 325 22.00 45.27 -23.63
N PHE B 326 21.24 44.71 -24.59
CA PHE B 326 19.90 44.26 -24.28
C PHE B 326 19.95 43.19 -23.18
N LEU B 327 20.90 42.27 -23.28
CA LEU B 327 21.04 41.23 -22.27
C LEU B 327 21.32 41.83 -20.90
N SER B 328 22.19 42.84 -20.85
CA SER B 328 22.49 43.49 -19.58
C SER B 328 21.27 44.18 -19.00
N GLU B 329 20.46 44.82 -19.85
CA GLU B 329 19.21 45.42 -19.37
C GLU B 329 18.29 44.35 -18.80
N LYS B 330 18.16 43.23 -19.52
CA LYS B 330 17.18 42.23 -19.11
C LYS B 330 17.65 41.44 -17.90
N VAL B 331 18.95 41.44 -17.62
CA VAL B 331 19.48 40.72 -16.48
C VAL B 331 19.99 41.70 -15.41
N LEU B 351 28.29 46.16 -18.48
CA LEU B 351 28.98 47.12 -19.32
C LEU B 351 29.66 46.43 -20.50
N ASN B 352 28.84 45.91 -21.42
CA ASN B 352 29.33 45.19 -22.59
C ASN B 352 30.40 44.19 -22.21
N GLU B 353 31.65 44.66 -22.06
CA GLU B 353 32.74 43.75 -21.70
C GLU B 353 32.52 43.16 -20.32
N ARG B 354 31.75 43.83 -19.46
CA ARG B 354 31.42 43.23 -18.17
C ARG B 354 30.42 42.09 -18.32
N GLN B 355 29.37 42.30 -19.12
CA GLN B 355 28.40 41.24 -19.35
C GLN B 355 29.01 40.08 -20.10
N LEU B 356 29.81 40.37 -21.13
CA LEU B 356 30.39 39.31 -21.94
C LEU B 356 31.45 38.52 -21.17
N THR B 357 32.14 39.15 -20.21
CA THR B 357 33.05 38.44 -19.34
C THR B 357 32.32 37.67 -18.25
N ILE B 358 31.21 38.22 -17.74
CA ILE B 358 30.43 37.49 -16.75
C ILE B 358 29.58 36.40 -17.40
N LEU B 359 29.44 36.42 -18.73
CA LEU B 359 28.72 35.36 -19.42
C LEU B 359 29.57 34.10 -19.52
N ASP B 360 30.87 34.24 -19.78
CA ASP B 360 31.71 33.07 -19.95
C ASP B 360 32.07 32.40 -18.63
N LYS B 361 31.83 33.07 -17.50
CA LYS B 361 32.02 32.41 -16.22
C LYS B 361 30.84 31.53 -15.85
N ILE B 362 29.73 31.65 -16.57
CA ILE B 362 28.54 30.84 -16.32
C ILE B 362 28.13 30.00 -17.52
N LEU B 363 28.75 30.19 -18.68
CA LEU B 363 28.40 29.45 -19.89
C LEU B 363 29.50 28.44 -20.17
N LEU B 364 29.24 27.17 -19.85
CA LEU B 364 30.17 26.08 -20.09
C LEU B 364 31.56 26.36 -19.51
N PRO B 365 31.67 26.49 -18.18
CA PRO B 365 33.00 26.73 -17.58
C PRO B 365 33.99 25.61 -17.84
N HIS B 366 33.53 24.38 -17.99
CA HIS B 366 34.45 23.28 -18.27
C HIS B 366 35.13 23.46 -19.62
N MET B 367 34.53 24.22 -20.53
CA MET B 367 35.19 24.59 -21.77
C MET B 367 36.28 25.62 -21.55
N GLY B 368 36.28 26.31 -20.42
CA GLY B 368 37.22 27.39 -20.15
C GLY B 368 36.46 28.62 -19.72
N GLN B 369 37.15 29.49 -18.97
CA GLN B 369 36.56 30.73 -18.47
C GLN B 369 37.22 31.96 -19.05
N THR B 370 38.13 31.80 -20.00
CA THR B 370 38.89 32.90 -20.55
C THR B 370 38.30 33.35 -21.89
N ALA B 371 38.77 34.51 -22.35
CA ALA B 371 38.29 35.06 -23.62
C ALA B 371 38.69 34.19 -24.80
N ASP B 372 39.82 33.50 -24.69
CA ASP B 372 40.31 32.69 -25.81
C ASP B 372 39.31 31.57 -26.12
N THR B 373 38.80 30.90 -25.08
CA THR B 373 37.88 29.79 -25.27
C THR B 373 36.46 30.33 -25.43
N ARG B 374 36.18 30.80 -26.63
CA ARG B 374 34.82 31.21 -26.97
C ARG B 374 34.33 30.56 -28.25
N VAL B 375 35.19 30.45 -29.27
CA VAL B 375 34.80 29.76 -30.48
C VAL B 375 34.62 28.26 -30.21
N ARG B 376 35.47 27.69 -29.35
CA ARG B 376 35.28 26.30 -28.96
C ARG B 376 34.04 26.13 -28.10
N LYS B 377 33.72 27.13 -27.27
CA LYS B 377 32.47 27.09 -26.53
C LYS B 377 31.27 27.08 -27.46
N LEU B 378 31.33 27.88 -28.52
CA LEU B 378 30.24 27.89 -29.50
C LEU B 378 30.17 26.58 -30.27
N ARG B 379 31.33 25.99 -30.59
CA ARG B 379 31.32 24.69 -31.23
C ARG B 379 30.66 23.64 -30.34
N PHE B 380 30.96 23.66 -29.04
CA PHE B 380 30.35 22.74 -28.10
C PHE B 380 28.84 22.99 -27.98
N LEU B 381 28.43 24.26 -27.95
CA LEU B 381 27.01 24.56 -27.89
C LEU B 381 26.28 24.07 -29.15
N GLY B 382 26.91 24.24 -30.32
CA GLY B 382 26.33 23.72 -31.54
C GLY B 382 26.25 22.21 -31.55
N LEU B 383 27.25 21.55 -30.97
CA LEU B 383 27.21 20.10 -30.84
C LEU B 383 26.06 19.66 -29.94
N LEU B 384 25.83 20.38 -28.84
CA LEU B 384 24.72 20.06 -27.96
C LEU B 384 23.39 20.23 -28.67
N ILE B 385 23.24 21.32 -29.43
CA ILE B 385 21.99 21.54 -30.16
C ILE B 385 21.81 20.46 -31.23
N HIS B 386 22.91 20.05 -31.86
CA HIS B 386 22.84 18.98 -32.84
C HIS B 386 22.37 17.68 -32.21
N LYS B 387 22.88 17.36 -31.02
CA LYS B 387 22.45 16.15 -30.34
C LYS B 387 20.97 16.19 -29.98
N ILE B 388 20.51 17.34 -29.48
CA ILE B 388 19.10 17.46 -29.12
C ILE B 388 18.22 17.30 -30.36
N LEU B 389 18.59 17.96 -31.46
CA LEU B 389 17.79 17.84 -32.67
C LEU B 389 17.88 16.45 -33.28
N LEU B 390 18.99 15.74 -33.08
CA LEU B 390 19.06 14.35 -33.48
C LEU B 390 18.05 13.52 -32.71
N VAL B 391 17.97 13.74 -31.39
CA VAL B 391 16.94 13.05 -30.61
C VAL B 391 15.56 13.41 -31.11
N ILE B 392 15.38 14.63 -31.62
CA ILE B 392 14.09 15.03 -32.20
C ILE B 392 13.75 14.15 -33.42
N MET B 393 14.75 13.83 -34.24
CA MET B 393 14.52 12.92 -35.36
C MET B 393 14.06 11.53 -34.96
N ASN B 394 14.13 11.17 -33.68
CA ASN B 394 13.88 9.82 -33.18
C ASN B 394 14.94 8.83 -33.65
N VAL B 395 16.05 9.32 -34.19
CA VAL B 395 17.18 8.43 -34.46
C VAL B 395 17.83 8.00 -33.15
N PHE B 396 17.92 8.92 -32.20
CA PHE B 396 18.46 8.60 -30.90
C PHE B 396 17.36 8.68 -29.84
N PRO B 397 17.41 7.83 -28.83
CA PRO B 397 16.41 7.90 -27.77
C PRO B 397 16.78 8.99 -26.79
N PRO B 398 15.84 9.41 -25.94
CA PRO B 398 16.17 10.37 -24.88
C PRO B 398 17.17 9.76 -23.90
N THR B 399 17.57 10.59 -22.94
CA THR B 399 18.50 10.12 -21.93
C THR B 399 17.79 9.19 -20.95
N ASP B 400 18.36 8.00 -20.78
CA ASP B 400 17.85 7.06 -19.78
C ASP B 400 18.10 7.62 -18.40
N ARG B 401 17.04 8.06 -17.72
CA ARG B 401 17.21 8.68 -16.42
C ARG B 401 17.63 7.69 -15.35
N ASP B 402 17.47 6.40 -15.59
CA ASP B 402 17.81 5.38 -14.60
C ASP B 402 19.13 4.69 -14.86
N SER B 403 19.67 4.79 -16.07
CA SER B 403 20.93 4.15 -16.39
C SER B 403 22.05 4.70 -15.53
N TYR B 404 22.96 3.83 -15.13
CA TYR B 404 24.14 4.23 -14.38
C TYR B 404 25.28 4.63 -15.28
N ARG B 405 25.06 4.64 -16.60
CA ARG B 405 26.04 5.20 -17.52
C ARG B 405 26.33 6.66 -17.17
N THR B 406 25.29 7.42 -16.88
CA THR B 406 25.39 8.86 -16.63
C THR B 406 25.05 9.20 -15.19
N LYS B 407 25.52 8.38 -14.25
CA LYS B 407 25.25 8.58 -12.84
C LYS B 407 26.57 8.53 -12.07
N ARG B 408 26.59 9.21 -10.94
CA ARG B 408 27.77 9.25 -10.07
C ARG B 408 27.33 9.13 -8.62
N VAL B 409 28.13 8.45 -7.82
CA VAL B 409 27.86 8.28 -6.40
C VAL B 409 28.85 9.15 -5.63
N HIS B 410 28.33 10.17 -4.96
CA HIS B 410 29.14 11.07 -4.16
C HIS B 410 28.86 10.81 -2.70
N GLY B 411 29.91 10.54 -1.93
CA GLY B 411 29.75 10.29 -0.52
C GLY B 411 30.88 10.81 0.33
N SER B 412 30.55 11.49 1.43
CA SER B 412 31.51 11.92 2.43
C SER B 412 32.52 12.90 1.86
N GLY B 413 33.41 12.44 1.01
CA GLY B 413 34.40 13.32 0.40
C GLY B 413 33.77 14.52 -0.28
N VAL B 414 33.02 14.28 -1.35
CA VAL B 414 32.38 15.37 -2.08
C VAL B 414 31.36 16.08 -1.21
N SER B 415 30.55 15.31 -0.48
CA SER B 415 29.46 15.91 0.29
C SER B 415 29.99 16.80 1.40
N LEU B 416 30.89 16.29 2.23
CA LEU B 416 31.45 17.10 3.30
C LEU B 416 32.30 18.23 2.77
N ALA B 417 32.99 18.02 1.65
CA ALA B 417 33.77 19.10 1.06
C ALA B 417 32.88 20.26 0.63
N LYS B 418 31.76 19.96 -0.03
CA LYS B 418 30.84 21.01 -0.44
C LYS B 418 30.22 21.70 0.76
N ALA B 419 29.84 20.92 1.78
CA ALA B 419 29.29 21.53 3.00
C ALA B 419 30.32 22.44 3.66
N PHE B 420 31.57 22.00 3.73
CA PHE B 420 32.63 22.82 4.31
C PHE B 420 32.84 24.09 3.51
N LYS B 421 32.84 24.00 2.18
CA LYS B 421 32.99 25.18 1.35
C LYS B 421 31.88 26.19 1.63
N ALA B 422 30.63 25.70 1.63
CA ALA B 422 29.49 26.61 1.85
C ALA B 422 29.54 27.24 3.24
N ILE B 423 29.86 26.45 4.26
CA ILE B 423 29.89 26.98 5.62
C ILE B 423 31.06 27.93 5.81
N PHE B 424 32.20 27.63 5.20
CA PHE B 424 33.38 28.47 5.33
C PHE B 424 33.14 29.83 4.69
N ASN B 425 32.57 29.84 3.48
CA ASN B 425 32.34 31.10 2.79
C ASN B 425 31.44 32.03 3.59
N THR B 426 30.62 31.48 4.49
CA THR B 426 29.68 32.26 5.29
C THR B 426 30.22 32.57 6.68
N SER B 427 31.05 31.71 7.25
CA SER B 427 31.47 31.82 8.63
C SER B 427 32.91 32.27 8.81
N VAL B 428 33.68 32.42 7.74
CA VAL B 428 35.05 32.91 7.88
C VAL B 428 35.26 34.11 6.97
N ILE B 429 35.00 33.92 5.67
CA ILE B 429 35.27 34.97 4.70
C ILE B 429 34.38 36.18 4.94
N ALA B 430 33.10 35.95 5.23
CA ALA B 430 32.18 37.08 5.35
C ALA B 430 32.31 37.80 6.70
N PRO B 431 32.31 37.11 7.85
CA PRO B 431 32.74 37.78 9.08
C PRO B 431 34.00 38.61 8.94
N ILE B 432 35.05 38.06 8.33
CA ILE B 432 36.31 38.79 8.27
C ILE B 432 36.22 39.93 7.27
N ILE B 433 35.41 39.79 6.23
CA ILE B 433 35.16 40.91 5.33
C ILE B 433 34.49 42.05 6.08
N ASN B 434 33.46 41.74 6.87
CA ASN B 434 32.78 42.76 7.66
C ASN B 434 33.75 43.41 8.64
N GLY B 435 34.61 42.60 9.27
CA GLY B 435 35.60 43.17 10.18
C GLY B 435 36.56 44.12 9.50
N PHE B 436 37.02 43.76 8.30
CA PHE B 436 37.92 44.64 7.57
C PHE B 436 37.22 45.90 7.10
N LYS B 437 35.95 45.80 6.69
CA LYS B 437 35.21 46.99 6.32
C LYS B 437 35.07 47.93 7.52
N GLU B 438 34.74 47.38 8.69
CA GLU B 438 34.63 48.20 9.89
C GLU B 438 35.97 48.85 10.24
N LEU B 439 37.05 48.07 10.16
CA LEU B 439 38.36 48.61 10.49
C LEU B 439 38.78 49.72 9.53
N LEU B 440 38.53 49.54 8.23
CA LEU B 440 38.89 50.56 7.27
C LEU B 440 37.93 51.74 7.25
N LYS B 441 36.75 51.59 7.83
CA LYS B 441 35.82 52.71 7.92
C LYS B 441 36.11 53.55 9.16
N GLN B 442 36.04 52.94 10.34
CA GLN B 442 36.27 53.69 11.57
C GLN B 442 37.74 53.64 11.99
N THR B 443 38.63 53.89 11.03
CA THR B 443 40.07 54.07 11.22
C THR B 443 40.64 54.45 9.86
N ALA B 444 41.66 55.31 9.88
CA ALA B 444 42.28 55.76 8.65
C ALA B 444 43.18 54.68 8.07
N PHE B 445 43.86 55.02 6.98
CA PHE B 445 44.80 54.14 6.32
C PHE B 445 46.19 54.78 6.31
N GLU B 446 47.19 53.98 5.94
CA GLU B 446 48.58 54.40 5.81
C GLU B 446 49.20 54.75 7.15
N GLU B 447 48.42 54.69 8.23
CA GLU B 447 48.92 54.93 9.57
C GLU B 447 48.80 53.73 10.48
N LEU B 448 47.86 52.82 10.23
CA LEU B 448 47.76 51.61 11.04
C LEU B 448 48.94 50.69 10.77
N THR B 449 49.39 50.01 11.82
CA THR B 449 50.56 49.15 11.72
C THR B 449 50.18 47.82 11.10
N GLN B 450 51.18 46.94 10.96
CA GLN B 450 50.91 45.59 10.49
C GLN B 450 50.02 44.84 11.49
N ARG B 451 50.26 45.04 12.79
CA ARG B 451 49.48 44.37 13.81
C ARG B 451 48.02 44.84 13.84
N ASN B 452 47.74 46.06 13.37
CA ASN B 452 46.35 46.50 13.32
C ASN B 452 45.54 45.63 12.37
N ILE B 453 46.11 45.30 11.21
CA ILE B 453 45.45 44.38 10.30
C ILE B 453 45.29 43.02 10.94
N ILE B 454 46.32 42.55 11.64
CA ILE B 454 46.25 41.24 12.30
C ILE B 454 45.19 41.26 13.39
N GLU B 455 45.06 42.38 14.10
CA GLU B 455 44.04 42.48 15.14
C GLU B 455 42.64 42.50 14.53
N ALA B 456 42.45 43.19 13.41
CA ALA B 456 41.16 43.15 12.73
C ALA B 456 40.86 41.74 12.22
N PHE B 457 41.90 41.05 11.75
CA PHE B 457 41.74 39.67 11.28
C PHE B 457 41.27 38.77 12.40
N SER B 458 41.97 38.80 13.54
CA SER B 458 41.63 37.90 14.64
C SER B 458 40.36 38.34 15.34
N ALA B 459 39.97 39.60 15.20
CA ALA B 459 38.76 40.09 15.86
C ALA B 459 37.52 39.37 15.34
N ALA B 460 37.45 39.15 14.03
CA ALA B 460 36.31 38.48 13.43
C ALA B 460 36.40 36.97 13.47
N LEU B 461 37.56 36.41 13.82
CA LEU B 461 37.75 34.97 13.85
C LEU B 461 37.99 34.40 15.24
N SER B 462 38.51 35.18 16.18
CA SER B 462 38.59 34.75 17.56
C SER B 462 37.37 35.14 18.38
N LYS B 463 36.38 35.75 17.74
CA LYS B 463 35.12 36.11 18.40
C LYS B 463 33.96 35.72 17.49
N ASN B 464 33.02 34.96 18.06
CA ASN B 464 31.81 34.49 17.35
C ASN B 464 32.15 33.54 16.21
N THR B 465 33.35 32.97 16.21
CA THR B 465 33.82 32.09 15.14
C THR B 465 34.49 30.88 15.78
N ALA B 466 34.52 29.77 15.02
CA ALA B 466 34.99 28.45 15.42
C ALA B 466 34.06 27.77 16.39
N SER B 467 32.99 28.44 16.84
CA SER B 467 31.95 27.81 17.63
C SER B 467 30.64 27.68 16.88
N ASP B 468 30.54 28.28 15.70
CA ASP B 468 29.36 28.16 14.84
C ASP B 468 29.64 27.41 13.54
N LEU B 469 30.82 27.63 12.94
CA LEU B 469 31.19 26.84 11.78
C LEU B 469 31.36 25.37 12.14
N ASN B 470 32.05 25.11 13.27
CA ASN B 470 32.12 23.76 13.80
C ASN B 470 30.72 23.25 14.12
N ARG B 471 29.90 24.10 14.75
CA ARG B 471 28.51 23.73 15.02
C ARG B 471 27.77 23.48 13.71
N SER B 472 28.00 24.31 12.70
CA SER B 472 27.29 24.12 11.43
C SER B 472 27.68 22.81 10.76
N MET B 473 28.95 22.44 10.82
CA MET B 473 29.36 21.19 10.20
C MET B 473 28.83 19.99 10.99
N GLU B 474 28.80 20.10 12.32
CA GLU B 474 28.18 19.06 13.14
C GLU B 474 26.70 18.92 12.79
N GLN B 475 26.00 20.04 12.58
CA GLN B 475 24.60 19.97 12.17
C GLN B 475 24.44 19.39 10.78
N SER B 476 25.38 19.65 9.88
CA SER B 476 25.32 19.04 8.57
C SER B 476 25.50 17.53 8.66
N ILE B 477 26.31 17.07 9.60
CA ILE B 477 26.49 15.63 9.80
C ILE B 477 25.24 15.03 10.43
N ILE B 478 24.88 15.47 11.64
CA ILE B 478 23.72 14.96 12.35
C ILE B 478 22.45 15.44 11.66
N SER B 479 21.31 14.92 12.08
CA SER B 479 20.01 15.34 11.54
C SER B 479 19.93 15.09 10.04
N GLY B 480 19.79 16.15 9.26
CA GLY B 480 19.62 16.01 7.83
C GLY B 480 18.50 16.86 7.28
N ASN B 481 17.98 17.78 8.10
CA ASN B 481 16.98 18.71 7.60
C ASN B 481 17.58 19.60 6.54
N LYS B 482 16.74 20.06 5.62
CA LYS B 482 17.24 20.67 4.39
C LYS B 482 18.03 21.94 4.66
N THR B 483 17.57 22.78 5.58
CA THR B 483 18.19 24.08 5.82
C THR B 483 18.63 24.20 7.28
N ILE B 484 19.82 24.76 7.48
CA ILE B 484 20.36 25.00 8.80
C ILE B 484 20.73 26.47 8.92
N MET B 485 20.71 26.98 10.14
CA MET B 485 20.97 28.38 10.42
C MET B 485 22.48 28.58 10.51
N VAL B 486 22.99 29.54 9.75
CA VAL B 486 24.40 29.91 9.79
C VAL B 486 24.46 31.44 9.82
N ARG B 487 24.59 32.02 11.01
CA ARG B 487 24.73 33.47 11.18
C ARG B 487 23.58 34.23 10.53
N GLN B 488 22.39 34.02 11.08
CA GLN B 488 21.16 34.74 10.73
C GLN B 488 20.75 34.56 9.27
N ARG B 489 21.40 33.63 8.54
CA ARG B 489 21.00 33.33 7.18
C ARG B 489 21.01 31.82 7.02
N PRO B 490 19.97 31.24 6.45
CA PRO B 490 19.95 29.79 6.23
C PRO B 490 20.53 29.41 4.89
N ILE B 491 21.22 28.26 4.90
CA ILE B 491 21.74 27.65 3.68
C ILE B 491 21.29 26.20 3.64
N VAL B 492 21.19 25.66 2.43
CA VAL B 492 20.70 24.30 2.27
C VAL B 492 21.75 23.32 2.75
N ASN B 493 21.31 22.27 3.44
CA ASN B 493 22.19 21.22 3.92
C ASN B 493 22.32 20.20 2.78
N ARG B 494 23.47 20.21 2.11
CA ARG B 494 23.68 19.41 0.92
C ARG B 494 24.20 18.01 1.22
N VAL B 495 24.44 17.67 2.49
CA VAL B 495 24.96 16.38 2.89
C VAL B 495 23.84 15.59 3.55
N SER B 496 23.59 14.38 3.06
CA SER B 496 22.57 13.50 3.59
C SER B 496 23.23 12.42 4.43
N THR B 497 22.79 12.28 5.68
CA THR B 497 23.35 11.29 6.59
C THR B 497 22.23 10.50 7.24
N GLN B 498 22.55 9.25 7.59
CA GLN B 498 21.66 8.40 8.36
C GLN B 498 22.40 7.88 9.57
N SER B 499 21.66 7.66 10.66
CA SER B 499 22.26 7.11 11.86
C SER B 499 22.78 5.71 11.59
N LEU B 500 23.95 5.41 12.14
CA LEU B 500 24.52 4.07 12.02
C LEU B 500 23.77 3.17 12.99
N GLU B 501 22.76 2.48 12.48
CA GLU B 501 21.97 1.57 13.29
C GLU B 501 22.69 0.24 13.35
N ARG B 502 23.17 -0.13 14.53
CA ARG B 502 24.01 -1.32 14.68
C ARG B 502 23.15 -2.54 15.01
N LYS B 503 22.26 -2.87 14.07
CA LYS B 503 21.45 -4.07 14.23
C LYS B 503 22.31 -5.32 14.23
N ASN B 504 23.28 -5.38 13.32
CA ASN B 504 24.35 -6.36 13.36
C ASN B 504 25.46 -5.86 12.44
N LEU B 505 26.54 -6.63 12.35
CA LEU B 505 27.66 -6.20 11.52
C LEU B 505 27.26 -6.11 10.05
N LEU B 506 26.45 -7.05 9.58
CA LEU B 506 25.99 -7.00 8.19
C LEU B 506 25.17 -5.75 7.92
N ASN B 507 24.30 -5.37 8.85
CA ASN B 507 23.54 -4.14 8.68
C ASN B 507 24.45 -2.92 8.65
N THR B 508 25.48 -2.91 9.49
CA THR B 508 26.41 -1.78 9.50
C THR B 508 27.14 -1.67 8.17
N ILE B 509 27.66 -2.78 7.67
CA ILE B 509 28.38 -2.76 6.40
C ILE B 509 27.45 -2.35 5.26
N SER B 510 26.23 -2.90 5.25
CA SER B 510 25.29 -2.56 4.18
C SER B 510 24.89 -1.09 4.24
N ALA B 511 24.70 -0.55 5.45
CA ALA B 511 24.40 0.86 5.59
C ALA B 511 25.54 1.71 5.06
N LEU B 512 26.77 1.27 5.27
CA LEU B 512 27.91 1.98 4.70
C LEU B 512 28.12 1.66 3.22
N ARG B 513 27.36 0.74 2.65
CA ARG B 513 27.45 0.41 1.24
C ARG B 513 26.20 0.80 0.46
N THR B 514 25.26 1.50 1.11
CA THR B 514 23.99 1.85 0.48
C THR B 514 24.16 3.12 -0.34
N VAL B 515 23.65 3.09 -1.57
CA VAL B 515 23.62 4.25 -2.44
C VAL B 515 22.23 4.85 -2.37
N ASN B 516 22.15 6.09 -1.88
CA ASN B 516 20.88 6.77 -1.70
C ASN B 516 20.63 7.75 -2.83
N THR B 517 19.37 7.84 -3.26
CA THR B 517 19.01 8.68 -4.39
C THR B 517 18.13 9.83 -3.92
N HIS B 518 18.50 10.45 -2.81
CA HIS B 518 17.64 11.46 -2.19
C HIS B 518 17.41 12.63 -3.14
N ASN B 519 16.15 12.98 -3.33
CA ASN B 519 15.76 13.98 -4.31
C ASN B 519 15.77 15.38 -3.72
N SER B 524 6.11 12.17 -6.66
CA SER B 524 4.87 11.43 -6.77
C SER B 524 5.08 9.94 -6.55
N LYS B 525 4.02 9.16 -6.69
CA LYS B 525 4.10 7.71 -6.57
C LYS B 525 3.32 6.96 -7.64
N GLN B 526 2.54 7.64 -8.48
CA GLN B 526 1.72 6.98 -9.49
C GLN B 526 2.10 7.40 -10.90
N THR B 527 3.31 7.91 -11.09
CA THR B 527 3.80 8.25 -12.41
C THR B 527 4.58 7.08 -13.00
N GLU B 528 4.95 7.22 -14.27
CA GLU B 528 5.82 6.23 -14.90
C GLU B 528 7.23 6.32 -14.34
N ARG B 529 7.67 7.53 -13.99
CA ARG B 529 8.99 7.70 -13.41
C ARG B 529 9.10 6.98 -12.07
N ALA B 530 8.05 7.07 -11.25
CA ALA B 530 8.09 6.44 -9.93
C ALA B 530 8.26 4.94 -10.04
N ASP B 531 7.59 4.31 -11.02
CA ASP B 531 7.75 2.88 -11.23
C ASP B 531 9.13 2.57 -11.81
N MET B 532 9.57 3.34 -12.81
CA MET B 532 10.77 2.99 -13.55
C MET B 532 12.04 3.17 -12.71
N MET B 533 12.06 4.14 -11.80
CA MET B 533 13.27 4.40 -11.04
C MET B 533 13.41 3.49 -9.84
N ARG B 534 12.42 2.64 -9.56
CA ARG B 534 12.55 1.60 -8.55
C ARG B 534 12.87 0.24 -9.15
N ARG B 535 12.99 0.15 -10.48
CA ARG B 535 13.20 -1.11 -11.14
C ARG B 535 14.67 -1.52 -11.08
N VAL B 536 14.92 -2.79 -11.34
CA VAL B 536 16.27 -3.29 -11.57
C VAL B 536 16.65 -2.90 -12.98
N HIS B 537 17.48 -1.86 -13.10
CA HIS B 537 17.91 -1.43 -14.42
C HIS B 537 18.93 -2.39 -15.00
N ALA B 538 19.02 -2.39 -16.33
CA ALA B 538 19.93 -3.28 -17.01
C ALA B 538 21.40 -2.90 -16.84
N SER B 539 21.67 -1.68 -16.36
CA SER B 539 23.03 -1.26 -16.07
C SER B 539 23.48 -1.65 -14.67
N TYR B 540 22.57 -2.15 -13.84
CA TYR B 540 22.92 -2.53 -12.47
C TYR B 540 23.90 -3.69 -12.39
N PRO B 541 23.73 -4.82 -13.13
CA PRO B 541 24.56 -6.01 -12.87
C PRO B 541 26.05 -5.76 -12.69
N GLY B 542 26.55 -6.16 -11.52
CA GLY B 542 27.95 -6.02 -11.18
C GLY B 542 28.27 -4.77 -10.39
N TYR B 543 27.39 -3.78 -10.41
CA TYR B 543 27.61 -2.51 -9.72
C TYR B 543 26.59 -2.28 -8.61
N ILE B 544 25.31 -2.52 -8.89
CA ILE B 544 24.25 -2.41 -7.91
C ILE B 544 23.67 -3.80 -7.71
N CYS B 545 23.52 -4.21 -6.46
CA CYS B 545 22.94 -5.51 -6.16
C CYS B 545 21.54 -5.61 -6.75
N VAL B 546 21.32 -6.61 -7.59
CA VAL B 546 20.02 -6.75 -8.25
C VAL B 546 18.96 -7.30 -7.32
N ALA B 547 19.33 -7.71 -6.11
CA ALA B 547 18.38 -8.27 -5.17
C ALA B 547 18.07 -7.34 -4.00
N GLN B 548 19.08 -6.69 -3.43
CA GLN B 548 18.88 -5.93 -2.20
C GLN B 548 17.99 -4.72 -2.46
N SER B 549 16.85 -4.69 -1.77
CA SER B 549 15.91 -3.59 -1.83
C SER B 549 14.91 -3.80 -0.71
N ALA B 550 14.11 -2.77 -0.44
CA ALA B 550 12.99 -2.94 0.46
C ALA B 550 11.93 -3.83 -0.17
N ASP B 551 11.33 -4.69 0.64
CA ASP B 551 10.30 -5.59 0.14
C ASP B 551 8.90 -5.03 0.29
N THR B 552 8.74 -3.89 0.96
CA THR B 552 7.44 -3.28 1.18
C THR B 552 7.59 -1.77 1.19
N GLY B 553 6.48 -1.08 0.96
CA GLY B 553 6.43 0.35 1.10
C GLY B 553 6.96 1.10 -0.09
N GLU B 554 7.02 2.42 0.06
CA GLU B 554 7.53 3.29 -0.99
C GLU B 554 9.03 3.15 -1.19
N LYS B 555 9.75 2.57 -0.24
CA LYS B 555 11.18 2.43 -0.32
C LYS B 555 11.62 1.25 -1.16
N VAL B 556 10.69 0.55 -1.80
CA VAL B 556 11.06 -0.53 -2.71
C VAL B 556 11.89 0.05 -3.84
N GLY B 557 13.09 -0.50 -4.02
CA GLY B 557 13.95 -0.05 -5.10
C GLY B 557 14.51 1.33 -4.94
N MET B 558 14.34 1.96 -3.79
CA MET B 558 14.78 3.33 -3.55
C MET B 558 16.24 3.39 -3.09
N SER B 559 16.60 2.61 -2.09
CA SER B 559 17.97 2.57 -1.59
C SER B 559 18.70 1.41 -2.24
N LYS B 560 19.65 1.72 -3.11
CA LYS B 560 20.42 0.70 -3.79
C LYS B 560 21.60 0.28 -2.93
N GLN B 561 22.18 -0.86 -3.30
CA GLN B 561 23.32 -1.40 -2.59
C GLN B 561 24.42 -1.73 -3.59
N LEU B 562 25.65 -1.40 -3.24
CA LEU B 562 26.78 -1.77 -4.08
C LEU B 562 26.88 -3.28 -4.18
N ALA B 563 27.22 -3.76 -5.38
CA ALA B 563 27.50 -5.18 -5.53
C ALA B 563 28.79 -5.52 -4.82
N ILE B 564 29.07 -6.83 -4.72
CA ILE B 564 30.13 -7.30 -3.83
C ILE B 564 31.50 -6.81 -4.29
N THR B 565 31.73 -6.76 -5.60
CA THR B 565 33.01 -6.29 -6.13
C THR B 565 32.98 -4.84 -6.56
N ALA B 566 31.82 -4.19 -6.51
CA ALA B 566 31.71 -2.82 -6.98
C ALA B 566 32.46 -1.87 -6.08
N ASN B 567 33.12 -0.89 -6.69
CA ASN B 567 33.88 0.12 -5.98
C ASN B 567 33.47 1.49 -6.50
N VAL B 568 33.86 2.53 -5.78
CA VAL B 568 33.62 3.90 -6.18
C VAL B 568 34.95 4.56 -6.50
N CYS B 569 35.07 5.12 -7.69
CA CYS B 569 36.31 5.72 -8.14
C CYS B 569 36.54 7.07 -7.50
N THR B 570 37.80 7.36 -7.21
CA THR B 570 38.22 8.71 -6.83
C THR B 570 38.64 9.47 -8.08
N ALA B 571 38.75 10.79 -7.93
CA ALA B 571 39.15 11.63 -9.05
C ALA B 571 40.57 11.30 -9.48
N GLY B 572 40.77 11.08 -10.77
CA GLY B 572 42.07 10.75 -11.32
C GLY B 572 42.81 11.97 -11.85
N GLU B 573 44.01 11.70 -12.35
CA GLU B 573 44.86 12.75 -12.92
C GLU B 573 44.31 13.08 -14.31
N VAL B 574 43.28 13.94 -14.34
CA VAL B 574 42.70 14.34 -15.60
C VAL B 574 43.67 15.19 -16.40
N LEU B 575 44.48 16.01 -15.72
CA LEU B 575 45.40 16.89 -16.43
C LEU B 575 46.50 16.11 -17.13
N SER B 576 47.03 15.05 -16.50
CA SER B 576 48.07 14.26 -17.13
C SER B 576 47.54 13.56 -18.38
N LEU B 577 46.34 12.98 -18.30
CA LEU B 577 45.77 12.31 -19.46
C LEU B 577 45.43 13.32 -20.55
N LYS B 578 44.98 14.53 -20.16
CA LYS B 578 44.72 15.57 -21.13
C LYS B 578 45.99 15.97 -21.86
N GLN B 579 47.09 16.11 -21.13
CA GLN B 579 48.37 16.43 -21.75
C GLN B 579 48.81 15.31 -22.69
N ARG B 580 48.62 14.06 -22.27
CA ARG B 580 49.01 12.92 -23.12
C ARG B 580 48.18 12.88 -24.39
N LEU B 581 46.88 13.16 -24.28
CA LEU B 581 46.01 13.16 -25.45
C LEU B 581 46.35 14.30 -26.40
N LEU B 582 46.61 15.50 -25.86
CA LEU B 582 46.90 16.63 -26.71
C LEU B 582 48.29 16.56 -27.32
N SER B 583 49.17 15.74 -26.77
CA SER B 583 50.47 15.48 -27.38
C SER B 583 50.47 14.22 -28.23
N ASP B 584 49.33 13.58 -28.39
CA ASP B 584 49.22 12.40 -29.25
C ASP B 584 49.19 12.82 -30.70
N PRO B 585 50.05 12.26 -31.55
CA PRO B 585 50.00 12.62 -32.98
C PRO B 585 48.72 12.18 -33.66
N ALA B 586 47.98 11.23 -33.08
CA ALA B 586 46.75 10.73 -33.69
C ALA B 586 45.55 11.63 -33.46
N ILE B 587 45.62 12.56 -32.53
CA ILE B 587 44.50 13.44 -32.18
C ILE B 587 44.77 14.81 -32.78
N GLN B 588 43.82 15.28 -33.59
CA GLN B 588 43.90 16.61 -34.16
C GLN B 588 43.27 17.61 -33.21
N GLN B 589 43.94 18.75 -33.03
CA GLN B 589 43.48 19.74 -32.08
C GLN B 589 42.19 20.39 -32.55
N LEU B 590 41.47 21.01 -31.60
CA LEU B 590 40.19 21.63 -31.91
C LEU B 590 40.35 22.81 -32.86
N ALA B 591 41.45 23.55 -32.75
CA ALA B 591 41.64 24.76 -33.55
C ALA B 591 42.18 24.46 -34.94
N ASP B 592 42.47 23.21 -35.26
CA ASP B 592 43.01 22.85 -36.56
C ASP B 592 41.97 22.22 -37.48
N VAL B 593 41.00 21.51 -36.95
CA VAL B 593 39.96 20.85 -37.74
C VAL B 593 38.66 21.60 -37.54
N SER B 594 37.98 21.89 -38.64
CA SER B 594 36.71 22.60 -38.60
C SER B 594 35.56 21.61 -38.58
N ASN B 595 34.35 22.13 -38.36
CA ASN B 595 33.16 21.27 -38.36
C ASN B 595 32.99 20.58 -39.69
N LYS B 596 33.39 21.23 -40.79
CA LYS B 596 33.32 20.61 -42.10
C LYS B 596 34.24 19.40 -42.20
N ASP B 597 35.46 19.51 -41.66
CA ASP B 597 36.39 18.39 -41.74
C ASP B 597 35.95 17.21 -40.88
N ILE B 598 35.17 17.47 -39.82
CA ILE B 598 34.74 16.39 -38.95
C ILE B 598 33.80 15.45 -39.68
N VAL B 599 32.96 15.99 -40.56
CA VAL B 599 31.95 15.18 -41.25
C VAL B 599 32.45 14.74 -42.62
N ARG B 600 33.31 15.56 -43.25
CA ARG B 600 33.84 15.17 -44.54
C ARG B 600 34.87 14.04 -44.41
N LYS B 601 35.77 14.15 -43.44
CA LYS B 601 36.77 13.12 -43.21
C LYS B 601 36.34 12.09 -42.18
N GLY B 602 35.12 12.20 -41.65
CA GLY B 602 34.65 11.26 -40.66
C GLY B 602 35.45 11.28 -39.37
N LEU B 603 35.85 12.46 -38.93
CA LEU B 603 36.61 12.59 -37.69
C LEU B 603 35.74 12.28 -36.48
N ALA B 604 36.37 11.79 -35.43
CA ALA B 604 35.68 11.38 -34.22
C ALA B 604 36.07 12.31 -33.08
N ARG B 605 35.09 12.93 -32.45
CA ARG B 605 35.37 13.85 -31.36
C ARG B 605 35.84 13.09 -30.11
N VAL B 606 36.88 13.62 -29.48
CA VAL B 606 37.46 13.02 -28.29
C VAL B 606 37.17 13.91 -27.11
N PHE B 607 36.57 13.34 -26.07
CA PHE B 607 36.20 14.07 -24.87
C PHE B 607 36.99 13.51 -23.69
N ILE B 608 37.41 14.39 -22.79
CA ILE B 608 38.02 13.98 -21.54
C ILE B 608 37.27 14.68 -20.41
N ASN B 609 36.64 13.89 -19.55
CA ASN B 609 35.79 14.40 -18.46
C ASN B 609 34.67 15.29 -19.01
N GLY B 610 34.16 14.93 -20.18
CA GLY B 610 33.08 15.68 -20.79
C GLY B 610 33.50 16.90 -21.55
N GLU B 611 34.79 17.17 -21.66
CA GLU B 611 35.29 18.34 -22.34
C GLU B 611 35.86 17.93 -23.70
N TRP B 612 35.30 18.48 -24.76
CA TRP B 612 35.75 18.17 -26.11
C TRP B 612 37.12 18.81 -26.34
N ILE B 613 38.13 17.98 -26.57
CA ILE B 613 39.50 18.44 -26.68
C ILE B 613 40.11 18.24 -28.06
N GLY B 614 39.42 17.58 -28.98
CA GLY B 614 39.98 17.40 -30.31
C GLY B 614 39.20 16.37 -31.08
N CYS B 615 39.83 15.87 -32.14
CA CYS B 615 39.25 14.85 -32.99
C CYS B 615 40.34 13.88 -33.43
N CYS B 616 39.93 12.65 -33.72
CA CYS B 616 40.86 11.61 -34.13
C CYS B 616 40.41 11.01 -35.46
N THR B 617 41.37 10.44 -36.18
CA THR B 617 41.06 9.87 -37.48
C THR B 617 40.08 8.72 -37.37
N ASN B 618 40.29 7.82 -36.40
CA ASN B 618 39.38 6.71 -36.17
C ASN B 618 39.22 6.50 -34.68
N ALA B 619 37.96 6.55 -34.21
CA ALA B 619 37.68 6.45 -32.79
C ALA B 619 38.07 5.09 -32.23
N PHE B 620 37.79 4.02 -32.97
CA PHE B 620 38.01 2.68 -32.44
C PHE B 620 39.48 2.43 -32.14
N GLU B 621 40.36 2.81 -33.07
CA GLU B 621 41.79 2.57 -32.85
C GLU B 621 42.30 3.36 -31.67
N LEU B 622 41.87 4.61 -31.52
CA LEU B 622 42.33 5.42 -30.40
C LEU B 622 41.86 4.83 -29.08
N ALA B 623 40.58 4.43 -29.00
CA ALA B 623 40.06 3.83 -27.79
C ALA B 623 40.77 2.52 -27.47
N GLN B 624 41.05 1.71 -28.49
CA GLN B 624 41.74 0.45 -28.27
C GLN B 624 43.18 0.67 -27.81
N ARG B 625 43.87 1.64 -28.42
CA ARG B 625 45.24 1.94 -28.02
C ARG B 625 45.29 2.42 -26.58
N TYR B 626 44.36 3.27 -26.18
CA TYR B 626 44.39 3.75 -24.80
C TYR B 626 43.91 2.68 -23.83
N ARG B 627 43.05 1.76 -24.28
CA ARG B 627 42.71 0.62 -23.44
C ARG B 627 43.92 -0.27 -23.21
N MET B 628 44.73 -0.49 -24.24
CA MET B 628 45.96 -1.25 -24.08
C MET B 628 46.94 -0.52 -23.16
N LEU B 629 47.04 0.80 -23.30
CA LEU B 629 47.90 1.56 -22.40
C LEU B 629 47.43 1.45 -20.95
N ARG B 630 46.11 1.49 -20.74
CA ARG B 630 45.56 1.30 -19.40
C ARG B 630 45.84 -0.11 -18.89
N ARG B 631 45.79 -1.10 -19.77
CA ARG B 631 46.14 -2.46 -19.37
C ARG B 631 47.59 -2.56 -18.93
N GLU B 632 48.48 -1.87 -19.63
CA GLU B 632 49.87 -1.78 -19.18
C GLU B 632 49.95 -1.06 -17.84
N GLY B 633 49.17 0.00 -17.67
CA GLY B 633 48.98 0.64 -16.39
C GLY B 633 49.97 1.73 -16.04
N LYS B 634 50.97 1.99 -16.89
CA LYS B 634 52.00 2.97 -16.57
C LYS B 634 51.57 4.39 -16.95
N VAL B 635 51.23 4.61 -18.22
CA VAL B 635 50.90 5.95 -18.68
C VAL B 635 49.46 6.33 -18.40
N VAL B 636 48.55 5.37 -18.44
CA VAL B 636 47.13 5.60 -18.19
C VAL B 636 46.74 4.85 -16.93
N HIS B 637 46.13 5.54 -15.99
CA HIS B 637 45.75 4.91 -14.73
C HIS B 637 44.71 3.83 -14.99
N PRO B 638 44.78 2.70 -14.31
CA PRO B 638 43.83 1.61 -14.58
C PRO B 638 42.39 1.97 -14.28
N HIS B 639 42.12 3.00 -13.50
CA HIS B 639 40.78 3.37 -13.11
C HIS B 639 40.13 4.40 -14.03
N THR B 640 40.80 4.79 -15.10
CA THR B 640 40.16 5.68 -16.05
C THR B 640 39.14 4.93 -16.90
N THR B 641 38.13 5.66 -17.35
CA THR B 641 37.08 5.12 -18.20
C THR B 641 37.36 5.52 -19.64
N ILE B 642 37.48 4.54 -20.52
CA ILE B 642 37.69 4.77 -21.94
C ILE B 642 36.46 4.22 -22.64
N TYR B 643 35.59 5.12 -23.10
CA TYR B 643 34.33 4.76 -23.74
C TYR B 643 34.37 5.18 -25.18
N TRP B 644 33.88 4.31 -26.07
CA TRP B 644 33.76 4.61 -27.48
C TRP B 644 32.30 4.47 -27.90
N ASP B 645 31.68 5.58 -28.28
CA ASP B 645 30.31 5.57 -28.77
C ASP B 645 30.34 5.29 -30.27
N SER B 646 29.83 4.12 -30.66
CA SER B 646 29.83 3.72 -32.06
C SER B 646 28.71 4.35 -32.86
N MET B 647 27.72 4.95 -32.20
CA MET B 647 26.59 5.55 -32.90
C MET B 647 26.82 7.01 -33.27
N VAL B 648 27.72 7.70 -32.56
CA VAL B 648 28.10 9.07 -32.90
C VAL B 648 29.59 9.22 -33.15
N ASP B 649 30.37 8.14 -33.04
CA ASP B 649 31.81 8.16 -33.28
C ASP B 649 32.51 9.16 -32.35
N GLU B 650 32.45 8.86 -31.06
CA GLU B 650 33.08 9.66 -30.04
C GLU B 650 33.85 8.78 -29.08
N VAL B 651 35.01 9.26 -28.65
CA VAL B 651 35.79 8.62 -27.59
C VAL B 651 35.70 9.49 -26.37
N GLU B 652 35.19 8.95 -25.27
CA GLU B 652 35.04 9.67 -24.03
C GLU B 652 35.97 9.09 -22.98
N PHE B 653 36.77 9.95 -22.37
CA PHE B 653 37.61 9.58 -21.23
C PHE B 653 36.99 10.20 -19.98
N TRP B 654 36.84 9.39 -18.94
CA TRP B 654 36.26 9.86 -17.69
C TRP B 654 37.20 9.52 -16.55
N LEU B 655 37.51 10.52 -15.72
CA LEU B 655 38.35 10.32 -14.54
C LEU B 655 37.77 11.03 -13.32
N ASP B 656 36.48 11.30 -13.30
CA ASP B 656 35.90 12.07 -12.22
C ASP B 656 35.53 11.17 -11.05
N VAL B 657 35.32 11.80 -9.90
CA VAL B 657 34.93 11.08 -8.70
C VAL B 657 33.49 10.58 -8.85
N GLY B 658 33.23 9.41 -8.26
CA GLY B 658 31.89 8.89 -8.20
C GLY B 658 31.56 7.83 -9.23
N ARG B 659 32.51 7.46 -10.07
CA ARG B 659 32.28 6.39 -11.03
C ARG B 659 32.28 5.06 -10.30
N LEU B 660 31.28 4.24 -10.58
CA LEU B 660 31.27 2.87 -10.09
C LEU B 660 32.20 2.03 -10.94
N THR B 661 33.03 1.23 -10.29
CA THR B 661 33.92 0.32 -11.00
C THR B 661 33.80 -1.08 -10.40
N ARG B 662 34.06 -2.07 -11.24
CA ARG B 662 34.22 -3.44 -10.80
C ARG B 662 35.30 -4.08 -11.66
N PRO B 663 36.11 -4.97 -11.07
CA PRO B 663 37.09 -5.69 -11.88
C PRO B 663 36.45 -6.80 -12.67
N LEU B 664 36.86 -6.93 -13.93
CA LEU B 664 36.40 -7.98 -14.81
C LEU B 664 37.61 -8.66 -15.41
N LEU B 665 37.59 -9.99 -15.45
CA LEU B 665 38.67 -10.73 -16.09
C LEU B 665 38.61 -10.52 -17.60
N ILE B 666 39.76 -10.28 -18.20
CA ILE B 666 39.84 -9.98 -19.62
C ILE B 666 39.85 -11.28 -20.41
N VAL B 667 39.09 -11.32 -21.49
CA VAL B 667 39.06 -12.45 -22.40
C VAL B 667 39.82 -12.06 -23.66
N ASP B 668 40.87 -12.80 -23.97
CA ASP B 668 41.64 -12.58 -25.18
C ASP B 668 41.35 -13.71 -26.17
N ASN B 669 41.53 -13.42 -27.45
CA ASN B 669 41.29 -14.40 -28.49
C ASN B 669 42.38 -14.30 -29.54
N ASN B 670 42.32 -15.18 -30.53
CA ASN B 670 43.26 -15.22 -31.64
C ASN B 670 42.60 -14.76 -32.94
N ILE B 671 41.76 -13.74 -32.86
CA ILE B 671 40.95 -13.35 -34.01
C ILE B 671 41.83 -12.81 -35.13
N GLU B 672 42.97 -12.21 -34.81
CA GLU B 672 43.89 -11.79 -35.86
C GLU B 672 44.44 -13.00 -36.61
N LYS B 673 44.92 -14.00 -35.87
CA LYS B 673 45.41 -15.23 -36.51
C LYS B 673 44.27 -15.97 -37.20
N TYR B 674 43.07 -15.91 -36.63
CA TYR B 674 41.92 -16.54 -37.27
C TYR B 674 41.65 -15.91 -38.62
N ASN B 675 41.64 -14.58 -38.69
CA ASN B 675 41.44 -13.89 -39.96
C ASN B 675 42.56 -14.16 -40.95
N GLN B 676 43.80 -14.22 -40.46
CA GLN B 676 44.92 -14.54 -41.32
C GLN B 676 44.75 -15.92 -41.94
N ALA B 677 44.33 -16.90 -41.13
CA ALA B 677 44.08 -18.24 -41.65
C ALA B 677 42.94 -18.23 -42.65
N CYS B 678 41.90 -17.43 -42.40
CA CYS B 678 40.80 -17.33 -43.35
C CYS B 678 41.26 -16.78 -44.69
N TYR B 679 42.10 -15.74 -44.66
CA TYR B 679 42.61 -15.18 -45.90
C TYR B 679 43.51 -16.17 -46.62
N LYS B 680 44.32 -16.93 -45.87
CA LYS B 680 45.14 -17.97 -46.50
C LYS B 680 44.26 -19.02 -47.17
N ALA B 681 43.19 -19.44 -46.52
CA ALA B 681 42.29 -20.42 -47.11
C ALA B 681 41.61 -19.87 -48.34
N ALA B 682 41.24 -18.58 -48.32
CA ALA B 682 40.65 -17.95 -49.48
C ALA B 682 41.64 -17.91 -50.65
N GLU B 683 42.91 -17.60 -50.37
CA GLU B 683 43.92 -17.64 -51.41
C GLU B 683 44.09 -19.04 -51.97
N ALA B 684 44.04 -20.05 -51.09
CA ALA B 684 44.10 -21.43 -51.56
C ALA B 684 42.93 -21.77 -52.47
N ARG B 685 41.73 -21.32 -52.11
CA ARG B 685 40.57 -21.55 -52.95
C ARG B 685 40.72 -20.87 -54.31
N LYS B 686 41.24 -19.65 -54.32
CA LYS B 686 41.47 -18.95 -55.58
C LYS B 686 42.48 -19.69 -56.44
N LYS B 687 43.54 -20.22 -55.81
CA LYS B 687 44.51 -21.01 -56.55
C LYS B 687 43.95 -22.34 -57.01
N GLY B 688 42.85 -22.80 -56.43
CA GLY B 688 42.24 -24.05 -56.79
C GLY B 688 42.62 -25.24 -55.93
N ASP B 689 43.24 -25.02 -54.78
CA ASP B 689 43.62 -26.13 -53.92
C ASP B 689 42.38 -26.86 -53.41
N LYS B 690 42.46 -28.19 -53.40
CA LYS B 690 41.35 -29.02 -52.96
C LYS B 690 41.35 -29.26 -51.46
N ASP B 691 42.36 -28.75 -50.74
CA ASP B 691 42.46 -28.89 -49.30
C ASP B 691 42.55 -27.54 -48.61
N TRP B 692 41.70 -26.59 -49.01
CA TRP B 692 41.73 -25.25 -48.44
C TRP B 692 41.36 -25.23 -46.96
N GLU B 693 40.64 -26.25 -46.48
CA GLU B 693 40.16 -26.21 -45.11
C GLU B 693 41.30 -26.29 -44.09
N LYS B 694 42.40 -26.97 -44.44
CA LYS B 694 43.51 -27.10 -43.50
C LYS B 694 44.21 -25.77 -43.25
N HIS B 695 44.03 -24.78 -44.13
CA HIS B 695 44.60 -23.46 -43.87
C HIS B 695 43.89 -22.76 -42.74
N LYS B 696 42.60 -22.98 -42.58
CA LYS B 696 41.84 -22.36 -41.50
C LYS B 696 42.28 -22.93 -40.15
N ILE B 697 42.37 -22.05 -39.16
CA ILE B 697 42.70 -22.47 -37.80
C ILE B 697 41.47 -22.28 -36.91
N PRO B 698 41.29 -23.12 -35.90
CA PRO B 698 40.16 -22.91 -34.98
C PRO B 698 40.31 -21.65 -34.17
N PHE B 699 39.16 -21.05 -33.85
CA PHE B 699 39.12 -19.84 -33.03
C PHE B 699 39.28 -20.21 -31.56
N ILE B 700 40.12 -19.47 -30.85
CA ILE B 700 40.37 -19.68 -29.44
C ILE B 700 40.06 -18.38 -28.71
N GLN B 701 39.19 -18.44 -27.71
CA GLN B 701 38.98 -17.33 -26.79
C GLN B 701 39.02 -17.85 -25.37
N ASN B 702 39.69 -17.13 -24.50
CA ASN B 702 39.95 -17.62 -23.15
C ASN B 702 40.38 -16.44 -22.28
N THR B 703 40.35 -16.66 -20.98
CA THR B 703 40.90 -15.73 -20.02
C THR B 703 42.26 -16.24 -19.55
N ARG B 704 43.10 -15.31 -19.09
CA ARG B 704 44.41 -15.68 -18.58
C ARG B 704 44.38 -16.11 -17.12
N PHE B 705 43.24 -15.97 -16.45
CA PHE B 705 43.09 -16.48 -15.09
C PHE B 705 43.24 -17.99 -15.09
N THR B 706 44.06 -18.51 -14.19
CA THR B 706 44.33 -19.93 -14.09
C THR B 706 44.14 -20.38 -12.66
N PRO B 707 43.87 -21.67 -12.43
CA PRO B 707 43.66 -22.15 -11.05
C PRO B 707 44.85 -21.94 -10.14
N GLN B 708 46.06 -21.88 -10.68
CA GLN B 708 47.21 -21.53 -9.86
C GLN B 708 47.05 -20.13 -9.28
N MET B 709 46.57 -19.19 -10.09
CA MET B 709 46.32 -17.84 -9.61
C MET B 709 45.20 -17.81 -8.58
N ALA B 710 44.20 -18.66 -8.75
CA ALA B 710 43.16 -18.79 -7.71
C ALA B 710 43.76 -19.27 -6.39
N LYS B 711 44.64 -20.28 -6.46
CA LYS B 711 45.28 -20.77 -5.25
C LYS B 711 46.13 -19.70 -4.59
N ASP B 712 46.88 -18.94 -5.39
CA ASP B 712 47.70 -17.87 -4.84
C ASP B 712 46.85 -16.78 -4.22
N ILE B 713 45.71 -16.46 -4.84
CA ILE B 713 44.80 -15.48 -4.25
C ILE B 713 44.31 -15.97 -2.90
N LEU B 714 43.89 -17.23 -2.83
CA LEU B 714 43.44 -17.77 -1.54
C LEU B 714 44.59 -17.88 -0.55
N ALA B 715 45.82 -18.05 -1.04
CA ALA B 715 46.98 -18.15 -0.17
C ALA B 715 47.56 -16.80 0.21
N GLY B 716 47.00 -15.70 -0.27
CA GLY B 716 47.46 -14.38 0.08
C GLY B 716 48.65 -13.89 -0.71
N THR B 717 49.21 -14.71 -1.60
CA THR B 717 50.35 -14.26 -2.39
C THR B 717 49.92 -13.29 -3.49
N LEU B 718 48.82 -13.59 -4.16
CA LEU B 718 48.34 -12.80 -5.29
C LEU B 718 47.19 -11.89 -4.85
N THR B 719 47.22 -10.65 -5.32
CA THR B 719 46.21 -9.66 -5.01
C THR B 719 45.58 -9.15 -6.30
N LEU B 720 44.51 -8.37 -6.15
CA LEU B 720 43.85 -7.80 -7.32
C LEU B 720 44.75 -6.80 -8.03
N GLU B 721 45.60 -6.09 -7.28
CA GLU B 721 46.52 -5.14 -7.90
C GLU B 721 47.51 -5.86 -8.80
N ASP B 722 48.00 -7.02 -8.38
CA ASP B 722 48.87 -7.81 -9.24
C ASP B 722 48.11 -8.35 -10.45
N LEU B 723 46.83 -8.68 -10.27
CA LEU B 723 46.01 -9.10 -11.41
C LEU B 723 45.88 -8.00 -12.44
N VAL B 724 45.64 -6.77 -11.97
CA VAL B 724 45.50 -5.64 -12.88
C VAL B 724 46.84 -5.33 -13.55
N ALA B 725 47.92 -5.32 -12.77
CA ALA B 725 49.23 -4.99 -13.32
C ALA B 725 49.69 -6.03 -14.35
N GLN B 726 49.29 -7.29 -14.16
CA GLN B 726 49.64 -8.32 -15.13
C GLN B 726 48.73 -8.33 -16.34
N GLY B 727 47.66 -7.54 -16.34
CA GLY B 727 46.73 -7.53 -17.44
C GLY B 727 45.72 -8.65 -17.44
N ILE B 728 45.55 -9.35 -16.33
CA ILE B 728 44.57 -10.43 -16.25
C ILE B 728 43.17 -9.88 -16.15
N CYS B 729 42.99 -8.80 -15.39
CA CYS B 729 41.68 -8.18 -15.20
C CYS B 729 41.82 -6.67 -15.29
N GLU B 730 40.70 -6.01 -15.54
CA GLU B 730 40.67 -4.56 -15.61
C GLU B 730 39.37 -4.05 -15.01
N PHE B 731 39.40 -2.80 -14.56
CA PHE B 731 38.23 -2.18 -13.98
C PHE B 731 37.33 -1.61 -15.07
N ILE B 732 36.04 -1.89 -14.98
CA ILE B 732 35.05 -1.45 -15.96
C ILE B 732 33.94 -0.72 -15.22
N THR B 733 33.64 0.43 -15.65
CA THR B 733 32.67 1.42 -15.26
C THR B 733 31.40 1.24 -16.08
N PRO B 734 30.20 1.55 -15.56
CA PRO B 734 28.98 1.31 -16.36
C PRO B 734 28.98 1.97 -17.74
N GLU B 735 29.64 3.11 -17.93
CA GLU B 735 29.71 3.67 -19.27
C GLU B 735 30.61 2.84 -20.17
N GLU B 736 31.75 2.39 -19.66
CA GLU B 736 32.60 1.51 -20.43
C GLU B 736 31.98 0.12 -20.59
N ALA B 737 31.10 -0.26 -19.67
CA ALA B 737 30.47 -1.57 -19.74
C ALA B 737 29.62 -1.73 -21.00
N GLU B 738 29.20 -0.61 -21.60
CA GLU B 738 28.44 -0.68 -22.84
C GLU B 738 29.30 -1.06 -24.03
N ASN B 739 30.62 -0.99 -23.89
CA ASN B 739 31.54 -1.47 -24.91
C ASN B 739 32.00 -2.89 -24.66
N CYS B 740 31.47 -3.54 -23.63
CA CYS B 740 31.94 -4.85 -23.20
C CYS B 740 30.90 -5.90 -23.53
N LEU B 741 31.36 -7.03 -24.06
CA LEU B 741 30.56 -8.24 -24.21
C LEU B 741 31.10 -9.25 -23.21
N VAL B 742 30.34 -9.49 -22.14
CA VAL B 742 30.83 -10.21 -20.98
C VAL B 742 30.20 -11.60 -20.95
N ALA B 743 31.03 -12.62 -20.82
CA ALA B 743 30.54 -13.96 -20.55
C ALA B 743 30.12 -14.03 -19.09
N PHE B 744 28.89 -14.47 -18.84
CA PHE B 744 28.36 -14.38 -17.48
C PHE B 744 29.06 -15.34 -16.52
N SER B 745 29.77 -16.34 -17.05
CA SER B 745 30.44 -17.31 -16.20
C SER B 745 31.60 -17.89 -16.98
N ILE B 746 32.53 -18.51 -16.25
CA ILE B 746 33.60 -19.25 -16.91
C ILE B 746 33.03 -20.46 -17.64
N ILE B 747 31.87 -20.97 -17.20
CA ILE B 747 31.20 -22.04 -17.91
C ILE B 747 30.75 -21.57 -19.29
N GLU B 748 30.18 -20.37 -19.37
CA GLU B 748 29.76 -19.84 -20.65
C GLU B 748 30.95 -19.50 -21.54
N LEU B 749 32.04 -18.99 -20.95
CA LEU B 749 33.23 -18.74 -21.73
C LEU B 749 33.79 -20.03 -22.30
N ARG B 750 33.78 -21.10 -21.51
CA ARG B 750 34.26 -22.39 -22.00
C ARG B 750 33.33 -22.97 -23.06
N LYS B 751 32.02 -22.73 -22.94
CA LYS B 751 31.08 -23.24 -23.92
C LYS B 751 31.31 -22.61 -25.29
N HIS B 752 31.62 -21.31 -25.33
CA HIS B 752 31.88 -20.59 -26.57
C HIS B 752 33.37 -20.40 -26.81
N LYS B 753 34.20 -21.33 -26.34
CA LYS B 753 35.64 -21.18 -26.46
C LYS B 753 36.07 -21.11 -27.92
N HIS B 754 35.47 -21.94 -28.76
CA HIS B 754 35.78 -21.98 -30.18
C HIS B 754 34.72 -21.31 -31.04
N ASP B 755 33.77 -20.60 -30.43
CA ASP B 755 32.71 -19.93 -31.16
C ASP B 755 33.22 -18.56 -31.59
N VAL B 756 33.40 -18.37 -32.90
CA VAL B 756 33.88 -17.09 -33.42
C VAL B 756 32.79 -16.04 -33.49
N THR B 757 31.52 -16.42 -33.32
CA THR B 757 30.42 -15.48 -33.34
C THR B 757 30.06 -14.95 -31.96
N ARG B 758 30.69 -15.47 -30.91
CA ARG B 758 30.55 -14.96 -29.55
C ARG B 758 31.96 -14.66 -29.05
N ARG B 759 32.44 -13.46 -29.33
CA ARG B 759 33.79 -13.06 -28.97
C ARG B 759 33.70 -12.13 -27.78
N PHE B 760 33.71 -12.72 -26.59
CA PHE B 760 33.57 -11.95 -25.36
C PHE B 760 34.79 -11.09 -25.12
N THR B 761 34.56 -9.90 -24.58
CA THR B 761 35.65 -9.03 -24.16
C THR B 761 36.07 -9.30 -22.73
N HIS B 762 35.15 -9.76 -21.90
CA HIS B 762 35.43 -10.07 -20.51
C HIS B 762 34.65 -11.31 -20.12
N VAL B 763 35.03 -11.90 -19.00
CA VAL B 763 34.30 -12.99 -18.39
C VAL B 763 34.00 -12.60 -16.95
N ASP B 764 32.77 -12.84 -16.52
CA ASP B 764 32.33 -12.43 -15.20
C ASP B 764 32.36 -13.59 -14.23
N VAL B 765 32.28 -13.26 -12.95
CA VAL B 765 32.02 -14.22 -11.89
C VAL B 765 30.59 -14.00 -11.40
N PRO B 766 29.70 -14.98 -11.54
CA PRO B 766 28.27 -14.70 -11.38
C PRO B 766 27.89 -14.14 -10.02
N GLN B 767 28.66 -14.44 -8.98
CA GLN B 767 28.36 -13.92 -7.65
C GLN B 767 28.59 -12.42 -7.54
N ALA B 768 29.24 -11.81 -8.52
CA ALA B 768 29.53 -10.38 -8.49
C ALA B 768 28.29 -9.53 -8.71
N ILE B 769 27.17 -10.11 -9.15
CA ILE B 769 25.94 -9.34 -9.35
C ILE B 769 25.13 -9.19 -8.08
N LEU B 770 25.63 -9.64 -6.95
CA LEU B 770 24.92 -9.57 -5.68
C LEU B 770 25.71 -8.78 -4.67
N GLY B 771 25.00 -8.18 -3.72
CA GLY B 771 25.63 -7.50 -2.61
C GLY B 771 25.92 -8.45 -1.46
N LEU B 772 26.47 -7.88 -0.39
CA LEU B 772 26.88 -8.69 0.76
C LEU B 772 25.69 -9.35 1.43
N ALA B 773 24.59 -8.61 1.61
CA ALA B 773 23.42 -9.19 2.28
C ALA B 773 22.68 -10.17 1.39
N ALA B 774 22.75 -9.99 0.06
CA ALA B 774 22.09 -10.93 -0.84
C ALA B 774 22.87 -12.24 -0.93
N LEU B 775 24.17 -12.20 -0.70
CA LEU B 775 24.97 -13.41 -0.73
C LEU B 775 24.86 -14.24 0.53
N VAL B 776 24.20 -13.72 1.56
CA VAL B 776 23.94 -14.51 2.76
C VAL B 776 23.00 -15.67 2.44
N SER B 777 22.05 -15.43 1.55
CA SER B 777 21.08 -16.45 1.18
C SER B 777 21.76 -17.59 0.44
N PRO B 778 21.64 -18.83 0.89
CA PRO B 778 22.28 -19.94 0.20
C PRO B 778 21.44 -20.43 -0.96
N TYR B 779 22.11 -20.79 -2.05
CA TYR B 779 21.43 -21.25 -3.26
C TYR B 779 20.37 -20.24 -3.70
N ALA B 780 20.77 -18.96 -3.66
CA ALA B 780 19.81 -17.89 -3.95
C ALA B 780 19.26 -18.00 -5.35
N ASN B 781 20.06 -18.49 -6.32
CA ASN B 781 19.56 -18.69 -7.67
C ASN B 781 18.57 -19.84 -7.77
N CYS B 782 18.44 -20.66 -6.72
CA CYS B 782 17.41 -21.68 -6.65
C CYS B 782 16.16 -21.19 -5.94
N THR B 783 16.17 -19.97 -5.43
CA THR B 783 15.06 -19.36 -4.74
C THR B 783 14.42 -18.31 -5.63
N GLN B 784 13.13 -18.10 -5.47
CA GLN B 784 12.46 -17.01 -6.17
C GLN B 784 13.12 -15.69 -5.81
N PRO B 785 13.54 -14.88 -6.77
CA PRO B 785 14.37 -13.70 -6.46
C PRO B 785 13.72 -12.72 -5.51
N ALA B 786 12.39 -12.57 -5.56
CA ALA B 786 11.72 -11.70 -4.61
C ALA B 786 12.00 -12.14 -3.19
N ARG B 787 12.07 -13.45 -2.94
CA ARG B 787 12.43 -13.92 -1.61
C ARG B 787 13.88 -13.64 -1.27
N VAL B 788 14.76 -13.55 -2.27
CA VAL B 788 16.13 -13.12 -2.01
C VAL B 788 16.14 -11.67 -1.55
N THR B 789 15.30 -10.83 -2.15
CA THR B 789 15.15 -9.46 -1.66
C THR B 789 14.62 -9.45 -0.24
N TYR B 790 13.63 -10.29 0.04
CA TYR B 790 13.13 -10.45 1.40
C TYR B 790 14.24 -10.80 2.36
N GLU B 791 15.14 -11.70 1.97
CA GLU B 791 16.24 -12.08 2.84
C GLU B 791 17.22 -10.94 3.04
N THR B 792 17.54 -10.20 1.97
CA THR B 792 18.39 -9.02 2.12
C THR B 792 17.83 -8.09 3.18
N ASN B 793 16.51 -7.96 3.22
CA ASN B 793 15.90 -7.14 4.26
C ASN B 793 16.01 -7.81 5.63
N GLN B 794 15.69 -9.09 5.71
CA GLN B 794 15.68 -9.81 6.98
C GLN B 794 17.07 -10.15 7.47
N GLY B 795 18.03 -10.32 6.56
CA GLY B 795 19.39 -10.62 6.96
C GLY B 795 20.05 -9.49 7.72
N ARG B 796 19.48 -8.29 7.68
CA ARG B 796 20.06 -7.12 8.32
C ARG B 796 19.36 -6.74 9.61
N GLN B 797 18.23 -7.35 9.94
CA GLN B 797 17.60 -7.19 11.24
C GLN B 797 17.85 -8.39 12.15
N THR B 798 18.66 -9.34 11.70
CA THR B 798 18.90 -10.54 12.48
C THR B 798 19.72 -10.22 13.72
N GLY B 799 19.31 -10.78 14.86
CA GLY B 799 20.07 -10.62 16.08
C GLY B 799 21.38 -11.39 16.02
N GLY B 800 22.36 -10.89 16.77
CA GLY B 800 23.66 -11.53 16.81
C GLY B 800 24.60 -10.76 17.69
N TRP B 801 25.89 -10.79 17.31
CA TRP B 801 26.88 -9.93 17.95
C TRP B 801 26.87 -8.61 17.22
N TYR B 802 25.96 -7.72 17.63
CA TYR B 802 25.75 -6.46 16.91
C TYR B 802 27.01 -5.61 16.93
N CYS B 803 27.79 -5.71 17.99
CA CYS B 803 29.09 -5.07 18.07
C CYS B 803 30.00 -5.99 18.86
N PHE B 804 31.29 -5.97 18.53
CA PHE B 804 32.25 -6.74 19.32
C PHE B 804 32.71 -6.01 20.56
N SER B 805 32.50 -4.69 20.61
CA SER B 805 32.86 -3.88 21.75
C SER B 805 31.61 -3.37 22.48
N TRP B 806 30.57 -4.21 22.54
CA TRP B 806 29.32 -3.80 23.16
C TRP B 806 29.43 -3.38 24.63
N PRO B 807 30.23 -4.04 25.49
CA PRO B 807 30.22 -3.65 26.91
C PRO B 807 30.71 -2.23 27.16
N TYR B 808 31.47 -1.65 26.24
CA TYR B 808 31.96 -0.29 26.39
C TYR B 808 31.05 0.73 25.73
N ARG B 809 29.94 0.30 25.16
CA ARG B 809 28.99 1.19 24.49
C ARG B 809 27.70 1.25 25.30
N VAL B 810 27.17 2.45 25.45
CA VAL B 810 25.84 2.65 26.00
C VAL B 810 24.93 2.85 24.80
N ASP B 811 24.41 1.76 24.27
CA ASP B 811 23.59 1.75 23.08
C ASP B 811 22.13 1.57 23.46
N MET B 812 21.25 2.03 22.58
CA MET B 812 19.82 2.03 22.83
C MET B 812 19.13 1.13 21.80
N ASN B 813 18.22 0.29 22.28
CA ASN B 813 17.47 -0.65 21.45
C ASN B 813 18.40 -1.58 20.67
N ARG B 814 19.48 -2.00 21.32
CA ARG B 814 20.45 -2.89 20.71
C ARG B 814 20.38 -4.25 21.39
N PHE B 815 20.40 -5.31 20.59
CA PHE B 815 20.23 -6.67 21.06
C PHE B 815 21.51 -7.44 20.78
N PHE B 816 22.10 -8.02 21.82
CA PHE B 816 23.28 -8.85 21.70
C PHE B 816 22.87 -10.29 21.96
N GLN B 817 22.90 -11.11 20.92
CA GLN B 817 22.55 -12.52 21.02
C GLN B 817 23.80 -13.32 21.36
N PHE B 818 23.71 -14.14 22.41
CA PHE B 818 24.90 -14.78 22.96
C PHE B 818 25.52 -15.75 21.97
N TYR B 819 24.72 -16.66 21.42
CA TYR B 819 25.22 -17.78 20.66
C TYR B 819 24.99 -17.55 19.18
N ASN B 820 26.06 -17.67 18.39
CA ASN B 820 26.01 -17.57 16.96
C ASN B 820 26.67 -18.81 16.36
N GLU B 821 26.19 -19.20 15.20
CA GLU B 821 26.75 -20.35 14.50
C GLU B 821 27.07 -19.97 13.07
N MET B 822 28.16 -20.54 12.57
CA MET B 822 28.37 -20.56 11.13
C MET B 822 27.31 -21.45 10.50
N PRO B 823 26.71 -21.04 9.38
CA PRO B 823 25.78 -21.93 8.69
C PRO B 823 26.47 -23.23 8.29
N LEU B 824 25.74 -24.34 8.41
CA LEU B 824 26.25 -25.61 7.91
C LEU B 824 26.48 -25.54 6.42
N VAL B 825 25.64 -24.79 5.72
CA VAL B 825 25.87 -24.45 4.31
C VAL B 825 26.11 -22.96 4.25
N LYS B 826 27.38 -22.56 4.35
CA LYS B 826 27.76 -21.17 4.36
C LYS B 826 27.88 -20.64 2.93
N THR B 827 27.91 -19.32 2.81
CA THR B 827 28.17 -18.65 1.55
C THR B 827 29.39 -17.75 1.71
N ILE B 828 29.80 -17.13 0.61
CA ILE B 828 30.99 -16.28 0.64
C ILE B 828 30.77 -15.03 1.48
N ALA B 829 29.51 -14.65 1.75
CA ALA B 829 29.26 -13.49 2.58
C ALA B 829 29.78 -13.66 4.00
N HIS B 830 29.95 -14.89 4.45
CA HIS B 830 30.43 -15.17 5.80
C HIS B 830 31.94 -15.20 5.89
N ASN B 831 32.64 -15.01 4.77
CA ASN B 831 34.07 -14.74 4.82
C ASN B 831 34.39 -13.31 5.23
N TYR B 832 33.43 -12.39 5.07
CA TYR B 832 33.65 -10.98 5.34
C TYR B 832 32.78 -10.42 6.44
N VAL B 833 31.67 -11.05 6.76
CA VAL B 833 30.82 -10.60 7.85
C VAL B 833 30.54 -11.77 8.76
N ILE B 834 30.30 -11.46 10.03
CA ILE B 834 30.02 -12.52 11.02
C ILE B 834 28.63 -13.08 10.76
N PRO B 835 28.43 -14.40 10.83
CA PRO B 835 27.09 -14.94 10.68
C PRO B 835 26.27 -14.78 11.94
N ASN B 836 25.04 -14.29 11.77
CA ASN B 836 24.11 -14.13 12.87
C ASN B 836 23.00 -15.17 12.71
N GLY B 837 22.82 -15.99 13.73
CA GLY B 837 21.78 -16.99 13.73
C GLY B 837 22.30 -18.31 14.24
N LEU B 838 21.46 -19.34 14.11
CA LEU B 838 21.79 -20.67 14.59
C LEU B 838 21.34 -21.70 13.57
N ASN B 839 21.98 -22.87 13.63
CA ASN B 839 21.64 -24.00 12.76
C ASN B 839 20.55 -24.84 13.43
N THR B 840 19.36 -24.27 13.50
CA THR B 840 18.23 -24.95 14.11
C THR B 840 17.86 -26.18 13.29
N ILE B 841 17.47 -27.25 13.98
CA ILE B 841 16.88 -28.41 13.31
C ILE B 841 15.42 -28.07 13.04
N VAL B 842 15.03 -28.14 11.77
CA VAL B 842 13.69 -27.74 11.34
C VAL B 842 12.99 -28.94 10.74
N ALA B 843 11.82 -29.25 11.27
CA ALA B 843 10.96 -30.29 10.72
C ALA B 843 9.88 -29.62 9.90
N TYR B 844 9.84 -29.93 8.61
CA TYR B 844 8.82 -29.39 7.71
C TYR B 844 7.64 -30.33 7.78
N MET B 845 6.68 -29.99 8.64
CA MET B 845 5.58 -30.90 8.93
C MET B 845 4.41 -30.12 9.48
N ILE B 846 3.24 -30.74 9.41
CA ILE B 846 2.05 -30.25 10.08
C ILE B 846 2.02 -30.86 11.47
N TYR B 847 1.96 -30.02 12.49
CA TYR B 847 1.95 -30.49 13.89
C TYR B 847 0.87 -29.72 14.64
N GLY B 848 -0.37 -30.19 14.55
CA GLY B 848 -1.45 -29.60 15.29
C GLY B 848 -2.00 -28.32 14.73
N GLY B 849 -1.50 -27.85 13.60
CA GLY B 849 -2.01 -26.63 13.01
C GLY B 849 -1.62 -25.37 13.74
N TYR B 850 -0.54 -25.40 14.50
CA TYR B 850 -0.04 -24.23 15.20
C TYR B 850 1.00 -23.46 14.40
N ASN B 851 1.41 -23.97 13.24
CA ASN B 851 2.41 -23.32 12.41
C ASN B 851 1.84 -22.86 11.08
N GLN B 852 0.52 -22.73 10.97
CA GLN B 852 -0.09 -22.29 9.73
C GLN B 852 0.10 -20.79 9.52
N GLU B 853 0.09 -20.39 8.25
CA GLU B 853 0.15 -18.98 7.84
C GLU B 853 1.32 -18.25 8.49
N ASP B 854 2.51 -18.85 8.34
CA ASP B 854 3.79 -18.30 8.75
C ASP B 854 4.04 -18.38 10.25
N SER B 855 3.25 -19.14 10.99
CA SER B 855 3.61 -19.40 12.37
C SER B 855 4.67 -20.49 12.43
N VAL B 856 5.35 -20.55 13.57
CA VAL B 856 6.38 -21.55 13.81
C VAL B 856 6.19 -22.13 15.20
N ILE B 857 6.32 -23.43 15.33
CA ILE B 857 6.33 -24.09 16.63
C ILE B 857 7.78 -24.22 17.07
N VAL B 858 8.09 -23.73 18.25
CA VAL B 858 9.45 -23.72 18.77
C VAL B 858 9.55 -24.74 19.89
N SER B 859 10.76 -25.23 20.12
CA SER B 859 11.05 -26.07 21.27
C SER B 859 11.28 -25.18 22.47
N GLN B 860 10.46 -25.36 23.51
CA GLN B 860 10.67 -24.63 24.75
C GLN B 860 12.04 -24.93 25.33
N SER B 861 12.51 -26.17 25.16
CA SER B 861 13.84 -26.53 25.63
C SER B 861 14.92 -25.81 24.85
N PHE B 862 14.74 -25.66 23.54
CA PHE B 862 15.70 -24.93 22.73
C PHE B 862 15.76 -23.46 23.15
N ILE B 863 14.62 -22.89 23.50
CA ILE B 863 14.59 -21.54 24.06
C ILE B 863 15.34 -21.49 25.39
N ASP B 864 15.09 -22.47 26.25
CA ASP B 864 15.68 -22.47 27.58
C ASP B 864 17.19 -22.63 27.53
N ARG B 865 17.71 -23.38 26.57
CA ARG B 865 19.14 -23.64 26.50
C ARG B 865 19.93 -22.46 25.98
N GLY B 866 19.27 -21.41 25.51
CA GLY B 866 19.96 -20.26 24.98
C GLY B 866 19.77 -20.03 23.50
N GLY B 867 18.90 -20.80 22.85
CA GLY B 867 18.63 -20.61 21.44
C GLY B 867 18.01 -19.27 21.17
N PHE B 868 18.75 -18.40 20.50
CA PHE B 868 18.36 -17.03 20.17
C PHE B 868 18.19 -16.16 21.40
N ALA B 869 18.67 -16.60 22.56
CA ALA B 869 18.62 -15.78 23.75
C ALA B 869 19.72 -14.72 23.70
N GLY B 870 19.45 -13.58 24.33
CA GLY B 870 20.43 -12.52 24.34
C GLY B 870 20.04 -11.44 25.31
N THR B 871 20.75 -10.34 25.24
CA THR B 871 20.50 -9.19 26.10
C THR B 871 20.06 -8.00 25.27
N PHE B 872 18.90 -7.44 25.61
CA PHE B 872 18.43 -6.20 25.03
C PHE B 872 18.92 -5.05 25.89
N TYR B 873 19.31 -3.96 25.24
CA TYR B 873 19.92 -2.83 25.94
C TYR B 873 19.14 -1.56 25.67
N ARG B 874 18.89 -0.79 26.72
CA ARG B 874 18.33 0.54 26.62
C ARG B 874 19.22 1.50 27.37
N GLU B 875 19.05 2.79 27.09
CA GLU B 875 19.86 3.83 27.70
C GLU B 875 18.97 4.94 28.22
N GLU B 876 19.48 5.66 29.22
CA GLU B 876 18.75 6.77 29.85
C GLU B 876 19.74 7.91 30.07
N LYS B 877 19.84 8.80 29.09
CA LYS B 877 20.72 9.96 29.16
C LYS B 877 19.90 11.18 29.57
N VAL B 878 20.26 11.79 30.70
CA VAL B 878 19.56 12.95 31.22
C VAL B 878 20.58 14.05 31.52
N GLU B 879 20.39 15.21 30.91
CA GLU B 879 21.32 16.32 31.06
C GLU B 879 21.01 17.11 32.33
N LEU B 880 22.03 17.82 32.82
CA LEU B 880 21.90 18.65 34.01
C LEU B 880 21.55 20.09 33.70
N GLU B 881 21.40 20.46 32.43
CA GLU B 881 21.04 21.82 32.03
C GLU B 881 22.07 22.81 32.56
N SER B 882 21.79 23.41 33.72
CA SER B 882 22.71 24.38 34.30
C SER B 882 22.88 24.14 35.80
N ASP B 883 23.45 25.12 36.51
CA ASP B 883 23.73 24.97 37.93
C ASP B 883 22.46 24.78 38.76
N ILE B 884 21.29 25.11 38.20
CA ILE B 884 20.04 24.95 38.94
C ILE B 884 19.79 23.50 39.32
N GLU B 885 20.00 22.58 38.37
CA GLU B 885 19.68 21.18 38.58
C GLU B 885 20.89 20.39 39.07
N SER B 886 20.60 19.32 39.81
CA SER B 886 21.64 18.44 40.35
C SER B 886 21.05 17.06 40.54
N PHE B 887 21.93 16.07 40.72
CA PHE B 887 21.53 14.68 40.87
C PHE B 887 21.55 14.32 42.35
N GLY B 888 20.41 13.91 42.86
CA GLY B 888 20.29 13.49 44.24
C GLY B 888 18.87 13.09 44.54
N LYS B 889 18.71 12.30 45.59
CA LYS B 889 17.38 11.85 45.97
C LYS B 889 16.56 13.04 46.43
N PRO B 890 15.40 13.31 45.82
CA PRO B 890 14.59 14.46 46.25
C PRO B 890 14.12 14.28 47.68
N ASP B 891 13.99 15.41 48.39
CA ASP B 891 13.48 15.38 49.75
C ASP B 891 11.97 15.53 49.72
N PRO B 892 11.21 14.54 50.18
CA PRO B 892 9.74 14.60 50.03
C PRO B 892 9.11 15.75 50.78
N LEU B 893 9.70 16.20 51.89
CA LEU B 893 9.09 17.28 52.66
C LEU B 893 9.04 18.57 51.87
N ILE B 894 10.18 19.00 51.30
CA ILE B 894 10.21 20.25 50.55
C ILE B 894 9.51 20.05 49.20
N THR B 895 10.12 19.24 48.33
CA THR B 895 9.81 19.03 46.91
C THR B 895 9.15 20.21 46.19
N LYS B 896 8.74 20.00 44.94
CA LYS B 896 7.73 20.86 44.32
C LYS B 896 6.73 20.04 43.51
N ASN B 897 7.21 18.99 42.85
CA ASN B 897 6.41 18.27 41.87
C ASN B 897 6.75 16.77 41.99
N LEU B 898 6.74 16.26 43.22
CA LEU B 898 7.05 14.86 43.43
C LEU B 898 6.09 13.97 42.65
N LYS B 899 6.64 12.92 42.04
CA LYS B 899 5.85 12.03 41.20
C LYS B 899 4.93 11.18 42.06
N PRO B 900 3.63 11.12 41.74
CA PRO B 900 2.71 10.29 42.53
C PRO B 900 2.78 8.84 42.07
N GLY B 901 2.86 7.93 43.03
CA GLY B 901 2.99 6.51 42.74
C GLY B 901 4.39 6.06 42.42
N ALA B 902 5.36 6.97 42.40
CA ALA B 902 6.73 6.60 42.09
C ALA B 902 7.42 5.99 43.31
N ASN B 903 8.48 5.22 43.06
CA ASN B 903 9.20 4.57 44.14
C ASN B 903 10.10 5.58 44.86
N TYR B 904 11.01 6.21 44.12
CA TYR B 904 11.95 7.21 44.63
C TYR B 904 12.96 6.62 45.59
N GLU B 905 12.80 5.35 45.93
CA GLU B 905 13.82 4.61 46.66
C GLU B 905 14.76 3.98 45.65
N LYS B 906 15.61 3.05 46.12
CA LYS B 906 16.61 2.40 45.28
C LYS B 906 17.64 3.40 44.72
N LEU B 907 17.71 4.59 45.30
CA LEU B 907 18.58 5.65 44.82
C LEU B 907 19.77 5.79 45.76
N VAL B 908 20.98 5.75 45.21
CA VAL B 908 22.19 6.07 45.94
C VAL B 908 22.93 7.15 45.18
N ASP B 909 23.23 8.26 45.85
CA ASP B 909 23.89 9.41 45.23
C ASP B 909 23.13 9.90 44.01
N GLY B 910 21.81 9.75 44.02
CA GLY B 910 20.98 10.22 42.94
C GLY B 910 20.70 9.23 41.83
N PHE B 911 21.34 8.06 41.85
CA PHE B 911 21.20 7.07 40.79
C PHE B 911 20.89 5.70 41.38
N VAL B 912 20.08 4.93 40.67
CA VAL B 912 19.87 3.54 41.05
C VAL B 912 21.18 2.77 40.85
N PRO B 913 21.67 2.03 41.84
CA PRO B 913 22.95 1.35 41.69
C PRO B 913 22.91 0.26 40.63
N VAL B 914 24.08 -0.09 40.12
CA VAL B 914 24.20 -1.08 39.06
C VAL B 914 23.78 -2.45 39.59
N GLY B 915 22.93 -3.14 38.85
CA GLY B 915 22.46 -4.45 39.24
C GLY B 915 21.13 -4.48 39.94
N THR B 916 20.45 -3.35 40.07
CA THR B 916 19.19 -3.26 40.78
C THR B 916 18.04 -3.32 39.79
N VAL B 917 17.07 -4.20 40.06
CA VAL B 917 15.92 -4.35 39.17
C VAL B 917 15.02 -3.14 39.30
N VAL B 918 14.65 -2.55 38.17
CA VAL B 918 13.76 -1.40 38.12
C VAL B 918 12.50 -1.81 37.36
N LYS B 919 11.35 -1.32 37.83
CA LYS B 919 10.08 -1.77 37.26
C LYS B 919 9.07 -0.65 37.28
N LYS B 920 8.50 -0.36 36.10
CA LYS B 920 7.37 0.56 35.93
C LYS B 920 7.57 1.90 36.62
N GLY B 921 6.98 2.07 37.80
CA GLY B 921 6.95 3.34 38.49
C GLY B 921 8.20 3.71 39.24
N ASP B 922 9.22 2.85 39.24
CA ASP B 922 10.47 3.16 39.92
C ASP B 922 11.12 4.37 39.30
N ILE B 923 11.78 5.16 40.13
CA ILE B 923 12.48 6.35 39.68
C ILE B 923 13.95 6.00 39.49
N ILE B 924 14.47 6.30 38.31
CA ILE B 924 15.88 6.12 37.99
C ILE B 924 16.47 7.49 37.72
N ILE B 925 17.64 7.75 38.30
CA ILE B 925 18.32 9.04 38.17
C ILE B 925 17.45 10.15 38.74
N GLY B 926 17.70 10.53 39.99
CA GLY B 926 16.92 11.57 40.63
C GLY B 926 17.48 12.96 40.41
N LYS B 927 16.89 13.70 39.48
CA LYS B 927 17.33 15.06 39.17
C LYS B 927 16.42 16.05 39.88
N VAL B 928 17.02 16.94 40.67
CA VAL B 928 16.27 17.95 41.41
C VAL B 928 16.86 19.32 41.10
N ALA B 929 15.98 20.30 40.93
CA ALA B 929 16.40 21.66 40.59
C ALA B 929 16.64 22.50 41.85
N TYR B 941 12.23 22.65 46.12
CA TYR B 941 13.07 22.14 45.05
C TYR B 941 12.23 21.42 44.01
N ILE B 942 12.27 21.91 42.77
CA ILE B 942 11.40 21.37 41.72
C ILE B 942 11.88 19.97 41.35
N ASP B 943 10.95 19.02 41.36
CA ASP B 943 11.26 17.62 41.06
C ASP B 943 11.33 17.43 39.56
N ARG B 944 12.46 16.94 39.06
CA ARG B 944 12.66 16.65 37.65
C ARG B 944 13.23 15.25 37.47
N SER B 945 12.78 14.32 38.31
CA SER B 945 13.28 12.96 38.27
C SER B 945 12.79 12.24 37.02
N VAL B 946 13.45 11.13 36.71
CA VAL B 946 13.14 10.32 35.54
C VAL B 946 12.48 9.04 36.02
N MET B 947 11.29 8.78 35.51
CA MET B 947 10.55 7.57 35.85
C MET B 947 10.78 6.52 34.78
N TYR B 948 10.75 5.24 35.19
CA TYR B 948 11.12 4.16 34.28
C TYR B 948 10.09 3.99 33.18
N GLY B 949 8.85 3.65 33.53
CA GLY B 949 7.76 3.66 32.59
C GLY B 949 7.51 2.37 31.83
N PHE B 950 8.57 1.67 31.43
CA PHE B 950 8.40 0.47 30.63
C PHE B 950 7.72 -0.63 31.43
N ASP B 951 6.82 -1.37 30.77
CA ASP B 951 6.12 -2.47 31.41
C ASP B 951 7.00 -3.69 31.61
N GLU B 952 8.18 -3.72 31.02
CA GLU B 952 9.12 -4.82 31.20
C GLU B 952 10.18 -4.40 32.21
N PRO B 953 10.35 -5.11 33.32
CA PRO B 953 11.38 -4.73 34.29
C PRO B 953 12.77 -4.84 33.68
N ALA B 954 13.66 -3.97 34.15
CA ALA B 954 15.03 -3.94 33.67
C ALA B 954 15.98 -4.00 34.85
N VAL B 955 17.21 -4.41 34.57
CA VAL B 955 18.30 -4.37 35.54
C VAL B 955 19.28 -3.30 35.10
N VAL B 956 19.62 -2.40 36.01
CA VAL B 956 20.59 -1.36 35.71
C VAL B 956 21.93 -2.01 35.44
N ASP B 957 22.40 -1.91 34.20
CA ASP B 957 23.64 -2.56 33.78
C ASP B 957 24.87 -1.71 34.05
N ALA B 958 24.83 -0.44 33.70
CA ALA B 958 25.96 0.46 33.89
C ALA B 958 25.45 1.86 34.18
N VAL B 959 26.15 2.55 35.07
CA VAL B 959 25.89 3.95 35.38
C VAL B 959 27.20 4.70 35.32
N MET B 960 27.18 5.88 34.72
CA MET B 960 28.35 6.75 34.71
C MET B 960 27.87 8.18 34.59
N ARG B 961 28.77 9.12 34.83
CA ARG B 961 28.48 10.55 34.75
C ARG B 961 29.51 11.19 33.83
N PRO B 962 29.34 11.05 32.52
CA PRO B 962 30.33 11.61 31.59
C PRO B 962 30.24 13.13 31.53
N HIS B 963 31.33 13.72 31.05
CA HIS B 963 31.40 15.16 30.90
C HIS B 963 30.99 15.53 29.47
N GLY B 964 29.90 16.30 29.34
CA GLY B 964 29.45 16.75 28.06
C GLY B 964 30.46 17.66 27.39
N PRO B 965 30.09 18.17 26.21
CA PRO B 965 31.02 19.06 25.50
C PRO B 965 30.96 20.48 26.02
N ASN B 966 30.80 20.61 27.34
CA ASN B 966 31.02 21.87 28.03
C ASN B 966 31.59 21.64 29.42
N ASP B 967 32.24 20.50 29.66
CA ASP B 967 32.69 20.09 30.99
C ASP B 967 31.53 20.09 31.98
N GLU B 968 30.40 19.53 31.56
CA GLU B 968 29.21 19.37 32.39
C GLU B 968 28.81 17.91 32.42
N ILE B 969 28.31 17.46 33.57
CA ILE B 969 27.98 16.06 33.75
C ILE B 969 26.53 15.81 33.39
N PHE B 970 26.22 14.57 33.07
CA PHE B 970 24.86 14.15 32.78
C PHE B 970 24.70 12.71 33.25
N GLY B 971 23.66 12.04 32.74
CA GLY B 971 23.33 10.70 33.20
C GLY B 971 23.89 9.61 32.32
N LEU B 972 23.08 9.07 31.43
CA LEU B 972 23.44 7.94 30.56
C LEU B 972 23.77 6.71 31.41
N MET B 973 22.70 6.21 32.02
CA MET B 973 22.68 4.88 32.61
C MET B 973 22.23 3.87 31.56
N ARG B 974 22.72 2.65 31.68
CA ARG B 974 22.40 1.58 30.73
C ARG B 974 21.51 0.54 31.40
N LEU B 975 20.39 0.25 30.77
CA LEU B 975 19.45 -0.74 31.28
C LEU B 975 19.58 -2.03 30.49
N ARG B 976 19.42 -3.16 31.18
CA ARG B 976 19.66 -4.47 30.62
C ARG B 976 18.38 -5.30 30.70
N TYR B 977 18.01 -5.91 29.58
CA TYR B 977 16.86 -6.81 29.51
C TYR B 977 17.33 -8.18 29.06
N GLU B 978 16.93 -9.21 29.82
CA GLU B 978 17.27 -10.59 29.48
C GLU B 978 16.19 -11.11 28.55
N ARG B 979 16.50 -11.20 27.26
CA ARG B 979 15.52 -11.49 26.22
C ARG B 979 15.71 -12.90 25.71
N ASN B 980 14.91 -13.83 26.23
CA ASN B 980 14.84 -15.15 25.63
C ASN B 980 13.92 -15.09 24.41
N LEU B 981 13.82 -16.19 23.68
CA LEU B 981 12.92 -16.26 22.54
C LEU B 981 11.50 -16.40 23.06
N ASN B 982 10.70 -15.36 22.92
CA ASN B 982 9.34 -15.35 23.43
C ASN B 982 8.36 -15.81 22.36
N ILE B 983 7.17 -16.16 22.81
CA ILE B 983 6.09 -16.45 21.88
C ILE B 983 5.68 -15.14 21.21
N GLY B 984 5.70 -15.11 19.89
CA GLY B 984 5.48 -13.90 19.14
C GLY B 984 6.72 -13.23 18.63
N ASP B 985 7.89 -13.79 18.89
CA ASP B 985 9.13 -13.27 18.34
C ASP B 985 9.29 -13.74 16.90
N LYS B 986 9.74 -12.85 16.03
CA LYS B 986 9.83 -13.15 14.61
C LYS B 986 11.15 -13.87 14.31
N MET B 987 11.04 -14.99 13.62
CA MET B 987 12.19 -15.75 13.15
C MET B 987 12.11 -15.84 11.63
N SER B 988 13.26 -16.06 11.01
CA SER B 988 13.30 -16.19 9.56
C SER B 988 14.47 -17.08 9.16
N SER B 989 14.34 -17.70 8.00
CA SER B 989 15.44 -18.44 7.42
C SER B 989 16.22 -17.52 6.49
N ARG B 990 17.31 -18.04 5.94
CA ARG B 990 18.10 -17.26 5.01
C ARG B 990 17.49 -17.17 3.62
N SER B 991 16.39 -17.88 3.38
CA SER B 991 15.66 -17.79 2.12
C SER B 991 14.52 -16.80 2.17
N GLY B 992 14.37 -16.07 3.27
CA GLY B 992 13.35 -15.05 3.38
C GLY B 992 12.02 -15.49 3.94
N ASN B 993 11.97 -16.67 4.58
CA ASN B 993 10.70 -17.20 5.09
C ASN B 993 10.51 -16.70 6.52
N LYS B 994 9.79 -15.59 6.67
CA LYS B 994 9.49 -15.04 7.97
C LYS B 994 8.55 -15.97 8.74
N GLY B 995 8.66 -15.89 10.06
CA GLY B 995 7.79 -16.68 10.92
C GLY B 995 7.71 -16.08 12.30
N ILE B 996 6.54 -16.16 12.90
CA ILE B 996 6.30 -15.73 14.27
C ILE B 996 6.19 -16.96 15.14
N ALA B 997 6.91 -16.99 16.25
CA ALA B 997 6.84 -18.10 17.19
C ALA B 997 5.45 -18.16 17.81
N ALA B 998 4.66 -19.17 17.45
CA ALA B 998 3.29 -19.29 17.91
C ALA B 998 3.11 -20.23 19.08
N LEU B 999 3.88 -21.30 19.15
CA LEU B 999 3.74 -22.29 20.21
C LEU B 999 5.12 -22.77 20.63
N ALA B 1000 5.32 -22.90 21.93
CA ALA B 1000 6.53 -23.48 22.50
C ALA B 1000 6.17 -24.78 23.19
N LEU B 1001 6.81 -25.87 22.78
CA LEU B 1001 6.49 -27.16 23.32
C LEU B 1001 7.66 -27.70 24.14
N PRO B 1002 7.37 -28.45 25.21
CA PRO B 1002 8.46 -29.09 25.96
C PRO B 1002 9.10 -30.19 25.15
N THR B 1003 10.23 -30.68 25.66
CA THR B 1003 11.00 -31.66 24.90
C THR B 1003 10.23 -32.97 24.72
N SER B 1004 9.31 -33.29 25.64
CA SER B 1004 8.56 -34.53 25.52
C SER B 1004 7.40 -34.41 24.54
N ASP B 1005 6.92 -33.19 24.29
CA ASP B 1005 5.83 -32.96 23.36
C ASP B 1005 6.29 -32.78 21.93
N MET B 1006 7.57 -32.65 21.69
CA MET B 1006 8.00 -32.39 20.34
C MET B 1006 8.23 -33.70 19.60
N PRO B 1007 7.92 -33.74 18.30
CA PRO B 1007 8.10 -34.98 17.54
C PRO B 1007 9.57 -35.35 17.44
N PHE B 1008 9.82 -36.65 17.33
CA PHE B 1008 11.19 -37.15 17.31
C PHE B 1008 11.30 -38.24 16.25
N THR B 1009 12.47 -38.33 15.63
CA THR B 1009 12.72 -39.37 14.65
C THR B 1009 12.98 -40.69 15.37
N GLU B 1010 13.14 -41.76 14.59
CA GLU B 1010 13.41 -43.06 15.17
C GLU B 1010 14.72 -43.05 15.94
N ASP B 1011 15.71 -42.31 15.47
CA ASP B 1011 16.99 -42.18 16.16
C ASP B 1011 17.03 -40.99 17.12
N GLY B 1012 15.88 -40.46 17.51
CA GLY B 1012 15.81 -39.48 18.58
C GLY B 1012 15.94 -38.04 18.17
N LEU B 1013 16.21 -37.75 16.90
CA LEU B 1013 16.33 -36.37 16.46
C LEU B 1013 14.98 -35.67 16.56
N GLN B 1014 14.98 -34.48 17.13
CA GLN B 1014 13.78 -33.67 17.24
C GLN B 1014 14.09 -32.26 16.77
N PRO B 1015 13.09 -31.53 16.29
CA PRO B 1015 13.35 -30.19 15.77
C PRO B 1015 13.47 -29.14 16.87
N ASP B 1016 14.08 -28.01 16.48
CA ASP B 1016 13.99 -26.79 17.24
C ASP B 1016 12.78 -25.96 16.83
N LEU B 1017 12.53 -25.91 15.53
CA LEU B 1017 11.38 -25.24 14.95
C LEU B 1017 10.61 -26.24 14.11
N ILE B 1018 9.29 -26.08 14.08
CA ILE B 1018 8.43 -26.84 13.19
C ILE B 1018 7.85 -25.86 12.19
N VAL B 1019 8.21 -26.02 10.92
CA VAL B 1019 7.86 -25.09 9.87
C VAL B 1019 6.79 -25.74 9.00
N ASN B 1020 5.71 -25.00 8.74
CA ASN B 1020 4.63 -25.53 7.94
C ASN B 1020 5.11 -25.76 6.50
N PRO B 1021 4.83 -26.92 5.92
CA PRO B 1021 5.18 -27.11 4.50
C PRO B 1021 4.44 -26.17 3.56
N HIS B 1022 3.34 -25.57 3.99
CA HIS B 1022 2.59 -24.65 3.15
C HIS B 1022 3.30 -23.32 2.94
N SER B 1023 4.38 -23.06 3.67
CA SER B 1023 5.16 -21.85 3.43
C SER B 1023 5.95 -21.94 2.14
N HIS B 1024 6.18 -23.14 1.62
CA HIS B 1024 7.04 -23.32 0.46
C HIS B 1024 6.38 -23.13 -0.90
N PRO B 1025 5.28 -23.84 -1.22
CA PRO B 1025 4.88 -23.97 -2.64
C PRO B 1025 4.62 -22.65 -3.34
N SER B 1026 4.03 -21.67 -2.65
CA SER B 1026 3.79 -20.38 -3.29
C SER B 1026 5.03 -19.50 -3.26
N ARG B 1027 5.82 -19.57 -2.19
CA ARG B 1027 6.98 -18.71 -2.01
C ARG B 1027 8.21 -19.18 -2.76
N MET B 1028 8.26 -20.45 -3.17
CA MET B 1028 9.31 -20.95 -4.04
C MET B 1028 10.69 -20.84 -3.39
N THR B 1029 10.78 -20.98 -2.07
CA THR B 1029 12.06 -20.84 -1.38
C THR B 1029 12.81 -22.17 -1.35
N ASN B 1030 13.10 -22.67 -2.54
CA ASN B 1030 13.77 -23.95 -2.68
C ASN B 1030 15.19 -23.92 -2.13
N GLY B 1031 15.79 -22.74 -2.01
CA GLY B 1031 17.14 -22.67 -1.46
C GLY B 1031 17.21 -23.16 -0.03
N GLN B 1032 16.20 -22.83 0.77
CA GLN B 1032 16.11 -23.34 2.13
C GLN B 1032 15.97 -24.86 2.16
N MET B 1033 15.17 -25.40 1.25
CA MET B 1033 14.95 -26.85 1.17
C MET B 1033 16.24 -27.55 0.81
N ILE B 1034 16.96 -27.03 -0.18
CA ILE B 1034 18.23 -27.59 -0.60
C ILE B 1034 19.27 -27.44 0.50
N GLU B 1035 19.24 -26.33 1.21
CA GLU B 1035 20.18 -26.11 2.30
C GLU B 1035 19.95 -27.13 3.41
N THR B 1036 18.69 -27.44 3.71
CA THR B 1036 18.40 -28.48 4.68
C THR B 1036 18.92 -29.83 4.20
N THR B 1037 18.69 -30.16 2.93
CA THR B 1037 19.17 -31.43 2.39
C THR B 1037 20.69 -31.52 2.46
N VAL B 1038 21.39 -30.43 2.13
CA VAL B 1038 22.85 -30.44 2.15
C VAL B 1038 23.37 -30.49 3.58
N GLY B 1039 22.77 -29.72 4.48
CA GLY B 1039 23.23 -29.69 5.86
C GLY B 1039 22.97 -30.97 6.61
N LEU B 1040 21.99 -31.76 6.18
CA LEU B 1040 21.82 -33.08 6.78
C LEU B 1040 23.08 -33.92 6.59
N ALA B 1041 23.63 -33.93 5.38
CA ALA B 1041 24.86 -34.67 5.13
C ALA B 1041 26.08 -33.96 5.67
N ASN B 1042 26.07 -32.62 5.71
CA ASN B 1042 27.19 -31.88 6.28
C ASN B 1042 27.35 -32.19 7.76
N ALA B 1043 26.25 -32.26 8.50
CA ALA B 1043 26.33 -32.56 9.92
C ALA B 1043 26.87 -33.95 10.17
N LEU B 1044 26.46 -34.92 9.35
CA LEU B 1044 26.97 -36.28 9.50
C LEU B 1044 28.44 -36.39 9.12
N GLN B 1045 28.85 -35.67 8.08
CA GLN B 1045 30.25 -35.66 7.67
C GLN B 1045 31.10 -34.73 8.52
N GLY B 1046 30.47 -33.88 9.33
CA GLY B 1046 31.22 -32.92 10.12
C GLY B 1046 31.91 -31.86 9.32
N VAL B 1047 31.29 -31.40 8.22
CA VAL B 1047 31.88 -30.39 7.37
C VAL B 1047 30.96 -29.19 7.31
N VAL B 1048 31.49 -28.08 6.79
CA VAL B 1048 30.72 -26.90 6.45
C VAL B 1048 31.02 -26.61 4.99
N THR B 1049 30.00 -26.70 4.14
CA THR B 1049 30.18 -26.54 2.71
C THR B 1049 29.68 -25.17 2.27
N ASP B 1050 30.04 -24.81 1.03
CA ASP B 1050 29.68 -23.52 0.46
C ASP B 1050 28.37 -23.65 -0.30
N GLY B 1051 27.41 -22.79 0.02
CA GLY B 1051 26.17 -22.76 -0.70
C GLY B 1051 25.95 -21.41 -1.36
N THR B 1052 27.04 -20.79 -1.79
CA THR B 1052 26.95 -19.48 -2.44
C THR B 1052 26.11 -19.59 -3.70
N ALA B 1053 25.40 -18.50 -4.01
CA ALA B 1053 24.56 -18.48 -5.19
C ALA B 1053 25.40 -18.64 -6.44
N PHE B 1054 24.80 -19.26 -7.46
CA PHE B 1054 25.36 -19.47 -8.79
C PHE B 1054 26.52 -20.45 -8.81
N LEU B 1055 26.88 -21.04 -7.67
CA LEU B 1055 27.77 -22.19 -7.71
C LEU B 1055 27.01 -23.38 -8.27
N PRO B 1056 27.69 -24.29 -8.97
CA PRO B 1056 26.98 -25.43 -9.56
C PRO B 1056 26.27 -26.25 -8.50
N ILE B 1057 25.03 -26.62 -8.80
CA ILE B 1057 24.19 -27.35 -7.86
C ILE B 1057 23.51 -28.49 -8.61
N ASN B 1058 23.53 -29.67 -8.00
CA ASN B 1058 22.85 -30.83 -8.56
C ASN B 1058 22.08 -31.49 -7.42
N VAL B 1059 20.78 -31.21 -7.36
CA VAL B 1059 19.97 -31.69 -6.24
C VAL B 1059 19.89 -33.21 -6.24
N GLN B 1060 19.95 -33.82 -7.42
CA GLN B 1060 19.99 -35.27 -7.49
C GLN B 1060 21.25 -35.82 -6.82
N LEU B 1061 22.40 -35.19 -7.08
CA LEU B 1061 23.63 -35.63 -6.44
C LEU B 1061 23.63 -35.34 -4.95
N LEU B 1062 23.00 -34.25 -4.53
CA LEU B 1062 22.88 -33.98 -3.09
C LEU B 1062 22.02 -35.02 -2.40
N SER B 1063 20.92 -35.43 -3.04
CA SER B 1063 20.08 -36.48 -2.47
C SER B 1063 20.81 -37.82 -2.44
N GLU B 1064 21.57 -38.13 -3.50
CA GLU B 1064 22.39 -39.33 -3.48
C GLU B 1064 23.46 -39.26 -2.41
N ARG B 1065 23.99 -38.07 -2.14
CA ARG B 1065 24.91 -37.88 -1.04
C ARG B 1065 24.24 -38.18 0.30
N LEU B 1066 22.99 -37.76 0.44
CA LEU B 1066 22.21 -38.13 1.62
C LEU B 1066 22.10 -39.64 1.74
N ALA B 1067 21.83 -40.32 0.62
CA ALA B 1067 21.72 -41.77 0.65
C ALA B 1067 23.05 -42.43 1.02
N GLN B 1068 24.16 -41.89 0.50
CA GLN B 1068 25.47 -42.43 0.84
C GLN B 1068 25.85 -42.18 2.29
N GLU B 1069 25.34 -41.11 2.89
CA GLU B 1069 25.60 -40.85 4.30
C GLU B 1069 24.88 -41.82 5.22
N GLY B 1070 23.98 -42.65 4.69
CA GLY B 1070 23.20 -43.57 5.49
C GLY B 1070 21.77 -43.14 5.73
N LEU B 1071 21.32 -42.04 5.16
CA LEU B 1071 19.96 -41.58 5.28
C LEU B 1071 19.18 -41.97 4.04
N ARG B 1072 17.92 -41.57 3.97
CA ARG B 1072 17.12 -41.83 2.80
C ARG B 1072 17.51 -40.88 1.67
N PHE B 1073 17.06 -41.20 0.46
CA PHE B 1073 17.31 -40.33 -0.68
C PHE B 1073 16.78 -38.93 -0.41
N ASN B 1074 15.54 -38.84 0.04
CA ASN B 1074 15.06 -37.61 0.66
C ASN B 1074 15.57 -37.54 2.10
N GLY B 1075 15.58 -36.35 2.66
CA GLY B 1075 16.02 -36.29 4.03
C GLY B 1075 15.00 -36.75 5.03
N CYS B 1076 13.89 -37.33 4.56
CA CYS B 1076 12.79 -37.70 5.42
C CYS B 1076 13.16 -38.89 6.31
N GLN B 1077 12.53 -38.95 7.47
CA GLN B 1077 12.78 -39.99 8.45
C GLN B 1077 11.47 -40.42 9.07
N LYS B 1078 11.48 -41.59 9.68
CA LYS B 1078 10.35 -42.04 10.49
C LYS B 1078 10.27 -41.19 11.76
N MET B 1079 9.15 -40.48 11.93
CA MET B 1079 8.96 -39.62 13.07
C MET B 1079 7.82 -40.13 13.94
N PHE B 1080 7.94 -39.91 15.24
CA PHE B 1080 6.91 -40.24 16.20
C PHE B 1080 6.34 -38.97 16.80
N ASN B 1081 5.05 -39.00 17.11
CA ASN B 1081 4.42 -37.87 17.79
C ASN B 1081 4.86 -37.86 19.24
N GLY B 1082 5.39 -36.73 19.69
CA GLY B 1082 5.88 -36.65 21.06
C GLY B 1082 4.78 -36.78 22.10
N GLN B 1083 3.59 -36.28 21.78
CA GLN B 1083 2.50 -36.26 22.75
C GLN B 1083 1.85 -37.62 22.92
N THR B 1084 1.79 -38.42 21.84
CA THR B 1084 1.15 -39.73 21.89
C THR B 1084 2.12 -40.88 21.73
N GLY B 1085 3.28 -40.67 21.11
CA GLY B 1085 4.21 -41.75 20.87
C GLY B 1085 3.92 -42.57 19.64
N GLU B 1086 2.98 -42.14 18.82
CA GLU B 1086 2.57 -42.87 17.63
C GLU B 1086 3.29 -42.32 16.42
N TYR B 1087 3.88 -43.20 15.62
CA TYR B 1087 4.60 -42.79 14.44
C TYR B 1087 3.66 -42.20 13.40
N PHE B 1088 4.15 -41.20 12.67
CA PHE B 1088 3.42 -40.71 11.52
C PHE B 1088 3.50 -41.72 10.39
N ASP B 1089 2.42 -41.82 9.62
CA ASP B 1089 2.43 -42.71 8.47
C ASP B 1089 3.36 -42.23 7.38
N ALA B 1090 3.62 -40.92 7.33
CA ALA B 1090 4.50 -40.33 6.33
C ALA B 1090 5.85 -40.04 6.97
N ALA B 1091 6.92 -40.29 6.22
CA ALA B 1091 8.24 -39.86 6.65
C ALA B 1091 8.32 -38.35 6.58
N ILE B 1092 8.95 -37.75 7.58
CA ILE B 1092 8.95 -36.30 7.75
C ILE B 1092 10.33 -35.77 7.39
N PHE B 1093 10.36 -34.71 6.60
CA PHE B 1093 11.62 -34.06 6.22
C PHE B 1093 12.10 -33.20 7.37
N ILE B 1094 13.22 -33.57 7.96
CA ILE B 1094 13.76 -32.88 9.13
C ILE B 1094 15.26 -32.73 8.93
N GLY B 1095 15.78 -31.55 9.24
CA GLY B 1095 17.19 -31.31 9.11
C GLY B 1095 17.60 -29.93 9.55
N PRO B 1096 18.90 -29.66 9.57
CA PRO B 1096 19.41 -28.38 10.04
C PRO B 1096 19.23 -27.28 9.00
N THR B 1097 18.41 -26.30 9.33
CA THR B 1097 18.19 -25.13 8.49
C THR B 1097 18.57 -23.90 9.27
N TYR B 1098 19.53 -23.14 8.76
CA TYR B 1098 20.00 -21.95 9.45
C TYR B 1098 18.86 -20.94 9.58
N HIS B 1099 18.59 -20.53 10.81
CA HIS B 1099 17.49 -19.62 11.07
C HIS B 1099 17.99 -18.41 11.82
N GLN B 1100 17.32 -17.29 11.57
CA GLN B 1100 17.70 -15.99 12.10
C GLN B 1100 16.57 -15.46 12.97
N ARG B 1101 16.94 -14.81 14.06
CA ARG B 1101 15.96 -14.16 14.94
C ARG B 1101 15.93 -12.68 14.58
N LEU B 1102 14.87 -12.27 13.90
CA LEU B 1102 14.74 -10.87 13.52
C LEU B 1102 14.42 -10.04 14.76
N GLN B 1103 15.04 -8.86 14.84
CA GLN B 1103 14.94 -8.01 16.03
C GLN B 1103 13.60 -7.25 16.03
N LYS B 1104 12.53 -8.05 16.09
CA LYS B 1104 11.17 -7.56 16.30
C LYS B 1104 10.64 -8.33 17.50
N PHE B 1105 10.63 -7.69 18.65
CA PHE B 1105 10.28 -8.36 19.91
C PHE B 1105 8.86 -8.02 20.28
N VAL B 1106 8.07 -9.05 20.62
CA VAL B 1106 6.68 -8.83 20.98
C VAL B 1106 6.58 -8.01 22.26
N LEU B 1107 7.56 -8.16 23.17
CA LEU B 1107 7.57 -7.35 24.38
C LEU B 1107 7.73 -5.87 24.07
N ASP B 1108 8.47 -5.54 23.00
CA ASP B 1108 8.57 -4.16 22.55
C ASP B 1108 7.32 -3.71 21.80
N ASP B 1109 6.76 -4.60 20.99
CA ASP B 1109 5.66 -4.22 20.10
C ASP B 1109 4.31 -4.16 20.83
N ARG B 1110 4.13 -4.97 21.85
CA ARG B 1110 2.84 -5.01 22.53
C ARG B 1110 2.59 -3.72 23.29
N TYR B 1111 1.33 -3.31 23.33
CA TYR B 1111 0.95 -2.10 24.06
C TYR B 1111 -0.48 -2.27 24.56
N ALA B 1112 -0.72 -1.81 25.78
CA ALA B 1112 -2.06 -1.79 26.34
C ALA B 1112 -2.18 -0.55 27.21
N VAL B 1113 -3.24 0.22 27.00
CA VAL B 1113 -3.46 1.43 27.76
C VAL B 1113 -4.84 1.36 28.39
N ALA B 1114 -4.97 1.99 29.56
CA ALA B 1114 -6.23 2.04 30.28
C ALA B 1114 -6.98 3.31 29.88
N SER B 1115 -7.99 3.67 30.66
CA SER B 1115 -8.88 4.78 30.31
C SER B 1115 -8.32 6.15 30.63
N TYR B 1116 -7.11 6.24 31.15
CA TYR B 1116 -6.55 7.51 31.58
C TYR B 1116 -5.11 7.62 31.11
N GLY B 1117 -4.65 8.85 30.97
CA GLY B 1117 -3.27 9.11 30.60
C GLY B 1117 -3.09 10.54 30.12
N PRO B 1118 -1.93 10.82 29.53
CA PRO B 1118 -1.69 12.16 29.00
C PRO B 1118 -2.55 12.43 27.79
N THR B 1119 -3.14 13.63 27.76
CA THR B 1119 -3.95 14.05 26.63
C THR B 1119 -3.32 15.27 25.97
N ASP B 1120 -3.70 15.49 24.72
CA ASP B 1120 -3.27 16.68 24.00
C ASP B 1120 -3.90 17.92 24.64
N ALA B 1121 -3.12 19.00 24.71
CA ALA B 1121 -3.64 20.25 25.23
C ALA B 1121 -4.67 20.86 24.30
N LEU B 1122 -4.46 20.73 22.99
CA LEU B 1122 -5.33 21.39 22.01
C LEU B 1122 -6.63 20.60 21.79
N THR B 1123 -6.53 19.38 21.29
CA THR B 1123 -7.70 18.61 20.95
C THR B 1123 -8.32 17.90 22.15
N GLY B 1124 -7.60 17.78 23.26
CA GLY B 1124 -8.10 17.01 24.38
C GLY B 1124 -8.12 15.52 24.17
N GLN B 1125 -7.61 15.03 23.05
CA GLN B 1125 -7.54 13.62 22.76
C GLN B 1125 -6.31 13.01 23.42
N PRO B 1126 -6.30 11.70 23.62
CA PRO B 1126 -5.09 11.02 24.08
C PRO B 1126 -3.86 11.38 23.26
N LEU B 1127 -2.68 11.23 23.84
CA LEU B 1127 -1.44 11.46 23.09
C LEU B 1127 -1.26 10.31 22.11
N ASP B 1128 -0.14 10.28 21.40
CA ASP B 1128 0.05 9.37 20.29
C ASP B 1128 0.98 8.23 20.69
N GLY B 1129 0.41 7.05 20.92
CA GLY B 1129 1.17 5.82 20.94
C GLY B 1129 1.84 5.49 22.26
N LYS B 1130 2.61 4.41 22.21
CA LYS B 1130 3.28 3.90 23.40
C LYS B 1130 4.33 4.85 23.94
N ARG B 1131 5.06 5.53 23.06
CA ARG B 1131 6.14 6.41 23.50
C ARG B 1131 5.62 7.50 24.42
N SER B 1132 4.44 8.04 24.13
CA SER B 1132 3.84 9.11 24.91
C SER B 1132 3.03 8.59 26.08
N HIS B 1133 3.02 7.28 26.31
CA HIS B 1133 2.32 6.65 27.43
C HIS B 1133 0.81 6.86 27.32
N GLY B 1134 0.31 6.86 26.09
CA GLY B 1134 -1.11 6.88 25.86
C GLY B 1134 -1.45 7.06 24.41
N GLY B 1135 -2.42 6.30 23.89
CA GLY B 1135 -2.79 6.48 22.50
C GLY B 1135 -3.46 5.33 21.80
N LEU B 1136 -2.97 5.00 20.61
CA LEU B 1136 -3.58 4.09 19.65
C LEU B 1136 -4.80 4.72 19.00
N ARG B 1137 -4.79 4.79 17.67
CA ARG B 1137 -5.71 5.62 16.91
C ARG B 1137 -6.75 4.76 16.21
N LEU B 1138 -8.02 5.14 16.35
CA LEU B 1138 -9.09 4.62 15.51
C LEU B 1138 -9.25 5.60 14.35
N GLY B 1139 -8.67 5.25 13.21
CA GLY B 1139 -8.55 6.17 12.11
C GLY B 1139 -9.83 6.36 11.35
N GLU B 1140 -9.70 6.98 10.18
CA GLU B 1140 -10.83 7.19 9.29
C GLU B 1140 -11.44 5.87 8.83
N MET B 1141 -10.59 4.92 8.43
CA MET B 1141 -11.09 3.66 7.89
C MET B 1141 -11.78 2.83 8.97
N GLU B 1142 -11.28 2.89 10.20
CA GLU B 1142 -11.94 2.19 11.30
C GLU B 1142 -13.33 2.76 11.54
N HIS B 1143 -13.47 4.08 11.46
CA HIS B 1143 -14.78 4.69 11.59
C HIS B 1143 -15.68 4.32 10.43
N TRP B 1144 -15.12 4.20 9.22
CA TRP B 1144 -15.91 3.72 8.09
C TRP B 1144 -16.42 2.31 8.33
N VAL B 1145 -15.56 1.44 8.87
CA VAL B 1145 -15.96 0.05 9.10
C VAL B 1145 -17.01 -0.03 10.20
N LEU B 1146 -16.84 0.73 11.29
CA LEU B 1146 -17.82 0.72 12.35
C LEU B 1146 -19.14 1.34 11.89
N THR B 1147 -19.08 2.28 10.95
CA THR B 1147 -20.29 2.87 10.41
C THR B 1147 -21.01 1.92 9.48
N ALA B 1148 -20.24 1.19 8.65
CA ALA B 1148 -20.84 0.19 7.77
C ALA B 1148 -21.50 -0.92 8.57
N GLN B 1149 -20.88 -1.33 9.68
CA GLN B 1149 -21.51 -2.26 10.59
C GLN B 1149 -22.73 -1.67 11.27
N GLY B 1150 -22.92 -0.36 11.15
CA GLY B 1150 -24.05 0.29 11.79
C GLY B 1150 -23.92 0.34 13.28
N ALA B 1151 -22.70 0.24 13.80
CA ALA B 1151 -22.52 0.06 15.22
C ALA B 1151 -23.07 1.23 16.01
N MET B 1152 -22.42 2.39 15.93
CA MET B 1152 -22.69 3.50 16.84
C MET B 1152 -22.48 2.98 18.25
N GLN B 1153 -22.63 3.80 19.28
CA GLN B 1153 -22.61 3.30 20.66
C GLN B 1153 -21.27 2.66 21.02
N THR B 1154 -20.46 2.43 20.00
CA THR B 1154 -19.08 2.00 20.02
C THR B 1154 -18.20 3.04 19.39
N ILE B 1155 -18.68 3.64 18.30
CA ILE B 1155 -18.18 4.94 17.88
C ILE B 1155 -18.36 5.94 19.01
N ILE B 1156 -19.51 5.91 19.69
CA ILE B 1156 -19.71 6.80 20.82
C ILE B 1156 -18.70 6.49 21.92
N GLU B 1157 -18.62 5.24 22.34
CA GLU B 1157 -17.73 4.91 23.45
C GLU B 1157 -16.29 5.25 23.12
N LYS B 1158 -15.79 4.75 21.99
CA LYS B 1158 -14.38 4.95 21.64
C LYS B 1158 -14.08 6.40 21.35
N SER B 1159 -14.87 7.04 20.49
CA SER B 1159 -14.57 8.37 20.01
C SER B 1159 -14.98 9.48 20.95
N HIS B 1160 -15.82 9.21 21.95
CA HIS B 1160 -16.21 10.24 22.90
C HIS B 1160 -15.80 9.89 24.32
N ASP B 1161 -16.17 8.72 24.82
CA ASP B 1161 -15.86 8.38 26.21
C ASP B 1161 -14.38 8.10 26.39
N ASP B 1162 -13.78 7.38 25.44
CA ASP B 1162 -12.36 7.06 25.48
C ASP B 1162 -11.53 8.03 24.66
N SER B 1163 -12.07 9.21 24.39
CA SER B 1163 -11.42 10.23 23.59
C SER B 1163 -11.86 11.58 24.14
N ASP B 1164 -11.81 12.61 23.31
CA ASP B 1164 -12.07 13.98 23.73
C ASP B 1164 -13.55 14.34 23.74
N GLY B 1165 -14.44 13.38 23.84
CA GLY B 1165 -15.86 13.70 23.94
C GLY B 1165 -16.16 14.59 25.11
N CYS B 1166 -16.97 15.62 24.89
CA CYS B 1166 -17.27 16.62 25.90
C CYS B 1166 -18.73 17.02 25.78
N ILE B 1167 -19.12 18.08 26.47
CA ILE B 1167 -20.47 18.62 26.40
C ILE B 1167 -20.39 20.06 25.92
N SER B 1168 -21.11 20.36 24.86
CA SER B 1168 -21.24 21.70 24.33
C SER B 1168 -22.57 22.30 24.77
N TYR B 1169 -22.62 23.62 24.83
CA TYR B 1169 -23.84 24.33 25.18
C TYR B 1169 -24.15 25.35 24.10
N ILE B 1170 -25.33 25.24 23.51
CA ILE B 1170 -25.77 26.12 22.44
C ILE B 1170 -27.03 26.84 22.91
N CYS B 1171 -27.21 28.09 22.50
CA CYS B 1171 -28.26 28.93 23.06
C CYS B 1171 -29.65 28.57 22.55
N ARG B 1172 -29.78 27.90 21.41
CA ARG B 1172 -31.06 27.53 20.80
C ARG B 1172 -31.85 28.75 20.35
N ASN B 1173 -31.42 29.95 20.69
CA ASN B 1173 -32.08 31.18 20.29
C ASN B 1173 -31.25 31.99 19.31
N CYS B 1174 -29.94 31.88 19.39
CA CYS B 1174 -29.03 32.46 18.41
C CYS B 1174 -28.18 31.43 17.70
N GLY B 1175 -28.13 30.20 18.20
CA GLY B 1175 -27.31 29.17 17.60
C GLY B 1175 -25.86 29.24 17.97
N GLU B 1176 -25.46 30.16 18.77
CA GLU B 1176 -24.09 30.36 19.18
C GLU B 1176 -23.81 29.61 20.47
N PRO B 1177 -22.54 29.26 20.72
CA PRO B 1177 -22.20 28.61 21.99
C PRO B 1177 -22.53 29.51 23.17
N ALA B 1178 -22.96 28.89 24.25
CA ALA B 1178 -23.39 29.59 25.45
C ALA B 1178 -22.44 29.29 26.60
N ILE B 1179 -22.67 29.96 27.71
CA ILE B 1179 -21.90 29.77 28.93
C ILE B 1179 -22.82 29.16 29.97
N TYR B 1180 -22.56 27.91 30.34
CA TYR B 1180 -23.37 27.21 31.31
C TYR B 1180 -22.47 26.55 32.35
N ASN B 1181 -22.86 26.67 33.61
CA ASN B 1181 -22.14 26.04 34.71
C ASN B 1181 -23.15 25.68 35.78
N ALA B 1182 -23.34 24.39 36.04
CA ALA B 1182 -24.33 23.96 37.02
C ALA B 1182 -23.86 24.24 38.44
N SER B 1183 -22.62 23.90 38.77
CA SER B 1183 -22.13 24.03 40.14
C SER B 1183 -22.11 25.50 40.57
N HIS B 1184 -21.28 26.30 39.93
CA HIS B 1184 -21.31 27.75 40.12
C HIS B 1184 -22.29 28.31 39.11
N PRO B 1185 -23.46 28.78 39.52
CA PRO B 1185 -24.56 28.96 38.57
C PRO B 1185 -24.30 30.06 37.56
N ILE B 1186 -24.03 29.67 36.32
CA ILE B 1186 -23.94 30.59 35.19
C ILE B 1186 -24.84 30.05 34.09
N TYR B 1187 -25.73 30.89 33.59
CA TYR B 1187 -26.66 30.53 32.52
C TYR B 1187 -26.79 31.76 31.64
N LYS B 1188 -25.95 31.85 30.61
CA LYS B 1188 -25.92 33.05 29.80
C LYS B 1188 -25.34 32.73 28.43
N CYS B 1189 -25.64 33.62 27.48
CA CYS B 1189 -24.95 33.65 26.20
C CYS B 1189 -24.63 35.09 25.88
N MET B 1190 -23.45 35.32 25.30
CA MET B 1190 -23.01 36.68 25.01
C MET B 1190 -23.90 37.37 23.99
N ASN B 1191 -24.62 36.59 23.19
CA ASN B 1191 -25.69 37.07 22.32
C ASN B 1191 -26.93 37.30 23.18
N CYS B 1192 -28.11 37.25 22.59
CA CYS B 1192 -29.37 37.47 23.28
C CYS B 1192 -29.33 36.94 24.71
N ASP B 1193 -29.52 37.83 25.67
CA ASP B 1193 -29.22 37.52 27.07
C ASP B 1193 -30.43 37.01 27.83
N VAL B 1194 -31.48 37.84 27.92
CA VAL B 1194 -32.68 37.43 28.64
C VAL B 1194 -33.35 36.25 27.96
N GLN B 1195 -33.30 36.21 26.63
CA GLN B 1195 -33.92 35.14 25.86
C GLN B 1195 -32.89 34.07 25.51
N ALA B 1196 -32.31 33.46 26.55
CA ALA B 1196 -31.35 32.38 26.39
C ALA B 1196 -32.02 31.06 26.75
N ASP B 1197 -31.86 30.06 25.88
CA ASP B 1197 -32.41 28.72 26.08
C ASP B 1197 -31.30 27.71 25.85
N ILE B 1198 -30.45 27.52 26.85
CA ILE B 1198 -29.22 26.75 26.64
C ILE B 1198 -29.54 25.26 26.58
N GLY B 1199 -29.06 24.60 25.53
CA GLY B 1199 -29.24 23.17 25.35
C GLY B 1199 -27.93 22.44 25.55
N MET B 1200 -28.03 21.20 26.03
CA MET B 1200 -26.87 20.38 26.34
C MET B 1200 -26.58 19.48 25.14
N VAL B 1201 -25.54 19.82 24.38
CA VAL B 1201 -25.23 19.15 23.12
C VAL B 1201 -23.96 18.33 23.30
N ASP B 1202 -24.05 17.04 23.02
CA ASP B 1202 -22.89 16.16 23.13
C ASP B 1202 -21.98 16.36 21.93
N SER B 1203 -20.72 16.68 22.19
CA SER B 1203 -19.77 17.00 21.15
C SER B 1203 -18.40 16.43 21.55
N ARG B 1204 -17.39 16.80 20.78
CA ARG B 1204 -16.01 16.46 21.08
C ARG B 1204 -15.20 17.74 21.18
N ARG B 1205 -14.14 17.72 21.98
CA ARG B 1205 -13.29 18.89 22.09
C ARG B 1205 -12.63 19.21 20.75
N SER B 1206 -12.36 18.20 19.93
CA SER B 1206 -11.82 18.45 18.60
C SER B 1206 -12.80 19.25 17.76
N SER B 1207 -14.09 18.94 17.87
CA SER B 1207 -15.10 19.67 17.09
C SER B 1207 -15.29 21.09 17.64
N ILE B 1208 -15.21 21.25 18.96
CA ILE B 1208 -15.28 22.59 19.53
C ILE B 1208 -14.10 23.43 19.05
N VAL B 1209 -12.90 22.85 19.03
CA VAL B 1209 -11.73 23.55 18.54
C VAL B 1209 -11.87 23.86 17.04
N PHE B 1210 -12.41 22.91 16.28
CA PHE B 1210 -12.65 23.12 14.86
C PHE B 1210 -13.60 24.29 14.61
N GLN B 1211 -14.69 24.36 15.38
CA GLN B 1211 -15.62 25.46 15.23
C GLN B 1211 -15.01 26.78 15.68
N HIS B 1212 -14.20 26.75 16.74
CA HIS B 1212 -13.49 27.96 17.17
C HIS B 1212 -12.52 28.43 16.10
N GLU B 1213 -11.92 27.49 15.36
CA GLU B 1213 -10.98 27.86 14.32
C GLU B 1213 -11.69 28.40 13.09
N MET B 1214 -12.87 27.88 12.79
CA MET B 1214 -13.66 28.50 11.72
C MET B 1214 -14.17 29.87 12.13
N ARG B 1215 -14.45 30.07 13.42
CA ARG B 1215 -14.86 31.38 13.90
C ARG B 1215 -13.69 32.36 13.92
N ALA B 1216 -12.47 31.86 14.14
CA ALA B 1216 -11.30 32.71 14.12
C ALA B 1216 -11.03 33.25 12.73
N ALA B 1217 -11.41 32.50 11.71
CA ALA B 1217 -11.30 32.93 10.32
C ALA B 1217 -12.48 33.78 9.89
N ASN B 1218 -13.22 34.33 10.83
CA ASN B 1218 -14.35 35.22 10.56
C ASN B 1218 -15.44 34.52 9.76
N VAL B 1219 -15.64 33.23 10.04
CA VAL B 1219 -16.80 32.49 9.56
C VAL B 1219 -17.67 32.19 10.76
N ASN B 1220 -18.87 32.75 10.79
CA ASN B 1220 -19.77 32.54 11.91
C ASN B 1220 -20.47 31.20 11.77
N ILE B 1221 -20.36 30.36 12.79
CA ILE B 1221 -20.99 29.06 12.82
C ILE B 1221 -22.18 29.15 13.77
N THR B 1222 -23.38 29.03 13.24
CA THR B 1222 -24.59 29.01 14.04
C THR B 1222 -25.24 27.64 13.94
N SER B 1223 -25.45 27.01 15.08
CA SER B 1223 -26.02 25.66 15.16
C SER B 1223 -27.51 25.77 15.41
N VAL B 1224 -28.31 25.23 14.49
CA VAL B 1224 -29.75 25.46 14.54
C VAL B 1224 -30.39 24.74 15.71
N LEU B 1225 -29.93 23.53 16.03
CA LEU B 1225 -30.49 22.68 17.08
C LEU B 1225 -31.84 22.11 16.68
N SER B 1226 -32.08 20.85 17.01
CA SER B 1226 -33.31 20.20 16.62
C SER B 1226 -34.50 20.86 17.32
N PRO B 1227 -35.61 21.08 16.62
CA PRO B 1227 -36.77 21.68 17.28
C PRO B 1227 -37.38 20.72 18.31
N ARG B 1228 -38.02 21.31 19.31
CA ARG B 1228 -38.74 20.51 20.29
C ARG B 1228 -40.06 20.03 19.70
N VAL B 1229 -40.37 18.76 19.95
CA VAL B 1229 -41.58 18.13 19.44
C VAL B 1229 -42.51 17.83 20.60
N PHE B 1230 -43.80 18.04 20.39
CA PHE B 1230 -44.81 17.82 21.40
C PHE B 1230 -45.93 16.98 20.82
N GLN B 1231 -46.29 15.91 21.51
CA GLN B 1231 -47.50 15.19 21.12
C GLN B 1231 -48.71 16.06 21.41
N PRO B 1232 -49.73 16.00 20.56
CA PRO B 1232 -50.85 16.95 20.68
C PRO B 1232 -51.55 16.81 22.01
N ALA B 1233 -51.97 17.95 22.55
CA ALA B 1233 -52.62 18.00 23.86
C ALA B 1233 -53.97 17.26 23.83
N GLU C 1 4.35 -60.68 33.49
CA GLU C 1 5.66 -61.22 33.85
C GLU C 1 6.76 -60.19 33.61
N LYS C 2 7.83 -60.59 32.91
CA LYS C 2 8.92 -59.68 32.59
C LYS C 2 8.50 -58.80 31.41
N ILE C 3 7.85 -57.68 31.74
CA ILE C 3 7.55 -56.70 30.70
C ILE C 3 8.81 -56.03 30.21
N PHE C 4 9.64 -55.55 31.14
CA PHE C 4 10.91 -54.92 30.82
C PHE C 4 11.94 -56.03 30.62
N GLN C 5 12.11 -56.44 29.37
CA GLN C 5 13.07 -57.46 28.99
C GLN C 5 14.41 -56.78 28.68
N ASN C 6 15.30 -57.50 28.01
CA ASN C 6 16.71 -57.17 27.84
C ASN C 6 17.03 -55.68 27.74
N VAL C 7 18.02 -55.24 28.50
CA VAL C 7 18.51 -53.87 28.50
C VAL C 7 19.97 -53.88 28.09
N GLU C 8 20.36 -52.91 27.26
CA GLU C 8 21.75 -52.73 26.84
C GLU C 8 22.24 -51.38 27.34
N ILE C 9 23.18 -51.39 28.27
CA ILE C 9 23.75 -50.18 28.84
C ILE C 9 25.14 -50.00 28.24
N LYS C 10 25.35 -48.87 27.55
CA LYS C 10 26.63 -48.58 26.94
C LYS C 10 27.01 -47.13 27.16
N PRO C 11 27.97 -46.85 28.05
CA PRO C 11 28.42 -45.47 28.24
C PRO C 11 29.14 -44.94 27.01
N PHE C 12 29.04 -43.63 26.81
CA PHE C 12 29.78 -42.94 25.76
C PHE C 12 31.14 -42.56 26.31
N LEU C 13 32.20 -42.97 25.63
CA LEU C 13 33.56 -42.85 26.15
C LEU C 13 34.45 -42.13 25.16
N ILE C 14 35.38 -41.34 25.69
CA ILE C 14 36.40 -40.70 24.88
C ILE C 14 37.39 -41.74 24.39
N ASP C 15 37.60 -41.79 23.08
CA ASP C 15 38.53 -42.75 22.49
C ASP C 15 39.90 -42.11 22.46
N PHE C 16 40.75 -42.47 23.43
CA PHE C 16 42.07 -41.88 23.54
C PHE C 16 43.07 -42.46 22.55
N SER C 17 42.68 -43.47 21.78
CA SER C 17 43.53 -43.94 20.70
C SER C 17 43.62 -42.93 19.57
N ASN C 18 42.73 -41.93 19.56
CA ASN C 18 42.84 -40.83 18.61
C ASN C 18 43.92 -39.87 19.09
N LEU C 19 44.94 -39.66 18.26
CA LEU C 19 46.09 -38.89 18.69
C LEU C 19 45.72 -37.46 19.03
N PHE C 20 44.88 -36.83 18.19
CA PHE C 20 44.52 -35.43 18.42
C PHE C 20 43.70 -35.28 19.69
N ILE C 21 42.73 -36.16 19.90
CA ILE C 21 41.90 -36.10 21.11
C ILE C 21 42.78 -36.26 22.35
N LYS C 22 43.65 -37.27 22.35
CA LYS C 22 44.50 -37.52 23.49
C LYS C 22 45.44 -36.35 23.75
N ASN C 23 46.02 -35.80 22.69
CA ASN C 23 46.95 -34.68 22.84
C ASN C 23 46.24 -33.46 23.43
N ALA C 24 45.05 -33.14 22.93
CA ALA C 24 44.32 -31.99 23.45
C ALA C 24 43.92 -32.19 24.90
N ALA C 25 43.38 -33.37 25.24
CA ALA C 25 42.97 -33.62 26.61
C ALA C 25 44.17 -33.55 27.55
N LYS C 26 45.29 -34.14 27.15
CA LYS C 26 46.49 -34.08 27.97
C LYS C 26 46.97 -32.65 28.16
N LYS C 27 47.02 -31.87 27.08
CA LYS C 27 47.65 -30.55 27.17
C LYS C 27 46.81 -29.57 27.97
N LEU C 28 45.48 -29.63 27.86
CA LEU C 28 44.70 -28.60 28.50
C LEU C 28 43.83 -29.08 29.66
N PHE C 29 43.79 -30.39 29.94
CA PHE C 29 43.11 -30.90 31.10
C PHE C 29 43.96 -31.85 31.93
N GLN C 30 45.12 -32.27 31.40
CA GLN C 30 45.94 -33.32 32.02
C GLN C 30 45.09 -34.57 32.27
N LEU C 31 44.28 -34.92 31.27
CA LEU C 31 43.32 -36.02 31.37
C LEU C 31 43.79 -37.15 30.47
N GLU C 32 44.02 -38.33 31.06
CA GLU C 32 44.45 -39.51 30.31
C GLU C 32 43.45 -40.64 30.37
N GLU C 33 42.46 -40.59 31.25
CA GLU C 33 41.43 -41.61 31.37
C GLU C 33 40.08 -40.98 31.11
N GLN C 34 39.04 -41.81 31.20
CA GLN C 34 37.69 -41.32 30.98
C GLN C 34 37.28 -40.36 32.10
N LEU C 35 36.35 -39.47 31.77
CA LEU C 35 35.89 -38.47 32.71
C LEU C 35 35.09 -39.12 33.84
N PRO C 36 35.02 -38.48 35.01
CA PRO C 36 34.29 -39.10 36.13
C PRO C 36 32.83 -39.37 35.83
N LEU C 37 32.20 -38.53 35.01
CA LEU C 37 30.79 -38.68 34.66
C LEU C 37 30.68 -38.83 33.16
N VAL C 38 29.95 -39.85 32.71
CA VAL C 38 29.87 -40.15 31.29
C VAL C 38 28.41 -40.22 30.87
N PRO C 39 28.08 -39.90 29.62
CA PRO C 39 26.73 -40.18 29.13
C PRO C 39 26.54 -41.67 28.90
N VAL C 40 25.40 -42.18 29.34
CA VAL C 40 25.11 -43.60 29.28
C VAL C 40 23.88 -43.80 28.41
N ASN C 41 24.01 -44.63 27.38
CA ASN C 41 22.92 -44.91 26.45
C ASN C 41 22.26 -46.21 26.87
N VAL C 42 21.02 -46.12 27.34
CA VAL C 42 20.26 -47.27 27.83
C VAL C 42 19.22 -47.61 26.78
N VAL C 43 19.32 -48.81 26.21
CA VAL C 43 18.36 -49.32 25.24
C VAL C 43 17.56 -50.41 25.91
N MET C 44 16.25 -50.23 26.01
CA MET C 44 15.37 -51.11 26.75
C MET C 44 14.37 -51.77 25.81
N ASP C 45 14.15 -53.06 25.99
CA ASP C 45 13.14 -53.81 25.26
C ASP C 45 11.96 -54.09 26.19
N PHE C 46 10.76 -53.73 25.75
CA PHE C 46 9.54 -53.96 26.50
C PHE C 46 8.62 -54.88 25.71
N LYS C 47 8.08 -55.89 26.36
CA LYS C 47 7.18 -56.84 25.71
C LYS C 47 5.86 -56.87 26.44
N GLY C 48 4.77 -56.92 25.67
CA GLY C 48 3.45 -57.04 26.24
C GLY C 48 3.01 -55.83 27.04
N ILE C 49 3.29 -54.64 26.54
CA ILE C 49 2.91 -53.40 27.20
C ILE C 49 2.50 -52.39 26.14
N SER C 50 1.45 -51.63 26.42
CA SER C 50 0.95 -50.67 25.45
C SER C 50 2.00 -49.59 25.18
N ARG C 51 1.95 -49.06 23.96
CA ARG C 51 2.88 -47.99 23.59
C ARG C 51 2.66 -46.74 24.42
N ALA C 52 1.45 -46.55 24.94
CA ALA C 52 1.18 -45.42 25.81
C ALA C 52 2.03 -45.48 27.07
N ALA C 53 2.18 -46.68 27.65
CA ALA C 53 2.96 -46.79 28.88
C ALA C 53 4.45 -46.62 28.62
N VAL C 54 4.98 -47.23 27.55
CA VAL C 54 6.39 -47.07 27.24
C VAL C 54 6.71 -45.62 26.92
N HIS C 55 5.85 -44.97 26.13
CA HIS C 55 6.11 -43.57 25.82
C HIS C 55 5.90 -42.67 27.03
N GLY C 56 4.99 -43.01 27.94
CA GLY C 56 4.88 -42.25 29.16
C GLY C 56 6.12 -42.35 30.01
N LEU C 57 6.68 -43.56 30.10
CA LEU C 57 7.95 -43.72 30.80
C LEU C 57 9.05 -42.90 30.15
N SER C 58 9.11 -42.91 28.82
CA SER C 58 10.12 -42.11 28.13
C SER C 58 9.92 -40.62 28.38
N ARG C 59 8.68 -40.14 28.32
CA ARG C 59 8.40 -38.72 28.54
C ARG C 59 8.76 -38.30 29.94
N VAL C 60 8.46 -39.15 30.93
CA VAL C 60 8.82 -38.84 32.31
C VAL C 60 10.33 -38.78 32.46
N LEU C 61 11.04 -39.79 31.93
CA LEU C 61 12.49 -39.78 32.02
C LEU C 61 13.10 -38.59 31.30
N GLN C 62 12.42 -38.08 30.26
CA GLN C 62 12.94 -36.91 29.56
C GLN C 62 12.75 -35.65 30.40
N ASP C 63 11.50 -35.27 30.66
CA ASP C 63 11.31 -33.97 31.31
C ASP C 63 10.17 -33.96 32.32
N GLU C 64 9.93 -35.06 33.02
CA GLU C 64 8.96 -35.05 34.10
C GLU C 64 9.46 -35.69 35.39
N ILE C 65 10.60 -36.37 35.35
CA ILE C 65 11.23 -36.85 36.58
C ILE C 65 11.97 -35.69 37.24
N PRO C 66 11.89 -35.52 38.55
CA PRO C 66 12.62 -34.42 39.19
C PRO C 66 14.11 -34.57 39.00
N ASN C 67 14.77 -33.44 38.74
CA ASN C 67 16.20 -33.44 38.46
C ASN C 67 16.83 -32.29 39.22
N TYR C 68 18.16 -32.25 39.21
CA TYR C 68 18.94 -31.25 39.92
C TYR C 68 19.81 -30.49 38.94
N MET C 69 19.91 -29.18 39.14
CA MET C 69 20.80 -28.34 38.37
C MET C 69 21.53 -27.40 39.30
N LEU C 70 22.59 -26.79 38.79
CA LEU C 70 23.29 -25.74 39.52
C LEU C 70 22.69 -24.39 39.16
N ASP C 71 22.35 -23.60 40.16
CA ASP C 71 21.83 -22.26 39.95
C ASP C 71 22.56 -21.28 40.86
N ILE C 72 22.46 -20.01 40.51
CA ILE C 72 23.06 -18.93 41.30
C ILE C 72 21.97 -18.24 42.08
N LYS C 73 22.15 -18.12 43.40
CA LYS C 73 21.22 -17.37 44.20
C LYS C 73 21.28 -15.89 43.81
N PRO C 74 20.16 -15.17 43.93
CA PRO C 74 20.19 -13.74 43.67
C PRO C 74 21.22 -13.04 44.53
N GLY C 75 22.08 -12.26 43.89
CA GLY C 75 23.21 -11.65 44.54
C GLY C 75 24.47 -12.50 44.54
N GLY C 76 24.41 -13.73 44.04
CA GLY C 76 25.60 -14.56 43.98
C GLY C 76 26.64 -14.04 43.02
N TYR C 77 26.21 -13.48 41.90
CA TYR C 77 27.10 -12.90 40.91
C TYR C 77 27.58 -11.55 41.43
N LYS C 78 28.87 -11.45 41.74
CA LYS C 78 29.41 -10.24 42.35
C LYS C 78 29.76 -9.23 41.26
N ILE C 79 29.11 -8.07 41.31
CA ILE C 79 29.32 -7.06 40.28
C ILE C 79 30.74 -6.50 40.36
N GLU C 80 31.14 -6.08 41.54
CA GLU C 80 32.51 -5.60 41.82
C GLU C 80 32.90 -4.51 40.82
N ASP C 81 34.20 -4.34 40.58
CA ASP C 81 34.70 -3.34 39.65
C ASP C 81 35.67 -3.90 38.61
N SER C 82 36.30 -5.05 38.88
CA SER C 82 37.23 -5.66 37.95
C SER C 82 36.63 -6.87 37.24
N THR C 83 35.32 -7.07 37.36
CA THR C 83 34.70 -8.23 36.73
C THR C 83 34.70 -8.07 35.21
N ASP C 84 34.75 -9.21 34.53
CA ASP C 84 34.71 -9.20 33.07
C ASP C 84 33.38 -8.65 32.59
N LEU C 85 33.46 -7.75 31.62
CA LEU C 85 32.26 -7.12 31.08
C LEU C 85 31.58 -7.97 30.02
N PHE C 86 32.28 -8.95 29.46
CA PHE C 86 31.69 -9.84 28.47
C PHE C 86 31.01 -11.05 29.08
N MET C 87 31.47 -11.49 30.26
CA MET C 87 30.86 -12.62 30.96
C MET C 87 29.72 -12.08 31.82
N THR C 88 28.60 -11.80 31.17
CA THR C 88 27.46 -11.25 31.89
C THR C 88 26.83 -12.32 32.79
N GLU C 89 26.00 -11.85 33.72
CA GLU C 89 25.34 -12.78 34.63
C GLU C 89 24.43 -13.75 33.89
N GLN C 90 23.70 -13.25 32.89
CA GLN C 90 22.75 -14.09 32.18
C GLN C 90 23.48 -15.18 31.38
N PHE C 91 24.54 -14.81 30.68
CA PHE C 91 25.31 -15.78 29.90
C PHE C 91 25.90 -16.86 30.81
N ILE C 92 26.56 -16.45 31.88
CA ILE C 92 27.21 -17.40 32.78
C ILE C 92 26.19 -18.26 33.49
N ARG C 93 25.05 -17.67 33.88
CA ARG C 93 24.01 -18.45 34.53
C ARG C 93 23.44 -19.50 33.58
N ASN C 94 23.29 -19.14 32.30
CA ASN C 94 22.86 -20.14 31.33
C ASN C 94 23.89 -21.25 31.18
N ARG C 95 25.18 -20.91 31.17
CA ARG C 95 26.21 -21.94 31.09
C ARG C 95 26.15 -22.87 32.30
N ILE C 96 26.00 -22.29 33.49
CA ILE C 96 26.05 -23.09 34.72
C ILE C 96 24.80 -23.96 34.86
N ASN C 97 23.64 -23.41 34.52
CA ASN C 97 22.39 -24.12 34.70
C ASN C 97 22.35 -25.43 33.92
N PHE C 98 23.05 -25.49 32.80
CA PHE C 98 22.98 -26.64 31.92
C PHE C 98 24.18 -27.56 32.02
N ILE C 99 25.03 -27.38 33.03
CA ILE C 99 26.07 -28.36 33.32
C ILE C 99 25.36 -29.58 33.92
N PRO C 100 25.44 -30.75 33.29
CA PRO C 100 24.79 -31.93 33.86
C PRO C 100 25.49 -32.37 35.13
N ILE C 101 24.73 -32.48 36.20
CA ILE C 101 25.26 -32.87 37.51
C ILE C 101 24.56 -34.14 37.97
N TYR C 102 25.32 -35.02 38.60
CA TYR C 102 24.79 -36.18 39.28
C TYR C 102 25.01 -35.95 40.78
N ALA C 103 24.04 -35.30 41.40
CA ALA C 103 24.15 -34.85 42.79
C ALA C 103 23.26 -35.70 43.66
N LYS C 104 23.83 -36.30 44.70
CA LYS C 104 23.08 -37.06 45.69
C LYS C 104 22.70 -36.20 46.89
N ASN C 105 23.25 -35.00 47.01
CA ASN C 105 23.00 -34.13 48.14
C ASN C 105 22.66 -32.74 47.64
N GLU C 106 21.55 -32.19 48.11
CA GLU C 106 21.10 -30.86 47.70
C GLU C 106 21.80 -29.75 48.47
N THR C 107 22.49 -30.07 49.56
CA THR C 107 23.08 -29.06 50.43
C THR C 107 24.34 -28.44 49.82
N LEU C 108 24.97 -29.13 48.87
CA LEU C 108 26.24 -28.67 48.30
C LEU C 108 26.10 -27.27 47.70
N VAL C 109 27.10 -26.44 47.94
CA VAL C 109 27.15 -25.07 47.43
C VAL C 109 28.54 -24.85 46.85
N PHE C 110 28.60 -24.23 45.68
CA PHE C 110 29.85 -24.02 44.98
C PHE C 110 30.08 -22.52 44.79
N ALA C 111 31.34 -22.17 44.51
CA ALA C 111 31.71 -20.80 44.20
C ALA C 111 32.68 -20.81 43.03
N LEU C 112 32.74 -19.69 42.33
CA LEU C 112 33.63 -19.53 41.17
C LEU C 112 34.41 -18.24 41.37
N ARG C 113 35.60 -18.35 41.96
CA ARG C 113 36.45 -17.20 42.23
C ARG C 113 37.62 -17.23 41.25
N SER C 114 37.40 -16.65 40.08
CA SER C 114 38.37 -16.69 38.99
C SER C 114 38.93 -15.29 38.74
N LEU C 115 40.22 -15.24 38.40
CA LEU C 115 40.88 -13.98 38.15
C LEU C 115 41.94 -14.20 37.08
N ASN C 116 42.03 -13.27 36.14
CA ASN C 116 42.98 -13.35 35.03
C ASN C 116 44.06 -12.30 35.25
N ASN C 117 45.17 -12.71 35.87
CA ASN C 117 46.30 -11.81 36.06
C ASN C 117 47.26 -11.83 34.89
N SER C 118 47.06 -12.69 33.90
CA SER C 118 47.92 -12.77 32.75
C SER C 118 47.59 -11.65 31.76
N CYS C 119 48.37 -11.60 30.68
CA CYS C 119 48.13 -10.63 29.62
C CYS C 119 47.20 -11.16 28.53
N GLU C 120 46.81 -12.43 28.61
CA GLU C 120 45.98 -13.08 27.62
C GLU C 120 44.62 -13.40 28.21
N VAL C 121 43.73 -13.91 27.37
CA VAL C 121 42.40 -14.28 27.80
C VAL C 121 42.45 -15.65 28.44
N LYS C 122 41.93 -15.75 29.67
CA LYS C 122 41.92 -16.99 30.42
C LYS C 122 40.52 -17.58 30.40
N THR C 123 40.45 -18.89 30.15
CA THR C 123 39.17 -19.59 30.12
C THR C 123 38.87 -20.20 31.47
N ILE C 124 37.69 -19.91 32.00
CA ILE C 124 37.22 -20.52 33.23
C ILE C 124 36.62 -21.88 32.90
N TYR C 125 37.03 -22.90 33.63
CA TYR C 125 36.51 -24.24 33.43
C TYR C 125 35.70 -24.67 34.64
N SER C 126 34.98 -25.78 34.49
CA SER C 126 34.24 -26.35 35.60
C SER C 126 35.14 -26.84 36.72
N ARG C 127 36.42 -27.09 36.43
CA ARG C 127 37.36 -27.46 37.48
C ARG C 127 37.61 -26.31 38.45
N ASP C 128 37.25 -25.09 38.06
CA ASP C 128 37.37 -23.94 38.94
C ASP C 128 36.15 -23.73 39.82
N LEU C 129 35.14 -24.58 39.70
CA LEU C 129 33.97 -24.54 40.57
C LEU C 129 34.34 -25.22 41.87
N ILE C 130 34.73 -24.43 42.87
CA ILE C 130 35.22 -24.96 44.14
C ILE C 130 34.04 -25.07 45.10
N GLN C 131 33.91 -26.24 45.72
CA GLN C 131 32.84 -26.44 46.69
C GLN C 131 33.14 -25.65 47.96
N VAL C 132 32.15 -24.90 48.44
CA VAL C 132 32.31 -24.06 49.61
C VAL C 132 31.36 -24.39 50.74
N ALA C 133 30.44 -25.32 50.54
CA ALA C 133 29.49 -25.71 51.58
C ALA C 133 29.00 -27.12 51.30
N GLY C 134 28.35 -27.70 52.31
CA GLY C 134 27.93 -29.07 52.23
C GLY C 134 29.09 -29.99 52.58
N PRO C 135 28.83 -31.30 52.60
CA PRO C 135 29.91 -32.25 52.88
C PRO C 135 30.92 -32.27 51.75
N LYS C 136 32.18 -32.52 52.12
CA LYS C 136 33.25 -32.59 51.13
C LYS C 136 32.94 -33.67 50.11
N LEU C 137 33.10 -33.34 48.83
CA LEU C 137 32.69 -34.22 47.75
C LEU C 137 33.72 -35.32 47.58
N LYS C 138 33.32 -36.56 47.88
CA LYS C 138 34.22 -37.69 47.64
C LYS C 138 34.27 -38.04 46.15
N TYR C 139 33.21 -37.75 45.41
CA TYR C 139 33.17 -37.90 43.98
C TYR C 139 32.60 -36.64 43.35
N PRO C 140 33.17 -36.18 42.23
CA PRO C 140 32.64 -34.98 41.57
C PRO C 140 31.23 -35.20 41.09
N ILE C 141 30.42 -34.13 41.13
CA ILE C 141 29.06 -34.21 40.61
C ILE C 141 28.96 -33.73 39.17
N PHE C 142 29.98 -33.04 38.66
CA PHE C 142 30.01 -32.63 37.27
C PHE C 142 31.41 -32.82 36.73
N ASN C 143 31.51 -32.90 35.41
CA ASN C 143 32.81 -33.02 34.78
C ASN C 143 33.53 -31.67 34.84
N PRO C 144 34.86 -31.68 35.00
CA PRO C 144 35.62 -30.42 35.10
C PRO C 144 36.03 -29.81 33.78
N THR C 145 35.44 -30.25 32.67
CA THR C 145 35.91 -29.86 31.34
C THR C 145 34.99 -28.86 30.65
N PHE C 146 33.91 -28.42 31.29
CA PHE C 146 33.05 -27.43 30.68
C PHE C 146 33.73 -26.07 30.68
N GLU C 147 33.49 -25.29 29.63
CA GLU C 147 33.97 -23.92 29.56
C GLU C 147 32.88 -23.01 30.11
N ILE C 148 33.05 -22.59 31.36
CA ILE C 148 32.09 -21.66 31.96
C ILE C 148 32.17 -20.30 31.25
N GLY C 149 33.38 -19.88 30.91
CA GLY C 149 33.54 -18.61 30.22
C GLY C 149 35.01 -18.31 30.06
N PHE C 150 35.29 -17.11 29.54
CA PHE C 150 36.64 -16.64 29.33
C PHE C 150 36.77 -15.24 29.90
N LEU C 151 37.91 -14.97 30.52
CA LEU C 151 38.16 -13.69 31.17
C LEU C 151 39.11 -12.86 30.32
N GLN C 152 38.73 -11.60 30.08
CA GLN C 152 39.65 -10.67 29.47
C GLN C 152 40.80 -10.38 30.42
N PRO C 153 41.97 -9.98 29.90
CA PRO C 153 43.12 -9.75 30.77
C PRO C 153 42.82 -8.74 31.86
N GLY C 154 43.27 -9.07 33.08
CA GLY C 154 43.07 -8.21 34.22
C GLY C 154 41.69 -8.28 34.83
N LYS C 155 40.80 -9.09 34.30
CA LYS C 155 39.42 -9.16 34.75
C LYS C 155 39.20 -10.40 35.62
N SER C 156 38.07 -10.41 36.31
CA SER C 156 37.74 -11.46 37.25
C SER C 156 36.30 -11.90 37.03
N LEU C 157 35.95 -13.02 37.63
CA LEU C 157 34.57 -13.49 37.67
C LEU C 157 34.37 -14.19 38.99
N ILE C 158 33.57 -13.60 39.87
CA ILE C 158 33.28 -14.17 41.18
C ILE C 158 31.79 -14.44 41.27
N ILE C 159 31.43 -15.70 41.50
CA ILE C 159 30.05 -16.10 41.77
C ILE C 159 30.07 -16.91 43.06
N GLU C 160 29.22 -16.56 44.01
CA GLU C 160 29.39 -16.99 45.39
C GLU C 160 28.33 -17.95 45.89
N ASP C 161 27.21 -18.11 45.19
CA ASP C 161 26.09 -18.87 45.71
C ASP C 161 25.56 -19.83 44.67
N ILE C 162 26.46 -20.59 44.04
CA ILE C 162 26.05 -21.61 43.07
C ILE C 162 25.56 -22.81 43.88
N TYR C 163 24.24 -22.97 43.95
CA TYR C 163 23.59 -24.00 44.73
C TYR C 163 22.86 -24.98 43.82
N ILE C 164 22.33 -26.03 44.42
CA ILE C 164 21.68 -27.11 43.69
C ILE C 164 20.18 -26.94 43.81
N LYS C 165 19.51 -26.82 42.67
CA LYS C 165 18.07 -26.57 42.60
C LYS C 165 17.37 -27.78 41.99
N LYS C 166 16.20 -28.10 42.49
CA LYS C 166 15.41 -29.24 42.02
C LYS C 166 14.21 -28.76 41.21
N GLY C 167 13.85 -29.55 40.22
CA GLY C 167 12.72 -29.20 39.37
C GLY C 167 12.55 -30.27 38.31
N ILE C 168 11.55 -30.04 37.45
CA ILE C 168 11.27 -30.95 36.35
C ILE C 168 11.53 -30.23 35.04
N GLY C 169 11.79 -31.02 34.00
CA GLY C 169 12.27 -30.47 32.74
C GLY C 169 11.23 -29.70 31.95
N ARG C 170 9.95 -29.99 32.15
CA ARG C 170 8.94 -29.27 31.38
C ARG C 170 8.80 -27.83 31.87
N LYS C 171 9.11 -27.57 33.14
CA LYS C 171 9.11 -26.21 33.63
C LYS C 171 10.34 -25.45 33.14
N HIS C 172 11.50 -26.10 33.16
CA HIS C 172 12.75 -25.52 32.68
C HIS C 172 13.64 -26.63 32.17
N ALA C 173 14.17 -26.47 30.97
CA ALA C 173 14.92 -27.53 30.30
C ALA C 173 16.22 -27.87 31.00
N ALA C 174 16.69 -27.06 31.94
CA ALA C 174 17.89 -27.42 32.67
C ALA C 174 17.67 -28.60 33.60
N PHE C 175 16.41 -28.97 33.84
CA PHE C 175 16.07 -30.17 34.60
C PHE C 175 15.77 -31.35 33.69
N ASN C 176 15.93 -31.20 32.37
CA ASN C 176 15.78 -32.33 31.47
C ASN C 176 16.80 -33.40 31.83
N LEU C 177 16.37 -34.65 31.87
CA LEU C 177 17.27 -35.74 32.23
C LEU C 177 17.74 -36.54 31.02
N ALA C 178 16.82 -37.21 30.33
CA ALA C 178 17.18 -38.20 29.32
C ALA C 178 16.91 -37.66 27.93
N VAL C 179 17.88 -37.81 27.05
CA VAL C 179 17.71 -37.45 25.65
C VAL C 179 17.33 -38.70 24.87
N LYS C 180 16.45 -38.54 23.89
CA LYS C 180 15.98 -39.69 23.13
C LYS C 180 17.06 -40.18 22.19
N THR C 181 17.25 -41.48 22.15
CA THR C 181 18.23 -42.12 21.28
C THR C 181 17.59 -43.05 20.27
N HIS C 182 16.58 -43.82 20.68
CA HIS C 182 15.93 -44.78 19.80
C HIS C 182 14.54 -45.05 20.31
N PHE C 183 13.59 -45.18 19.38
CA PHE C 183 12.26 -45.69 19.69
C PHE C 183 11.74 -46.42 18.48
N SER C 184 11.34 -47.67 18.67
CA SER C 184 10.82 -48.47 17.58
C SER C 184 9.89 -49.54 18.14
N HIS C 185 9.07 -50.09 17.27
CA HIS C 185 8.19 -51.19 17.60
C HIS C 185 8.73 -52.45 16.95
N LEU C 186 8.94 -53.48 17.76
CA LEU C 186 9.54 -54.72 17.29
C LEU C 186 8.53 -55.72 16.75
N ASP C 187 7.24 -55.51 17.00
CA ASP C 187 6.20 -56.42 16.53
C ASP C 187 5.49 -55.90 15.29
N ILE C 188 5.95 -54.82 14.69
CA ILE C 188 5.43 -54.32 13.44
C ILE C 188 6.51 -54.49 12.38
N GLU C 189 6.14 -55.10 11.26
CA GLU C 189 7.09 -55.31 10.18
C GLU C 189 7.43 -54.00 9.50
N GLN C 190 8.64 -53.92 8.96
CA GLN C 190 9.14 -52.70 8.36
C GLN C 190 9.46 -52.91 6.89
N TYR C 191 9.23 -51.88 6.10
CA TYR C 191 9.62 -51.88 4.70
C TYR C 191 11.11 -51.61 4.56
N PRO C 192 11.71 -51.99 3.43
CA PRO C 192 13.06 -51.51 3.09
C PRO C 192 13.01 -50.10 2.48
N THR C 193 13.01 -49.10 3.36
CA THR C 193 12.83 -47.71 2.95
C THR C 193 14.00 -47.14 2.17
N ASP C 194 15.06 -47.92 1.91
CA ASP C 194 16.10 -47.46 1.02
C ASP C 194 15.63 -47.41 -0.43
N LYS C 195 14.50 -48.01 -0.74
CA LYS C 195 13.94 -47.98 -2.08
C LYS C 195 13.13 -46.71 -2.31
N LYS C 196 13.05 -46.29 -3.56
CA LYS C 196 12.32 -45.07 -3.90
C LYS C 196 10.81 -45.22 -3.70
N GLU C 197 10.31 -46.45 -3.68
CA GLU C 197 8.88 -46.67 -3.52
C GLU C 197 8.43 -46.69 -2.08
N TYR C 198 9.36 -46.62 -1.12
CA TYR C 198 9.01 -46.60 0.29
C TYR C 198 9.63 -45.44 1.05
N MET C 199 10.45 -44.61 0.42
CA MET C 199 11.18 -43.58 1.14
C MET C 199 10.26 -42.46 1.63
N ALA C 200 9.07 -42.32 1.07
CA ALA C 200 8.12 -41.32 1.53
C ALA C 200 7.25 -41.82 2.66
N LEU C 201 7.39 -43.08 3.07
CA LEU C 201 6.62 -43.67 4.14
C LEU C 201 7.48 -43.84 5.38
N SER C 202 6.81 -44.06 6.52
CA SER C 202 7.53 -44.24 7.76
C SER C 202 8.42 -45.48 7.72
N GLY C 203 7.92 -46.55 7.10
CA GLY C 203 8.67 -47.77 7.00
C GLY C 203 7.89 -48.93 7.56
N TYR C 204 7.09 -48.66 8.59
CA TYR C 204 6.23 -49.68 9.16
C TYR C 204 5.18 -50.13 8.14
N LYS C 205 4.90 -51.42 8.14
CA LYS C 205 3.96 -51.97 7.19
C LYS C 205 2.50 -51.77 7.60
N GLN C 206 2.26 -51.29 8.81
CA GLN C 206 0.91 -51.03 9.30
C GLN C 206 0.72 -49.55 9.56
N SER C 207 -0.44 -49.02 9.16
CA SER C 207 -0.76 -47.64 9.48
C SER C 207 -0.92 -47.46 10.97
N SER C 208 -0.39 -46.34 11.49
CA SER C 208 -0.49 -46.07 12.91
C SER C 208 -1.92 -45.85 13.35
N MET C 209 -2.82 -45.52 12.42
CA MET C 209 -4.23 -45.37 12.75
C MET C 209 -4.91 -46.69 13.06
N THR C 210 -4.27 -47.82 12.75
CA THR C 210 -4.81 -49.13 13.05
C THR C 210 -3.90 -50.00 13.89
N SER C 211 -2.58 -49.79 13.86
CA SER C 211 -1.66 -50.67 14.54
C SER C 211 -1.74 -50.49 16.05
N ASP C 212 -1.48 -51.58 16.77
CA ASP C 212 -1.42 -51.59 18.23
C ASP C 212 -0.17 -52.35 18.63
N PRO C 213 0.99 -51.71 18.58
CA PRO C 213 2.23 -52.40 18.94
C PRO C 213 2.33 -52.61 20.44
N ARG C 214 2.83 -53.79 20.82
CA ARG C 214 3.02 -54.13 22.22
C ARG C 214 4.47 -54.48 22.55
N HIS C 215 5.33 -54.63 21.55
CA HIS C 215 6.74 -54.95 21.75
C HIS C 215 7.54 -53.76 21.25
N HIS C 216 8.24 -53.08 22.17
CA HIS C 216 8.91 -51.83 21.85
C HIS C 216 10.37 -51.90 22.28
N ARG C 217 11.19 -51.11 21.59
CA ARG C 217 12.58 -50.90 21.94
C ARG C 217 12.77 -49.40 22.16
N LEU C 218 13.12 -49.02 23.38
CA LEU C 218 13.26 -47.61 23.74
C LEU C 218 14.70 -47.34 24.15
N GLY C 219 15.34 -46.39 23.48
CA GLY C 219 16.69 -46.00 23.82
C GLY C 219 16.77 -44.59 24.35
N LEU C 220 17.29 -44.43 25.55
CA LEU C 220 17.45 -43.12 26.18
C LEU C 220 18.88 -42.95 26.67
N CYS C 221 19.42 -41.75 26.49
CA CYS C 221 20.76 -41.42 26.93
C CYS C 221 20.69 -40.56 28.19
N PHE C 222 21.40 -40.97 29.22
CA PHE C 222 21.46 -40.13 30.40
C PHE C 222 22.75 -39.32 30.41
N PRO C 223 22.69 -38.03 30.72
CA PRO C 223 23.78 -37.13 30.30
C PRO C 223 25.03 -37.24 31.15
N ALA C 224 24.91 -37.54 32.44
CA ALA C 224 26.10 -37.59 33.29
C ALA C 224 25.81 -38.51 34.48
N VAL C 225 26.34 -39.73 34.42
CA VAL C 225 26.27 -40.65 35.55
C VAL C 225 27.70 -41.05 35.89
N PRO C 226 28.00 -41.37 37.15
CA PRO C 226 29.39 -41.72 37.50
C PRO C 226 29.85 -42.98 36.79
N LEU C 227 31.14 -43.01 36.46
CA LEU C 227 31.70 -44.15 35.73
C LEU C 227 31.58 -45.46 36.47
N PRO C 228 31.94 -45.59 37.75
CA PRO C 228 31.81 -46.89 38.40
C PRO C 228 30.38 -47.29 38.68
N HIS C 229 29.54 -46.35 39.11
CA HIS C 229 28.15 -46.64 39.46
C HIS C 229 27.21 -46.28 38.32
N ILE C 230 27.39 -46.96 37.19
CA ILE C 230 26.55 -46.73 36.02
C ILE C 230 25.22 -47.46 36.17
N ASN C 231 25.28 -48.77 36.48
CA ASN C 231 24.07 -49.55 36.58
C ASN C 231 23.19 -49.07 37.72
N GLN C 232 23.81 -48.69 38.85
CA GLN C 232 23.05 -48.17 39.97
C GLN C 232 22.31 -46.89 39.59
N ALA C 233 22.99 -45.99 38.87
CA ALA C 233 22.36 -44.74 38.45
C ALA C 233 21.22 -45.01 37.47
N VAL C 234 21.42 -45.92 36.53
CA VAL C 234 20.37 -46.21 35.55
C VAL C 234 19.17 -46.84 36.24
N ARG C 235 19.41 -47.78 37.15
CA ARG C 235 18.32 -48.40 37.90
C ARG C 235 17.56 -47.37 38.70
N THR C 236 18.27 -46.45 39.36
CA THR C 236 17.61 -45.41 40.13
C THR C 236 16.76 -44.53 39.24
N TYR C 237 17.27 -44.15 38.06
CA TYR C 237 16.50 -43.33 37.15
C TYR C 237 15.22 -44.03 36.72
N LEU C 238 15.33 -45.30 36.32
CA LEU C 238 14.17 -46.03 35.83
C LEU C 238 13.14 -46.24 36.93
N LYS C 239 13.58 -46.63 38.13
CA LYS C 239 12.66 -46.83 39.23
C LYS C 239 11.99 -45.52 39.64
N ASN C 240 12.75 -44.42 39.63
CA ASN C 240 12.17 -43.13 39.98
C ASN C 240 11.13 -42.69 38.96
N ALA C 241 11.37 -42.95 37.67
CA ALA C 241 10.37 -42.64 36.67
C ALA C 241 9.10 -43.46 36.87
N CYS C 242 9.25 -44.76 37.15
CA CYS C 242 8.09 -45.59 37.41
C CYS C 242 7.32 -45.10 38.63
N ARG C 243 8.04 -44.74 39.69
CA ARG C 243 7.38 -44.23 40.90
C ARG C 243 6.68 -42.91 40.63
N ILE C 244 7.28 -42.04 39.81
CA ILE C 244 6.66 -40.76 39.49
C ILE C 244 5.34 -40.99 38.76
N ILE C 245 5.34 -41.91 37.78
CA ILE C 245 4.10 -42.21 37.07
C ILE C 245 3.06 -42.80 38.02
N ILE C 246 3.48 -43.71 38.90
CA ILE C 246 2.56 -44.33 39.84
C ILE C 246 1.95 -43.28 40.76
N GLY C 247 2.76 -42.35 41.26
CA GLY C 247 2.25 -41.33 42.14
C GLY C 247 1.29 -40.39 41.44
N ARG C 248 1.62 -39.98 40.21
CA ARG C 248 0.71 -39.11 39.47
C ARG C 248 -0.60 -39.84 39.16
N ILE C 249 -0.56 -41.15 38.94
CA ILE C 249 -1.78 -41.91 38.71
C ILE C 249 -2.59 -42.04 39.99
N GLN C 250 -1.92 -42.23 41.13
CA GLN C 250 -2.62 -42.29 42.40
C GLN C 250 -3.28 -40.96 42.76
N SER C 251 -2.69 -39.86 42.28
CA SER C 251 -3.33 -38.56 42.47
C SER C 251 -4.74 -38.53 41.86
N ILE C 252 -4.94 -39.28 40.77
CA ILE C 252 -6.26 -39.37 40.14
C ILE C 252 -7.08 -40.48 40.78
N GLN C 253 -6.42 -41.52 41.27
CA GLN C 253 -7.14 -42.55 42.03
C GLN C 253 -7.85 -41.94 43.22
N LYS C 254 -7.19 -41.02 43.92
CA LYS C 254 -7.83 -40.35 45.05
C LYS C 254 -9.07 -39.57 44.61
N ILE C 255 -8.97 -38.91 43.45
CA ILE C 255 -10.10 -38.17 42.91
C ILE C 255 -11.28 -39.11 42.65
N TYR C 256 -11.01 -40.27 42.06
CA TYR C 256 -12.07 -41.25 41.85
C TYR C 256 -12.66 -41.71 43.17
N GLU C 257 -11.81 -42.00 44.15
CA GLU C 257 -12.31 -42.49 45.43
C GLU C 257 -13.14 -41.45 46.15
N ASN C 258 -12.94 -40.17 45.83
CA ASN C 258 -13.74 -39.11 46.43
C ASN C 258 -14.86 -38.63 45.50
N PHE C 259 -15.45 -39.53 44.72
CA PHE C 259 -16.41 -39.10 43.71
C PHE C 259 -17.76 -38.71 44.30
N GLU C 260 -18.15 -39.33 45.42
CA GLU C 260 -19.41 -38.96 46.05
C GLU C 260 -19.39 -37.52 46.53
N GLU C 261 -18.26 -37.07 47.05
CA GLU C 261 -18.08 -35.66 47.39
C GLU C 261 -17.83 -34.86 46.12
N PRO C 262 -18.61 -33.81 45.86
CA PRO C 262 -18.45 -33.07 44.60
C PRO C 262 -17.18 -32.24 44.54
N GLN C 263 -16.05 -32.87 44.23
CA GLN C 263 -14.79 -32.16 44.06
C GLN C 263 -14.76 -31.44 42.71
N PRO C 264 -14.05 -30.31 42.63
CA PRO C 264 -14.08 -29.53 41.39
C PRO C 264 -13.35 -30.18 40.22
N GLU C 265 -12.46 -31.14 40.47
CA GLU C 265 -11.66 -31.75 39.41
C GLU C 265 -12.29 -33.01 38.84
N LEU C 266 -13.50 -33.37 39.26
CA LEU C 266 -14.22 -34.48 38.65
C LEU C 266 -15.71 -34.16 38.68
N VAL C 267 -16.34 -34.19 37.52
CA VAL C 267 -17.77 -33.98 37.41
C VAL C 267 -18.37 -35.15 36.66
N LEU C 268 -19.62 -35.47 36.99
CA LEU C 268 -20.32 -36.59 36.39
C LEU C 268 -21.71 -36.14 35.96
N PHE C 269 -22.19 -36.69 34.86
CA PHE C 269 -23.51 -36.39 34.33
C PHE C 269 -24.31 -37.67 34.21
N SER C 270 -25.56 -37.51 33.79
CA SER C 270 -26.49 -38.61 33.56
C SER C 270 -27.19 -38.39 32.23
N MET C 271 -26.37 -38.23 31.18
CA MET C 271 -26.79 -37.68 29.90
C MET C 271 -28.15 -38.17 29.42
N ASP C 272 -28.27 -39.46 29.12
CA ASP C 272 -29.50 -39.93 28.49
C ASP C 272 -29.69 -41.43 28.62
N GLU C 273 -29.36 -42.17 27.56
CA GLU C 273 -29.68 -43.58 27.47
C GLU C 273 -28.79 -44.41 28.38
N GLU C 274 -28.94 -44.23 29.70
CA GLU C 274 -28.16 -44.93 30.72
C GLU C 274 -26.71 -44.46 30.67
N LYS C 275 -26.38 -43.60 29.71
CA LYS C 275 -25.01 -43.12 29.57
C LYS C 275 -24.72 -42.04 30.60
N THR C 276 -23.54 -42.13 31.21
CA THR C 276 -23.03 -41.09 32.08
C THR C 276 -21.72 -40.55 31.53
N LYS C 277 -21.55 -39.24 31.60
CA LYS C 277 -20.35 -38.57 31.16
C LYS C 277 -19.50 -38.20 32.36
N ALA C 278 -18.25 -38.63 32.36
CA ALA C 278 -17.30 -38.29 33.42
C ALA C 278 -16.22 -37.42 32.83
N ILE C 279 -16.08 -36.20 33.36
CA ILE C 279 -15.06 -35.26 32.91
C ILE C 279 -14.14 -34.98 34.07
N ILE C 280 -12.85 -35.32 33.89
CA ILE C 280 -11.85 -35.21 34.94
C ILE C 280 -10.81 -34.19 34.48
N THR C 281 -10.81 -33.03 35.10
CA THR C 281 -9.88 -31.96 34.78
C THR C 281 -8.81 -31.90 35.85
N ILE C 282 -7.55 -32.01 35.44
CA ILE C 282 -6.43 -31.97 36.37
C ILE C 282 -5.45 -30.90 35.88
N LYS C 283 -5.26 -29.88 36.70
CA LYS C 283 -4.37 -28.79 36.33
C LYS C 283 -2.92 -29.25 36.33
N ASP C 284 -2.14 -28.68 35.41
CA ASP C 284 -0.71 -28.99 35.28
C ASP C 284 -0.47 -30.48 35.08
N GLU C 285 -1.30 -31.11 34.26
CA GLU C 285 -1.13 -32.51 33.89
C GLU C 285 -0.79 -32.57 32.41
N THR C 286 0.04 -33.53 32.04
CA THR C 286 0.61 -33.59 30.71
C THR C 286 -0.02 -34.71 29.90
N HIS C 287 0.48 -34.91 28.69
CA HIS C 287 -0.02 -35.97 27.82
C HIS C 287 0.31 -37.35 28.33
N THR C 288 1.32 -37.47 29.19
CA THR C 288 1.68 -38.78 29.74
C THR C 288 0.50 -39.40 30.47
N ILE C 289 -0.04 -38.68 31.44
CA ILE C 289 -1.12 -39.21 32.26
C ILE C 289 -2.41 -39.33 31.45
N GLY C 290 -2.70 -38.33 30.61
CA GLY C 290 -3.92 -38.39 29.82
C GLY C 290 -3.92 -39.56 28.85
N ASN C 291 -2.81 -39.77 28.16
CA ASN C 291 -2.71 -40.89 27.23
C ASN C 291 -2.72 -42.23 27.94
N LEU C 292 -2.02 -42.34 29.07
CA LEU C 292 -2.07 -43.58 29.84
C LEU C 292 -3.49 -43.88 30.29
N LEU C 293 -4.18 -42.88 30.82
CA LEU C 293 -5.55 -43.06 31.31
C LEU C 293 -6.47 -43.47 30.17
N LYS C 294 -6.39 -42.76 29.05
CA LYS C 294 -7.27 -43.10 27.93
C LYS C 294 -7.00 -44.50 27.42
N THR C 295 -5.73 -44.87 27.27
CA THR C 295 -5.39 -46.20 26.76
C THR C 295 -5.90 -47.29 27.69
N TYR C 296 -5.70 -47.13 29.00
CA TYR C 296 -6.08 -48.20 29.91
C TYR C 296 -7.59 -48.24 30.15
N ILE C 297 -8.27 -47.09 30.14
CA ILE C 297 -9.72 -47.09 30.19
C ILE C 297 -10.29 -47.78 28.97
N TYR C 298 -9.70 -47.52 27.80
CA TYR C 298 -10.13 -48.17 26.57
C TYR C 298 -9.88 -49.67 26.63
N GLU C 299 -8.76 -50.09 27.21
CA GLU C 299 -8.46 -51.51 27.33
C GLU C 299 -9.44 -52.19 28.28
N MET C 300 -9.82 -51.51 29.37
CA MET C 300 -10.83 -52.04 30.27
C MET C 300 -12.21 -52.06 29.62
N ILE C 301 -12.58 -51.00 28.94
CA ILE C 301 -13.92 -50.89 28.35
C ILE C 301 -13.78 -50.86 26.83
N PRO C 302 -13.62 -52.01 26.17
CA PRO C 302 -13.50 -51.99 24.71
C PRO C 302 -14.75 -51.46 24.01
N ASP C 303 -15.91 -51.59 24.63
CA ASP C 303 -17.17 -51.10 24.07
C ASP C 303 -17.57 -49.72 24.59
N ILE C 304 -16.60 -48.95 25.09
CA ILE C 304 -16.90 -47.63 25.64
C ILE C 304 -17.51 -46.75 24.55
N SER C 305 -18.46 -45.91 24.97
CA SER C 305 -19.07 -44.99 24.02
C SER C 305 -18.06 -43.97 23.51
N PHE C 306 -17.32 -43.35 24.43
CA PHE C 306 -16.26 -42.42 24.06
C PHE C 306 -15.31 -42.27 25.23
N VAL C 307 -14.02 -42.34 24.95
CA VAL C 307 -12.99 -41.94 25.91
C VAL C 307 -11.98 -41.09 25.16
N GLY C 308 -11.61 -39.96 25.75
CA GLY C 308 -10.67 -39.07 25.10
C GLY C 308 -10.24 -37.98 26.06
N TYR C 309 -9.06 -37.45 25.79
CA TYR C 309 -8.51 -36.37 26.57
C TYR C 309 -7.98 -35.30 25.63
N GLN C 310 -7.71 -34.13 26.20
CA GLN C 310 -7.06 -33.06 25.45
C GLN C 310 -6.23 -32.22 26.41
N CYS C 311 -4.95 -32.07 26.10
CA CYS C 311 -4.07 -31.15 26.82
C CYS C 311 -3.88 -29.94 25.92
N VAL C 312 -4.81 -29.00 26.01
CA VAL C 312 -4.66 -27.75 25.27
C VAL C 312 -3.41 -27.04 25.76
N PRO C 313 -2.53 -26.55 24.88
CA PRO C 313 -1.30 -25.90 25.36
C PRO C 313 -1.56 -24.71 26.27
N HIS C 314 -2.58 -23.91 25.99
CA HIS C 314 -3.06 -23.00 27.02
C HIS C 314 -4.10 -23.75 27.86
N LYS C 315 -4.50 -23.12 28.96
CA LYS C 315 -5.34 -23.71 30.00
C LYS C 315 -4.55 -24.69 30.87
N GLN C 316 -3.34 -25.03 30.45
CA GLN C 316 -2.36 -25.77 31.25
C GLN C 316 -3.00 -26.87 32.11
N GLU C 317 -3.77 -27.74 31.46
CA GLU C 317 -4.46 -28.80 32.19
C GLU C 317 -4.78 -29.94 31.24
N MET C 318 -5.03 -31.11 31.83
CA MET C 318 -5.54 -32.27 31.11
C MET C 318 -7.00 -32.47 31.45
N VAL C 319 -7.83 -32.60 30.42
CA VAL C 319 -9.27 -32.84 30.58
C VAL C 319 -9.56 -34.18 29.92
N LEU C 320 -9.98 -35.15 30.71
CA LEU C 320 -10.30 -36.49 30.22
C LEU C 320 -11.80 -36.69 30.29
N THR C 321 -12.40 -37.05 29.15
CA THR C 321 -13.84 -37.26 29.04
C THR C 321 -14.13 -38.74 28.80
N ILE C 322 -14.99 -39.31 29.64
CA ILE C 322 -15.43 -40.69 29.50
C ILE C 322 -16.95 -40.70 29.40
N ILE C 323 -17.47 -41.31 28.35
CA ILE C 323 -18.90 -41.53 28.20
C ILE C 323 -19.11 -43.03 28.07
N HIS C 324 -20.01 -43.57 28.90
CA HIS C 324 -20.18 -45.01 28.94
C HIS C 324 -21.64 -45.34 29.26
N LYS C 325 -22.13 -46.42 28.68
CA LYS C 325 -23.47 -46.95 28.98
C LYS C 325 -23.37 -47.73 30.28
N ALA C 326 -23.36 -47.01 31.39
CA ALA C 326 -23.27 -47.62 32.71
C ALA C 326 -23.75 -46.62 33.73
N SER C 327 -23.91 -47.07 34.97
CA SER C 327 -24.23 -46.17 36.05
C SER C 327 -22.99 -45.40 36.49
N GLN C 328 -23.20 -44.35 37.28
CA GLN C 328 -22.06 -43.58 37.78
C GLN C 328 -21.17 -44.43 38.66
N GLU C 329 -21.76 -45.25 39.52
CA GLU C 329 -20.98 -46.18 40.33
C GLU C 329 -20.26 -47.21 39.45
N ASP C 330 -20.95 -47.74 38.43
CA ASP C 330 -20.31 -48.71 37.55
C ASP C 330 -19.15 -48.10 36.80
N LEU C 331 -19.34 -46.89 36.27
CA LEU C 331 -18.25 -46.22 35.56
C LEU C 331 -17.08 -45.92 36.49
N ILE C 332 -17.38 -45.47 37.71
CA ILE C 332 -16.30 -45.16 38.65
C ILE C 332 -15.54 -46.42 39.03
N THR C 333 -16.25 -47.55 39.19
CA THR C 333 -15.57 -48.81 39.46
C THR C 333 -14.67 -49.20 38.30
N LEU C 334 -15.16 -49.06 37.07
CA LEU C 334 -14.35 -49.41 35.90
C LEU C 334 -13.11 -48.53 35.80
N LEU C 335 -13.27 -47.23 36.03
CA LEU C 335 -12.12 -46.33 35.99
C LEU C 335 -11.13 -46.65 37.10
N GLU C 336 -11.63 -46.97 38.28
CA GLU C 336 -10.75 -47.33 39.39
C GLU C 336 -9.94 -48.57 39.07
N LYS C 337 -10.58 -49.57 38.46
CA LYS C 337 -9.84 -50.78 38.13
C LYS C 337 -8.86 -50.56 36.98
N SER C 338 -9.18 -49.66 36.04
CA SER C 338 -8.20 -49.31 35.01
C SER C 338 -6.99 -48.61 35.62
N ILE C 339 -7.20 -47.70 36.57
CA ILE C 339 -6.07 -47.08 37.26
C ILE C 339 -5.27 -48.12 38.03
N GLN C 340 -5.95 -49.07 38.67
CA GLN C 340 -5.22 -50.12 39.36
C GLN C 340 -4.37 -50.93 38.39
N ASN C 341 -4.87 -51.14 37.16
CA ASN C 341 -4.06 -51.82 36.16
C ASN C 341 -2.85 -50.99 35.75
N ILE C 342 -3.00 -49.67 35.62
CA ILE C 342 -1.85 -48.83 35.32
C ILE C 342 -0.80 -48.95 36.42
N ILE C 343 -1.26 -48.89 37.67
CA ILE C 343 -0.36 -48.99 38.82
C ILE C 343 0.35 -50.34 38.83
N GLN C 344 -0.39 -51.41 38.55
CA GLN C 344 0.21 -52.74 38.51
C GLN C 344 1.23 -52.85 37.40
N THR C 345 0.93 -52.27 36.24
CA THR C 345 1.87 -52.30 35.13
C THR C 345 3.18 -51.60 35.49
N PHE C 346 3.10 -50.43 36.13
CA PHE C 346 4.33 -49.72 36.43
C PHE C 346 5.04 -50.30 37.66
N GLN C 347 4.31 -50.95 38.57
CA GLN C 347 4.96 -51.70 39.63
C GLN C 347 5.75 -52.88 39.06
N ILE C 348 5.17 -53.59 38.09
CA ILE C 348 5.89 -54.66 37.43
C ILE C 348 7.11 -54.11 36.69
N LEU C 349 6.96 -52.93 36.10
CA LEU C 349 8.09 -52.30 35.43
C LEU C 349 9.22 -52.01 36.42
N GLU C 350 8.88 -51.48 37.60
CA GLU C 350 9.90 -51.24 38.64
C GLU C 350 10.56 -52.54 39.06
N LYS C 351 9.75 -53.58 39.29
CA LYS C 351 10.31 -54.86 39.70
C LYS C 351 11.26 -55.42 38.65
N ASN C 352 10.86 -55.38 37.38
CA ASN C 352 11.71 -55.87 36.30
C ASN C 352 12.97 -55.03 36.16
N VAL C 353 12.88 -53.72 36.41
CA VAL C 353 14.06 -52.88 36.45
C VAL C 353 15.04 -53.41 37.48
N ASP C 354 14.51 -53.74 38.67
CA ASP C 354 15.39 -54.27 39.72
C ASP C 354 16.00 -55.61 39.33
N GLU C 355 15.22 -56.51 38.73
CA GLU C 355 15.74 -57.83 38.41
C GLU C 355 16.73 -57.78 37.25
N LEU C 356 16.59 -56.80 36.35
CA LEU C 356 17.42 -56.77 35.15
C LEU C 356 18.78 -56.13 35.41
N ILE C 357 18.78 -54.87 35.85
CA ILE C 357 20.03 -54.14 36.01
C ILE C 357 20.88 -54.80 37.09
N ALA C 358 20.27 -55.17 38.22
CA ALA C 358 20.94 -55.88 39.30
C ALA C 358 22.20 -55.17 39.78
N MET D 1 -27.25 8.27 -43.89
CA MET D 1 -26.88 9.65 -43.58
C MET D 1 -27.85 10.25 -42.58
N ALA D 2 -27.46 11.38 -41.98
CA ALA D 2 -28.30 12.00 -40.97
C ALA D 2 -29.63 12.47 -41.53
N MET D 3 -29.62 13.01 -42.75
CA MET D 3 -30.85 13.53 -43.35
C MET D 3 -31.83 12.39 -43.66
N GLN D 4 -31.32 11.28 -44.20
CA GLN D 4 -32.21 10.16 -44.53
C GLN D 4 -32.81 9.53 -43.28
N LYS D 5 -31.98 9.32 -42.25
CA LYS D 5 -32.48 8.77 -40.99
C LYS D 5 -33.46 9.72 -40.33
N LEU D 6 -33.17 11.02 -40.36
CA LEU D 6 -34.10 12.00 -39.83
C LEU D 6 -35.43 11.93 -40.56
N PHE D 7 -35.39 11.82 -41.89
CA PHE D 7 -36.63 11.79 -42.66
C PHE D 7 -37.44 10.54 -42.35
N THR D 8 -36.78 9.39 -42.19
CA THR D 8 -37.53 8.17 -41.95
C THR D 8 -38.01 8.05 -40.50
N TYR D 9 -37.36 8.72 -39.54
CA TYR D 9 -37.71 8.54 -38.15
C TYR D 9 -38.44 9.71 -37.51
N ILE D 10 -38.51 10.86 -38.18
CA ILE D 10 -39.27 11.98 -37.61
C ILE D 10 -40.76 11.67 -37.60
N TYR D 11 -41.24 10.97 -38.61
CA TYR D 11 -42.66 10.61 -38.59
C TYR D 11 -42.93 9.49 -37.60
N GLU D 12 -41.95 8.63 -37.34
CA GLU D 12 -42.06 7.68 -36.26
C GLU D 12 -42.13 8.38 -34.92
N PHE D 13 -41.35 9.46 -34.76
CA PHE D 13 -41.43 10.26 -33.55
C PHE D 13 -42.81 10.91 -33.42
N ILE D 14 -43.33 11.44 -34.52
CA ILE D 14 -44.63 12.10 -34.50
C ILE D 14 -45.74 11.12 -34.13
N GLU D 15 -45.70 9.92 -34.72
CA GLU D 15 -46.74 8.94 -34.43
C GLU D 15 -46.56 8.34 -33.04
N TYR D 16 -45.33 8.24 -32.56
CA TYR D 16 -45.11 7.75 -31.20
C TYR D 16 -45.62 8.73 -30.17
N ARG D 17 -45.63 10.01 -30.49
CA ARG D 17 -46.21 11.04 -29.64
C ARG D 17 -47.72 11.12 -29.77
N LYS D 18 -48.34 10.20 -30.51
CA LYS D 18 -49.78 10.17 -30.69
C LYS D 18 -50.29 11.44 -31.36
N MET D 19 -49.63 11.83 -32.45
CA MET D 19 -50.01 12.99 -33.24
C MET D 19 -50.38 12.55 -34.64
N VAL D 20 -51.23 13.35 -35.29
CA VAL D 20 -51.63 13.12 -36.67
C VAL D 20 -51.05 14.25 -37.52
N LEU D 21 -50.63 13.89 -38.74
CA LEU D 21 -50.00 14.86 -39.61
C LEU D 21 -51.03 15.78 -40.25
N LEU D 22 -50.62 17.01 -40.51
CA LEU D 22 -51.48 18.00 -41.15
C LEU D 22 -51.21 18.16 -42.64
N GLU D 23 -50.07 17.71 -43.12
CA GLU D 23 -49.72 17.79 -44.53
C GLU D 23 -49.50 16.37 -45.08
N GLU D 24 -49.06 16.31 -46.33
CA GLU D 24 -48.77 15.03 -46.98
C GLU D 24 -47.27 14.76 -46.92
N LYS D 25 -46.92 13.51 -46.65
CA LYS D 25 -45.51 13.13 -46.56
C LYS D 25 -44.90 13.18 -47.95
N VAL D 26 -44.04 14.17 -48.17
CA VAL D 26 -43.39 14.37 -49.48
C VAL D 26 -42.33 13.30 -49.67
N PRO D 27 -41.89 13.04 -50.90
CA PRO D 27 -40.78 12.10 -51.10
C PRO D 27 -39.48 12.63 -50.50
N TYR D 28 -38.55 11.69 -50.29
CA TYR D 28 -37.29 12.05 -49.64
C TYR D 28 -36.50 13.05 -50.48
N ASP D 29 -36.51 12.90 -51.80
CA ASP D 29 -35.79 13.84 -52.66
C ASP D 29 -36.37 15.24 -52.53
N LYS D 30 -37.70 15.35 -52.51
CA LYS D 30 -38.32 16.65 -52.32
C LYS D 30 -37.98 17.24 -50.96
N PHE D 31 -37.94 16.39 -49.92
CA PHE D 31 -37.59 16.86 -48.59
C PHE D 31 -36.17 17.42 -48.55
N VAL D 32 -35.22 16.68 -49.13
CA VAL D 32 -33.83 17.12 -49.05
C VAL D 32 -33.61 18.37 -49.91
N GLN D 33 -34.24 18.44 -51.08
CA GLN D 33 -34.09 19.63 -51.90
C GLN D 33 -34.75 20.84 -51.25
N MET D 34 -35.88 20.63 -50.55
CA MET D 34 -36.50 21.73 -49.82
C MET D 34 -35.61 22.19 -48.67
N VAL D 35 -34.95 21.27 -47.99
CA VAL D 35 -34.02 21.66 -46.93
C VAL D 35 -32.87 22.47 -47.51
N LEU D 36 -32.32 22.02 -48.65
CA LEU D 36 -31.21 22.75 -49.25
C LEU D 36 -31.63 24.14 -49.72
N ASN D 37 -32.80 24.27 -50.32
CA ASN D 37 -33.22 25.54 -50.89
C ASN D 37 -33.78 26.48 -49.81
N THR D 38 -34.87 26.08 -49.17
CA THR D 38 -35.51 26.94 -48.17
C THR D 38 -34.60 27.15 -46.96
N GLY D 39 -33.89 26.11 -46.55
CA GLY D 39 -33.06 26.15 -45.36
C GLY D 39 -33.59 25.31 -44.23
N PHE D 40 -34.84 24.87 -44.31
CA PHE D 40 -35.44 24.05 -43.27
C PHE D 40 -36.62 23.29 -43.88
N PHE D 41 -37.04 22.25 -43.20
CA PHE D 41 -38.26 21.53 -43.52
C PHE D 41 -39.21 21.62 -42.33
N ARG D 42 -40.43 22.06 -42.56
CA ARG D 42 -41.43 22.22 -41.52
C ARG D 42 -42.43 21.08 -41.60
N ILE D 43 -42.66 20.42 -40.47
CA ILE D 43 -43.69 19.40 -40.33
C ILE D 43 -44.64 19.85 -39.23
N ASN D 44 -45.93 19.88 -39.53
CA ASN D 44 -46.94 20.27 -38.56
C ASN D 44 -47.78 19.06 -38.20
N ALA D 45 -47.97 18.85 -36.89
CA ALA D 45 -48.73 17.72 -36.39
C ALA D 45 -49.75 18.20 -35.37
N GLU D 46 -50.82 17.43 -35.23
CA GLU D 46 -51.93 17.78 -34.36
C GLU D 46 -51.99 16.77 -33.21
N THR D 47 -51.96 17.28 -31.98
CA THR D 47 -52.01 16.42 -30.81
C THR D 47 -53.45 15.98 -30.55
N LEU D 48 -53.62 15.10 -29.56
CA LEU D 48 -54.95 14.61 -29.22
C LEU D 48 -55.84 15.74 -28.69
N ASN D 49 -55.24 16.77 -28.09
CA ASN D 49 -55.96 17.93 -27.61
C ASN D 49 -56.04 19.05 -28.65
N HIS D 50 -55.81 18.71 -29.93
CA HIS D 50 -55.93 19.64 -31.05
C HIS D 50 -54.87 20.73 -31.04
N GLY D 51 -53.85 20.59 -30.19
CA GLY D 51 -52.71 21.49 -30.27
C GLY D 51 -51.84 21.18 -31.47
N ILE D 52 -51.08 22.18 -31.88
CA ILE D 52 -50.25 22.11 -33.08
C ILE D 52 -48.79 22.01 -32.65
N VAL D 53 -48.08 21.05 -33.22
CA VAL D 53 -46.65 20.87 -32.97
C VAL D 53 -45.93 21.06 -34.30
N SER D 54 -45.03 22.04 -34.35
CA SER D 54 -44.27 22.33 -35.55
C SER D 54 -42.84 21.80 -35.38
N VAL D 55 -42.43 20.92 -36.27
CA VAL D 55 -41.10 20.35 -36.26
C VAL D 55 -40.30 20.99 -37.38
N PHE D 56 -39.29 21.77 -37.02
CA PHE D 56 -38.41 22.41 -37.99
C PHE D 56 -37.11 21.60 -38.05
N ILE D 57 -36.83 21.04 -39.21
CA ILE D 57 -35.60 20.30 -39.44
C ILE D 57 -34.67 21.24 -40.23
N PHE D 58 -33.68 21.81 -39.54
CA PHE D 58 -32.79 22.76 -40.17
C PHE D 58 -31.62 22.04 -40.82
N GLY D 59 -31.28 22.47 -42.03
CA GLY D 59 -30.10 21.94 -42.69
C GLY D 59 -28.83 22.39 -42.01
N ALA D 60 -27.77 21.60 -42.22
CA ALA D 60 -26.50 21.87 -41.54
C ALA D 60 -25.92 23.22 -41.96
N ASN D 61 -25.99 23.54 -43.25
CA ASN D 61 -25.38 24.74 -43.80
C ASN D 61 -26.37 25.88 -43.98
N GLY D 62 -27.60 25.73 -43.48
CA GLY D 62 -28.61 26.74 -43.70
C GLY D 62 -28.28 28.05 -43.02
N LYS D 63 -28.96 29.11 -43.47
CA LYS D 63 -28.73 30.44 -42.92
C LYS D 63 -29.39 30.64 -41.57
N TYR D 64 -30.34 29.79 -41.21
CA TYR D 64 -31.08 29.96 -39.96
C TYR D 64 -30.32 29.48 -38.74
N VAL D 65 -29.24 28.73 -38.93
CA VAL D 65 -28.52 28.07 -37.84
C VAL D 65 -27.15 28.68 -37.61
N HIS D 66 -26.83 29.79 -38.28
CA HIS D 66 -25.61 30.52 -37.96
C HIS D 66 -25.79 32.02 -37.89
N HIS D 67 -26.90 32.57 -38.37
CA HIS D 67 -27.22 33.99 -38.21
C HIS D 67 -28.45 34.12 -37.33
N GLY D 68 -28.30 34.83 -36.20
CA GLY D 68 -29.38 34.94 -35.25
C GLY D 68 -30.55 35.75 -35.76
N GLY D 69 -30.31 36.67 -36.69
CA GLY D 69 -31.38 37.51 -37.19
C GLY D 69 -32.43 36.72 -37.95
N ASP D 70 -31.99 35.83 -38.85
CA ASP D 70 -32.95 35.01 -39.58
C ASP D 70 -33.68 34.04 -38.67
N MET D 71 -33.00 33.50 -37.67
CA MET D 71 -33.67 32.62 -36.71
C MET D 71 -34.73 33.38 -35.93
N ARG D 72 -34.42 34.60 -35.49
CA ARG D 72 -35.42 35.42 -34.81
C ARG D 72 -36.60 35.69 -35.72
N THR D 73 -36.34 36.05 -36.98
CA THR D 73 -37.41 36.35 -37.92
C THR D 73 -38.29 35.14 -38.17
N LEU D 74 -37.67 33.97 -38.38
CA LEU D 74 -38.43 32.76 -38.63
C LEU D 74 -39.28 32.38 -37.42
N LEU D 75 -38.70 32.44 -36.23
CA LEU D 75 -39.45 32.07 -35.03
C LEU D 75 -40.61 33.03 -34.80
N THR D 76 -40.38 34.33 -34.99
CA THR D 76 -41.44 35.31 -34.81
C THR D 76 -42.57 35.11 -35.82
N ASN D 77 -42.23 34.87 -37.09
CA ASN D 77 -43.26 34.70 -38.10
C ASN D 77 -44.03 33.41 -37.89
N THR D 78 -43.35 32.33 -37.48
CA THR D 78 -44.05 31.08 -37.22
C THR D 78 -44.85 31.09 -35.93
N LEU D 79 -44.47 31.90 -34.95
CA LEU D 79 -45.20 32.01 -33.71
C LEU D 79 -46.30 33.07 -33.76
N ASN D 80 -46.49 33.71 -34.91
CA ASN D 80 -47.54 34.70 -35.08
C ASN D 80 -48.72 34.18 -35.88
N GLU D 81 -48.64 32.99 -36.45
CA GLU D 81 -49.76 32.42 -37.18
C GLU D 81 -50.89 32.05 -36.23
N LYS D 82 -52.09 31.94 -36.78
CA LYS D 82 -53.29 31.63 -35.99
C LYS D 82 -53.36 30.11 -35.84
N LYS D 83 -52.53 29.59 -34.93
CA LYS D 83 -52.51 28.17 -34.60
C LYS D 83 -52.35 28.02 -33.10
N HIS D 84 -52.81 26.88 -32.58
CA HIS D 84 -52.75 26.66 -31.13
C HIS D 84 -51.31 26.58 -30.64
N TYR D 85 -50.46 25.87 -31.37
CA TYR D 85 -49.02 25.83 -31.11
C TYR D 85 -48.72 25.31 -29.71
N GLU D 86 -49.04 24.04 -29.50
CA GLU D 86 -48.71 23.41 -28.22
C GLU D 86 -47.20 23.37 -28.00
N GLU D 87 -46.43 23.12 -29.06
CA GLU D 87 -44.98 22.99 -28.92
C GLU D 87 -44.31 23.27 -30.26
N LEU D 88 -43.12 23.87 -30.21
CA LEU D 88 -42.25 24.06 -31.36
C LEU D 88 -40.99 23.24 -31.16
N ILE D 89 -40.70 22.35 -32.11
CA ILE D 89 -39.52 21.50 -32.05
C ILE D 89 -38.57 21.94 -33.15
N LEU D 90 -37.42 22.47 -32.76
CA LEU D 90 -36.39 22.89 -33.70
C LEU D 90 -35.28 21.86 -33.67
N ILE D 91 -34.93 21.33 -34.82
CA ILE D 91 -33.93 20.28 -34.94
C ILE D 91 -32.76 20.83 -35.73
N VAL D 92 -31.57 20.78 -35.12
CA VAL D 92 -30.38 21.38 -35.68
C VAL D 92 -29.25 20.36 -35.60
N ASP D 93 -28.16 20.66 -36.31
CA ASP D 93 -26.96 19.88 -36.13
C ASP D 93 -26.41 20.10 -34.73
N LYS D 94 -25.67 19.12 -34.23
CA LYS D 94 -25.10 19.22 -32.89
C LYS D 94 -24.24 20.46 -32.68
N PRO D 95 -23.39 20.89 -33.62
CA PRO D 95 -22.64 22.14 -33.39
C PRO D 95 -23.51 23.35 -33.16
N VAL D 96 -24.68 23.42 -33.79
CA VAL D 96 -25.58 24.55 -33.57
C VAL D 96 -26.02 24.65 -32.12
N LEU D 97 -26.04 23.53 -31.40
CA LEU D 97 -26.43 23.54 -29.99
C LEU D 97 -25.48 24.35 -29.13
N SER D 98 -24.26 24.60 -29.61
CA SER D 98 -23.28 25.36 -28.86
C SER D 98 -23.19 26.82 -29.29
N LYS D 99 -24.00 27.25 -30.25
CA LYS D 99 -23.96 28.62 -30.74
C LYS D 99 -24.78 29.51 -29.81
N LYS D 100 -24.11 30.36 -29.03
CA LYS D 100 -24.83 31.18 -28.07
C LYS D 100 -25.76 32.18 -28.74
N ASN D 101 -25.50 32.55 -29.98
CA ASN D 101 -26.41 33.45 -30.69
C ASN D 101 -27.76 32.78 -30.91
N ILE D 102 -27.76 31.59 -31.48
CA ILE D 102 -29.01 30.88 -31.74
C ILE D 102 -29.68 30.49 -30.43
N LEU D 103 -28.90 30.06 -29.45
CA LEU D 103 -29.46 29.69 -28.16
C LEU D 103 -30.12 30.88 -27.49
N ASP D 104 -29.49 32.05 -27.56
CA ASP D 104 -30.08 33.26 -27.00
C ASP D 104 -31.34 33.66 -27.74
N ILE D 105 -31.37 33.46 -29.07
CA ILE D 105 -32.59 33.70 -29.83
C ILE D 105 -33.71 32.82 -29.32
N ILE D 106 -33.41 31.53 -29.11
CA ILE D 106 -34.43 30.61 -28.60
C ILE D 106 -34.90 31.06 -27.23
N VAL D 107 -33.98 31.51 -26.38
CA VAL D 107 -34.34 31.92 -25.04
C VAL D 107 -35.27 33.13 -25.06
N GLU D 108 -34.95 34.13 -25.88
CA GLU D 108 -35.81 35.32 -25.91
C GLU D 108 -37.16 35.00 -26.54
N GLN D 109 -37.19 34.12 -27.54
CA GLN D 109 -38.46 33.76 -28.16
C GLN D 109 -39.31 32.94 -27.20
N ARG D 110 -38.68 32.13 -26.35
CA ARG D 110 -39.43 31.42 -25.31
C ARG D 110 -39.98 32.39 -24.28
N ALA D 111 -39.16 33.35 -23.84
CA ALA D 111 -39.60 34.32 -22.85
C ALA D 111 -40.75 35.17 -23.39
N ALA D 112 -40.66 35.55 -24.68
CA ALA D 112 -41.71 36.36 -25.28
C ALA D 112 -43.01 35.59 -25.47
N ASN D 113 -42.95 34.25 -25.52
CA ASN D 113 -44.12 33.41 -25.73
C ASN D 113 -44.15 32.35 -24.64
N PRO D 114 -44.48 32.74 -23.40
CA PRO D 114 -44.42 31.77 -22.29
C PRO D 114 -45.37 30.60 -22.45
N THR D 115 -46.52 30.81 -23.08
CA THR D 115 -47.48 29.73 -23.25
C THR D 115 -46.93 28.63 -24.15
N ILE D 116 -46.20 29.02 -25.18
CA ILE D 116 -45.69 28.07 -26.18
C ILE D 116 -44.42 27.42 -25.65
N VAL D 117 -44.26 26.13 -25.89
CA VAL D 117 -43.03 25.41 -25.59
C VAL D 117 -42.18 25.37 -26.86
N ILE D 118 -40.94 25.85 -26.75
CA ILE D 118 -39.98 25.81 -27.84
C ILE D 118 -38.77 25.02 -27.37
N ASN D 119 -38.42 23.98 -28.12
CA ASN D 119 -37.30 23.12 -27.80
C ASN D 119 -36.40 22.97 -29.01
N ILE D 120 -35.09 23.00 -28.78
CA ILE D 120 -34.11 22.82 -29.84
C ILE D 120 -33.32 21.55 -29.54
N TYR D 121 -33.26 20.65 -30.52
CA TYR D 121 -32.71 19.32 -30.35
C TYR D 121 -31.67 19.03 -31.43
N PRO D 122 -30.71 18.15 -31.15
CA PRO D 122 -29.75 17.75 -32.17
C PRO D 122 -30.34 16.72 -33.13
N TYR D 123 -29.57 16.42 -34.16
CA TYR D 123 -30.01 15.47 -35.18
C TYR D 123 -30.18 14.07 -34.60
N HIS D 124 -29.25 13.62 -33.77
CA HIS D 124 -29.23 12.24 -33.32
C HIS D 124 -30.43 11.87 -32.47
N LEU D 125 -31.19 12.86 -32.00
CA LEU D 125 -32.35 12.57 -31.15
C LEU D 125 -33.47 11.95 -31.96
N PHE D 126 -33.51 12.19 -33.28
CA PHE D 126 -34.56 11.68 -34.15
C PHE D 126 -33.99 10.89 -35.31
N CYS D 127 -32.74 10.46 -35.22
CA CYS D 127 -32.12 9.64 -36.25
C CYS D 127 -32.29 8.15 -36.01
N ILE D 128 -33.07 7.79 -34.99
CA ILE D 128 -33.32 6.38 -34.65
C ILE D 128 -34.60 6.33 -33.85
N ASN D 129 -35.27 5.19 -33.88
CA ASN D 129 -36.45 5.00 -33.03
C ASN D 129 -35.97 4.82 -31.60
N ILE D 130 -35.98 5.91 -30.84
CA ILE D 130 -35.38 5.89 -29.50
C ILE D 130 -36.04 4.86 -28.59
N PRO D 131 -37.37 4.74 -28.52
CA PRO D 131 -37.95 3.72 -27.65
C PRO D 131 -37.58 2.29 -28.02
N LYS D 132 -37.17 2.04 -29.26
CA LYS D 132 -36.81 0.69 -29.67
C LYS D 132 -35.34 0.35 -29.43
N VAL D 133 -34.54 1.31 -28.97
CA VAL D 133 -33.15 1.01 -28.65
C VAL D 133 -33.11 0.04 -27.48
N SER D 134 -32.27 -0.99 -27.58
CA SER D 134 -32.24 -2.02 -26.55
C SER D 134 -31.76 -1.47 -25.22
N ALA D 135 -30.77 -0.57 -25.25
CA ALA D 135 -30.17 -0.05 -24.03
C ALA D 135 -31.09 0.87 -23.25
N ILE D 136 -32.17 1.35 -23.87
CA ILE D 136 -33.07 2.32 -23.25
C ILE D 136 -34.24 1.56 -22.63
N PRO D 137 -34.43 1.61 -21.32
CA PRO D 137 -35.60 0.97 -20.73
C PRO D 137 -36.88 1.72 -21.07
N LYS D 138 -38.00 1.05 -20.84
CA LYS D 138 -39.29 1.58 -21.27
C LYS D 138 -39.70 2.73 -20.37
N HIS D 139 -39.64 3.94 -20.91
CA HIS D 139 -40.14 5.12 -20.22
C HIS D 139 -41.62 5.30 -20.50
N LYS D 140 -42.34 5.84 -19.52
CA LYS D 140 -43.75 6.14 -19.71
C LYS D 140 -44.14 7.25 -18.74
N LEU D 141 -44.94 8.18 -19.22
CA LEU D 141 -45.40 9.31 -18.41
C LEU D 141 -46.58 8.88 -17.57
N ILE D 142 -46.53 9.18 -16.28
CA ILE D 142 -47.65 8.92 -15.39
C ILE D 142 -48.36 10.23 -15.11
N THR D 143 -49.67 10.15 -14.93
CA THR D 143 -50.47 11.35 -14.71
C THR D 143 -50.15 11.95 -13.35
N GLN D 144 -50.50 13.23 -13.19
CA GLN D 144 -50.19 13.93 -11.95
C GLN D 144 -50.96 13.34 -10.78
N GLU D 145 -52.11 12.72 -11.04
CA GLU D 145 -52.86 12.09 -9.95
C GLU D 145 -52.18 10.81 -9.48
N GLU D 146 -51.73 9.97 -10.41
CA GLU D 146 -51.00 8.77 -10.03
C GLU D 146 -49.68 9.12 -9.34
N ALA D 147 -48.99 10.13 -9.85
CA ALA D 147 -47.77 10.59 -9.19
C ALA D 147 -48.06 11.13 -7.81
N GLN D 148 -49.16 11.88 -7.65
CA GLN D 148 -49.50 12.43 -6.35
C GLN D 148 -49.82 11.34 -5.35
N GLU D 149 -50.54 10.30 -5.78
CA GLU D 149 -50.83 9.23 -4.84
C GLU D 149 -49.58 8.41 -4.52
N PHE D 150 -48.67 8.24 -5.49
CA PHE D 150 -47.40 7.58 -5.20
C PHE D 150 -46.59 8.37 -4.19
N LEU D 151 -46.52 9.69 -4.36
CA LEU D 151 -45.75 10.53 -3.46
C LEU D 151 -46.38 10.58 -2.08
N GLY D 152 -47.72 10.60 -2.03
CA GLY D 152 -48.40 10.60 -0.74
C GLY D 152 -48.18 9.30 0.02
N ARG D 153 -48.20 8.17 -0.68
CA ARG D 153 -47.90 6.91 -0.03
C ARG D 153 -46.47 6.87 0.47
N GLU D 154 -45.54 7.43 -0.29
CA GLU D 154 -44.12 7.41 0.05
C GLU D 154 -43.69 8.59 0.91
N TYR D 155 -44.60 9.50 1.23
CA TYR D 155 -44.28 10.70 2.02
C TYR D 155 -43.14 11.47 1.39
N LEU D 156 -43.19 11.62 0.08
CA LEU D 156 -42.12 12.25 -0.68
C LEU D 156 -42.63 13.54 -1.32
N GLN D 157 -41.74 14.41 -1.56
CA GLN D 157 -41.94 15.58 -2.40
C GLN D 157 -41.37 15.31 -3.78
N PRO D 158 -41.87 15.99 -4.82
CA PRO D 158 -41.31 15.77 -6.16
C PRO D 158 -39.82 16.06 -6.24
N GLN D 159 -39.31 16.97 -5.41
CA GLN D 159 -37.89 17.28 -5.41
C GLN D 159 -37.05 16.19 -4.76
N ASP D 160 -37.66 15.27 -4.02
CA ASP D 160 -36.94 14.16 -3.42
C ASP D 160 -36.70 13.01 -4.38
N LEU D 161 -37.39 12.99 -5.52
CA LEU D 161 -37.22 11.91 -6.48
C LEU D 161 -35.95 12.10 -7.30
N MET D 162 -35.47 11.02 -7.89
CA MET D 162 -34.43 11.13 -8.88
C MET D 162 -34.94 11.94 -10.06
N GLN D 163 -34.06 12.72 -10.66
CA GLN D 163 -34.46 13.66 -11.69
C GLN D 163 -34.09 13.14 -13.07
N ILE D 164 -34.81 13.61 -14.07
CA ILE D 164 -34.52 13.30 -15.46
C ILE D 164 -34.70 14.59 -16.27
N SER D 165 -33.78 14.85 -17.18
CA SER D 165 -33.88 16.04 -17.99
C SER D 165 -35.03 15.91 -18.97
N ALA D 166 -35.69 17.05 -19.24
CA ALA D 166 -36.72 17.05 -20.27
C ALA D 166 -36.13 16.84 -21.66
N SER D 167 -34.83 17.04 -21.81
CA SER D 167 -34.12 16.81 -23.07
C SER D 167 -33.60 15.39 -23.18
N ASP D 168 -33.88 14.54 -22.20
CA ASP D 168 -33.51 13.13 -22.29
C ASP D 168 -34.19 12.51 -23.50
N PRO D 169 -33.48 11.76 -24.33
CA PRO D 169 -34.07 11.25 -25.58
C PRO D 169 -35.36 10.48 -25.35
N PRO D 170 -35.43 9.55 -24.38
CA PRO D 170 -36.72 8.88 -24.15
C PRO D 170 -37.80 9.82 -23.68
N VAL D 171 -37.44 10.83 -22.87
CA VAL D 171 -38.43 11.80 -22.41
C VAL D 171 -38.88 12.69 -23.56
N VAL D 172 -37.96 13.05 -24.46
CA VAL D 172 -38.34 13.83 -25.63
C VAL D 172 -39.32 13.06 -26.49
N TRP D 173 -39.03 11.78 -26.75
CA TRP D 173 -39.95 10.98 -27.54
C TRP D 173 -41.28 10.78 -26.81
N LEU D 174 -41.26 10.73 -25.48
CA LEU D 174 -42.50 10.73 -24.72
C LEU D 174 -43.22 12.07 -24.82
N GLY D 175 -42.48 13.17 -24.80
CA GLY D 175 -43.09 14.48 -24.76
C GLY D 175 -43.26 15.06 -23.38
N GLY D 176 -42.57 14.52 -22.38
CA GLY D 176 -42.72 14.97 -21.02
C GLY D 176 -42.17 16.37 -20.83
N ARG D 177 -42.94 17.22 -20.19
CA ARG D 177 -42.55 18.58 -19.85
C ARG D 177 -41.99 18.63 -18.44
N PRO D 178 -41.18 19.65 -18.13
CA PRO D 178 -40.66 19.77 -16.77
C PRO D 178 -41.78 19.86 -15.74
N GLY D 179 -41.58 19.21 -14.61
CA GLY D 179 -42.59 19.08 -13.60
C GLY D 179 -43.43 17.81 -13.69
N ASP D 180 -43.34 17.09 -14.80
CA ASP D 180 -44.03 15.82 -14.95
C ASP D 180 -43.22 14.69 -14.35
N PHE D 181 -43.84 13.52 -14.32
CA PHE D 181 -43.23 12.32 -13.76
C PHE D 181 -43.21 11.23 -14.84
N VAL D 182 -42.11 10.51 -14.92
CA VAL D 182 -41.94 9.44 -15.89
C VAL D 182 -41.57 8.15 -15.15
N GLN D 183 -42.35 7.10 -15.37
CA GLN D 183 -42.09 5.80 -14.79
C GLN D 183 -41.21 5.00 -15.71
N ILE D 184 -40.20 4.35 -15.15
CA ILE D 184 -39.18 3.63 -15.93
C ILE D 184 -39.14 2.19 -15.45
N GLU D 185 -39.22 1.26 -16.41
CA GLU D 185 -39.12 -0.17 -16.14
C GLU D 185 -37.69 -0.60 -16.48
N ARG D 186 -36.81 -0.53 -15.51
CA ARG D 186 -35.44 -0.86 -15.87
C ARG D 186 -35.15 -2.32 -15.59
N PRO D 187 -34.43 -3.00 -16.49
CA PRO D 187 -34.01 -4.37 -16.20
C PRO D 187 -33.05 -4.39 -15.02
N SER D 188 -33.17 -5.44 -14.22
CA SER D 188 -32.37 -5.60 -13.01
C SER D 188 -31.72 -6.97 -13.02
N GLU D 189 -30.42 -7.02 -12.78
CA GLU D 189 -29.74 -8.29 -12.64
C GLU D 189 -29.78 -8.81 -11.21
N THR D 190 -30.38 -8.06 -10.29
CA THR D 190 -30.64 -8.53 -8.93
C THR D 190 -32.08 -8.98 -8.74
N ALA D 191 -33.04 -8.24 -9.29
CA ALA D 191 -34.45 -8.51 -9.06
C ALA D 191 -35.21 -8.82 -10.33
N MET D 192 -34.54 -8.92 -11.48
CA MET D 192 -35.20 -9.20 -12.76
C MET D 192 -36.27 -8.14 -13.05
N HIS D 193 -35.77 -6.94 -13.32
CA HIS D 193 -36.51 -5.73 -13.67
C HIS D 193 -37.12 -5.04 -12.46
N ALA D 194 -37.04 -3.72 -12.43
CA ALA D 194 -37.51 -2.89 -11.34
C ALA D 194 -38.15 -1.63 -11.93
N VAL D 195 -39.01 -1.01 -11.13
CA VAL D 195 -39.76 0.17 -11.56
C VAL D 195 -39.29 1.37 -10.75
N VAL D 196 -39.00 2.47 -11.45
CA VAL D 196 -38.55 3.70 -10.82
C VAL D 196 -39.34 4.85 -11.43
N ILE D 197 -39.50 5.92 -10.65
CA ILE D 197 -40.21 7.11 -11.09
C ILE D 197 -39.28 8.30 -10.94
N ARG D 198 -39.09 9.05 -12.02
CA ARG D 198 -38.17 10.17 -12.06
C ARG D 198 -38.92 11.47 -12.33
N PHE D 199 -38.46 12.53 -11.70
CA PHE D 199 -39.05 13.86 -11.87
C PHE D 199 -38.40 14.55 -13.07
N ILE D 200 -39.22 15.03 -13.99
CA ILE D 200 -38.71 15.70 -15.18
C ILE D 200 -38.36 17.14 -14.82
N THR D 201 -37.11 17.52 -15.05
CA THR D 201 -36.62 18.84 -14.76
C THR D 201 -36.47 19.64 -16.04
N LYS D 202 -35.93 20.85 -15.92
CA LYS D 202 -35.77 21.71 -17.09
C LYS D 202 -34.87 21.06 -18.11
N SER D 203 -35.19 21.28 -19.38
CA SER D 203 -34.41 20.68 -20.45
C SER D 203 -33.07 21.36 -20.58
N LYS D 204 -32.04 20.57 -20.84
CA LYS D 204 -30.74 21.14 -21.17
C LYS D 204 -30.83 21.87 -22.49
N ILE D 205 -30.30 23.09 -22.53
CA ILE D 205 -30.27 23.94 -23.72
C ILE D 205 -31.68 24.42 -24.08
N ILE E 1 -48.22 40.42 37.57
CA ILE E 1 -48.22 38.96 37.64
C ILE E 1 -49.19 38.41 36.61
N ASP E 2 -48.72 37.52 35.74
CA ASP E 2 -49.56 36.95 34.70
C ASP E 2 -49.02 35.59 34.30
N GLN E 3 -49.85 34.83 33.59
CA GLN E 3 -49.50 33.52 33.10
C GLN E 3 -48.67 33.65 31.83
N LYS E 4 -47.59 32.89 31.75
CA LYS E 4 -46.75 32.85 30.55
C LYS E 4 -46.47 31.40 30.19
N ILE E 5 -46.48 31.11 28.89
CA ILE E 5 -46.21 29.78 28.38
C ILE E 5 -44.72 29.65 28.11
N PHE E 6 -44.11 28.61 28.69
CA PHE E 6 -42.68 28.37 28.53
C PHE E 6 -42.45 27.06 27.80
N GLU E 7 -41.32 26.97 27.12
CA GLU E 7 -40.92 25.78 26.40
C GLU E 7 -39.56 25.33 26.92
N THR E 8 -39.45 24.06 27.28
CA THR E 8 -38.19 23.55 27.77
C THR E 8 -38.09 22.06 27.48
N THR E 9 -36.87 21.57 27.43
CA THR E 9 -36.58 20.15 27.37
C THR E 9 -35.93 19.75 28.68
N LEU E 10 -36.54 18.80 29.39
CA LEU E 10 -36.00 18.34 30.65
C LEU E 10 -34.93 17.30 30.41
N ASN E 11 -34.27 16.87 31.49
CA ASN E 11 -33.37 15.73 31.45
C ASN E 11 -33.85 14.73 32.49
N ILE E 12 -34.01 13.49 32.09
CA ILE E 12 -34.59 12.46 32.94
C ILE E 12 -33.50 11.42 33.20
N ASP E 13 -32.95 11.44 34.41
CA ASP E 13 -31.81 10.60 34.75
C ASP E 13 -32.21 9.18 35.10
N ASP E 14 -33.48 8.94 35.44
CA ASP E 14 -34.01 7.60 35.67
C ASP E 14 -35.30 7.47 34.88
N PRO E 15 -35.20 7.23 33.57
CA PRO E 15 -36.42 7.21 32.74
C PRO E 15 -37.41 6.13 33.12
N THR E 16 -36.96 5.00 33.66
CA THR E 16 -37.88 3.93 34.05
C THR E 16 -38.76 4.39 35.21
N ASN E 17 -38.15 4.91 36.27
CA ASN E 17 -38.92 5.35 37.42
C ASN E 17 -39.73 6.60 37.12
N PHE E 18 -39.20 7.47 36.25
CA PHE E 18 -39.91 8.69 35.88
C PHE E 18 -41.23 8.38 35.21
N CYS E 19 -41.26 7.36 34.36
CA CYS E 19 -42.45 7.04 33.58
C CYS E 19 -43.52 6.32 34.39
N THR E 20 -43.24 5.94 35.63
CA THR E 20 -44.26 5.35 36.48
C THR E 20 -45.37 6.36 36.78
N ASN E 21 -45.00 7.62 36.94
CA ASN E 21 -45.97 8.72 37.10
C ASN E 21 -45.38 9.92 36.37
N VAL E 22 -45.72 10.07 35.09
CA VAL E 22 -45.10 11.11 34.27
C VAL E 22 -45.59 12.48 34.69
N GLU E 23 -46.89 12.65 34.94
CA GLU E 23 -47.41 13.97 35.26
C GLU E 23 -46.87 14.48 36.59
N ALA E 24 -46.90 13.64 37.62
CA ALA E 24 -46.42 14.05 38.94
C ALA E 24 -44.93 14.36 38.89
N HIS E 25 -44.14 13.46 38.31
CA HIS E 25 -42.70 13.66 38.24
C HIS E 25 -42.36 14.87 37.40
N LEU E 26 -43.09 15.08 36.30
CA LEU E 26 -42.85 16.25 35.45
C LEU E 26 -43.12 17.54 36.20
N LEU E 27 -44.22 17.59 36.95
CA LEU E 27 -44.52 18.79 37.74
C LEU E 27 -43.46 19.01 38.82
N LYS E 28 -43.02 17.94 39.48
CA LYS E 28 -41.99 18.07 40.49
C LYS E 28 -40.70 18.61 39.89
N GLU E 29 -40.29 18.07 38.74
CA GLU E 29 -39.05 18.50 38.11
C GLU E 29 -39.15 19.94 37.61
N LEU E 30 -40.29 20.31 37.04
CA LEU E 30 -40.46 21.69 36.59
C LEU E 30 -40.42 22.66 37.76
N GLU E 31 -41.11 22.32 38.85
CA GLU E 31 -41.07 23.17 40.03
C GLU E 31 -39.66 23.28 40.60
N ASN E 32 -38.90 22.18 40.54
CA ASN E 32 -37.54 22.21 41.06
C ASN E 32 -36.65 23.10 40.21
N ILE E 33 -36.70 22.97 38.89
CA ILE E 33 -35.82 23.74 38.01
C ILE E 33 -36.22 25.22 37.95
N TYR E 34 -37.51 25.53 37.87
CA TYR E 34 -37.95 26.90 37.60
C TYR E 34 -38.69 27.52 38.78
N VAL E 35 -38.16 27.34 39.99
CA VAL E 35 -38.75 27.91 41.20
C VAL E 35 -38.08 29.25 41.48
N GLY E 36 -38.84 30.33 41.25
CA GLY E 36 -38.38 31.65 41.66
C GLY E 36 -37.06 32.07 41.07
N LYS E 37 -36.82 31.78 39.79
CA LYS E 37 -35.64 32.28 39.10
C LYS E 37 -36.07 32.84 37.75
N CYS E 38 -35.30 33.81 37.28
CA CYS E 38 -35.61 34.44 36.00
C CYS E 38 -35.38 33.47 34.85
N PHE E 39 -36.34 33.44 33.93
CA PHE E 39 -36.22 32.62 32.73
C PHE E 39 -36.99 33.29 31.61
N LYS E 40 -36.26 33.80 30.62
CA LYS E 40 -36.84 34.43 29.43
C LYS E 40 -37.69 35.66 29.80
N ASN E 41 -37.01 36.64 30.41
CA ASN E 41 -37.61 37.92 30.76
C ASN E 41 -38.85 37.74 31.65
N SER E 42 -38.73 36.88 32.66
CA SER E 42 -39.84 36.58 33.55
C SER E 42 -39.28 35.92 34.79
N PHE E 43 -39.94 36.13 35.93
CA PHE E 43 -39.45 35.56 37.19
C PHE E 43 -40.10 34.22 37.53
N ILE E 44 -41.20 33.86 36.88
CA ILE E 44 -41.99 32.63 37.09
C ILE E 44 -42.09 32.23 38.56
N LEU E 45 -43.25 32.49 39.16
CA LEU E 45 -43.44 32.20 40.58
C LEU E 45 -43.57 30.71 40.83
N ASN E 46 -44.52 30.06 40.16
CA ASN E 46 -44.69 28.62 40.28
C ASN E 46 -45.34 28.07 39.02
N ILE E 47 -45.21 26.76 38.85
CA ILE E 47 -45.71 26.10 37.65
C ILE E 47 -47.22 25.92 37.78
N THR E 48 -47.96 26.48 36.82
CA THR E 48 -49.41 26.26 36.79
C THR E 48 -49.73 24.85 36.33
N GLY E 49 -49.08 24.38 35.29
CA GLY E 49 -49.31 23.04 34.78
C GLY E 49 -48.79 22.90 33.37
N VAL E 50 -48.45 21.67 33.02
CA VAL E 50 -47.94 21.38 31.68
C VAL E 50 -49.12 21.30 30.72
N ILE E 51 -48.98 21.98 29.58
CA ILE E 51 -50.03 22.00 28.58
C ILE E 51 -49.73 21.10 27.40
N GLN E 52 -48.46 20.72 27.20
CA GLN E 52 -48.04 19.88 26.10
C GLN E 52 -46.69 19.31 26.47
N ARG E 53 -46.45 18.05 26.12
CA ARG E 53 -45.18 17.42 26.41
C ARG E 53 -44.85 16.47 25.26
N SER E 54 -43.76 15.74 25.41
CA SER E 54 -43.25 14.81 24.43
C SER E 54 -43.12 13.44 25.07
N PRO E 55 -43.01 12.39 24.27
CA PRO E 55 -42.59 11.10 24.80
C PRO E 55 -41.18 11.23 25.38
N CYS E 56 -40.88 10.38 26.35
CA CYS E 56 -39.56 10.39 26.95
C CYS E 56 -38.55 9.77 26.01
N PHE E 57 -38.01 10.55 25.08
CA PHE E 57 -37.02 10.05 24.15
C PHE E 57 -35.74 9.68 24.88
N ILE E 58 -35.16 8.55 24.52
CA ILE E 58 -33.87 8.15 25.08
C ILE E 58 -32.78 8.95 24.39
N MET E 59 -31.83 9.44 25.19
CA MET E 59 -30.71 10.20 24.64
C MET E 59 -29.95 9.35 23.64
N ARG E 60 -29.64 9.94 22.49
CA ARG E 60 -29.06 9.21 21.38
C ARG E 60 -27.58 9.46 21.19
N THR E 61 -27.09 10.64 21.57
CA THR E 61 -25.69 10.99 21.32
C THR E 61 -24.77 10.63 22.46
N ASN E 62 -25.26 9.94 23.50
CA ASN E 62 -24.42 9.41 24.55
C ASN E 62 -24.95 8.07 24.99
N ASN E 63 -24.08 7.27 25.60
CA ASN E 63 -24.42 5.95 26.08
C ASN E 63 -24.92 5.95 27.51
N SER E 64 -25.51 7.06 27.96
CA SER E 64 -25.94 7.18 29.35
C SER E 64 -27.22 6.41 29.63
N GLY E 65 -28.07 6.22 28.62
CA GLY E 65 -29.34 5.59 28.83
C GLY E 65 -30.42 6.48 29.37
N ARG E 66 -30.16 7.79 29.48
CA ARG E 66 -31.11 8.73 30.02
C ARG E 66 -32.08 9.21 28.96
N GLY E 67 -33.19 9.79 29.40
CA GLY E 67 -34.16 10.37 28.50
C GLY E 67 -34.27 11.86 28.71
N TYR E 68 -34.89 12.61 27.80
CA TYR E 68 -35.00 14.05 28.02
C TYR E 68 -36.43 14.55 28.13
N MET E 69 -37.29 14.31 27.14
CA MET E 69 -38.65 14.86 27.12
C MET E 69 -38.70 16.38 26.98
N HIS E 70 -39.39 16.87 25.97
CA HIS E 70 -39.72 18.27 25.84
C HIS E 70 -41.07 18.54 26.50
N VAL E 71 -41.16 19.62 27.25
CA VAL E 71 -42.39 19.99 27.93
C VAL E 71 -42.65 21.47 27.74
N ARG E 72 -43.82 21.79 27.18
CA ARG E 72 -44.30 23.16 27.08
C ARG E 72 -45.33 23.35 28.19
N PHE E 73 -45.10 24.33 29.06
CA PHE E 73 -45.87 24.43 30.28
C PHE E 73 -46.26 25.89 30.52
N SER E 74 -47.34 26.06 31.29
CA SER E 74 -47.82 27.36 31.71
C SER E 74 -47.39 27.64 33.14
N ALA E 75 -47.12 28.90 33.43
CA ALA E 75 -46.72 29.30 34.76
C ALA E 75 -47.00 30.78 34.94
N VAL E 76 -47.07 31.21 36.19
CA VAL E 76 -47.31 32.61 36.54
C VAL E 76 -45.98 33.28 36.81
N VAL E 77 -45.76 34.43 36.19
CA VAL E 77 -44.47 35.12 36.25
C VAL E 77 -44.67 36.48 36.89
N SER E 78 -43.57 37.05 37.39
CA SER E 78 -43.55 38.36 38.03
C SER E 78 -42.71 39.30 37.18
N TYR E 79 -43.35 39.97 36.23
CA TYR E 79 -42.68 40.98 35.44
C TYR E 79 -42.80 42.34 36.12
N LEU E 80 -41.75 43.14 35.99
CA LEU E 80 -41.73 44.48 36.58
C LEU E 80 -41.16 45.49 35.59
N MET F 1 18.16 26.81 -47.61
CA MET F 1 18.61 28.05 -46.99
C MET F 1 19.04 29.09 -48.02
N LYS F 2 18.48 30.29 -47.90
CA LYS F 2 18.87 31.42 -48.75
C LYS F 2 19.63 32.41 -47.89
N ILE F 3 20.94 32.48 -48.09
CA ILE F 3 21.81 33.31 -47.27
C ILE F 3 22.01 34.65 -47.97
N CYS F 4 21.77 35.73 -47.23
CA CYS F 4 21.95 37.07 -47.80
C CYS F 4 23.40 37.29 -48.17
N LYS F 5 23.63 37.80 -49.38
CA LYS F 5 24.98 37.99 -49.87
C LYS F 5 25.67 39.21 -49.25
N ALA F 6 24.92 40.09 -48.61
CA ALA F 6 25.48 41.31 -48.02
C ALA F 6 25.74 41.20 -46.53
N CYS F 7 24.84 40.55 -45.78
CA CYS F 7 24.98 40.46 -44.33
C CYS F 7 25.08 39.05 -43.81
N SER F 8 24.95 38.03 -44.68
CA SER F 8 25.06 36.63 -44.29
C SER F 8 24.02 36.28 -43.21
N SER F 9 22.76 36.38 -43.59
CA SER F 9 21.65 36.08 -42.69
C SER F 9 20.56 35.38 -43.48
N CYS F 10 19.67 34.71 -42.76
CA CYS F 10 18.57 34.00 -43.41
C CYS F 10 17.55 34.98 -43.95
N MET F 11 17.01 34.68 -45.13
CA MET F 11 16.02 35.51 -45.80
C MET F 11 14.66 34.86 -45.75
N VAL F 12 13.62 35.68 -45.53
CA VAL F 12 12.25 35.21 -45.46
C VAL F 12 11.75 34.94 -46.87
N ARG F 13 10.61 34.26 -47.00
CA ARG F 13 10.09 33.84 -48.30
C ARG F 13 9.18 34.89 -48.94
N THR F 14 8.21 35.41 -48.18
CA THR F 14 7.41 36.57 -48.58
C THR F 14 6.86 36.43 -50.00
N TYR F 15 5.95 35.47 -50.16
CA TYR F 15 5.33 35.20 -51.45
C TYR F 15 4.33 36.28 -51.85
N VAL F 16 4.80 37.49 -52.11
CA VAL F 16 3.93 38.61 -52.49
C VAL F 16 4.47 39.22 -53.78
N ASP F 17 3.61 39.26 -54.80
CA ASP F 17 2.25 38.74 -54.74
C ASP F 17 2.11 37.50 -55.61
N GLY F 18 2.54 37.60 -56.87
CA GLY F 18 2.53 36.48 -57.78
C GLY F 18 3.84 35.75 -57.93
N ASN F 19 4.85 36.13 -57.15
CA ASN F 19 6.18 35.53 -57.27
C ASN F 19 6.76 35.37 -55.86
N ILE F 20 8.05 35.08 -55.80
CA ILE F 20 8.76 34.82 -54.55
C ILE F 20 9.83 35.88 -54.38
N ILE F 21 9.75 36.64 -53.30
CA ILE F 21 10.69 37.72 -52.99
C ILE F 21 11.42 37.34 -51.71
N PHE F 22 12.73 37.09 -51.81
CA PHE F 22 13.53 36.69 -50.66
C PHE F 22 13.88 37.93 -49.84
N ARG F 23 12.90 38.39 -49.08
CA ARG F 23 13.10 39.58 -48.26
C ARG F 23 13.99 39.28 -47.06
N CYS F 24 15.00 40.10 -46.87
CA CYS F 24 15.94 39.97 -45.76
C CYS F 24 15.71 41.10 -44.77
N SER F 25 16.29 40.95 -43.58
CA SER F 25 16.16 41.99 -42.56
C SER F 25 16.83 43.28 -43.01
N CYS F 26 18.01 43.19 -43.60
CA CYS F 26 18.72 44.37 -44.05
C CYS F 26 18.10 45.01 -45.29
N GLY F 27 17.24 44.29 -46.00
CA GLY F 27 16.53 44.82 -47.15
C GLY F 27 16.89 44.20 -48.48
N GLU F 28 18.05 43.56 -48.58
CA GLU F 28 18.45 42.95 -49.85
C GLU F 28 17.52 41.79 -50.20
N SER F 29 17.27 41.62 -51.50
CA SER F 29 16.40 40.57 -52.00
C SER F 29 17.05 39.90 -53.21
N VAL F 30 16.70 38.64 -53.44
CA VAL F 30 17.29 37.87 -54.52
C VAL F 30 16.18 37.40 -55.47
N GLN F 31 14.96 37.28 -54.93
CA GLN F 31 13.78 36.83 -55.66
C GLN F 31 13.88 35.36 -56.00
N GLY F 32 14.68 35.01 -57.02
CA GLY F 32 14.85 33.62 -57.40
C GLY F 32 13.61 33.00 -58.00
N ASP F 33 13.74 31.82 -58.58
CA ASP F 33 12.61 31.14 -59.21
C ASP F 33 12.83 29.63 -59.14
N SER F 34 11.99 28.88 -59.86
CA SER F 34 12.14 27.45 -60.06
C SER F 34 12.12 26.67 -58.74
N GLN F 35 13.31 26.30 -58.25
CA GLN F 35 13.39 25.44 -57.08
C GLN F 35 12.80 26.09 -55.84
N ASN F 36 12.86 27.42 -55.75
CA ASN F 36 12.42 28.12 -54.56
C ASN F 36 10.91 28.19 -54.43
N LEU F 37 10.16 27.45 -55.25
CA LEU F 37 8.70 27.47 -55.21
C LEU F 37 8.11 26.33 -54.37
N LEU F 38 8.92 25.46 -53.80
CA LEU F 38 8.43 24.39 -52.94
C LEU F 38 8.31 24.93 -51.53
N VAL F 39 7.11 25.33 -51.16
CA VAL F 39 6.90 25.96 -49.85
C VAL F 39 7.13 24.94 -48.74
N SER F 40 6.51 23.77 -48.85
CA SER F 40 6.61 22.76 -47.81
C SER F 40 6.35 21.40 -48.44
N SER F 41 6.74 20.36 -47.72
CA SER F 41 6.54 19.00 -48.19
C SER F 41 6.64 18.05 -47.01
N LYS F 42 6.14 16.84 -47.20
CA LYS F 42 6.29 15.77 -46.23
C LYS F 42 6.30 14.45 -46.97
N VAL F 43 7.28 13.61 -46.67
CA VAL F 43 7.44 12.31 -47.32
C VAL F 43 7.26 11.23 -46.26
N TYR F 44 6.34 10.31 -46.51
CA TYR F 44 5.95 9.32 -45.52
C TYR F 44 6.76 8.05 -45.72
N HIS F 45 7.60 7.72 -44.74
CA HIS F 45 8.41 6.50 -44.68
C HIS F 45 9.05 6.17 -46.02
N THR F 46 9.91 7.08 -46.48
CA THR F 46 10.69 6.87 -47.69
C THR F 46 12.08 7.48 -47.45
N GLY F 47 13.06 6.63 -47.18
CA GLY F 47 14.41 7.08 -46.91
C GLY F 47 14.72 7.12 -45.43
N GLU F 48 15.39 6.09 -44.94
CA GLU F 48 15.60 5.94 -43.49
C GLU F 48 16.67 4.87 -43.29
N MET F 49 16.90 4.52 -42.02
CA MET F 49 17.78 3.43 -41.63
C MET F 49 19.24 3.72 -41.99
N GLU F 50 19.59 3.51 -43.26
CA GLU F 50 20.98 3.68 -43.65
C GLU F 50 21.45 5.12 -43.51
N ASP F 51 20.56 6.08 -43.79
CA ASP F 51 20.96 7.49 -43.71
C ASP F 51 21.24 7.91 -42.27
N LYS F 52 20.38 7.51 -41.33
CA LYS F 52 20.50 7.95 -39.96
C LYS F 52 21.40 7.05 -39.11
N TYR F 53 21.72 5.85 -39.59
CA TYR F 53 22.61 4.95 -38.89
C TYR F 53 23.91 4.73 -39.66
N LYS F 54 24.28 5.68 -40.51
CA LYS F 54 25.47 5.49 -41.35
C LYS F 54 26.72 5.32 -40.50
N ILE F 55 26.88 6.15 -39.48
CA ILE F 55 28.04 6.05 -38.61
C ILE F 55 28.05 4.72 -37.87
N PHE F 56 26.91 4.35 -37.31
CA PHE F 56 26.82 3.08 -36.57
C PHE F 56 27.04 1.90 -37.48
N ILE F 57 26.48 1.93 -38.69
CA ILE F 57 26.64 0.80 -39.61
C ILE F 57 28.10 0.70 -40.06
N LYS F 58 28.77 1.85 -40.23
CA LYS F 58 30.19 1.81 -40.56
C LYS F 58 31.00 1.22 -39.42
N ASN F 59 30.68 1.59 -38.18
CA ASN F 59 31.45 1.14 -37.02
C ASN F 59 31.07 -0.26 -36.55
N ALA F 60 29.96 -0.82 -37.03
CA ALA F 60 29.46 -2.08 -36.50
C ALA F 60 30.47 -3.22 -36.51
N PRO F 61 31.23 -3.46 -37.60
CA PRO F 61 32.16 -4.60 -37.57
C PRO F 61 33.24 -4.48 -36.51
N PHE F 62 33.52 -3.27 -36.03
CA PHE F 62 34.57 -3.05 -35.04
C PHE F 62 34.03 -2.98 -33.62
N ASP F 63 32.75 -2.81 -33.44
CA ASP F 63 32.16 -2.88 -32.11
C ASP F 63 32.14 -4.33 -31.66
N PRO F 64 32.83 -4.69 -30.58
CA PRO F 64 32.84 -6.10 -30.15
C PRO F 64 31.51 -6.57 -29.57
N THR F 65 30.62 -5.66 -29.22
CA THR F 65 29.33 -6.02 -28.64
C THR F 65 28.26 -6.30 -29.67
N ASN F 66 28.56 -6.17 -30.95
CA ASN F 66 27.60 -6.48 -31.99
C ASN F 66 27.55 -7.98 -32.26
N CYS F 67 26.37 -8.46 -32.62
CA CYS F 67 26.19 -9.87 -32.92
C CYS F 67 26.91 -10.26 -34.20
N GLN F 68 27.35 -11.50 -34.26
CA GLN F 68 27.98 -12.07 -35.44
C GLN F 68 27.29 -13.37 -35.81
N ILE F 69 27.30 -13.69 -37.11
CA ILE F 69 26.71 -14.93 -37.60
C ILE F 69 27.73 -15.62 -38.48
N LYS F 70 27.56 -16.93 -38.61
CA LYS F 70 28.54 -17.80 -39.28
C LYS F 70 28.18 -17.93 -40.75
N LYS F 71 28.49 -16.88 -41.52
CA LYS F 71 28.33 -16.94 -42.96
C LYS F 71 29.43 -16.13 -43.62
N ASP F 72 29.77 -16.51 -44.84
CA ASP F 72 30.93 -15.98 -45.52
C ASP F 72 30.71 -14.55 -46.00
N CYS F 73 31.78 -13.76 -45.95
CA CYS F 73 31.78 -12.43 -46.55
C CYS F 73 32.23 -12.58 -48.00
N PRO F 74 31.35 -12.38 -48.98
CA PRO F 74 31.75 -12.65 -50.37
C PRO F 74 32.92 -11.82 -50.85
N ASN F 75 32.99 -10.57 -50.45
CA ASN F 75 34.10 -9.69 -50.81
C ASN F 75 35.38 -10.07 -50.07
N CYS F 76 35.26 -10.47 -48.80
CA CYS F 76 36.39 -10.59 -47.90
C CYS F 76 36.77 -12.02 -47.57
N HIS F 77 35.81 -12.96 -47.63
CA HIS F 77 36.05 -14.39 -47.41
C HIS F 77 36.37 -14.73 -45.96
N LEU F 78 35.83 -13.98 -45.01
CA LEU F 78 35.79 -14.44 -43.64
C LEU F 78 34.63 -15.43 -43.46
N ASP F 79 34.56 -16.07 -42.30
CA ASP F 79 33.43 -16.93 -42.00
C ASP F 79 32.33 -16.23 -41.22
N TYR F 80 32.59 -15.02 -40.72
CA TYR F 80 31.64 -14.35 -39.84
C TYR F 80 31.32 -12.96 -40.36
N LEU F 81 30.07 -12.56 -40.16
CA LEU F 81 29.58 -11.25 -40.58
C LEU F 81 28.83 -10.59 -39.43
N THR F 82 29.09 -9.31 -39.23
CA THR F 82 28.39 -8.57 -38.18
C THR F 82 26.93 -8.37 -38.58
N GLN F 83 26.03 -8.68 -37.65
CA GLN F 83 24.60 -8.63 -37.92
C GLN F 83 23.99 -7.42 -37.20
N ILE F 84 23.23 -6.63 -37.95
CA ILE F 84 22.55 -5.46 -37.43
C ILE F 84 21.06 -5.61 -37.67
N CYS F 85 20.25 -5.25 -36.68
CA CYS F 85 18.80 -5.31 -36.77
C CYS F 85 18.27 -3.96 -36.32
N ILE F 86 18.18 -3.02 -37.24
CA ILE F 86 17.91 -1.62 -36.93
C ILE F 86 16.49 -1.26 -37.32
N GLY F 87 15.88 -0.39 -36.52
CA GLY F 87 14.58 0.16 -36.82
C GLY F 87 13.43 -0.73 -36.36
N SER F 88 12.23 -0.17 -36.47
CA SER F 88 11.01 -0.89 -36.11
C SER F 88 10.60 -1.90 -37.17
N GLN F 89 11.21 -1.86 -38.35
CA GLN F 89 10.98 -2.89 -39.35
C GLN F 89 12.04 -3.97 -39.33
N LYS F 90 13.02 -3.86 -38.42
CA LYS F 90 14.00 -4.91 -38.17
C LYS F 90 14.74 -5.29 -39.45
N ILE F 91 15.42 -4.31 -40.03
CA ILE F 91 16.22 -4.53 -41.22
C ILE F 91 17.51 -5.23 -40.82
N ILE F 92 17.77 -6.38 -41.44
CA ILE F 92 18.97 -7.15 -41.14
C ILE F 92 20.05 -6.75 -42.13
N ILE F 93 21.14 -6.19 -41.61
CA ILE F 93 22.28 -5.78 -42.41
C ILE F 93 23.50 -6.57 -41.95
N LEU F 94 24.14 -7.26 -42.88
CA LEU F 94 25.37 -7.99 -42.60
C LEU F 94 26.54 -7.18 -43.12
N VAL F 95 27.43 -6.77 -42.22
CA VAL F 95 28.52 -5.87 -42.56
C VAL F 95 29.83 -6.50 -42.11
N CYS F 96 30.86 -6.35 -42.92
CA CYS F 96 32.18 -6.89 -42.62
C CYS F 96 33.16 -5.75 -42.36
N ARG F 97 34.28 -6.09 -41.71
CA ARG F 97 35.30 -5.09 -41.44
C ARG F 97 36.01 -4.65 -42.71
N CYS F 98 36.04 -5.51 -43.73
CA CYS F 98 36.70 -5.14 -44.98
C CYS F 98 35.94 -4.04 -45.70
N GLY F 99 34.62 -4.04 -45.58
CA GLY F 99 33.81 -3.02 -46.21
C GLY F 99 32.50 -3.56 -46.74
N TYR F 100 32.37 -4.88 -46.77
CA TYR F 100 31.14 -5.50 -47.25
C TYR F 100 29.96 -5.03 -46.41
N MET F 101 28.92 -4.58 -47.09
CA MET F 101 27.79 -3.92 -46.44
C MET F 101 26.49 -4.45 -47.03
N SER F 102 26.32 -5.78 -47.01
CA SER F 102 25.13 -6.41 -47.57
C SER F 102 23.85 -5.68 -47.19
N ASN F 103 23.21 -5.09 -48.18
CA ASN F 103 22.09 -4.19 -47.94
C ASN F 103 20.86 -4.92 -47.45
N MET G 1 28.79 -17.28 22.72
CA MET G 1 30.17 -16.84 22.64
C MET G 1 31.11 -18.02 22.68
N LEU G 2 30.57 -19.17 23.07
CA LEU G 2 31.32 -20.43 23.15
C LEU G 2 30.43 -21.54 22.59
N ILE G 3 31.04 -22.71 22.42
CA ILE G 3 30.20 -23.89 22.14
C ILE G 3 29.27 -24.11 23.33
N PRO G 4 27.97 -24.31 23.10
CA PRO G 4 27.05 -24.37 24.24
C PRO G 4 27.37 -25.55 25.15
N VAL G 5 26.96 -25.41 26.42
CA VAL G 5 27.21 -26.47 27.39
C VAL G 5 26.50 -27.76 26.97
N VAL G 6 25.25 -27.65 26.56
CA VAL G 6 24.49 -28.78 26.04
C VAL G 6 24.00 -28.42 24.65
N CYS G 7 23.77 -29.45 23.85
CA CYS G 7 23.22 -29.24 22.51
C CYS G 7 21.89 -28.51 22.59
N PHE G 8 21.75 -27.45 21.80
CA PHE G 8 20.55 -26.63 21.85
C PHE G 8 19.29 -27.44 21.55
N THR G 9 19.41 -28.48 20.75
CA THR G 9 18.26 -29.20 20.24
C THR G 9 17.80 -30.30 21.18
N CYS G 10 18.71 -31.16 21.64
CA CYS G 10 18.35 -32.31 22.44
C CYS G 10 18.88 -32.26 23.87
N GLY G 11 19.79 -31.35 24.18
CA GLY G 11 20.33 -31.26 25.52
C GLY G 11 21.46 -32.19 25.83
N PHE G 12 22.01 -32.88 24.82
CA PHE G 12 23.19 -33.69 25.06
C PHE G 12 24.38 -32.78 25.40
N PRO G 13 25.15 -33.13 26.42
CA PRO G 13 26.27 -32.28 26.86
C PRO G 13 27.50 -32.32 25.95
N ILE G 14 27.44 -31.57 24.86
CA ILE G 14 28.62 -31.41 24.01
C ILE G 14 29.64 -30.46 24.62
N GLY G 15 29.24 -29.65 25.60
CA GLY G 15 30.17 -28.77 26.26
C GLY G 15 31.20 -29.50 27.09
N THR G 16 30.94 -30.77 27.42
CA THR G 16 31.94 -31.58 28.10
C THR G 16 33.20 -31.71 27.26
N TYR G 17 33.02 -31.86 25.95
CA TYR G 17 34.13 -32.03 25.02
C TYR G 17 34.33 -30.83 24.12
N ALA G 18 33.69 -29.70 24.42
CA ALA G 18 33.84 -28.51 23.58
C ALA G 18 35.29 -28.08 23.46
N ALA G 19 36.00 -27.96 24.58
CA ALA G 19 37.38 -27.46 24.55
C ALA G 19 38.32 -28.46 23.88
N ILE G 20 38.21 -29.73 24.25
CA ILE G 20 39.02 -30.77 23.63
C ILE G 20 38.77 -30.79 22.13
N PHE G 21 37.51 -30.65 21.72
CA PHE G 21 37.19 -30.64 20.30
C PHE G 21 37.83 -29.45 19.61
N ASP G 22 37.74 -28.26 20.21
CA ASP G 22 38.30 -27.08 19.59
C ASP G 22 39.79 -27.25 19.34
N LYS G 23 40.54 -27.64 20.37
CA LYS G 23 41.99 -27.72 20.19
C LYS G 23 42.39 -28.91 19.33
N ALA G 24 41.72 -30.05 19.48
CA ALA G 24 42.01 -31.19 18.62
C ALA G 24 41.66 -30.89 17.17
N ARG G 25 40.63 -30.07 16.94
CA ARG G 25 40.26 -29.71 15.58
C ARG G 25 41.29 -28.77 14.98
N THR G 26 41.78 -27.80 15.76
CA THR G 26 42.86 -26.96 15.26
C THR G 26 44.08 -27.79 14.90
N GLU G 27 44.45 -28.74 15.77
CA GLU G 27 45.59 -29.61 15.49
C GLU G 27 45.35 -30.46 14.24
N TYR G 28 44.15 -31.04 14.13
CA TYR G 28 43.87 -31.97 13.04
C TYR G 28 43.76 -31.24 11.71
N ILE G 29 43.29 -29.99 11.73
CA ILE G 29 43.29 -29.19 10.52
C ILE G 29 44.71 -28.82 10.13
N LYS G 30 45.56 -28.51 11.12
CA LYS G 30 46.93 -28.12 10.81
C LYS G 30 47.68 -29.23 10.09
N THR G 31 47.52 -30.48 10.53
CA THR G 31 48.21 -31.58 9.86
C THR G 31 47.57 -31.93 8.52
N LYS G 32 46.29 -31.62 8.34
CA LYS G 32 45.61 -31.94 7.10
C LYS G 32 45.96 -30.99 5.97
N MET G 33 46.54 -29.84 6.26
CA MET G 33 46.98 -28.92 5.22
C MET G 33 48.44 -29.18 4.87
N LEU G 43 40.99 -20.91 4.64
CA LEU G 43 39.90 -20.64 5.56
C LEU G 43 38.69 -21.48 5.19
N ASP G 44 38.48 -21.67 3.89
CA ASP G 44 37.37 -22.48 3.41
C ASP G 44 37.74 -23.94 3.30
N ALA G 45 38.96 -24.24 2.83
CA ALA G 45 39.40 -25.63 2.75
C ALA G 45 39.53 -26.26 4.13
N SER G 46 39.74 -25.44 5.16
CA SER G 46 39.76 -25.97 6.53
C SER G 46 38.37 -26.39 6.98
N LEU G 47 37.33 -25.72 6.50
CA LEU G 47 35.98 -26.06 6.91
C LEU G 47 35.48 -27.34 6.26
N GLN G 48 36.02 -27.69 5.10
CA GLN G 48 35.60 -28.90 4.39
C GLN G 48 36.34 -30.15 4.85
N ILE G 49 37.21 -30.04 5.85
CA ILE G 49 37.84 -31.23 6.42
C ILE G 49 36.84 -31.98 7.28
N GLU G 50 36.70 -33.27 7.04
CA GLU G 50 35.70 -34.07 7.75
C GLU G 50 36.14 -34.28 9.19
N LEU G 51 35.23 -33.98 10.13
CA LEU G 51 35.48 -34.16 11.55
C LEU G 51 34.68 -35.31 12.13
N LYS G 52 34.14 -36.18 11.29
CA LYS G 52 33.35 -37.31 11.79
C LYS G 52 34.15 -38.17 12.75
N ASP G 53 35.36 -38.55 12.35
CA ASP G 53 36.19 -39.41 13.19
C ASP G 53 36.59 -38.73 14.48
N LEU G 54 36.94 -37.44 14.41
CA LEU G 54 37.34 -36.70 15.60
C LEU G 54 36.21 -36.65 16.62
N ILE G 55 35.01 -36.31 16.16
CA ILE G 55 33.87 -36.19 17.06
C ILE G 55 33.46 -37.55 17.60
N THR G 56 33.53 -38.58 16.76
CA THR G 56 33.23 -39.93 17.24
C THR G 56 34.22 -40.37 18.32
N ALA G 57 35.51 -40.09 18.11
CA ALA G 57 36.51 -40.40 19.13
C ALA G 57 36.28 -39.59 20.39
N LEU G 58 35.66 -38.42 20.27
CA LEU G 58 35.33 -37.64 21.45
C LEU G 58 34.27 -38.32 22.30
N GLY G 59 33.50 -39.24 21.73
CA GLY G 59 32.41 -39.89 22.41
C GLY G 59 31.04 -39.36 22.04
N ILE G 60 30.97 -38.27 21.29
CA ILE G 60 29.67 -37.71 20.88
C ILE G 60 29.01 -38.65 19.88
N PRO G 61 27.71 -38.91 20.01
CA PRO G 61 27.05 -39.84 19.08
C PRO G 61 26.84 -39.21 17.70
N MET G 62 26.42 -40.05 16.77
CA MET G 62 26.13 -39.62 15.39
C MET G 62 24.75 -38.95 15.36
N ARG G 63 24.66 -37.80 16.02
CA ARG G 63 23.43 -37.03 16.07
C ARG G 63 23.60 -35.77 15.23
N VAL G 64 22.63 -35.49 14.36
CA VAL G 64 22.73 -34.35 13.48
C VAL G 64 22.85 -33.06 14.28
N CYS G 65 22.00 -32.92 15.30
CA CYS G 65 21.97 -31.69 16.08
C CYS G 65 23.28 -31.48 16.85
N CYS G 66 23.79 -32.53 17.48
CA CYS G 66 24.95 -32.38 18.35
C CYS G 66 26.20 -32.01 17.55
N ARG G 67 26.44 -32.72 16.45
CA ARG G 67 27.59 -32.38 15.62
C ARG G 67 27.40 -31.04 14.95
N THR G 68 26.18 -30.70 14.56
CA THR G 68 25.91 -29.38 14.00
C THR G 68 26.34 -28.28 14.97
N HIS G 69 25.84 -28.34 16.20
CA HIS G 69 26.15 -27.31 17.17
C HIS G 69 27.59 -27.37 17.63
N LEU G 70 28.23 -28.53 17.56
CA LEU G 70 29.63 -28.64 17.94
C LEU G 70 30.53 -27.97 16.92
N ILE G 71 30.31 -28.25 15.64
CA ILE G 71 31.24 -27.75 14.63
C ILE G 71 30.90 -26.36 14.10
N THR G 72 29.67 -25.88 14.28
CA THR G 72 29.30 -24.62 13.67
C THR G 72 29.32 -23.44 14.63
N THR G 73 29.32 -23.67 15.94
CA THR G 73 29.23 -22.56 16.89
C THR G 73 30.49 -21.72 16.83
N LEU G 74 30.30 -20.40 16.72
CA LEU G 74 31.41 -19.47 16.65
C LEU G 74 31.98 -19.24 18.04
N ASP G 75 33.29 -19.15 18.12
CA ASP G 75 33.99 -18.85 19.37
C ASP G 75 34.29 -17.36 19.42
N TYR G 76 33.79 -16.70 20.47
CA TYR G 76 34.04 -15.27 20.61
C TYR G 76 35.53 -14.97 20.76
N ARG G 77 36.28 -15.89 21.37
CA ARG G 77 37.70 -15.66 21.56
C ARG G 77 38.46 -15.65 20.24
N LYS G 78 37.95 -16.35 19.23
CA LYS G 78 38.57 -16.33 17.91
C LYS G 78 38.25 -15.07 17.12
N TYR G 79 37.27 -14.28 17.57
CA TYR G 79 36.87 -13.06 16.87
C TYR G 79 37.18 -11.80 17.64
N TYR G 80 37.15 -11.85 18.97
CA TYR G 80 37.55 -10.72 19.78
C TYR G 80 38.98 -10.90 20.29
N ILE J 1 -25.83 55.06 4.70
CA ILE J 1 -24.77 54.13 5.05
C ILE J 1 -25.38 52.84 5.64
N VAL J 2 -24.68 51.73 5.45
CA VAL J 2 -25.14 50.42 5.89
C VAL J 2 -24.14 49.85 6.87
N GLU J 3 -24.63 49.43 8.03
CA GLU J 3 -23.81 48.77 9.05
C GLU J 3 -24.44 47.40 9.33
N SER J 4 -23.72 46.35 8.99
CA SER J 4 -24.28 45.00 9.01
C SER J 4 -24.55 44.56 10.44
N PRO J 5 -25.77 44.15 10.78
CA PRO J 5 -26.03 43.59 12.11
C PRO J 5 -25.45 42.21 12.25
N SER J 6 -25.40 41.74 13.49
CA SER J 6 -24.90 40.40 13.78
C SER J 6 -25.82 39.35 13.18
N ILE J 7 -25.25 38.17 12.91
CA ILE J 7 -26.01 37.08 12.33
C ILE J 7 -27.08 36.60 13.31
N CYS J 8 -26.76 36.60 14.61
CA CYS J 8 -27.70 36.10 15.60
C CYS J 8 -29.00 36.89 15.62
N GLU J 9 -28.94 38.19 15.34
CA GLU J 9 -30.13 39.02 15.38
C GLU J 9 -31.09 38.67 14.24
N GLY J 10 -30.56 38.24 13.10
CA GLY J 10 -31.41 37.89 11.97
C GLY J 10 -31.72 36.41 11.92
N PHE J 11 -31.47 35.70 13.02
CA PHE J 11 -31.62 34.25 13.09
C PHE J 11 -32.87 33.92 13.89
N VAL J 12 -33.86 33.31 13.23
CA VAL J 12 -35.02 32.74 13.88
C VAL J 12 -34.74 31.27 14.09
N GLN J 13 -34.88 30.80 15.34
CA GLN J 13 -34.35 29.50 15.71
C GLN J 13 -34.98 28.36 14.91
N ALA J 14 -36.26 28.10 15.13
CA ALA J 14 -36.98 27.03 14.47
C ALA J 14 -38.41 27.06 14.98
N SER J 15 -39.30 26.46 14.21
CA SER J 15 -40.67 26.24 14.66
C SER J 15 -40.72 24.93 15.42
N SER J 16 -41.26 24.97 16.64
CA SER J 16 -41.47 23.75 17.39
C SER J 16 -42.48 22.88 16.65
N GLN J 17 -42.26 21.58 16.71
CA GLN J 17 -43.04 20.63 15.94
C GLN J 17 -44.06 19.90 16.81
N THR J 18 -45.10 19.40 16.16
CA THR J 18 -46.09 18.57 16.81
C THR J 18 -45.92 17.14 16.31
N LEU J 19 -45.90 16.19 17.24
CA LEU J 19 -45.72 14.79 16.91
C LEU J 19 -46.99 14.26 16.27
N VAL J 20 -46.90 13.84 15.01
CA VAL J 20 -48.02 13.24 14.30
C VAL J 20 -47.76 11.74 14.28
N ILE J 21 -48.49 11.01 15.12
CA ILE J 21 -48.34 9.56 15.19
C ILE J 21 -49.25 8.93 14.16
N ILE J 22 -48.64 8.20 13.22
CA ILE J 22 -49.41 7.50 12.19
C ILE J 22 -50.28 6.43 12.85
N PRO J 23 -51.56 6.32 12.50
CA PRO J 23 -52.41 5.31 13.13
C PRO J 23 -51.89 3.91 12.85
N ASP J 24 -52.29 2.98 13.71
CA ASP J 24 -51.74 1.63 13.68
C ASP J 24 -52.04 0.93 12.37
N ASN J 25 -53.25 1.09 11.85
CA ASN J 25 -53.62 0.43 10.61
C ASN J 25 -53.02 1.10 9.38
N GLU J 26 -52.42 2.27 9.52
CA GLU J 26 -51.80 2.97 8.41
C GLU J 26 -50.28 2.87 8.42
N ARG J 27 -49.70 2.11 9.34
CA ARG J 27 -48.26 1.95 9.38
C ARG J 27 -47.80 1.01 8.27
N ILE J 28 -46.79 1.44 7.51
CA ILE J 28 -46.28 0.67 6.39
C ILE J 28 -44.87 0.16 6.62
N THR J 29 -44.27 0.43 7.78
CA THR J 29 -42.95 -0.11 8.05
C THR J 29 -43.05 -1.54 8.53
N SER J 30 -41.89 -2.19 8.64
CA SER J 30 -41.86 -3.61 9.00
C SER J 30 -42.33 -3.83 10.43
N ASN J 31 -43.14 -4.86 10.62
CA ASN J 31 -43.53 -5.30 11.95
C ASN J 31 -42.45 -6.14 12.61
N VAL J 32 -41.37 -6.44 11.90
CA VAL J 32 -40.23 -7.16 12.44
C VAL J 32 -39.15 -6.14 12.79
N LEU J 33 -38.61 -6.24 14.00
CA LEU J 33 -37.52 -5.36 14.39
C LEU J 33 -36.30 -5.61 13.53
N THR J 34 -35.65 -4.53 13.10
CA THR J 34 -34.36 -4.69 12.47
C THR J 34 -33.32 -5.08 13.51
N THR J 35 -32.20 -5.64 13.04
CA THR J 35 -31.13 -5.98 13.95
C THR J 35 -30.60 -4.74 14.67
N PHE J 36 -30.55 -3.60 13.96
CA PHE J 36 -30.19 -2.35 14.59
C PHE J 36 -31.18 -1.97 15.68
N GLU J 37 -32.47 -2.08 15.38
CA GLU J 37 -33.49 -1.68 16.34
C GLU J 37 -33.49 -2.60 17.56
N ALA J 38 -33.40 -3.91 17.35
CA ALA J 38 -33.37 -4.83 18.47
C ALA J 38 -32.12 -4.63 19.31
N THR J 39 -30.98 -4.41 18.66
CA THR J 39 -29.74 -4.14 19.38
C THR J 39 -29.84 -2.87 20.21
N ARG J 40 -30.41 -1.81 19.64
CA ARG J 40 -30.57 -0.56 20.38
C ARG J 40 -31.55 -0.72 21.54
N LEU J 41 -32.63 -1.48 21.34
CA LEU J 41 -33.56 -1.73 22.42
C LEU J 41 -32.88 -2.44 23.58
N VAL J 42 -32.12 -3.48 23.26
CA VAL J 42 -31.45 -4.23 24.32
C VAL J 42 -30.39 -3.37 25.00
N ALA J 43 -29.67 -2.55 24.23
CA ALA J 43 -28.65 -1.70 24.82
C ALA J 43 -29.26 -0.65 25.74
N VAL J 44 -30.34 0.00 25.31
CA VAL J 44 -31.00 1.00 26.14
C VAL J 44 -31.56 0.35 27.40
N ARG J 45 -32.21 -0.81 27.25
CA ARG J 45 -32.77 -1.49 28.40
C ARG J 45 -31.69 -1.93 29.38
N ALA J 46 -30.56 -2.42 28.86
CA ALA J 46 -29.49 -2.87 29.74
C ALA J 46 -28.82 -1.71 30.46
N GLN J 47 -28.63 -0.57 29.77
CA GLN J 47 -28.08 0.59 30.46
C GLN J 47 -29.05 1.10 31.53
N GLN J 48 -30.35 1.09 31.24
CA GLN J 48 -31.32 1.52 32.23
C GLN J 48 -31.38 0.55 33.41
N LEU J 49 -31.20 -0.74 33.15
CA LEU J 49 -31.08 -1.71 34.24
C LEU J 49 -29.76 -1.57 34.98
N ALA J 50 -28.77 -0.92 34.38
CA ALA J 50 -27.56 -0.60 35.10
C ALA J 50 -27.77 0.61 36.02
N ILE J 51 -28.58 1.57 35.60
CA ILE J 51 -28.85 2.72 36.48
C ILE J 51 -30.02 2.44 37.43
N ASN J 52 -31.07 1.77 36.96
CA ASN J 52 -32.15 1.28 37.81
C ASN J 52 -31.86 -0.17 38.16
N GLY J 53 -32.84 -0.87 38.72
CA GLY J 53 -32.68 -2.29 38.94
C GLY J 53 -33.94 -3.11 38.76
N SER J 54 -35.04 -2.45 38.44
CA SER J 54 -36.36 -3.08 38.46
C SER J 54 -36.63 -3.77 37.13
N THR J 55 -36.97 -5.06 37.21
CA THR J 55 -37.28 -5.85 36.03
C THR J 55 -38.44 -6.78 36.36
N MET J 56 -39.11 -7.24 35.31
CA MET J 56 -40.20 -8.19 35.44
C MET J 56 -39.80 -9.61 35.09
N LEU J 57 -38.51 -9.91 35.15
CA LEU J 57 -38.01 -11.24 34.82
C LEU J 57 -38.09 -12.12 36.06
N LYS J 58 -38.90 -13.18 35.97
CA LYS J 58 -38.98 -14.13 37.08
C LYS J 58 -37.64 -14.81 37.31
N LYS J 59 -37.00 -15.27 36.24
CA LYS J 59 -35.66 -15.81 36.36
C LYS J 59 -34.67 -14.70 36.65
N LYS J 60 -33.77 -14.93 37.59
CA LYS J 60 -32.83 -13.91 38.02
C LYS J 60 -31.53 -14.04 37.24
N TYR J 61 -31.09 -12.93 36.65
CA TYR J 61 -29.85 -12.87 35.90
C TYR J 61 -28.90 -11.89 36.57
N SER J 62 -27.61 -12.19 36.53
CA SER J 62 -26.60 -11.38 37.18
C SER J 62 -25.98 -10.35 36.25
N SER J 63 -26.49 -10.21 35.04
CA SER J 63 -25.99 -9.23 34.09
C SER J 63 -27.14 -8.43 33.52
N PRO J 64 -27.01 -7.11 33.43
CA PRO J 64 -28.07 -6.32 32.80
C PRO J 64 -28.29 -6.69 31.34
N ILE J 65 -27.24 -7.13 30.65
CA ILE J 65 -27.37 -7.54 29.27
C ILE J 65 -28.24 -8.77 29.15
N ASP J 66 -28.06 -9.75 30.03
CA ASP J 66 -28.91 -10.94 30.01
C ASP J 66 -30.35 -10.59 30.31
N ILE J 67 -30.59 -9.72 31.29
CA ILE J 67 -31.96 -9.32 31.62
C ILE J 67 -32.61 -8.64 30.43
N ALA J 68 -31.88 -7.73 29.78
CA ALA J 68 -32.45 -6.99 28.65
C ALA J 68 -32.71 -7.92 27.47
N LYS J 69 -31.79 -8.86 27.19
CA LYS J 69 -32.01 -9.81 26.11
C LYS J 69 -33.23 -10.68 26.39
N GLN J 70 -33.40 -11.14 27.62
CA GLN J 70 -34.55 -11.96 27.93
C GLN J 70 -35.84 -11.14 27.90
N GLU J 71 -35.77 -9.88 28.31
CA GLU J 71 -36.94 -9.01 28.24
C GLU J 71 -37.38 -8.79 26.80
N LEU J 72 -36.43 -8.60 25.89
CA LEU J 72 -36.78 -8.48 24.49
C LEU J 72 -37.33 -9.79 23.94
N PHE J 73 -36.70 -10.91 24.29
CA PHE J 73 -37.15 -12.20 23.78
C PHE J 73 -38.49 -12.60 24.39
N ASN J 74 -38.67 -12.35 25.68
CA ASN J 74 -39.92 -12.70 26.35
C ASN J 74 -40.98 -11.63 26.23
N ARG J 75 -40.75 -10.63 25.36
CA ARG J 75 -41.74 -9.61 25.05
C ARG J 75 -42.19 -8.87 26.31
N LYS J 76 -41.23 -8.40 27.09
CA LYS J 76 -41.50 -7.67 28.32
C LYS J 76 -40.71 -6.37 28.40
N ILE J 77 -40.18 -5.90 27.28
CA ILE J 77 -39.32 -4.72 27.30
C ILE J 77 -40.17 -3.47 27.47
N PRO J 78 -39.78 -2.55 28.34
CA PRO J 78 -40.63 -1.37 28.62
C PRO J 78 -40.39 -0.22 27.66
N LEU J 79 -39.82 -0.50 26.50
CA LEU J 79 -39.49 0.53 25.53
C LEU J 79 -40.39 0.46 24.31
N LEU J 80 -40.41 1.55 23.55
CA LEU J 80 -41.10 1.63 22.29
C LEU J 80 -40.14 2.11 21.22
N VAL J 81 -40.41 1.72 19.98
CA VAL J 81 -39.61 2.12 18.83
C VAL J 81 -40.40 3.15 18.05
N MET J 82 -39.82 4.31 17.82
CA MET J 82 -40.47 5.36 17.05
C MET J 82 -39.68 5.59 15.77
N ARG J 83 -40.35 5.41 14.64
CA ARG J 83 -39.73 5.53 13.32
C ARG J 83 -40.22 6.82 12.68
N CYS J 84 -39.34 7.82 12.61
CA CYS J 84 -39.69 9.11 12.04
C CYS J 84 -39.71 9.00 10.53
N ILE J 85 -40.90 9.12 9.95
CA ILE J 85 -41.09 8.92 8.52
C ILE J 85 -40.77 10.21 7.77
N LYS J 86 -41.45 11.29 8.15
CA LYS J 86 -41.38 12.55 7.43
C LYS J 86 -41.32 13.70 8.42
N VAL J 87 -40.71 14.79 7.99
CA VAL J 87 -40.72 16.05 8.72
C VAL J 87 -41.42 17.06 7.82
N THR J 88 -42.72 17.19 8.00
CA THR J 88 -43.51 18.16 7.25
C THR J 88 -43.03 19.58 7.56
N PRO J 89 -42.88 20.45 6.56
CA PRO J 89 -42.39 21.80 6.82
C PRO J 89 -43.43 22.79 7.30
N GLU J 90 -44.63 22.34 7.64
CA GLU J 90 -45.58 23.14 8.40
C GLU J 90 -45.38 22.99 9.90
N GLY J 91 -44.48 22.11 10.33
CA GLY J 91 -44.19 21.93 11.73
C GLY J 91 -44.69 20.62 12.30
N GLN J 92 -44.66 19.57 11.49
CA GLN J 92 -45.22 18.28 11.86
C GLN J 92 -44.15 17.20 11.70
N LYS J 93 -43.97 16.40 12.74
CA LYS J 93 -43.05 15.27 12.71
C LYS J 93 -43.88 14.00 12.64
N ILE J 94 -43.92 13.38 11.46
CA ILE J 94 -44.74 12.21 11.23
C ILE J 94 -43.93 10.97 11.60
N VAL J 95 -44.42 10.21 12.57
CA VAL J 95 -43.71 9.04 13.09
C VAL J 95 -44.63 7.84 13.09
N GLU J 96 -44.02 6.66 13.17
CA GLU J 96 -44.71 5.41 13.39
C GLU J 96 -44.18 4.81 14.69
N ILE J 97 -45.05 4.66 15.68
CA ILE J 97 -44.66 4.09 16.96
C ILE J 97 -44.95 2.60 16.94
N TRP J 98 -43.91 1.81 17.17
CA TRP J 98 -44.00 0.36 17.11
C TRP J 98 -43.73 -0.23 18.47
N ASN J 99 -44.53 -1.23 18.85
CA ASN J 99 -44.38 -1.88 20.13
C ASN J 99 -43.45 -3.08 19.97
N PRO J 100 -42.26 -3.08 20.57
CA PRO J 100 -41.37 -4.23 20.43
C PRO J 100 -41.92 -5.51 21.03
N ARG J 101 -42.81 -5.41 22.00
CA ARG J 101 -43.40 -6.60 22.62
C ARG J 101 -44.42 -7.28 21.73
N GLU J 102 -44.81 -6.63 20.63
CA GLU J 102 -45.72 -7.21 19.67
C GLU J 102 -45.06 -7.39 18.31
N MET J 103 -43.77 -7.12 18.22
CA MET J 103 -43.02 -7.14 16.97
C MET J 103 -42.30 -8.46 16.80
N GLY J 104 -41.83 -8.71 15.59
CA GLY J 104 -41.01 -9.90 15.33
C GLY J 104 -39.57 -9.64 15.68
N ILE J 105 -39.01 -10.48 16.54
CA ILE J 105 -37.64 -10.30 17.00
C ILE J 105 -36.69 -10.95 16.00
N PRO J 106 -35.67 -10.24 15.52
CA PRO J 106 -34.72 -10.86 14.58
C PRO J 106 -33.89 -11.94 15.23
N LEU J 107 -32.99 -12.56 14.46
CA LEU J 107 -32.23 -13.70 14.97
C LEU J 107 -31.38 -13.32 16.17
N LEU J 108 -30.58 -12.27 16.03
CA LEU J 108 -29.85 -11.66 17.15
C LEU J 108 -28.89 -12.62 17.84
N ASP J 109 -28.68 -13.81 17.28
CA ASP J 109 -27.87 -14.83 17.94
C ASP J 109 -27.17 -15.70 16.93
#